data_9B6K
#
_entry.id   9B6K
#
_cell.length_a   1.00
_cell.length_b   1.00
_cell.length_c   1.00
_cell.angle_alpha   90.00
_cell.angle_beta   90.00
_cell.angle_gamma   90.00
#
_symmetry.space_group_name_H-M   'P 1'
#
loop_
_entity.id
_entity.type
_entity.pdbx_description
1 polymer 'Transient receptor potential cation channel subfamily M member 8'
2 non-polymer 'CALCIUM ION'
#
_entity_poly.entity_id   1
_entity_poly.type   'polypeptide(L)'
_entity_poly.pdbx_seq_one_letter_code
;MASFEGARLSMRSRRNGTMGSTRTLYSSVSRSTDVSYSDSDLVNFIQANFKKRECVFFTRDSKAMENICKCGYAQSQHIE
GTQINQNEKWNYKKHTKEFPTDAFGDIQFETLGKKGKYLRLSCDTDSETLYELLTQHWHLKTPNLVISVTGGAKNFALKP
RMRKIFSRLIYIAQSKGAWILTGGTHYGLMKYIGEVVRDNTISRNSEENIVAIGIAAWGMVSNRDTLIRSCDDEGHFSAQ
YIMDDFTRDPLYILDNNHTHLLLVDNGCHGHPTVEAKLRNQLEKYISERTSQDSNYGGKIPIVCFAQGGGRETLKAINTS
VKSKIPCVVVEGSGQIADVIASLVEVEDVLTSSMVKEKLVRFLPRTVSRLPEEEIESWIKWLKEILESSHLLTVIKMEEA
GDEIVSNAISYALYKAFSTNEQDKDNWNGQLKLLLEWNQLDLASDEIFTNDRRWESADLQEVMFTALIKDRPKFVRLFLE
NGLNLQKFLTNEVLTELFSTHFSTLVYRNLQIAKNSYNDALLTFVWKLVANFRRSFWKEDRSSREDLDVELHDASLTTRH
PLQALFIWAILQNKKELSKVIWEQTKGCTLAALGASKLLKTLAKVKNDINAAGESEELANEYETRAVELFTECYSNDEDL
AEQLLVYSCEAWGGSNCLELAVEATDQHFIAQPGVQNFLSKQWYGEISRDTKNWKIILCLFIIPLVGCGLVSFRKKPIDK
HKKLLWYYVAFFTSPFVVFSWNVVFYIAFLLLFAYVLLMDFHSVPHTPELILYALVFVLFCDEVRQWYMNGVNYFTDLWN
VMDTLGLFYFIAGIVFRLHSSNKSSLYSGRVIFCLDYIIFTLRLIHIFTVSRNLGPKIIMLQRMLIDVFFFLFLFAVWMV
AFGVARQGILRQNEQRWRWIFRSVIYEPYLAMFGQVPSDVDSTTYDFSHCTFSGNESKPLCVELDEHNLPRFPEWITIPL
VCIYMLSTNILLVNLLVAMFGYTVGIVQENNDQVWKFQRYFLVQEYCNRLNIPFPFVVFAYFYMVVKKCFKCCCKEKNME
SNACCFRNEDNETLAWEGVMKENYLVKINTKANDNSEEMRHRFRQLDSKLNDLKSLLKEIANNIKSNSLEVLFQGPDYKD
DDDKAHHHHHHHHHH
;
_entity_poly.pdbx_strand_id   A,B,C,D
#
loop_
_chem_comp.id
_chem_comp.type
_chem_comp.name
_chem_comp.formula
CA non-polymer 'CALCIUM ION' 'Ca 2'
#
# COMPACT_ATOMS: atom_id res chain seq x y z
N ASP A 41 -13.82 -48.29 -56.98
CA ASP A 41 -14.55 -47.04 -57.04
C ASP A 41 -13.60 -45.87 -57.31
N LEU A 42 -13.01 -45.33 -56.25
CA LEU A 42 -12.07 -44.22 -56.42
C LEU A 42 -10.78 -44.68 -57.10
N VAL A 43 -10.36 -45.92 -56.84
CA VAL A 43 -9.13 -46.42 -57.46
C VAL A 43 -9.29 -46.48 -58.98
N ASN A 44 -10.45 -46.92 -59.45
CA ASN A 44 -10.69 -46.99 -60.89
C ASN A 44 -10.62 -45.59 -61.50
N PHE A 45 -11.25 -44.60 -60.86
CA PHE A 45 -11.20 -43.25 -61.39
C PHE A 45 -9.77 -42.71 -61.41
N ILE A 46 -9.02 -42.97 -60.34
CA ILE A 46 -7.63 -42.50 -60.29
C ILE A 46 -6.81 -43.13 -61.41
N GLN A 47 -6.97 -44.43 -61.62
CA GLN A 47 -6.24 -45.11 -62.68
C GLN A 47 -6.63 -44.57 -64.05
N ALA A 48 -7.93 -44.32 -64.26
CA ALA A 48 -8.39 -43.82 -65.55
C ALA A 48 -7.92 -42.39 -65.81
N ASN A 49 -7.78 -41.59 -64.77
CA ASN A 49 -7.37 -40.19 -64.96
C ASN A 49 -6.01 -40.12 -65.63
N PHE A 50 -5.05 -40.90 -65.16
CA PHE A 50 -3.73 -40.91 -65.76
C PHE A 50 -3.79 -41.40 -67.21
N LYS A 51 -4.56 -42.46 -67.46
CA LYS A 51 -4.68 -43.02 -68.79
C LYS A 51 -3.32 -43.49 -69.31
N ASP A 102 -0.60 -46.71 -63.02
CA ASP A 102 -1.27 -46.38 -61.76
C ASP A 102 -0.27 -45.89 -60.73
N ALA A 103 0.36 -46.84 -60.02
CA ALA A 103 1.34 -46.53 -59.00
C ALA A 103 0.77 -45.55 -57.97
N PHE A 104 -0.47 -45.78 -57.57
CA PHE A 104 -1.17 -44.95 -56.61
C PHE A 104 -1.63 -45.80 -55.42
N GLY A 105 -1.52 -45.24 -54.23
CA GLY A 105 -1.94 -45.95 -53.03
C GLY A 105 -2.21 -44.98 -51.91
N ASP A 106 -3.10 -45.38 -51.00
CA ASP A 106 -3.48 -44.56 -49.86
C ASP A 106 -2.69 -44.99 -48.64
N ILE A 107 -1.97 -44.05 -48.04
CA ILE A 107 -1.15 -44.30 -46.87
C ILE A 107 -1.89 -43.80 -45.64
N GLN A 108 -2.06 -44.66 -44.65
CA GLN A 108 -2.76 -44.30 -43.42
C GLN A 108 -2.32 -45.19 -42.26
N GLY A 116 -2.80 -39.32 -44.97
CA GLY A 116 -4.22 -39.47 -45.27
C GLY A 116 -4.46 -40.08 -46.64
N LYS A 117 -4.21 -39.28 -47.68
CA LYS A 117 -4.40 -39.72 -49.06
C LYS A 117 -3.18 -39.31 -49.86
N TYR A 118 -2.43 -40.30 -50.37
CA TYR A 118 -1.28 -40.06 -51.22
C TYR A 118 -1.64 -40.44 -52.65
N LEU A 119 -1.40 -39.52 -53.59
CA LEU A 119 -1.74 -39.73 -54.99
C LEU A 119 -0.56 -39.34 -55.87
N ARG A 120 -0.38 -40.08 -56.95
CA ARG A 120 0.62 -39.79 -57.96
C ARG A 120 -0.09 -39.24 -59.20
N LEU A 121 0.39 -38.09 -59.68
CA LEU A 121 -0.26 -37.37 -60.77
C LEU A 121 0.68 -37.32 -61.98
N SER A 122 0.06 -37.20 -63.15
CA SER A 122 0.81 -37.08 -64.40
C SER A 122 1.05 -35.62 -64.73
N CYS A 123 2.27 -35.33 -65.21
CA CYS A 123 2.62 -33.94 -65.54
C CYS A 123 1.70 -33.40 -66.62
N ASP A 124 1.44 -34.19 -67.66
CA ASP A 124 0.55 -33.78 -68.75
C ASP A 124 -0.89 -34.11 -68.38
N THR A 125 -1.41 -33.35 -67.42
CA THR A 125 -2.76 -33.53 -66.92
C THR A 125 -3.39 -32.15 -66.68
N ASP A 126 -4.71 -32.12 -66.70
CA ASP A 126 -5.47 -30.90 -66.47
C ASP A 126 -5.62 -30.70 -64.97
N SER A 127 -4.95 -29.68 -64.43
CA SER A 127 -5.08 -29.39 -63.00
C SER A 127 -6.52 -29.08 -62.64
N GLU A 128 -7.27 -28.46 -63.56
CA GLU A 128 -8.66 -28.12 -63.27
C GLU A 128 -9.49 -29.37 -62.99
N THR A 129 -9.31 -30.42 -63.80
CA THR A 129 -10.08 -31.64 -63.60
C THR A 129 -9.75 -32.29 -62.26
N LEU A 130 -8.46 -32.36 -61.92
CA LEU A 130 -8.07 -32.96 -60.65
C LEU A 130 -8.62 -32.16 -59.48
N TYR A 131 -8.53 -30.84 -59.56
CA TYR A 131 -9.06 -30.00 -58.48
C TYR A 131 -10.56 -30.19 -58.34
N GLU A 132 -11.29 -30.23 -59.46
CA GLU A 132 -12.73 -30.42 -59.40
C GLU A 132 -13.09 -31.76 -58.79
N LEU A 133 -12.38 -32.82 -59.20
CA LEU A 133 -12.66 -34.14 -58.63
C LEU A 133 -12.37 -34.17 -57.14
N LEU A 134 -11.25 -33.57 -56.73
CA LEU A 134 -10.91 -33.54 -55.30
C LEU A 134 -11.96 -32.78 -54.50
N THR A 135 -12.40 -31.64 -55.01
CA THR A 135 -13.42 -30.87 -54.31
C THR A 135 -14.74 -31.64 -54.23
N GLN A 136 -15.12 -32.31 -55.33
CA GLN A 136 -16.36 -33.06 -55.33
C GLN A 136 -16.32 -34.22 -54.35
N HIS A 137 -15.21 -34.94 -54.30
CA HIS A 137 -15.11 -36.16 -53.49
C HIS A 137 -14.03 -36.10 -52.42
N TRP A 138 -12.84 -35.59 -52.75
CA TRP A 138 -11.71 -35.69 -51.82
C TRP A 138 -11.99 -34.94 -50.53
N HIS A 139 -12.40 -33.68 -50.62
CA HIS A 139 -12.58 -32.83 -49.45
C HIS A 139 -13.61 -31.76 -49.75
N LEU A 140 -13.84 -30.89 -48.77
CA LEU A 140 -14.81 -29.82 -48.88
C LEU A 140 -14.18 -28.65 -49.64
N LYS A 141 -14.86 -27.50 -49.62
CA LYS A 141 -14.40 -26.29 -50.29
C LYS A 141 -13.88 -25.28 -49.26
N THR A 142 -13.00 -24.40 -49.72
CA THR A 142 -12.41 -23.39 -48.86
C THR A 142 -12.54 -22.01 -49.48
N PRO A 143 -12.71 -20.96 -48.68
CA PRO A 143 -12.71 -19.61 -49.24
C PRO A 143 -11.31 -19.07 -49.47
N ASN A 144 -10.37 -19.45 -48.61
CA ASN A 144 -9.00 -18.98 -48.65
C ASN A 144 -8.05 -20.15 -48.79
N LEU A 145 -6.96 -19.94 -49.53
CA LEU A 145 -5.92 -20.95 -49.72
C LEU A 145 -4.57 -20.31 -49.51
N VAL A 146 -3.84 -20.79 -48.50
CA VAL A 146 -2.52 -20.25 -48.17
C VAL A 146 -1.48 -20.94 -49.04
N ILE A 147 -0.62 -20.14 -49.66
CA ILE A 147 0.43 -20.64 -50.54
C ILE A 147 1.77 -20.47 -49.81
N SER A 148 2.51 -21.56 -49.67
CA SER A 148 3.82 -21.56 -49.03
C SER A 148 4.88 -21.84 -50.07
N VAL A 149 5.92 -21.01 -50.10
CA VAL A 149 7.02 -21.15 -51.04
C VAL A 149 8.29 -21.39 -50.23
N THR A 150 8.78 -22.62 -50.25
CA THR A 150 9.99 -22.98 -49.52
C THR A 150 10.99 -23.68 -50.43
N ARG A 161 11.62 -16.25 -33.32
CA ARG A 161 10.70 -15.26 -33.88
C ARG A 161 9.95 -15.82 -35.08
N MET A 162 10.69 -16.51 -35.97
CA MET A 162 10.06 -17.08 -37.14
C MET A 162 9.00 -18.11 -36.76
N ARG A 163 9.29 -18.93 -35.76
CA ARG A 163 8.32 -19.92 -35.31
C ARG A 163 7.05 -19.24 -34.81
N LYS A 164 7.19 -18.11 -34.12
CA LYS A 164 6.01 -17.38 -33.65
C LYS A 164 5.15 -16.92 -34.82
N ILE A 165 5.79 -16.35 -35.84
CA ILE A 165 5.04 -15.86 -37.00
C ILE A 165 4.34 -17.01 -37.71
N PHE A 166 5.04 -18.13 -37.89
CA PHE A 166 4.43 -19.28 -38.55
C PHE A 166 3.26 -19.83 -37.74
N SER A 167 3.40 -19.88 -36.41
CA SER A 167 2.31 -20.35 -35.57
C SER A 167 1.11 -19.43 -35.66
N ARG A 168 1.35 -18.11 -35.68
CA ARG A 168 0.25 -17.17 -35.82
C ARG A 168 -0.45 -17.35 -37.17
N LEU A 169 0.32 -17.56 -38.24
CA LEU A 169 -0.26 -17.79 -39.55
C LEU A 169 -1.09 -19.08 -39.55
N ILE A 170 -0.58 -20.13 -38.90
CA ILE A 170 -1.32 -21.38 -38.81
C ILE A 170 -2.63 -21.18 -38.07
N TYR A 171 -2.59 -20.43 -36.97
CA TYR A 171 -3.81 -20.15 -36.22
C TYR A 171 -4.81 -19.38 -37.06
N ILE A 172 -4.33 -18.39 -37.82
CA ILE A 172 -5.23 -17.62 -38.68
C ILE A 172 -5.86 -18.52 -39.72
N ALA A 173 -5.06 -19.38 -40.34
CA ALA A 173 -5.59 -20.31 -41.35
C ALA A 173 -6.63 -21.24 -40.75
N GLN A 174 -6.35 -21.76 -39.56
CA GLN A 174 -7.31 -22.65 -38.90
C GLN A 174 -8.61 -21.93 -38.58
N SER A 175 -8.51 -20.69 -38.08
CA SER A 175 -9.71 -19.93 -37.78
C SER A 175 -10.52 -19.67 -39.04
N LYS A 176 -9.85 -19.30 -40.13
CA LYS A 176 -10.54 -19.07 -41.39
C LYS A 176 -10.88 -20.37 -42.11
N GLY A 177 -10.29 -21.49 -41.71
CA GLY A 177 -10.51 -22.75 -42.40
C GLY A 177 -9.81 -22.86 -43.72
N ALA A 178 -8.80 -22.03 -43.97
CA ALA A 178 -8.14 -22.01 -45.27
C ALA A 178 -7.23 -23.23 -45.43
N TRP A 179 -7.04 -23.62 -46.69
CA TRP A 179 -6.07 -24.65 -47.02
C TRP A 179 -4.66 -24.11 -46.91
N ILE A 180 -3.73 -24.98 -46.51
CA ILE A 180 -2.34 -24.62 -46.32
C ILE A 180 -1.51 -25.49 -47.25
N LEU A 181 -1.11 -24.93 -48.40
CA LEU A 181 -0.24 -25.64 -49.32
C LEU A 181 1.21 -25.52 -48.88
N THR A 182 1.94 -26.63 -48.95
CA THR A 182 3.33 -26.65 -48.54
C THR A 182 4.05 -27.77 -49.27
N GLY A 183 5.38 -27.67 -49.31
CA GLY A 183 6.17 -28.70 -49.96
C GLY A 183 6.09 -30.03 -49.24
N GLY A 184 6.02 -30.00 -47.91
CA GLY A 184 5.96 -31.22 -47.14
C GLY A 184 7.28 -31.90 -46.91
N THR A 185 8.40 -31.25 -47.24
CA THR A 185 9.71 -31.87 -47.05
C THR A 185 9.98 -32.10 -45.58
N HIS A 186 10.51 -33.28 -45.26
CA HIS A 186 10.81 -33.60 -43.87
C HIS A 186 11.86 -32.66 -43.31
N TYR A 187 12.89 -32.35 -44.10
CA TYR A 187 13.97 -31.48 -43.66
C TYR A 187 13.61 -30.04 -44.02
N GLY A 188 13.43 -29.20 -43.00
CA GLY A 188 13.07 -27.81 -43.17
C GLY A 188 11.93 -27.44 -42.25
N LEU A 189 11.34 -26.28 -42.52
CA LEU A 189 10.21 -25.82 -41.72
C LEU A 189 8.94 -26.64 -41.97
N MET A 190 8.92 -27.48 -43.00
CA MET A 190 7.73 -28.26 -43.28
C MET A 190 7.41 -29.22 -42.15
N LYS A 191 8.43 -29.86 -41.57
CA LYS A 191 8.21 -30.76 -40.46
C LYS A 191 7.66 -30.01 -39.25
N TYR A 192 8.21 -28.83 -38.96
CA TYR A 192 7.69 -28.04 -37.86
C TYR A 192 6.24 -27.63 -38.09
N ILE A 193 5.92 -27.24 -39.32
CA ILE A 193 4.54 -26.86 -39.64
C ILE A 193 3.61 -28.05 -39.46
N GLY A 194 4.04 -29.24 -39.91
CA GLY A 194 3.22 -30.42 -39.74
C GLY A 194 3.00 -30.75 -38.28
N GLU A 195 4.06 -30.64 -37.46
CA GLU A 195 3.91 -30.90 -36.03
C GLU A 195 2.95 -29.90 -35.39
N VAL A 196 3.07 -28.62 -35.76
CA VAL A 196 2.17 -27.60 -35.21
C VAL A 196 0.73 -27.88 -35.63
N VAL A 197 0.53 -28.28 -36.88
CA VAL A 197 -0.82 -28.59 -37.36
C VAL A 197 -1.40 -29.77 -36.59
N ARG A 198 -0.59 -30.80 -36.37
CA ARG A 198 -1.05 -31.95 -35.60
C ARG A 198 -1.41 -31.54 -34.18
N ASP A 199 -0.58 -30.71 -33.55
CA ASP A 199 -0.87 -30.26 -32.20
C ASP A 199 -2.17 -29.47 -32.15
N ASN A 200 -2.37 -28.57 -33.11
CA ASN A 200 -3.61 -27.79 -33.14
C ASN A 200 -4.81 -28.68 -33.36
N THR A 201 -4.70 -29.67 -34.25
CA THR A 201 -5.81 -30.58 -34.49
C THR A 201 -6.10 -31.46 -33.28
N ILE A 202 -5.08 -31.72 -32.46
CA ILE A 202 -5.29 -32.52 -31.26
C ILE A 202 -6.31 -31.85 -30.34
N SER A 203 -6.19 -30.54 -30.15
CA SER A 203 -7.13 -29.80 -29.33
C SER A 203 -8.55 -29.93 -29.87
N GLU A 208 -13.01 -25.59 -38.11
CA GLU A 208 -12.95 -26.59 -37.04
C GLU A 208 -11.91 -27.66 -37.35
N ASN A 209 -11.79 -28.01 -38.63
CA ASN A 209 -10.85 -29.02 -39.10
C ASN A 209 -9.79 -28.36 -39.96
N ILE A 210 -8.53 -28.72 -39.72
CA ILE A 210 -7.39 -28.20 -40.47
C ILE A 210 -6.93 -29.26 -41.46
N VAL A 211 -6.71 -28.86 -42.71
CA VAL A 211 -6.32 -29.76 -43.79
C VAL A 211 -4.99 -29.28 -44.34
N ALA A 212 -4.04 -30.21 -44.49
CA ALA A 212 -2.71 -29.89 -44.99
C ALA A 212 -2.45 -30.61 -46.31
N ILE A 213 -1.85 -29.88 -47.25
CA ILE A 213 -1.58 -30.36 -48.60
C ILE A 213 -0.08 -30.32 -48.81
N GLY A 214 0.49 -31.44 -49.28
CA GLY A 214 1.90 -31.55 -49.57
C GLY A 214 2.12 -31.75 -51.07
N ILE A 215 3.02 -30.93 -51.62
CA ILE A 215 3.40 -31.05 -53.02
C ILE A 215 4.83 -31.57 -53.07
N ALA A 216 4.96 -32.91 -53.13
CA ALA A 216 6.28 -33.56 -53.10
C ALA A 216 6.28 -34.63 -54.17
N ALA A 217 7.13 -34.45 -55.19
CA ALA A 217 7.18 -35.39 -56.30
C ALA A 217 7.60 -36.78 -55.81
N TRP A 218 7.06 -37.80 -56.46
CA TRP A 218 7.34 -39.17 -56.07
C TRP A 218 8.81 -39.53 -56.27
N GLY A 219 9.47 -38.91 -57.23
CA GLY A 219 10.86 -39.27 -57.53
C GLY A 219 11.77 -39.11 -56.33
N MET A 220 11.55 -38.07 -55.53
CA MET A 220 12.42 -37.83 -54.38
C MET A 220 12.37 -38.99 -53.39
N VAL A 221 11.17 -39.53 -53.13
CA VAL A 221 11.04 -40.60 -52.15
C VAL A 221 11.81 -41.82 -52.61
N SER A 222 12.59 -42.40 -51.71
CA SER A 222 13.40 -43.58 -51.99
C SER A 222 12.72 -44.88 -51.58
N ASN A 223 11.55 -44.81 -50.94
CA ASN A 223 10.81 -45.98 -50.50
C ASN A 223 9.38 -45.86 -51.03
N ARG A 224 9.17 -46.37 -52.24
CA ARG A 224 7.87 -46.30 -52.90
C ARG A 224 7.35 -47.72 -53.12
N ASP A 225 6.10 -47.97 -52.73
CA ASP A 225 5.46 -49.26 -52.90
C ASP A 225 4.07 -49.05 -53.48
N THR A 226 3.63 -50.03 -54.27
CA THR A 226 2.31 -49.97 -54.89
C THR A 226 1.21 -50.15 -53.85
N PHE A 237 -3.26 -52.80 -50.58
CA PHE A 237 -4.16 -51.66 -50.62
C PHE A 237 -3.53 -50.44 -49.96
N SER A 238 -3.50 -50.44 -48.62
CA SER A 238 -2.94 -49.35 -47.84
C SER A 238 -1.50 -49.68 -47.51
N ALA A 239 -0.58 -49.26 -48.38
CA ALA A 239 0.84 -49.51 -48.14
C ALA A 239 1.30 -48.73 -46.92
N GLN A 240 2.20 -49.35 -46.15
CA GLN A 240 2.74 -48.77 -44.93
C GLN A 240 4.22 -48.49 -45.10
N TYR A 241 4.64 -47.30 -44.68
CA TYR A 241 6.04 -46.89 -44.75
C TYR A 241 6.45 -46.31 -43.40
N ILE A 242 7.59 -46.78 -42.88
CA ILE A 242 8.11 -46.33 -41.59
C ILE A 242 9.57 -45.98 -41.77
N MET A 243 9.96 -44.82 -41.24
CA MET A 243 11.35 -44.36 -41.33
C MET A 243 11.72 -43.55 -40.09
N LEU A 251 16.78 -40.80 -50.75
CA LEU A 251 15.91 -40.72 -49.59
C LEU A 251 14.81 -39.68 -49.82
N TYR A 252 15.09 -38.44 -49.44
CA TYR A 252 14.13 -37.34 -49.60
C TYR A 252 12.79 -37.68 -48.98
N ILE A 253 12.84 -38.33 -47.80
CA ILE A 253 11.60 -38.68 -47.12
C ILE A 253 10.84 -37.40 -46.71
N LEU A 254 9.57 -37.58 -46.41
CA LEU A 254 8.67 -36.47 -46.15
C LEU A 254 7.90 -36.72 -44.85
N ASP A 255 7.28 -35.65 -44.34
CA ASP A 255 6.46 -35.74 -43.14
C ASP A 255 5.10 -36.32 -43.49
N ASN A 256 4.58 -37.15 -42.59
CA ASN A 256 3.28 -37.80 -42.78
C ASN A 256 2.14 -37.00 -42.18
N ASN A 257 2.41 -35.83 -41.59
CA ASN A 257 1.33 -35.04 -40.99
C ASN A 257 0.33 -34.57 -42.02
N HIS A 258 0.82 -34.15 -43.19
CA HIS A 258 -0.06 -33.59 -44.21
C HIS A 258 -1.12 -34.60 -44.61
N THR A 259 -2.38 -34.14 -44.64
CA THR A 259 -3.49 -35.03 -44.96
C THR A 259 -3.41 -35.51 -46.40
N HIS A 260 -3.24 -34.58 -47.34
CA HIS A 260 -3.21 -34.89 -48.76
C HIS A 260 -1.79 -34.72 -49.27
N LEU A 261 -1.30 -35.70 -50.03
CA LEU A 261 0.05 -35.67 -50.58
C LEU A 261 -0.01 -35.98 -52.07
N LEU A 262 0.26 -34.97 -52.89
CA LEU A 262 0.28 -35.13 -54.34
C LEU A 262 1.73 -35.16 -54.83
N LEU A 263 2.09 -36.19 -55.57
CA LEU A 263 3.44 -36.36 -56.10
C LEU A 263 3.37 -36.36 -57.62
N VAL A 264 4.06 -35.40 -58.24
CA VAL A 264 4.10 -35.27 -59.69
C VAL A 264 5.49 -35.69 -60.15
N ASP A 265 5.55 -36.79 -60.90
CA ASP A 265 6.80 -37.33 -61.41
C ASP A 265 6.83 -37.25 -62.93
N ASN A 266 8.02 -36.99 -63.48
CA ASN A 266 8.19 -36.92 -64.92
C ASN A 266 8.30 -38.30 -65.57
N GLY A 267 8.30 -39.37 -64.77
CA GLY A 267 8.43 -40.72 -65.28
C GLY A 267 9.81 -41.33 -65.12
N CYS A 268 10.75 -40.63 -64.47
CA CYS A 268 12.08 -41.15 -64.25
C CYS A 268 12.61 -40.62 -62.93
N HIS A 269 13.58 -41.33 -62.37
CA HIS A 269 14.17 -40.97 -61.09
C HIS A 269 15.38 -40.04 -61.30
N GLY A 270 15.11 -38.93 -61.98
CA GLY A 270 16.11 -37.91 -62.22
C GLY A 270 16.12 -36.77 -61.23
N HIS A 271 15.28 -36.84 -60.20
CA HIS A 271 15.15 -35.78 -59.20
C HIS A 271 15.00 -34.40 -59.84
N PRO A 272 13.99 -34.21 -60.69
CA PRO A 272 13.73 -32.86 -61.21
C PRO A 272 12.69 -32.11 -60.40
N THR A 273 12.91 -30.81 -60.24
CA THR A 273 11.98 -29.95 -59.52
C THR A 273 10.89 -29.43 -60.47
N VAL A 274 10.19 -30.39 -61.09
CA VAL A 274 9.15 -30.05 -62.07
C VAL A 274 7.77 -29.94 -61.45
N GLU A 275 7.59 -30.38 -60.20
CA GLU A 275 6.29 -30.26 -59.55
C GLU A 275 5.89 -28.80 -59.34
N ALA A 276 6.85 -27.88 -59.37
CA ALA A 276 6.53 -26.46 -59.18
C ALA A 276 5.63 -25.95 -60.29
N LYS A 277 5.86 -26.42 -61.53
CA LYS A 277 5.01 -25.98 -62.64
C LYS A 277 3.56 -26.39 -62.42
N LEU A 278 3.35 -27.65 -62.01
CA LEU A 278 1.99 -28.11 -61.75
C LEU A 278 1.39 -27.36 -60.57
N ARG A 279 2.20 -27.09 -59.54
CA ARG A 279 1.72 -26.33 -58.39
C ARG A 279 1.24 -24.94 -58.82
N ASN A 280 2.03 -24.26 -59.64
CA ASN A 280 1.65 -22.93 -60.12
C ASN A 280 0.41 -23.00 -61.00
N GLN A 281 0.31 -24.01 -61.85
CA GLN A 281 -0.87 -24.14 -62.70
C GLN A 281 -2.12 -24.36 -61.85
N LEU A 282 -2.02 -25.21 -60.84
CA LEU A 282 -3.15 -25.44 -59.95
C LEU A 282 -3.54 -24.17 -59.21
N GLU A 283 -2.54 -23.42 -58.72
CA GLU A 283 -2.84 -22.17 -58.04
C GLU A 283 -3.52 -21.18 -58.97
N LYS A 284 -3.05 -21.09 -60.22
CA LYS A 284 -3.66 -20.17 -61.17
C LYS A 284 -5.10 -20.57 -61.46
N TYR A 285 -5.36 -21.88 -61.64
CA TYR A 285 -6.73 -22.31 -61.87
C TYR A 285 -7.61 -22.00 -60.66
N ILE A 286 -7.11 -22.25 -59.45
CA ILE A 286 -7.89 -21.98 -58.25
C ILE A 286 -8.21 -20.50 -58.16
N SER A 287 -7.24 -19.64 -58.48
CA SER A 287 -7.52 -18.20 -58.51
C SER A 287 -8.58 -17.88 -59.54
N GLU A 288 -8.50 -18.50 -60.72
CA GLU A 288 -9.53 -18.29 -61.74
C GLU A 288 -10.88 -18.77 -61.26
N ARG A 289 -10.92 -19.92 -60.58
CA ARG A 289 -12.18 -20.46 -60.08
C ARG A 289 -12.82 -19.51 -59.09
N THR A 290 -13.95 -18.93 -59.47
CA THR A 290 -14.64 -17.98 -58.60
C THR A 290 -15.27 -18.70 -57.41
N SER A 291 -15.20 -18.05 -56.25
CA SER A 291 -15.80 -18.57 -55.02
C SER A 291 -16.74 -17.52 -54.46
N GLN A 292 -18.02 -17.88 -54.32
CA GLN A 292 -19.03 -16.93 -53.86
C GLN A 292 -18.74 -16.46 -52.43
N ASP A 293 -18.35 -17.38 -51.56
CA ASP A 293 -18.15 -17.04 -50.15
C ASP A 293 -16.88 -16.21 -49.97
N SER A 294 -16.84 -15.48 -48.86
CA SER A 294 -15.72 -14.63 -48.44
C SER A 294 -15.54 -13.39 -49.31
N ASN A 295 -16.52 -13.07 -50.15
CA ASN A 295 -16.46 -11.88 -50.98
C ASN A 295 -15.16 -11.84 -51.80
N TYR A 296 -14.38 -10.77 -51.65
CA TYR A 296 -13.18 -10.57 -52.47
C TYR A 296 -13.52 -10.66 -53.95
N GLY A 297 -14.62 -10.03 -54.34
CA GLY A 297 -15.07 -10.09 -55.72
C GLY A 297 -15.33 -11.49 -56.21
N GLY A 298 -15.87 -12.34 -55.34
CA GLY A 298 -16.13 -13.72 -55.71
C GLY A 298 -14.88 -14.48 -56.11
N LYS A 299 -13.72 -14.08 -55.56
CA LYS A 299 -12.45 -14.69 -55.90
C LYS A 299 -11.79 -15.24 -54.65
N ILE A 300 -10.67 -15.93 -54.85
CA ILE A 300 -9.90 -16.55 -53.78
C ILE A 300 -8.65 -15.70 -53.57
N PRO A 301 -8.13 -15.58 -52.34
CA PRO A 301 -6.94 -14.74 -52.15
C PRO A 301 -5.65 -15.35 -52.69
N ILE A 302 -5.39 -16.63 -52.40
CA ILE A 302 -4.14 -17.27 -52.79
C ILE A 302 -2.98 -16.48 -52.20
N VAL A 303 -3.02 -16.26 -50.88
CA VAL A 303 -1.92 -15.58 -50.21
C VAL A 303 -0.65 -16.41 -50.36
N CYS A 304 0.46 -15.74 -50.66
CA CYS A 304 1.75 -16.40 -50.87
C CYS A 304 2.75 -15.87 -49.86
N PHE A 305 3.48 -16.79 -49.23
CA PHE A 305 4.47 -16.46 -48.21
C PHE A 305 5.67 -17.38 -48.39
N ALA A 306 6.86 -16.78 -48.38
CA ALA A 306 8.11 -17.52 -48.52
C ALA A 306 9.11 -17.00 -47.51
N GLN A 307 9.87 -17.92 -46.91
CA GLN A 307 10.90 -17.56 -45.95
C GLN A 307 12.25 -18.22 -46.22
N GLY A 308 12.36 -19.08 -47.21
CA GLY A 308 13.60 -19.78 -47.53
C GLY A 308 14.23 -19.22 -48.80
N GLY A 309 15.56 -19.04 -48.75
CA GLY A 309 16.28 -18.50 -49.88
C GLY A 309 16.70 -19.54 -50.90
N GLY A 310 15.76 -20.00 -51.71
CA GLY A 310 16.02 -20.99 -52.75
C GLY A 310 15.80 -20.42 -54.13
N ARG A 311 16.58 -20.91 -55.09
CA ARG A 311 16.41 -20.47 -56.48
C ARG A 311 15.05 -20.86 -57.03
N GLU A 312 14.60 -22.08 -56.71
CA GLU A 312 13.28 -22.51 -57.16
C GLU A 312 12.19 -21.63 -56.56
N THR A 313 12.36 -21.22 -55.30
CA THR A 313 11.40 -20.30 -54.70
C THR A 313 11.40 -18.96 -55.44
N LEU A 314 12.57 -18.50 -55.88
CA LEU A 314 12.64 -17.26 -56.64
C LEU A 314 11.92 -17.40 -57.98
N LYS A 315 12.11 -18.53 -58.66
CA LYS A 315 11.39 -18.75 -59.91
C LYS A 315 9.88 -18.78 -59.68
N ALA A 316 9.44 -19.44 -58.62
CA ALA A 316 8.02 -19.48 -58.31
C ALA A 316 7.49 -18.09 -58.00
N ILE A 317 8.29 -17.28 -57.27
CA ILE A 317 7.88 -15.91 -56.97
C ILE A 317 7.75 -15.10 -58.25
N ASN A 318 8.69 -15.26 -59.18
CA ASN A 318 8.60 -14.54 -60.44
C ASN A 318 7.36 -14.94 -61.22
N THR A 319 7.08 -16.25 -61.28
CA THR A 319 5.89 -16.71 -61.97
C THR A 319 4.62 -16.17 -61.31
N SER A 320 4.57 -16.17 -59.98
CA SER A 320 3.38 -15.73 -59.28
C SER A 320 3.15 -14.23 -59.47
N VAL A 321 4.20 -13.43 -59.31
CA VAL A 321 4.07 -11.99 -59.51
C VAL A 321 3.71 -11.69 -60.96
N LYS A 322 4.16 -12.55 -61.89
CA LYS A 322 3.68 -12.44 -63.26
C LYS A 322 2.17 -12.54 -63.32
N SER A 323 1.59 -13.35 -62.44
CA SER A 323 0.14 -13.48 -62.31
C SER A 323 -0.36 -12.44 -61.31
N LYS A 324 -1.62 -12.55 -60.90
CA LYS A 324 -2.20 -11.67 -59.90
C LYS A 324 -1.95 -12.15 -58.48
N ILE A 325 -1.19 -13.22 -58.30
CA ILE A 325 -0.96 -13.78 -56.97
C ILE A 325 -0.17 -12.77 -56.13
N PRO A 326 -0.61 -12.47 -54.90
CA PRO A 326 0.19 -11.59 -54.04
C PRO A 326 1.09 -12.38 -53.09
N CYS A 327 2.33 -11.92 -52.96
CA CYS A 327 3.31 -12.55 -52.09
C CYS A 327 3.72 -11.58 -51.00
N VAL A 328 3.75 -12.06 -49.75
CA VAL A 328 4.16 -11.28 -48.59
C VAL A 328 5.27 -12.06 -47.89
N VAL A 329 6.37 -11.37 -47.58
CA VAL A 329 7.53 -11.97 -46.95
C VAL A 329 7.93 -11.11 -45.76
N VAL A 330 8.28 -11.76 -44.66
CA VAL A 330 8.78 -11.07 -43.47
C VAL A 330 10.30 -11.07 -43.52
N GLU A 331 10.90 -10.03 -42.94
CA GLU A 331 12.35 -9.92 -42.96
C GLU A 331 13.00 -11.15 -42.31
N GLY A 332 12.59 -11.46 -41.09
CA GLY A 332 13.05 -12.66 -40.39
C GLY A 332 14.52 -12.96 -40.59
N SER A 333 14.81 -14.19 -41.03
CA SER A 333 16.17 -14.63 -41.33
C SER A 333 16.11 -15.50 -42.59
N GLY A 334 16.28 -14.86 -43.75
CA GLY A 334 16.23 -15.56 -45.01
C GLY A 334 17.39 -15.16 -45.90
N GLN A 335 17.87 -16.15 -46.67
CA GLN A 335 19.00 -15.91 -47.56
C GLN A 335 18.65 -14.85 -48.60
N ILE A 336 17.47 -14.97 -49.21
CA ILE A 336 17.01 -13.99 -50.18
C ILE A 336 15.92 -13.09 -49.64
N ALA A 337 15.09 -13.59 -48.70
CA ALA A 337 14.03 -12.75 -48.15
C ALA A 337 14.59 -11.46 -47.57
N ASP A 338 15.71 -11.56 -46.84
CA ASP A 338 16.32 -10.36 -46.29
C ASP A 338 16.76 -9.41 -47.40
N VAL A 339 17.32 -9.97 -48.48
CA VAL A 339 17.80 -9.14 -49.58
C VAL A 339 16.64 -8.37 -50.22
N ILE A 340 15.54 -9.08 -50.51
CA ILE A 340 14.41 -8.44 -51.15
C ILE A 340 13.77 -7.43 -50.20
N ALA A 341 13.69 -7.77 -48.91
CA ALA A 341 13.13 -6.83 -47.93
C ALA A 341 13.95 -5.55 -47.87
N SER A 342 15.28 -5.67 -47.87
CA SER A 342 16.13 -4.49 -47.86
C SER A 342 16.00 -3.71 -49.17
N LEU A 343 15.80 -4.41 -50.29
CA LEU A 343 15.65 -3.71 -51.56
C LEU A 343 14.43 -2.79 -51.54
N VAL A 344 13.32 -3.26 -50.99
CA VAL A 344 12.11 -2.45 -50.89
C VAL A 344 12.27 -1.39 -49.80
N THR A 351 19.21 -2.72 -61.52
CA THR A 351 20.41 -2.75 -62.34
C THR A 351 21.36 -3.84 -61.86
N SER A 352 22.35 -4.18 -62.69
CA SER A 352 23.31 -5.22 -62.32
C SER A 352 24.11 -4.82 -61.09
N SER A 353 24.54 -3.55 -61.02
CA SER A 353 25.34 -3.10 -59.89
C SER A 353 24.56 -3.17 -58.59
N MET A 354 23.29 -2.73 -58.62
CA MET A 354 22.47 -2.76 -57.42
C MET A 354 22.31 -4.18 -56.90
N VAL A 355 22.04 -5.13 -57.79
CA VAL A 355 21.88 -6.52 -57.37
C VAL A 355 23.21 -7.08 -56.88
N LYS A 356 24.32 -6.69 -57.52
CA LYS A 356 25.63 -7.15 -57.07
C LYS A 356 25.91 -6.68 -55.65
N GLU A 357 25.59 -5.42 -55.35
CA GLU A 357 25.74 -4.93 -53.98
C GLU A 357 24.83 -5.70 -53.02
N LYS A 358 23.59 -5.95 -53.44
CA LYS A 358 22.67 -6.73 -52.63
C LYS A 358 23.07 -8.19 -52.62
N LEU A 359 22.78 -8.86 -51.49
CA LEU A 359 23.06 -10.27 -51.29
C LEU A 359 24.55 -10.58 -51.26
N VAL A 360 25.41 -9.55 -51.28
CA VAL A 360 26.85 -9.80 -51.24
C VAL A 360 27.23 -10.49 -49.95
N ARG A 361 26.69 -10.01 -48.82
CA ARG A 361 26.91 -10.64 -47.54
C ARG A 361 25.80 -11.61 -47.15
N PHE A 362 24.60 -11.43 -47.70
CA PHE A 362 23.50 -12.33 -47.38
C PHE A 362 23.75 -13.74 -47.92
N LEU A 363 24.24 -13.83 -49.15
CA LEU A 363 24.43 -15.12 -49.83
C LEU A 363 25.83 -15.20 -50.40
N PRO A 364 26.85 -15.31 -49.55
CA PRO A 364 28.22 -15.48 -50.05
C PRO A 364 28.42 -16.83 -50.71
N ARG A 365 27.96 -17.90 -50.05
CA ARG A 365 28.12 -19.24 -50.61
C ARG A 365 27.34 -19.38 -51.92
N THR A 366 26.12 -18.85 -51.96
CA THR A 366 25.33 -18.92 -53.19
C THR A 366 26.02 -18.17 -54.33
N VAL A 367 26.56 -16.99 -54.04
CA VAL A 367 27.26 -16.23 -55.07
C VAL A 367 28.49 -16.99 -55.56
N SER A 368 29.26 -17.56 -54.64
CA SER A 368 30.46 -18.28 -55.02
C SER A 368 30.12 -19.50 -55.87
N ARG A 369 29.09 -20.25 -55.48
CA ARG A 369 28.73 -21.46 -56.23
C ARG A 369 28.08 -21.11 -57.56
N LEU A 370 27.28 -20.06 -57.59
CA LEU A 370 26.55 -19.72 -58.81
C LEU A 370 27.52 -19.23 -59.88
N PRO A 371 27.51 -19.83 -61.09
CA PRO A 371 28.37 -19.31 -62.17
C PRO A 371 27.88 -17.97 -62.69
N GLU A 372 28.57 -17.45 -63.72
CA GLU A 372 28.18 -16.16 -64.29
C GLU A 372 26.77 -16.21 -64.87
N GLU A 373 26.45 -17.30 -65.58
CA GLU A 373 25.09 -17.45 -66.11
C GLU A 373 24.07 -17.46 -64.99
N GLU A 374 24.38 -18.16 -63.89
CA GLU A 374 23.47 -18.18 -62.75
C GLU A 374 23.31 -16.80 -62.14
N ILE A 375 24.39 -16.03 -62.07
CA ILE A 375 24.30 -14.67 -61.52
C ILE A 375 23.43 -13.80 -62.41
N GLU A 376 23.60 -13.91 -63.73
CA GLU A 376 22.75 -13.14 -64.64
C GLU A 376 21.29 -13.56 -64.52
N SER A 377 21.04 -14.87 -64.37
CA SER A 377 19.67 -15.33 -64.17
C SER A 377 19.08 -14.79 -62.88
N TRP A 378 19.88 -14.79 -61.80
CA TRP A 378 19.43 -14.18 -60.55
C TRP A 378 19.05 -12.72 -60.75
N ILE A 379 19.91 -11.97 -61.43
CA ILE A 379 19.65 -10.56 -61.65
C ILE A 379 18.36 -10.39 -62.44
N LYS A 380 18.16 -11.21 -63.47
CA LYS A 380 16.95 -11.11 -64.29
C LYS A 380 15.71 -11.43 -63.48
N TRP A 381 15.75 -12.51 -62.70
CA TRP A 381 14.59 -12.89 -61.91
C TRP A 381 14.24 -11.81 -60.90
N LEU A 382 15.24 -11.26 -60.21
CA LEU A 382 14.96 -10.26 -59.20
C LEU A 382 14.47 -8.96 -59.83
N LYS A 383 15.01 -8.59 -61.00
CA LYS A 383 14.52 -7.42 -61.70
C LYS A 383 13.06 -7.60 -62.09
N GLU A 384 12.70 -8.79 -62.58
CA GLU A 384 11.30 -9.06 -62.91
C GLU A 384 10.42 -8.99 -61.68
N ILE A 385 10.89 -9.54 -60.55
CA ILE A 385 10.09 -9.57 -59.34
C ILE A 385 9.85 -8.15 -58.82
N LEU A 386 10.90 -7.34 -58.77
CA LEU A 386 10.77 -5.99 -58.23
C LEU A 386 9.92 -5.09 -59.12
N GLU A 387 9.65 -5.49 -60.37
CA GLU A 387 8.87 -4.66 -61.27
C GLU A 387 7.52 -4.30 -60.67
N SER A 388 6.89 -5.24 -59.95
CA SER A 388 5.57 -5.04 -59.37
C SER A 388 5.71 -4.91 -57.87
N SER A 389 5.28 -3.76 -57.33
CA SER A 389 5.28 -3.52 -55.89
C SER A 389 3.94 -3.84 -55.24
N HIS A 390 2.85 -3.78 -56.00
CA HIS A 390 1.54 -4.11 -55.43
C HIS A 390 1.49 -5.56 -54.97
N LEU A 391 2.06 -6.47 -55.77
CA LEU A 391 2.03 -7.89 -55.45
C LEU A 391 3.11 -8.30 -54.46
N LEU A 392 3.99 -7.39 -54.06
CA LEU A 392 5.06 -7.69 -53.12
C LEU A 392 4.79 -6.96 -51.81
N THR A 393 4.80 -7.71 -50.71
CA THR A 393 4.61 -7.18 -49.37
C THR A 393 5.82 -7.51 -48.52
N VAL A 394 6.31 -6.53 -47.78
CA VAL A 394 7.47 -6.69 -46.92
C VAL A 394 7.06 -6.40 -45.48
N ILE A 395 7.38 -7.32 -44.58
CA ILE A 395 7.06 -7.18 -43.16
C ILE A 395 8.37 -7.10 -42.39
N LYS A 396 8.55 -6.03 -41.63
CA LYS A 396 9.74 -5.85 -40.83
C LYS A 396 9.70 -6.74 -39.60
N MET A 397 10.86 -7.33 -39.27
CA MET A 397 10.96 -8.19 -38.10
C MET A 397 11.15 -7.42 -36.81
N GLU A 398 11.41 -6.11 -36.88
CA GLU A 398 11.60 -5.31 -35.67
C GLU A 398 10.28 -5.02 -34.97
N GLU A 399 9.19 -4.88 -35.72
CA GLU A 399 7.90 -4.57 -35.11
C GLU A 399 7.48 -5.68 -34.17
N ALA A 400 7.02 -5.30 -32.97
CA ALA A 400 6.57 -6.24 -31.96
C ALA A 400 5.06 -6.21 -31.78
N GLY A 401 4.34 -5.63 -32.74
CA GLY A 401 2.89 -5.56 -32.61
C GLY A 401 2.25 -6.93 -32.60
N ASP A 402 1.11 -7.03 -31.92
CA ASP A 402 0.39 -8.29 -31.84
C ASP A 402 -0.53 -8.46 -33.05
N GLU A 403 -0.64 -9.70 -33.53
CA GLU A 403 -1.49 -10.04 -34.65
C GLU A 403 -1.03 -9.38 -35.95
N ILE A 404 0.25 -9.01 -36.02
CA ILE A 404 0.80 -8.43 -37.23
C ILE A 404 0.80 -9.42 -38.38
N VAL A 405 0.84 -10.72 -38.07
CA VAL A 405 0.86 -11.73 -39.13
C VAL A 405 -0.37 -11.61 -40.01
N SER A 406 -1.54 -11.46 -39.39
CA SER A 406 -2.77 -11.29 -40.15
C SER A 406 -2.89 -9.88 -40.73
N ASN A 407 -2.38 -8.87 -40.02
CA ASN A 407 -2.49 -7.50 -40.50
C ASN A 407 -1.74 -7.31 -41.82
N ALA A 408 -0.53 -7.86 -41.91
CA ALA A 408 0.24 -7.74 -43.15
C ALA A 408 -0.47 -8.41 -44.30
N ILE A 409 -1.02 -9.61 -44.07
CA ILE A 409 -1.75 -10.33 -45.11
C ILE A 409 -2.95 -9.51 -45.56
N SER A 410 -3.67 -8.93 -44.60
CA SER A 410 -4.84 -8.13 -44.93
C SER A 410 -4.46 -6.93 -45.79
N TYR A 411 -3.38 -6.23 -45.41
CA TYR A 411 -2.94 -5.08 -46.18
C TYR A 411 -2.56 -5.48 -47.61
N ALA A 412 -1.82 -6.59 -47.74
CA ALA A 412 -1.43 -7.04 -49.08
C ALA A 412 -2.65 -7.40 -49.93
N LEU A 413 -3.61 -8.11 -49.33
CA LEU A 413 -4.81 -8.48 -50.07
C LEU A 413 -5.59 -7.24 -50.48
N TYR A 414 -5.67 -6.24 -49.60
CA TYR A 414 -6.36 -5.01 -49.95
C TYR A 414 -5.67 -4.30 -51.10
N LYS A 415 -4.33 -4.27 -51.08
CA LYS A 415 -3.60 -3.65 -52.17
C LYS A 415 -3.86 -4.37 -53.49
N ALA A 416 -3.87 -5.70 -53.47
CA ALA A 416 -4.16 -6.43 -54.69
C ALA A 416 -5.58 -6.16 -55.18
N PHE A 417 -6.54 -6.12 -54.25
CA PHE A 417 -7.93 -5.86 -54.64
C PHE A 417 -8.07 -4.48 -55.25
N SER A 418 -7.41 -3.48 -54.66
CA SER A 418 -7.39 -2.15 -55.24
C SER A 418 -6.76 -2.17 -56.62
N THR A 419 -5.68 -2.93 -56.79
CA THR A 419 -5.06 -3.06 -58.10
C THR A 419 -5.99 -3.71 -59.11
N ASN A 420 -6.89 -4.58 -58.66
CA ASN A 420 -7.79 -5.27 -59.58
C ASN A 420 -8.61 -4.27 -60.38
N GLU A 421 -9.20 -3.28 -59.73
CA GLU A 421 -9.95 -2.18 -60.33
C GLU A 421 -11.31 -2.60 -60.87
N GLN A 422 -11.67 -3.88 -60.80
CA GLN A 422 -12.98 -4.32 -61.27
C GLN A 422 -14.05 -4.04 -60.23
N ASP A 423 -13.88 -4.58 -59.02
CA ASP A 423 -14.78 -4.32 -57.91
C ASP A 423 -14.35 -3.12 -57.08
N LYS A 424 -13.22 -2.49 -57.41
CA LYS A 424 -12.77 -1.33 -56.65
C LYS A 424 -13.75 -0.18 -56.78
N ASP A 425 -14.51 -0.12 -57.88
CA ASP A 425 -15.50 0.95 -58.05
C ASP A 425 -16.57 0.85 -56.96
N ASN A 426 -17.00 -0.36 -56.64
CA ASN A 426 -17.99 -0.58 -55.60
C ASN A 426 -17.30 -0.48 -54.24
N TRP A 427 -17.56 0.62 -53.51
CA TRP A 427 -16.94 0.79 -52.20
C TRP A 427 -17.40 -0.30 -51.25
N ASN A 428 -18.68 -0.66 -51.29
CA ASN A 428 -19.20 -1.68 -50.40
C ASN A 428 -18.47 -3.00 -50.59
N GLY A 429 -18.14 -3.34 -51.85
CA GLY A 429 -17.48 -4.62 -52.10
C GLY A 429 -16.14 -4.73 -51.41
N GLN A 430 -15.31 -3.70 -51.56
CA GLN A 430 -14.01 -3.69 -50.88
C GLN A 430 -14.19 -3.60 -49.37
N LEU A 431 -15.23 -2.88 -48.92
CA LEU A 431 -15.50 -2.82 -47.48
C LEU A 431 -15.80 -4.20 -46.92
N LYS A 432 -16.51 -5.03 -47.67
CA LYS A 432 -16.81 -6.38 -47.18
C LYS A 432 -15.53 -7.16 -46.93
N LEU A 433 -14.63 -7.18 -47.93
CA LEU A 433 -13.38 -7.89 -47.78
C LEU A 433 -12.54 -7.31 -46.66
N LEU A 434 -12.50 -5.97 -46.54
CA LEU A 434 -11.73 -5.35 -45.48
C LEU A 434 -12.30 -5.71 -44.10
N LEU A 435 -13.62 -5.70 -43.98
CA LEU A 435 -14.27 -5.95 -42.69
C LEU A 435 -14.12 -7.40 -42.26
N GLU A 436 -14.22 -8.34 -43.21
CA GLU A 436 -14.12 -9.75 -42.83
C GLU A 436 -12.81 -10.04 -42.12
N TRP A 437 -11.78 -9.24 -42.36
CA TRP A 437 -10.49 -9.41 -41.72
C TRP A 437 -10.36 -8.45 -40.54
N ASN A 438 -9.28 -8.67 -39.77
CA ASN A 438 -9.09 -7.92 -38.53
C ASN A 438 -8.88 -6.44 -38.80
N GLN A 439 -8.14 -6.09 -39.84
CA GLN A 439 -7.72 -4.71 -40.04
C GLN A 439 -8.92 -3.78 -40.06
N LEU A 440 -8.87 -2.73 -39.24
CA LEU A 440 -9.91 -1.72 -39.19
C LEU A 440 -9.34 -0.31 -39.24
N ASP A 441 -8.12 -0.14 -38.70
CA ASP A 441 -7.52 1.19 -38.66
C ASP A 441 -7.29 1.74 -40.07
N LEU A 442 -6.62 0.96 -40.91
CA LEU A 442 -6.42 1.38 -42.30
C LEU A 442 -7.74 1.39 -43.07
N ALA A 443 -8.68 0.52 -42.69
CA ALA A 443 -9.96 0.49 -43.37
C ALA A 443 -10.70 1.82 -43.21
N SER A 444 -10.62 2.41 -42.02
CA SER A 444 -11.30 3.68 -41.78
C SER A 444 -10.80 4.76 -42.73
N ASP A 445 -9.48 4.86 -42.88
CA ASP A 445 -8.91 5.86 -43.78
C ASP A 445 -9.24 5.54 -45.23
N GLU A 446 -9.23 4.25 -45.59
CA GLU A 446 -9.41 3.88 -46.98
C GLU A 446 -10.78 4.30 -47.50
N ILE A 447 -11.84 3.90 -46.80
CA ILE A 447 -13.21 4.13 -47.27
C ILE A 447 -14.00 4.93 -46.25
N PHE A 448 -13.93 4.54 -44.98
CA PHE A 448 -14.72 5.22 -43.96
C PHE A 448 -14.38 6.70 -43.89
N THR A 449 -13.14 7.08 -44.20
CA THR A 449 -12.80 8.50 -44.30
C THR A 449 -13.60 9.15 -45.43
N ASN A 450 -13.54 8.57 -46.63
CA ASN A 450 -14.36 9.00 -47.75
C ASN A 450 -14.39 10.51 -47.88
N ASP A 451 -15.48 11.14 -47.44
CA ASP A 451 -15.74 12.57 -47.46
C ASP A 451 -16.20 13.05 -48.83
N ARG A 452 -16.13 12.22 -49.88
CA ARG A 452 -16.58 12.61 -51.19
C ARG A 452 -18.10 12.74 -51.22
N ARG A 453 -18.79 11.63 -50.95
CA ARG A 453 -20.25 11.63 -50.87
C ARG A 453 -20.67 10.33 -50.18
N TRP A 454 -21.01 10.41 -48.90
CA TRP A 454 -21.45 9.23 -48.18
C TRP A 454 -22.96 9.05 -48.34
N GLU A 455 -23.37 7.85 -48.73
CA GLU A 455 -24.78 7.55 -48.88
C GLU A 455 -25.47 7.57 -47.52
N SER A 456 -26.72 8.05 -47.50
CA SER A 456 -27.47 8.09 -46.25
C SER A 456 -27.68 6.69 -45.70
N ALA A 457 -28.04 5.74 -46.57
CA ALA A 457 -28.17 4.36 -46.14
C ALA A 457 -26.83 3.79 -45.69
N ASP A 458 -25.76 4.17 -46.38
CA ASP A 458 -24.39 3.71 -46.07
C ASP A 458 -24.42 2.18 -46.02
N LEU A 459 -23.94 1.55 -44.96
CA LEU A 459 -23.88 0.09 -44.87
C LEU A 459 -25.25 -0.44 -44.43
N GLN A 460 -26.18 -0.45 -45.39
CA GLN A 460 -27.50 -0.99 -45.10
C GLN A 460 -27.42 -2.46 -44.70
N GLU A 461 -26.61 -3.24 -45.42
CA GLU A 461 -26.36 -4.63 -45.09
C GLU A 461 -24.98 -4.88 -44.50
N VAL A 462 -24.01 -4.02 -44.79
CA VAL A 462 -22.66 -4.21 -44.25
C VAL A 462 -22.69 -4.12 -42.74
N MET A 463 -23.41 -3.14 -42.19
CA MET A 463 -23.54 -3.03 -40.74
C MET A 463 -24.30 -4.22 -40.17
N PHE A 464 -25.32 -4.69 -40.88
CA PHE A 464 -26.06 -5.87 -40.42
C PHE A 464 -25.14 -7.08 -40.37
N THR A 465 -24.30 -7.26 -41.39
CA THR A 465 -23.34 -8.36 -41.36
C THR A 465 -22.32 -8.18 -40.24
N ALA A 466 -21.90 -6.95 -39.98
CA ALA A 466 -20.98 -6.70 -38.88
C ALA A 466 -21.59 -7.12 -37.56
N LEU A 467 -22.86 -6.76 -37.34
CA LEU A 467 -23.53 -7.22 -36.13
C LEU A 467 -23.63 -8.74 -36.10
N ILE A 468 -23.99 -9.35 -37.23
CA ILE A 468 -24.02 -10.81 -37.31
C ILE A 468 -22.61 -11.37 -37.15
N LYS A 469 -21.63 -10.77 -37.83
CA LYS A 469 -20.25 -11.19 -37.68
C LYS A 469 -19.71 -10.89 -36.28
N ASP A 470 -20.36 -9.99 -35.54
CA ASP A 470 -19.95 -9.65 -34.18
C ASP A 470 -18.57 -9.00 -34.15
N ARG A 471 -18.38 -8.03 -35.04
CA ARG A 471 -17.10 -7.34 -35.11
C ARG A 471 -17.00 -6.32 -33.98
N PRO A 472 -16.02 -6.44 -33.09
CA PRO A 472 -15.87 -5.46 -32.01
C PRO A 472 -15.00 -4.28 -32.42
N LYS A 473 -15.35 -3.12 -31.87
CA LYS A 473 -14.64 -1.87 -32.12
C LYS A 473 -14.70 -1.46 -33.58
N PHE A 474 -15.65 -2.00 -34.34
CA PHE A 474 -15.83 -1.64 -35.74
C PHE A 474 -17.20 -1.06 -36.02
N VAL A 475 -18.25 -1.60 -35.39
CA VAL A 475 -19.56 -0.96 -35.46
C VAL A 475 -19.49 0.43 -34.86
N ARG A 476 -18.55 0.66 -33.95
CA ARG A 476 -18.36 1.99 -33.38
C ARG A 476 -18.16 3.03 -34.47
N LEU A 477 -17.44 2.66 -35.53
CA LEU A 477 -17.23 3.60 -36.63
C LEU A 477 -18.51 3.81 -37.43
N PHE A 478 -19.30 2.74 -37.63
CA PHE A 478 -20.59 2.90 -38.28
C PHE A 478 -21.46 3.88 -37.52
N LEU A 479 -21.43 3.82 -36.18
CA LEU A 479 -22.21 4.75 -35.38
C LEU A 479 -21.62 6.15 -35.41
N GLU A 480 -20.28 6.26 -35.41
CA GLU A 480 -19.64 7.56 -35.49
C GLU A 480 -20.04 8.28 -36.77
N ASN A 481 -19.91 7.61 -37.91
CA ASN A 481 -20.49 8.15 -39.13
C ASN A 481 -22.00 8.25 -39.00
N GLY A 482 -22.63 7.25 -38.39
CA GLY A 482 -24.01 7.34 -37.98
C GLY A 482 -25.00 6.72 -38.94
N LEU A 483 -26.05 6.13 -38.39
CA LEU A 483 -27.16 5.60 -39.15
C LEU A 483 -28.38 5.57 -38.25
N ASN A 484 -29.56 5.68 -38.86
CA ASN A 484 -30.79 5.69 -38.08
C ASN A 484 -30.97 4.34 -37.40
N LEU A 485 -30.76 4.30 -36.08
CA LEU A 485 -30.84 3.03 -35.35
C LEU A 485 -32.24 2.43 -35.48
N GLN A 486 -33.28 3.27 -35.30
CA GLN A 486 -34.64 2.78 -35.48
C GLN A 486 -34.91 2.37 -36.92
N LYS A 487 -34.51 3.22 -37.87
CA LYS A 487 -34.68 2.88 -39.28
C LYS A 487 -33.84 1.67 -39.66
N PHE A 488 -32.59 1.61 -39.16
CA PHE A 488 -31.73 0.48 -39.50
C PHE A 488 -32.32 -0.82 -38.99
N LEU A 489 -32.84 -0.83 -37.77
CA LEU A 489 -33.40 -2.03 -37.16
C LEU A 489 -34.89 -2.10 -37.48
N THR A 490 -35.18 -2.53 -38.71
CA THR A 490 -36.56 -2.70 -39.12
C THR A 490 -37.19 -3.90 -38.40
N ASN A 491 -38.52 -3.91 -38.37
CA ASN A 491 -39.23 -5.00 -37.69
C ASN A 491 -38.87 -6.34 -38.29
N GLU A 492 -38.85 -6.44 -39.62
CA GLU A 492 -38.46 -7.69 -40.26
C GLU A 492 -37.01 -8.04 -39.96
N VAL A 493 -36.12 -7.05 -40.01
CA VAL A 493 -34.71 -7.31 -39.73
C VAL A 493 -34.53 -7.74 -38.28
N LEU A 494 -35.23 -7.07 -37.35
CA LEU A 494 -35.14 -7.44 -35.95
C LEU A 494 -35.66 -8.86 -35.72
N THR A 495 -36.77 -9.21 -36.36
CA THR A 495 -37.31 -10.56 -36.22
C THR A 495 -36.33 -11.60 -36.78
N GLU A 496 -35.72 -11.29 -37.93
CA GLU A 496 -34.74 -12.22 -38.50
C GLU A 496 -33.55 -12.40 -37.57
N LEU A 497 -33.07 -11.31 -36.97
CA LEU A 497 -31.96 -11.40 -36.03
C LEU A 497 -32.36 -12.23 -34.81
N PHE A 498 -33.58 -12.04 -34.31
CA PHE A 498 -34.03 -12.79 -33.14
C PHE A 498 -34.35 -14.24 -33.48
N SER A 499 -34.48 -14.58 -34.76
CA SER A 499 -34.80 -15.94 -35.18
C SER A 499 -33.64 -16.63 -35.88
N THR A 500 -33.05 -15.99 -36.89
CA THR A 500 -31.98 -16.62 -37.66
C THR A 500 -30.65 -16.55 -36.92
N HIS A 501 -30.18 -15.34 -36.63
CA HIS A 501 -28.88 -15.16 -35.99
C HIS A 501 -28.91 -15.40 -34.49
N PHE A 502 -30.11 -15.48 -33.88
CA PHE A 502 -30.18 -15.71 -32.45
C PHE A 502 -29.60 -17.07 -32.08
N SER A 503 -29.79 -18.07 -32.94
CA SER A 503 -29.30 -19.43 -32.68
C SER A 503 -30.17 -20.11 -31.63
N THR A 504 -29.77 -21.30 -31.20
CA THR A 504 -30.55 -22.08 -30.25
C THR A 504 -29.77 -22.55 -29.03
N LEU A 505 -28.45 -22.32 -28.99
CA LEU A 505 -27.66 -22.81 -27.86
C LEU A 505 -28.13 -22.21 -26.55
N VAL A 506 -28.30 -20.89 -26.51
CA VAL A 506 -28.75 -20.23 -25.29
C VAL A 506 -30.26 -20.04 -25.27
N TYR A 507 -30.90 -20.01 -26.44
CA TYR A 507 -32.33 -19.76 -26.50
C TYR A 507 -33.12 -20.84 -25.76
N ARG A 508 -32.76 -22.11 -25.97
CA ARG A 508 -33.49 -23.19 -25.33
C ARG A 508 -33.36 -23.12 -23.81
N ASN A 509 -32.14 -22.92 -23.32
CA ASN A 509 -31.93 -22.83 -21.88
C ASN A 509 -32.66 -21.63 -21.29
N LEU A 510 -32.61 -20.49 -21.98
CA LEU A 510 -33.29 -19.30 -21.48
C LEU A 510 -34.79 -19.51 -21.41
N GLN A 511 -35.37 -20.12 -22.45
CA GLN A 511 -36.81 -20.37 -22.44
C GLN A 511 -37.18 -21.34 -21.33
N ILE A 512 -36.39 -22.41 -21.15
CA ILE A 512 -36.69 -23.40 -20.12
C ILE A 512 -36.65 -22.74 -18.74
N ALA A 513 -35.62 -21.93 -18.49
CA ALA A 513 -35.49 -21.30 -17.18
C ALA A 513 -36.58 -20.25 -16.96
N LYS A 514 -36.94 -19.50 -18.00
CA LYS A 514 -37.94 -18.46 -17.86
C LYS A 514 -39.35 -19.02 -17.76
N ASN A 515 -39.56 -20.26 -18.19
CA ASN A 515 -40.86 -20.89 -17.98
C ASN A 515 -41.25 -20.82 -16.50
N SER A 516 -40.30 -21.06 -15.61
CA SER A 516 -40.50 -20.92 -14.17
C SER A 516 -39.19 -20.40 -13.57
N TYR A 517 -39.09 -19.07 -13.45
CA TYR A 517 -37.89 -18.43 -12.93
C TYR A 517 -38.17 -17.54 -11.72
N ASN A 518 -39.43 -17.39 -11.32
CA ASN A 518 -39.79 -16.57 -10.16
C ASN A 518 -39.36 -15.12 -10.35
N ASP A 519 -39.39 -14.64 -11.59
CA ASP A 519 -39.01 -13.26 -11.89
C ASP A 519 -39.97 -12.71 -12.94
N ALA A 520 -40.62 -11.58 -12.62
CA ALA A 520 -41.50 -10.95 -13.59
C ALA A 520 -40.72 -10.45 -14.79
N LEU A 521 -39.51 -9.94 -14.57
CA LEU A 521 -38.68 -9.49 -15.69
C LEU A 521 -38.38 -10.64 -16.64
N LEU A 522 -38.10 -11.82 -16.10
CA LEU A 522 -37.87 -12.99 -16.94
C LEU A 522 -39.10 -13.31 -17.77
N THR A 523 -40.30 -13.23 -17.17
CA THR A 523 -41.52 -13.49 -17.90
C THR A 523 -41.71 -12.46 -19.03
N PHE A 524 -41.43 -11.19 -18.74
CA PHE A 524 -41.56 -10.17 -19.77
C PHE A 524 -40.57 -10.41 -20.90
N VAL A 525 -39.34 -10.80 -20.57
CA VAL A 525 -38.34 -11.08 -21.59
C VAL A 525 -38.77 -12.27 -22.44
N TRP A 526 -39.31 -13.31 -21.80
CA TRP A 526 -39.78 -14.47 -22.55
C TRP A 526 -40.92 -14.08 -23.49
N LYS A 527 -41.85 -13.25 -23.01
CA LYS A 527 -42.96 -12.81 -23.85
C LYS A 527 -42.45 -12.01 -25.04
N LEU A 528 -41.49 -11.11 -24.80
CA LEU A 528 -40.93 -10.31 -25.89
C LEU A 528 -40.23 -11.20 -26.91
N VAL A 529 -39.48 -12.20 -26.43
CA VAL A 529 -38.79 -13.11 -27.34
C VAL A 529 -39.79 -13.90 -28.17
N ALA A 530 -40.85 -14.38 -27.53
CA ALA A 530 -41.88 -15.12 -28.27
C ALA A 530 -42.55 -14.24 -29.31
N ASN A 531 -42.85 -12.99 -28.95
CA ASN A 531 -43.45 -12.08 -29.91
C ASN A 531 -42.53 -11.84 -31.10
N PHE A 532 -41.23 -11.64 -30.83
CA PHE A 532 -40.29 -11.44 -31.92
C PHE A 532 -40.22 -12.67 -32.82
N ARG A 533 -40.18 -13.87 -32.22
CA ARG A 533 -40.11 -15.09 -33.02
C ARG A 533 -41.46 -15.40 -33.65
N ARG A 534 -42.54 -15.23 -32.89
CA ARG A 534 -43.86 -15.54 -33.42
C ARG A 534 -44.29 -14.54 -34.49
N SER A 535 -43.84 -13.29 -34.38
CA SER A 535 -44.23 -12.28 -35.36
C SER A 535 -43.76 -12.65 -36.76
N PHE A 536 -42.54 -13.14 -36.88
CA PHE A 536 -41.99 -13.54 -38.17
C PHE A 536 -41.96 -12.36 -39.13
N THR A 558 -44.08 3.22 -25.54
CA THR A 558 -43.95 3.08 -26.99
C THR A 558 -43.44 1.69 -27.35
N ARG A 559 -43.03 1.51 -28.61
CA ARG A 559 -42.57 0.20 -29.07
C ARG A 559 -41.31 -0.23 -28.33
N HIS A 560 -40.36 0.68 -28.15
CA HIS A 560 -39.11 0.38 -27.46
C HIS A 560 -38.34 -0.72 -28.20
N PRO A 561 -37.98 -0.52 -29.46
CA PRO A 561 -37.20 -1.55 -30.18
C PRO A 561 -35.75 -1.63 -29.73
N LEU A 562 -35.13 -0.48 -29.45
CA LEU A 562 -33.74 -0.49 -29.02
C LEU A 562 -33.57 -1.30 -27.76
N GLN A 563 -34.62 -1.40 -26.93
CA GLN A 563 -34.57 -2.28 -25.77
C GLN A 563 -34.40 -3.73 -26.21
N ALA A 564 -35.16 -4.16 -27.23
CA ALA A 564 -35.01 -5.51 -27.74
C ALA A 564 -33.62 -5.74 -28.32
N LEU A 565 -33.11 -4.75 -29.07
CA LEU A 565 -31.78 -4.90 -29.63
C LEU A 565 -30.73 -5.03 -28.54
N PHE A 566 -30.84 -4.21 -27.49
CA PHE A 566 -29.89 -4.27 -26.39
C PHE A 566 -29.98 -5.59 -25.65
N ILE A 567 -31.20 -6.11 -25.44
CA ILE A 567 -31.35 -7.41 -24.81
C ILE A 567 -30.65 -8.47 -25.63
N TRP A 568 -30.87 -8.46 -26.95
CA TRP A 568 -30.18 -9.40 -27.81
C TRP A 568 -28.68 -9.29 -27.65
N ALA A 569 -28.15 -8.06 -27.68
CA ALA A 569 -26.71 -7.89 -27.54
C ALA A 569 -26.21 -8.46 -26.22
N ILE A 570 -26.95 -8.24 -25.13
CA ILE A 570 -26.51 -8.68 -23.82
C ILE A 570 -26.53 -10.21 -23.72
N LEU A 571 -27.51 -10.85 -24.38
CA LEU A 571 -27.74 -12.26 -24.11
C LEU A 571 -26.54 -13.12 -24.47
N GLN A 572 -25.86 -12.83 -25.59
CA GLN A 572 -24.77 -13.67 -26.06
C GLN A 572 -23.41 -13.20 -25.55
N ASN A 573 -23.38 -12.42 -24.47
CA ASN A 573 -22.13 -12.08 -23.79
C ASN A 573 -21.17 -11.34 -24.71
N LYS A 574 -21.67 -10.28 -25.33
CA LYS A 574 -20.86 -9.39 -26.17
C LYS A 574 -20.71 -8.08 -25.40
N LYS A 575 -19.70 -8.02 -24.54
CA LYS A 575 -19.58 -6.89 -23.62
C LYS A 575 -19.37 -5.57 -24.36
N GLU A 576 -18.49 -5.55 -25.37
CA GLU A 576 -18.22 -4.31 -26.07
C GLU A 576 -19.41 -3.89 -26.93
N LEU A 577 -19.96 -4.83 -27.69
CA LEU A 577 -21.14 -4.52 -28.50
C LEU A 577 -22.30 -4.07 -27.62
N SER A 578 -22.54 -4.79 -26.52
CA SER A 578 -23.62 -4.42 -25.62
C SER A 578 -23.38 -3.03 -25.03
N LYS A 579 -22.14 -2.74 -24.64
CA LYS A 579 -21.83 -1.44 -24.07
C LYS A 579 -22.08 -0.32 -25.08
N VAL A 580 -21.66 -0.52 -26.33
CA VAL A 580 -21.88 0.50 -27.35
C VAL A 580 -23.37 0.71 -27.58
N ILE A 581 -24.12 -0.38 -27.70
CA ILE A 581 -25.55 -0.25 -27.95
C ILE A 581 -26.24 0.45 -26.80
N TRP A 582 -25.87 0.11 -25.56
CA TRP A 582 -26.42 0.81 -24.41
C TRP A 582 -26.06 2.28 -24.45
N GLU A 583 -24.83 2.61 -24.81
CA GLU A 583 -24.41 4.00 -24.90
C GLU A 583 -25.26 4.76 -25.91
N GLN A 584 -25.66 4.08 -26.99
CA GLN A 584 -26.51 4.74 -27.98
C GLN A 584 -27.94 4.92 -27.47
N THR A 585 -28.44 3.97 -26.69
CA THR A 585 -29.82 4.04 -26.21
C THR A 585 -29.98 5.22 -25.24
N LYS A 586 -31.18 5.81 -25.28
CA LYS A 586 -31.45 6.99 -24.46
C LYS A 586 -31.58 6.63 -22.99
N GLY A 587 -32.36 5.59 -22.68
CA GLY A 587 -32.61 5.22 -21.30
C GLY A 587 -31.44 4.51 -20.68
N CYS A 588 -30.34 5.23 -20.46
CA CYS A 588 -29.10 4.59 -20.05
C CYS A 588 -29.21 3.98 -18.65
N THR A 589 -29.66 4.75 -17.67
CA THR A 589 -29.62 4.30 -16.30
C THR A 589 -30.54 3.11 -16.06
N LEU A 590 -31.81 3.23 -16.48
CA LEU A 590 -32.75 2.15 -16.26
C LEU A 590 -32.38 0.92 -17.08
N ALA A 591 -31.91 1.14 -18.31
CA ALA A 591 -31.45 0.03 -19.14
C ALA A 591 -30.33 -0.73 -18.45
N ALA A 592 -29.34 -0.01 -17.92
CA ALA A 592 -28.23 -0.66 -17.24
C ALA A 592 -28.69 -1.41 -16.01
N LEU A 593 -29.57 -0.80 -15.22
CA LEU A 593 -30.07 -1.47 -14.01
C LEU A 593 -30.77 -2.78 -14.36
N GLY A 594 -31.70 -2.73 -15.30
CA GLY A 594 -32.42 -3.94 -15.67
C GLY A 594 -31.55 -4.98 -16.32
N ALA A 595 -30.57 -4.54 -17.13
CA ALA A 595 -29.65 -5.49 -17.74
C ALA A 595 -28.83 -6.20 -16.68
N SER A 596 -28.31 -5.46 -15.69
CA SER A 596 -27.57 -6.09 -14.61
C SER A 596 -28.46 -7.06 -13.84
N LYS A 597 -29.71 -6.66 -13.58
CA LYS A 597 -30.63 -7.55 -12.87
C LYS A 597 -30.82 -8.85 -13.64
N LEU A 598 -31.12 -8.75 -14.93
CA LEU A 598 -31.36 -9.94 -15.74
C LEU A 598 -30.12 -10.82 -15.83
N LEU A 599 -28.94 -10.20 -16.00
CA LEU A 599 -27.71 -10.97 -16.09
C LEU A 599 -27.46 -11.72 -14.79
N LYS A 600 -27.58 -11.05 -13.65
CA LYS A 600 -27.39 -11.72 -12.38
C LYS A 600 -28.44 -12.81 -12.16
N THR A 601 -29.66 -12.60 -12.65
CA THR A 601 -30.73 -13.58 -12.45
C THR A 601 -30.45 -14.85 -13.25
N LEU A 602 -30.09 -14.70 -14.52
CA LEU A 602 -29.95 -15.83 -15.42
C LEU A 602 -28.53 -16.40 -15.45
N ALA A 603 -27.58 -15.79 -14.74
CA ALA A 603 -26.19 -16.20 -14.86
C ALA A 603 -25.98 -17.65 -14.40
N LYS A 604 -26.59 -18.03 -13.28
CA LYS A 604 -26.24 -19.28 -12.61
C LYS A 604 -27.08 -20.46 -13.06
N VAL A 605 -28.07 -20.26 -13.93
CA VAL A 605 -28.84 -21.40 -14.43
C VAL A 605 -27.92 -22.38 -15.14
N LYS A 606 -27.03 -21.87 -15.99
CA LYS A 606 -26.00 -22.71 -16.58
C LYS A 606 -25.01 -23.15 -15.51
N ASN A 607 -24.59 -24.41 -15.59
CA ASN A 607 -23.66 -24.97 -14.62
C ASN A 607 -22.20 -24.80 -15.02
N ASP A 608 -21.93 -24.14 -16.14
CA ASP A 608 -20.55 -23.98 -16.60
C ASP A 608 -19.78 -23.07 -15.66
N ILE A 609 -18.51 -23.43 -15.40
CA ILE A 609 -17.62 -22.60 -14.59
C ILE A 609 -17.02 -21.47 -15.39
N ASN A 610 -17.12 -21.51 -16.72
CA ASN A 610 -16.63 -20.44 -17.57
C ASN A 610 -17.72 -19.42 -17.88
N ALA A 611 -18.92 -19.89 -18.23
CA ALA A 611 -20.02 -18.98 -18.50
C ALA A 611 -20.40 -18.20 -17.25
N ALA A 612 -20.39 -18.85 -16.09
CA ALA A 612 -20.75 -18.18 -14.86
C ALA A 612 -19.81 -17.02 -14.56
N GLY A 613 -18.50 -17.23 -14.76
CA GLY A 613 -17.55 -16.17 -14.50
C GLY A 613 -17.78 -14.96 -15.39
N GLU A 614 -17.95 -15.19 -16.69
CA GLU A 614 -18.19 -14.08 -17.60
C GLU A 614 -19.49 -13.36 -17.27
N SER A 615 -20.55 -14.12 -16.96
CA SER A 615 -21.83 -13.50 -16.61
C SER A 615 -21.69 -12.64 -15.37
N GLU A 616 -21.02 -13.14 -14.34
CA GLU A 616 -20.83 -12.37 -13.12
C GLU A 616 -20.00 -11.12 -13.38
N GLU A 617 -18.93 -11.26 -14.16
CA GLU A 617 -18.09 -10.10 -14.46
C GLU A 617 -18.89 -9.03 -15.18
N LEU A 618 -19.65 -9.42 -16.20
CA LEU A 618 -20.43 -8.45 -16.96
C LEU A 618 -21.49 -7.80 -16.09
N ALA A 619 -22.18 -8.59 -15.26
CA ALA A 619 -23.22 -8.05 -14.40
C ALA A 619 -22.63 -7.04 -13.42
N ASN A 620 -21.52 -7.39 -12.78
CA ASN A 620 -20.89 -6.47 -11.84
C ASN A 620 -20.41 -5.21 -12.55
N GLU A 621 -19.83 -5.36 -13.74
CA GLU A 621 -19.34 -4.20 -14.48
C GLU A 621 -20.50 -3.26 -14.79
N TYR A 622 -21.61 -3.79 -15.29
CA TYR A 622 -22.75 -2.93 -15.62
C TYR A 622 -23.36 -2.30 -14.37
N GLU A 623 -23.44 -3.05 -13.28
CA GLU A 623 -24.00 -2.49 -12.05
C GLU A 623 -23.16 -1.33 -11.54
N THR A 624 -21.84 -1.53 -11.45
CA THR A 624 -20.96 -0.45 -11.03
C THR A 624 -20.98 0.70 -12.02
N ARG A 625 -21.14 0.40 -13.31
CA ARG A 625 -21.22 1.45 -14.32
C ARG A 625 -22.43 2.34 -14.06
N ALA A 626 -23.59 1.73 -13.84
CA ALA A 626 -24.80 2.52 -13.57
C ALA A 626 -24.65 3.30 -12.27
N VAL A 627 -24.06 2.67 -11.24
CA VAL A 627 -23.88 3.36 -9.97
C VAL A 627 -23.01 4.59 -10.15
N GLU A 628 -21.92 4.46 -10.90
CA GLU A 628 -21.02 5.60 -11.08
C GLU A 628 -21.66 6.66 -11.98
N LEU A 629 -22.48 6.23 -12.94
CA LEU A 629 -23.21 7.19 -13.76
C LEU A 629 -24.14 8.05 -12.91
N PHE A 630 -24.85 7.42 -11.97
CA PHE A 630 -25.87 8.17 -11.23
C PHE A 630 -25.26 9.25 -10.35
N THR A 631 -23.98 9.15 -10.01
CA THR A 631 -23.36 10.11 -9.11
C THR A 631 -23.37 11.51 -9.71
N GLU A 632 -22.91 11.64 -10.96
CA GLU A 632 -22.86 12.94 -11.60
C GLU A 632 -24.26 13.53 -11.75
N CYS A 633 -25.22 12.70 -12.14
CA CYS A 633 -26.59 13.19 -12.28
C CYS A 633 -27.14 13.68 -10.95
N TYR A 634 -26.90 12.94 -9.87
CA TYR A 634 -27.38 13.38 -8.57
C TYR A 634 -26.71 14.68 -8.14
N SER A 635 -25.40 14.79 -8.35
CA SER A 635 -24.69 15.99 -7.92
C SER A 635 -25.12 17.22 -8.71
N ASN A 636 -25.26 17.09 -10.03
CA ASN A 636 -25.60 18.24 -10.85
C ASN A 636 -26.97 18.79 -10.49
N ASP A 637 -27.95 17.92 -10.30
CA ASP A 637 -29.32 18.36 -10.01
C ASP A 637 -30.00 17.25 -9.19
N GLU A 638 -30.12 17.49 -7.89
CA GLU A 638 -30.77 16.52 -7.02
C GLU A 638 -32.23 16.32 -7.42
N ASP A 639 -32.92 17.41 -7.73
CA ASP A 639 -34.34 17.30 -8.12
C ASP A 639 -34.49 16.48 -9.39
N LEU A 640 -33.59 16.68 -10.35
CA LEU A 640 -33.66 15.90 -11.59
C LEU A 640 -33.52 14.41 -11.29
N ALA A 641 -32.56 14.05 -10.42
CA ALA A 641 -32.39 12.65 -10.06
C ALA A 641 -33.62 12.11 -9.36
N GLU A 642 -34.19 12.87 -8.42
CA GLU A 642 -35.36 12.42 -7.71
C GLU A 642 -36.52 12.17 -8.67
N GLN A 643 -36.71 13.08 -9.63
CA GLN A 643 -37.76 12.86 -10.63
C GLN A 643 -37.46 11.64 -11.48
N LEU A 644 -36.19 11.44 -11.84
CA LEU A 644 -35.84 10.34 -12.74
C LEU A 644 -36.07 8.98 -12.08
N LEU A 645 -35.74 8.85 -10.79
CA LEU A 645 -35.83 7.55 -10.15
C LEU A 645 -37.25 6.98 -10.22
N VAL A 646 -38.24 7.80 -9.89
CA VAL A 646 -39.64 7.36 -9.90
C VAL A 646 -40.19 7.67 -11.29
N TYR A 647 -40.08 6.70 -12.18
CA TYR A 647 -40.60 6.84 -13.54
C TYR A 647 -40.95 5.46 -14.07
N SER A 648 -42.20 5.29 -14.49
CA SER A 648 -42.63 4.04 -15.09
C SER A 648 -42.04 3.90 -16.49
N CYS A 649 -41.46 2.74 -16.76
CA CYS A 649 -40.87 2.49 -18.07
C CYS A 649 -41.96 2.12 -19.08
N GLU A 650 -41.58 2.11 -20.35
CA GLU A 650 -42.51 1.86 -21.45
C GLU A 650 -42.16 0.51 -22.06
N ALA A 651 -42.88 -0.53 -21.63
CA ALA A 651 -42.87 -1.83 -22.29
C ALA A 651 -41.60 -2.62 -22.02
N TRP A 652 -40.67 -2.05 -21.26
CA TRP A 652 -39.44 -2.75 -20.87
C TRP A 652 -39.50 -3.06 -19.37
N GLY A 653 -40.45 -3.90 -18.99
CA GLY A 653 -40.61 -4.26 -17.60
C GLY A 653 -40.90 -3.06 -16.73
N GLY A 654 -41.85 -2.24 -17.17
CA GLY A 654 -42.14 -0.96 -16.53
C GLY A 654 -42.11 -1.01 -15.02
N SER A 655 -41.17 -0.27 -14.43
CA SER A 655 -41.02 -0.19 -12.98
C SER A 655 -39.95 0.85 -12.69
N ASN A 656 -40.09 1.52 -11.54
CA ASN A 656 -39.20 2.61 -11.19
C ASN A 656 -37.79 2.09 -10.93
N CYS A 657 -36.85 3.03 -10.83
CA CYS A 657 -35.45 2.68 -10.62
C CYS A 657 -35.29 1.86 -9.34
N LEU A 658 -35.80 2.36 -8.22
CA LEU A 658 -35.68 1.64 -6.96
C LEU A 658 -36.47 0.35 -6.98
N GLU A 659 -37.56 0.29 -7.75
CA GLU A 659 -38.32 -0.94 -7.84
C GLU A 659 -37.46 -2.06 -8.43
N LEU A 660 -36.69 -1.75 -9.48
CA LEU A 660 -35.77 -2.74 -10.02
C LEU A 660 -34.62 -2.99 -9.05
N ALA A 661 -34.08 -1.93 -8.45
CA ALA A 661 -32.89 -2.08 -7.62
C ALA A 661 -33.15 -2.99 -6.43
N VAL A 662 -34.29 -2.81 -5.75
CA VAL A 662 -34.59 -3.58 -4.56
C VAL A 662 -34.82 -5.04 -4.92
N GLU A 663 -35.51 -5.30 -6.03
CA GLU A 663 -35.75 -6.65 -6.51
C GLU A 663 -34.58 -7.17 -7.33
N ALA A 664 -33.41 -6.54 -7.23
CA ALA A 664 -32.22 -6.93 -7.98
C ALA A 664 -31.04 -7.21 -7.06
N THR A 665 -31.24 -7.21 -5.75
CA THR A 665 -30.13 -7.27 -4.79
C THR A 665 -29.29 -6.03 -5.04
N ASP A 666 -28.02 -6.15 -5.41
CA ASP A 666 -27.20 -4.99 -5.77
C ASP A 666 -27.30 -3.90 -4.71
N GLN A 667 -27.06 -4.28 -3.46
CA GLN A 667 -27.17 -3.33 -2.37
C GLN A 667 -26.19 -2.18 -2.51
N HIS A 668 -25.15 -2.34 -3.33
CA HIS A 668 -24.17 -1.27 -3.49
C HIS A 668 -24.82 -0.02 -4.07
N PHE A 669 -25.69 -0.19 -5.08
CA PHE A 669 -26.34 0.96 -5.69
C PHE A 669 -27.22 1.71 -4.70
N ILE A 670 -28.01 0.96 -3.93
CA ILE A 670 -28.94 1.61 -3.00
C ILE A 670 -28.23 2.14 -1.76
N ALA A 671 -27.01 1.67 -1.50
CA ALA A 671 -26.25 2.13 -0.34
C ALA A 671 -25.57 3.48 -0.57
N GLN A 672 -25.56 3.98 -1.80
CA GLN A 672 -24.90 5.24 -2.08
C GLN A 672 -25.57 6.37 -1.28
N PRO A 673 -24.79 7.38 -0.86
CA PRO A 673 -25.38 8.39 0.04
C PRO A 673 -26.58 9.10 -0.54
N GLY A 674 -26.61 9.36 -1.85
CA GLY A 674 -27.72 10.10 -2.42
C GLY A 674 -29.04 9.38 -2.28
N VAL A 675 -29.03 8.07 -2.55
CA VAL A 675 -30.24 7.27 -2.41
C VAL A 675 -30.72 7.27 -0.96
N GLN A 676 -29.77 7.12 -0.02
CA GLN A 676 -30.14 7.13 1.39
C GLN A 676 -30.75 8.47 1.78
N ASN A 677 -30.19 9.58 1.28
CA ASN A 677 -30.76 10.89 1.58
C ASN A 677 -32.16 11.02 0.99
N PHE A 678 -32.35 10.54 -0.24
CA PHE A 678 -33.68 10.57 -0.84
C PHE A 678 -34.68 9.81 0.01
N LEU A 679 -34.30 8.61 0.47
CA LEU A 679 -35.20 7.82 1.30
C LEU A 679 -35.46 8.50 2.64
N SER A 680 -34.45 9.14 3.21
CA SER A 680 -34.63 9.86 4.46
C SER A 680 -35.66 10.97 4.30
N LYS A 681 -35.53 11.75 3.22
CA LYS A 681 -36.48 12.83 2.98
C LYS A 681 -37.88 12.27 2.69
N GLN A 682 -37.96 11.16 1.97
CA GLN A 682 -39.25 10.55 1.70
C GLN A 682 -39.93 10.11 2.99
N TRP A 683 -39.17 9.48 3.88
CA TRP A 683 -39.73 9.07 5.17
C TRP A 683 -40.17 10.28 5.97
N TYR A 684 -39.35 11.34 5.96
CA TYR A 684 -39.74 12.57 6.64
C TYR A 684 -41.02 13.14 6.06
N GLY A 685 -41.11 13.18 4.73
CA GLY A 685 -42.32 13.60 4.06
C GLY A 685 -42.52 15.11 4.05
N GLU A 686 -43.61 15.57 4.65
CA GLU A 686 -43.96 16.99 4.68
C GLU A 686 -43.34 17.71 5.87
N ILE A 687 -42.27 17.18 6.44
CA ILE A 687 -41.57 17.79 7.57
C ILE A 687 -40.22 18.29 7.08
N SER A 688 -39.94 19.56 7.35
CA SER A 688 -38.67 20.16 6.99
C SER A 688 -37.63 19.85 8.06
N ARG A 689 -36.49 19.30 7.63
CA ARG A 689 -35.43 18.87 8.55
C ARG A 689 -34.54 20.07 8.85
N ASP A 690 -34.93 20.85 9.85
CA ASP A 690 -34.13 21.97 10.30
C ASP A 690 -34.16 22.10 11.82
N THR A 691 -34.41 21.00 12.53
CA THR A 691 -34.53 21.03 13.98
C THR A 691 -33.88 19.77 14.56
N LYS A 692 -33.51 19.87 15.84
CA LYS A 692 -32.91 18.74 16.52
C LYS A 692 -33.89 17.59 16.67
N ASN A 693 -33.36 16.37 16.72
CA ASN A 693 -34.22 15.19 16.81
C ASN A 693 -35.02 15.18 18.11
N TRP A 694 -34.38 15.51 19.23
CA TRP A 694 -35.09 15.50 20.50
C TRP A 694 -36.22 16.53 20.51
N LYS A 695 -35.96 17.72 19.96
CA LYS A 695 -37.00 18.73 19.92
C LYS A 695 -38.16 18.29 19.04
N ILE A 696 -37.88 17.61 17.93
CA ILE A 696 -38.95 17.09 17.08
C ILE A 696 -39.75 16.03 17.82
N ILE A 697 -39.07 15.13 18.54
CA ILE A 697 -39.75 14.09 19.29
C ILE A 697 -40.69 14.72 20.31
N LEU A 698 -40.20 15.74 21.02
CA LEU A 698 -41.07 16.44 21.96
C LEU A 698 -42.18 17.19 21.23
N CYS A 699 -41.92 17.66 20.01
CA CYS A 699 -42.93 18.34 19.21
C CYS A 699 -44.05 17.40 18.79
N LEU A 700 -43.77 16.10 18.73
CA LEU A 700 -44.83 15.14 18.44
C LEU A 700 -45.91 15.18 19.52
N PHE A 701 -45.50 15.26 20.79
CA PHE A 701 -46.45 15.17 21.88
C PHE A 701 -47.30 16.43 22.03
N ILE A 702 -46.84 17.58 21.54
CA ILE A 702 -47.58 18.82 21.66
C ILE A 702 -48.57 18.91 20.51
N ILE A 703 -49.81 19.31 20.82
CA ILE A 703 -50.88 19.36 19.85
C ILE A 703 -50.68 20.53 18.89
N PRO A 704 -50.66 21.77 19.38
CA PRO A 704 -50.47 22.91 18.46
C PRO A 704 -49.02 23.06 18.03
N LEU A 705 -48.84 23.42 16.75
CA LEU A 705 -47.51 23.71 16.22
C LEU A 705 -47.21 25.21 16.19
N VAL A 706 -48.17 26.05 16.54
CA VAL A 706 -47.95 27.50 16.52
C VAL A 706 -46.90 27.88 17.56
N GLY A 707 -46.99 27.31 18.76
CA GLY A 707 -46.06 27.68 19.81
C GLY A 707 -44.62 27.32 19.48
N CYS A 708 -44.41 26.17 18.84
CA CYS A 708 -43.07 25.69 18.54
C CYS A 708 -42.55 26.38 17.28
N GLY A 709 -42.34 27.69 17.41
CA GLY A 709 -41.78 28.46 16.31
C GLY A 709 -40.34 28.06 15.99
N LEU A 710 -39.54 27.83 17.03
CA LEU A 710 -38.14 27.47 16.82
C LEU A 710 -38.02 26.16 16.06
N VAL A 711 -38.84 25.17 16.41
CA VAL A 711 -38.81 23.90 15.70
C VAL A 711 -39.22 24.12 14.26
N SER A 712 -38.45 23.55 13.33
CA SER A 712 -38.64 23.78 11.90
C SER A 712 -39.67 22.79 11.39
N PHE A 713 -40.95 23.19 11.45
CA PHE A 713 -42.00 22.35 10.90
C PHE A 713 -41.97 22.35 9.38
N ARG A 714 -41.78 23.51 8.76
CA ARG A 714 -41.79 23.62 7.31
C ARG A 714 -40.63 24.50 6.86
N LYS A 715 -40.23 24.31 5.61
CA LYS A 715 -39.14 25.07 5.03
C LYS A 715 -39.53 26.54 4.86
N LEU A 725 -56.82 23.52 10.83
CA LEU A 725 -55.67 24.31 10.37
C LEU A 725 -54.84 23.49 9.38
N TRP A 726 -54.48 24.12 8.26
CA TRP A 726 -53.79 23.41 7.18
C TRP A 726 -52.43 22.86 7.60
N TYR A 727 -51.47 23.74 7.90
CA TYR A 727 -50.14 23.24 8.25
C TYR A 727 -50.17 22.44 9.55
N TYR A 728 -51.13 22.72 10.43
CA TYR A 728 -51.28 21.84 11.60
C TYR A 728 -51.65 20.42 11.18
N VAL A 729 -52.61 20.27 10.26
CA VAL A 729 -53.02 18.93 9.86
C VAL A 729 -51.97 18.28 8.97
N ALA A 730 -51.09 19.06 8.36
CA ALA A 730 -50.04 18.49 7.53
C ALA A 730 -49.09 17.63 8.35
N PHE A 731 -48.93 17.94 9.64
CA PHE A 731 -47.96 17.22 10.46
C PHE A 731 -48.32 15.74 10.60
N PHE A 732 -49.59 15.44 10.85
CA PHE A 732 -49.98 14.06 11.08
C PHE A 732 -49.73 13.16 9.87
N THR A 733 -49.59 13.75 8.68
CA THR A 733 -49.43 12.96 7.47
C THR A 733 -48.03 12.35 7.35
N SER A 734 -47.09 12.78 8.17
CA SER A 734 -45.72 12.29 8.04
C SER A 734 -45.63 10.83 8.49
N PRO A 735 -45.10 9.92 7.68
CA PRO A 735 -44.97 8.52 8.13
C PRO A 735 -44.10 8.37 9.37
N PHE A 736 -43.11 9.23 9.55
CA PHE A 736 -42.26 9.18 10.74
C PHE A 736 -43.09 9.29 12.01
N VAL A 737 -43.97 10.28 12.06
CA VAL A 737 -44.82 10.48 13.22
C VAL A 737 -45.75 9.27 13.40
N VAL A 738 -46.21 8.70 12.28
CA VAL A 738 -47.08 7.53 12.36
C VAL A 738 -46.34 6.38 13.01
N PHE A 739 -45.09 6.16 12.63
CA PHE A 739 -44.30 5.08 13.23
C PHE A 739 -44.08 5.30 14.72
N SER A 740 -43.79 6.54 15.12
CA SER A 740 -43.61 6.81 16.55
C SER A 740 -44.89 6.53 17.32
N TRP A 741 -46.03 7.00 16.80
CA TRP A 741 -47.31 6.71 17.43
C TRP A 741 -47.55 5.21 17.50
N ASN A 742 -47.17 4.48 16.45
CA ASN A 742 -47.41 3.05 16.39
C ASN A 742 -46.62 2.32 17.48
N VAL A 743 -45.36 2.72 17.68
CA VAL A 743 -44.56 2.04 18.70
C VAL A 743 -45.07 2.39 20.10
N VAL A 744 -45.47 3.66 20.31
CA VAL A 744 -46.08 4.00 21.61
C VAL A 744 -47.32 3.14 21.85
N PHE A 745 -48.18 3.01 20.84
CA PHE A 745 -49.40 2.24 21.01
C PHE A 745 -49.09 0.77 21.24
N TYR A 746 -48.09 0.24 20.54
CA TYR A 746 -47.75 -1.17 20.67
C TYR A 746 -47.21 -1.46 22.08
N ILE A 747 -46.35 -0.61 22.61
CA ILE A 747 -45.81 -0.85 23.95
C ILE A 747 -46.91 -0.71 24.99
N ALA A 748 -47.80 0.29 24.83
CA ALA A 748 -48.93 0.40 25.75
C ALA A 748 -49.82 -0.83 25.68
N PHE A 749 -50.06 -1.34 24.47
CA PHE A 749 -50.85 -2.55 24.31
C PHE A 749 -50.18 -3.73 25.00
N LEU A 750 -48.86 -3.87 24.84
CA LEU A 750 -48.15 -4.96 25.50
C LEU A 750 -48.31 -4.88 27.01
N LEU A 751 -48.11 -3.69 27.59
CA LEU A 751 -48.21 -3.56 29.03
C LEU A 751 -49.62 -3.89 29.51
N LEU A 752 -50.63 -3.35 28.83
CA LEU A 752 -52.01 -3.60 29.24
C LEU A 752 -52.35 -5.07 29.11
N PHE A 753 -51.90 -5.72 28.03
CA PHE A 753 -52.18 -7.13 27.84
C PHE A 753 -51.53 -7.98 28.92
N ALA A 754 -50.30 -7.63 29.31
CA ALA A 754 -49.65 -8.36 30.40
C ALA A 754 -50.43 -8.21 31.69
N TYR A 755 -50.87 -6.98 31.99
CA TYR A 755 -51.66 -6.76 33.21
C TYR A 755 -52.93 -7.59 33.17
N VAL A 756 -53.63 -7.59 32.03
CA VAL A 756 -54.88 -8.34 31.92
C VAL A 756 -54.61 -9.82 32.10
N LEU A 757 -53.54 -10.33 31.48
CA LEU A 757 -53.26 -11.77 31.55
C LEU A 757 -52.96 -12.21 32.97
N LEU A 758 -52.09 -11.48 33.66
CA LEU A 758 -51.62 -11.99 34.95
C LEU A 758 -52.41 -11.43 36.13
N MET A 759 -52.54 -10.11 36.23
CA MET A 759 -53.07 -9.50 37.44
C MET A 759 -54.44 -10.06 37.79
N ASP A 760 -55.33 -10.14 36.81
CA ASP A 760 -56.69 -10.60 37.06
C ASP A 760 -57.11 -11.60 35.99
N PHE A 761 -57.60 -12.75 36.42
CA PHE A 761 -58.16 -13.75 35.51
C PHE A 761 -59.25 -14.51 36.27
N HIS A 762 -60.41 -14.65 35.64
CA HIS A 762 -61.56 -15.27 36.27
C HIS A 762 -62.19 -16.28 35.32
N SER A 763 -63.17 -17.02 35.84
CA SER A 763 -63.90 -17.97 35.01
C SER A 763 -64.68 -17.24 33.92
N VAL A 764 -65.32 -16.14 34.27
CA VAL A 764 -66.07 -15.32 33.34
C VAL A 764 -65.21 -14.14 32.92
N PRO A 765 -65.01 -13.90 31.62
CA PRO A 765 -64.16 -12.78 31.19
C PRO A 765 -64.80 -11.44 31.50
N HIS A 766 -63.96 -10.43 31.69
CA HIS A 766 -64.42 -9.10 32.06
C HIS A 766 -63.82 -8.05 31.13
N THR A 767 -64.27 -6.81 31.33
CA THR A 767 -64.13 -5.71 30.37
C THR A 767 -62.76 -5.62 29.70
N PRO A 768 -61.66 -5.52 30.45
CA PRO A 768 -60.36 -5.38 29.78
C PRO A 768 -60.01 -6.55 28.89
N GLU A 769 -60.43 -7.76 29.24
CA GLU A 769 -60.18 -8.92 28.40
C GLU A 769 -60.90 -8.79 27.06
N LEU A 770 -62.15 -8.31 27.08
CA LEU A 770 -62.87 -8.07 25.83
C LEU A 770 -62.16 -7.01 24.99
N ILE A 771 -61.68 -5.95 25.63
CA ILE A 771 -60.96 -4.92 24.88
C ILE A 771 -59.66 -5.49 24.32
N LEU A 772 -59.02 -6.42 25.05
CA LEU A 772 -57.82 -7.05 24.56
C LEU A 772 -58.10 -7.86 23.30
N TYR A 773 -59.22 -8.60 23.29
CA TYR A 773 -59.62 -9.30 22.07
C TYR A 773 -59.81 -8.32 20.93
N ALA A 774 -60.48 -7.19 21.21
CA ALA A 774 -60.70 -6.19 20.17
C ALA A 774 -59.38 -5.71 19.57
N LEU A 775 -58.42 -5.35 20.44
CA LEU A 775 -57.15 -4.80 19.98
C LEU A 775 -56.35 -5.84 19.20
N VAL A 776 -56.28 -7.07 19.71
CA VAL A 776 -55.50 -8.09 19.03
C VAL A 776 -56.10 -8.40 17.66
N PHE A 777 -57.44 -8.38 17.56
CA PHE A 777 -58.04 -8.57 16.24
C PHE A 777 -57.74 -7.39 15.33
N VAL A 778 -57.61 -6.18 15.88
CA VAL A 778 -57.20 -5.05 15.07
C VAL A 778 -55.83 -5.30 14.45
N LEU A 779 -54.87 -5.75 15.27
CA LEU A 779 -53.54 -6.05 14.73
C LEU A 779 -53.60 -7.18 13.71
N PHE A 780 -54.37 -8.23 14.00
CA PHE A 780 -54.45 -9.36 13.09
C PHE A 780 -55.03 -8.94 11.75
N CYS A 781 -56.05 -8.08 11.77
CA CYS A 781 -56.62 -7.59 10.52
C CYS A 781 -55.62 -6.74 9.74
N ASP A 782 -54.84 -5.91 10.43
CA ASP A 782 -53.81 -5.15 9.73
C ASP A 782 -52.82 -6.09 9.05
N GLU A 783 -52.37 -7.12 9.77
CA GLU A 783 -51.44 -8.08 9.19
C GLU A 783 -52.06 -8.83 8.02
N VAL A 784 -53.36 -9.14 8.12
CA VAL A 784 -54.04 -9.83 7.03
C VAL A 784 -54.09 -8.95 5.79
N ARG A 785 -54.36 -7.65 5.98
CA ARG A 785 -54.34 -6.74 4.83
C ARG A 785 -52.94 -6.69 4.21
N GLN A 786 -51.90 -6.63 5.04
CA GLN A 786 -50.55 -6.62 4.51
C GLN A 786 -50.27 -7.90 3.72
N TRP A 787 -50.72 -9.05 4.22
CA TRP A 787 -50.58 -10.29 3.47
C TRP A 787 -51.32 -10.22 2.14
N TYR A 788 -52.54 -9.67 2.16
CA TYR A 788 -53.33 -9.59 0.93
C TYR A 788 -52.62 -8.75 -0.11
N MET A 789 -51.97 -7.66 0.31
CA MET A 789 -51.28 -6.81 -0.67
C MET A 789 -50.19 -7.58 -1.41
N ASN A 790 -49.42 -8.40 -0.68
CA ASN A 790 -48.33 -9.19 -1.26
C ASN A 790 -48.42 -10.60 -0.68
N GLY A 791 -49.16 -11.48 -1.36
CA GLY A 791 -49.35 -12.83 -0.85
C GLY A 791 -48.08 -13.66 -0.92
N VAL A 792 -47.38 -13.62 -2.05
CA VAL A 792 -46.27 -14.55 -2.28
C VAL A 792 -45.13 -14.27 -1.31
N ASN A 793 -44.72 -13.00 -1.20
CA ASN A 793 -43.58 -12.66 -0.36
C ASN A 793 -43.89 -12.83 1.13
N TYR A 794 -45.16 -12.82 1.52
CA TYR A 794 -45.49 -12.97 2.93
C TYR A 794 -44.98 -14.29 3.48
N PHE A 795 -45.25 -15.40 2.77
CA PHE A 795 -44.80 -16.70 3.25
C PHE A 795 -43.27 -16.76 3.30
N THR A 796 -42.60 -16.24 2.27
CA THR A 796 -41.14 -16.29 2.25
C THR A 796 -40.54 -15.45 3.37
N ASP A 797 -41.13 -14.29 3.66
CA ASP A 797 -40.60 -13.43 4.70
C ASP A 797 -40.61 -14.15 6.04
N LEU A 798 -39.47 -14.07 6.75
CA LEU A 798 -39.33 -14.81 8.00
C LEU A 798 -40.11 -14.17 9.15
N TRP A 799 -40.09 -12.84 9.24
CA TRP A 799 -40.66 -12.17 10.41
C TRP A 799 -42.16 -12.40 10.51
N ASN A 800 -42.87 -12.34 9.39
CA ASN A 800 -44.32 -12.51 9.42
C ASN A 800 -44.72 -13.87 9.99
N VAL A 801 -43.88 -14.88 9.78
CA VAL A 801 -44.23 -16.24 10.21
C VAL A 801 -44.36 -16.31 11.72
N MET A 802 -43.45 -15.65 12.45
CA MET A 802 -43.49 -15.72 13.90
C MET A 802 -44.79 -15.12 14.46
N ASP A 803 -45.19 -13.95 13.96
CA ASP A 803 -46.42 -13.34 14.45
C ASP A 803 -47.64 -14.15 14.02
N THR A 804 -47.61 -14.73 12.81
CA THR A 804 -48.72 -15.58 12.40
C THR A 804 -48.86 -16.77 13.35
N LEU A 805 -47.75 -17.40 13.71
CA LEU A 805 -47.79 -18.50 14.66
C LEU A 805 -48.29 -18.05 16.02
N GLY A 806 -47.87 -16.86 16.47
CA GLY A 806 -48.35 -16.35 17.73
C GLY A 806 -49.86 -16.17 17.75
N LEU A 807 -50.40 -15.60 16.68
CA LEU A 807 -51.85 -15.46 16.57
C LEU A 807 -52.54 -16.81 16.54
N PHE A 808 -51.94 -17.78 15.84
CA PHE A 808 -52.52 -19.12 15.77
C PHE A 808 -52.60 -19.76 17.16
N TYR A 809 -51.57 -19.56 17.97
CA TYR A 809 -51.63 -20.07 19.35
C TYR A 809 -52.62 -19.27 20.20
N PHE A 810 -52.72 -17.97 19.95
CA PHE A 810 -53.60 -17.13 20.75
C PHE A 810 -55.07 -17.52 20.55
N ILE A 811 -55.45 -17.85 19.32
CA ILE A 811 -56.84 -18.28 19.11
C ILE A 811 -57.09 -19.59 19.87
N ALA A 812 -56.10 -20.47 19.94
CA ALA A 812 -56.23 -21.67 20.77
C ALA A 812 -56.36 -21.30 22.24
N GLY A 813 -55.67 -20.24 22.67
CA GLY A 813 -55.85 -19.76 24.03
C GLY A 813 -57.29 -19.37 24.30
N ILE A 814 -57.89 -18.63 23.35
CA ILE A 814 -59.30 -18.27 23.50
C ILE A 814 -60.18 -19.51 23.54
N VAL A 815 -59.90 -20.47 22.65
CA VAL A 815 -60.67 -21.70 22.63
C VAL A 815 -60.63 -22.38 24.00
N PHE A 816 -59.43 -22.45 24.58
CA PHE A 816 -59.28 -23.07 25.89
C PHE A 816 -60.07 -22.31 26.95
N ARG A 817 -60.01 -20.98 26.93
CA ARG A 817 -60.72 -20.22 27.96
C ARG A 817 -62.23 -20.20 27.75
N LEU A 818 -62.71 -20.63 26.58
CA LEU A 818 -64.15 -20.58 26.31
C LEU A 818 -64.95 -21.32 27.37
N HIS A 819 -64.77 -22.64 27.47
CA HIS A 819 -65.57 -23.49 28.35
C HIS A 819 -64.69 -24.10 29.42
N SER A 820 -65.14 -24.00 30.68
CA SER A 820 -64.42 -24.57 31.82
C SER A 820 -64.89 -26.02 32.01
N SER A 821 -64.39 -26.90 31.14
CA SER A 821 -64.71 -28.32 31.27
C SER A 821 -64.19 -28.89 32.57
N ASN A 822 -62.99 -28.49 32.97
CA ASN A 822 -62.35 -28.94 34.20
C ASN A 822 -62.06 -27.75 35.09
N LYS A 823 -61.92 -28.03 36.39
CA LYS A 823 -61.70 -26.95 37.35
C LYS A 823 -60.42 -26.18 37.05
N SER A 824 -59.34 -26.88 36.69
CA SER A 824 -58.07 -26.26 36.36
C SER A 824 -57.86 -26.12 34.86
N SER A 825 -58.89 -26.35 34.06
CA SER A 825 -58.74 -26.31 32.60
C SER A 825 -58.48 -24.90 32.07
N LEU A 826 -58.64 -23.86 32.90
CA LEU A 826 -58.40 -22.48 32.48
C LEU A 826 -56.94 -22.08 32.67
N TYR A 827 -56.30 -22.57 33.74
CA TYR A 827 -54.89 -22.31 33.96
C TYR A 827 -54.05 -22.83 32.80
N SER A 828 -54.40 -24.01 32.27
CA SER A 828 -53.66 -24.57 31.15
C SER A 828 -53.69 -23.64 29.95
N GLY A 829 -54.86 -23.08 29.64
CA GLY A 829 -54.95 -22.14 28.54
C GLY A 829 -54.20 -20.84 28.81
N ARG A 830 -54.25 -20.37 30.07
CA ARG A 830 -53.45 -19.21 30.44
C ARG A 830 -51.97 -19.45 30.15
N VAL A 831 -51.51 -20.69 30.32
CA VAL A 831 -50.13 -21.01 29.97
C VAL A 831 -49.85 -20.68 28.50
N ILE A 832 -50.77 -21.08 27.61
CA ILE A 832 -50.59 -20.81 26.18
C ILE A 832 -50.63 -19.32 25.91
N PHE A 833 -51.56 -18.62 26.57
CA PHE A 833 -51.62 -17.17 26.45
C PHE A 833 -50.25 -16.56 26.74
N CYS A 834 -49.63 -16.98 27.83
CA CYS A 834 -48.32 -16.46 28.21
C CYS A 834 -47.26 -16.81 27.17
N LEU A 835 -47.26 -18.06 26.70
CA LEU A 835 -46.26 -18.47 25.73
C LEU A 835 -46.33 -17.61 24.47
N ASP A 836 -47.55 -17.28 24.03
CA ASP A 836 -47.70 -16.36 22.90
C ASP A 836 -47.25 -14.96 23.27
N TYR A 837 -47.52 -14.54 24.51
CA TYR A 837 -47.06 -13.23 24.97
C TYR A 837 -45.56 -13.08 24.77
N ILE A 838 -44.82 -14.17 24.98
CA ILE A 838 -43.37 -14.11 24.73
C ILE A 838 -43.10 -13.73 23.28
N ILE A 839 -43.83 -14.33 22.34
CA ILE A 839 -43.62 -14.05 20.92
C ILE A 839 -43.92 -12.59 20.63
N PHE A 840 -44.97 -12.05 21.25
CA PHE A 840 -45.27 -10.64 21.05
C PHE A 840 -44.15 -9.76 21.59
N THR A 841 -43.57 -10.15 22.74
CA THR A 841 -42.41 -9.44 23.25
C THR A 841 -41.28 -9.41 22.23
N LEU A 842 -41.05 -10.54 21.55
CA LEU A 842 -40.01 -10.58 20.52
C LEU A 842 -40.38 -9.69 19.34
N ARG A 843 -41.64 -9.69 18.93
CA ARG A 843 -42.04 -8.84 17.81
C ARG A 843 -41.81 -7.37 18.16
N LEU A 844 -41.88 -7.02 19.44
CA LEU A 844 -41.59 -5.64 19.83
C LEU A 844 -40.22 -5.21 19.32
N ILE A 845 -39.20 -6.06 19.52
CA ILE A 845 -37.89 -5.78 18.95
C ILE A 845 -37.94 -5.85 17.43
N HIS A 846 -38.66 -6.83 16.89
CA HIS A 846 -38.70 -6.98 15.43
C HIS A 846 -39.06 -5.67 14.74
N ILE A 847 -40.15 -5.03 15.19
CA ILE A 847 -40.62 -3.83 14.51
C ILE A 847 -39.66 -2.67 14.70
N PHE A 848 -39.07 -2.56 15.88
CA PHE A 848 -38.21 -1.43 16.23
C PHE A 848 -36.80 -1.54 15.64
N THR A 849 -36.56 -2.53 14.79
CA THR A 849 -35.22 -2.81 14.29
C THR A 849 -34.46 -1.55 13.91
N VAL A 850 -34.96 -0.81 12.93
CA VAL A 850 -34.23 0.34 12.37
C VAL A 850 -34.48 1.55 13.25
N SER A 851 -33.46 1.97 14.01
CA SER A 851 -33.51 3.21 14.78
C SER A 851 -32.12 3.85 14.71
N ARG A 852 -31.89 4.63 13.65
CA ARG A 852 -30.67 5.40 13.50
C ARG A 852 -29.43 4.59 13.87
N ASN A 853 -28.64 5.05 14.83
CA ASN A 853 -27.43 4.34 15.21
C ASN A 853 -27.70 3.05 15.97
N LEU A 854 -28.92 2.88 16.50
CA LEU A 854 -29.23 1.68 17.27
C LEU A 854 -29.44 0.48 16.36
N GLY A 855 -30.08 0.69 15.19
CA GLY A 855 -30.51 -0.40 14.34
C GLY A 855 -29.43 -1.32 13.84
N PRO A 856 -28.29 -0.80 13.38
CA PRO A 856 -27.29 -1.70 12.76
C PRO A 856 -26.84 -2.84 13.66
N LYS A 857 -26.81 -2.64 14.99
CA LYS A 857 -26.31 -3.68 15.88
C LYS A 857 -27.17 -4.93 15.81
N ILE A 858 -28.45 -4.80 15.47
CA ILE A 858 -29.35 -5.93 15.49
C ILE A 858 -29.00 -6.94 14.40
N ILE A 859 -28.66 -6.43 13.21
CA ILE A 859 -28.52 -7.31 12.04
C ILE A 859 -27.41 -8.31 12.25
N MET A 860 -26.25 -7.86 12.76
CA MET A 860 -25.09 -8.73 12.83
C MET A 860 -25.35 -9.95 13.70
N LEU A 861 -26.29 -9.87 14.63
CA LEU A 861 -26.63 -11.01 15.45
C LEU A 861 -27.16 -12.16 14.60
N GLN A 862 -27.96 -11.84 13.58
CA GLN A 862 -28.48 -12.88 12.70
C GLN A 862 -27.36 -13.64 12.02
N ARG A 863 -26.34 -12.93 11.54
CA ARG A 863 -25.21 -13.59 10.92
C ARG A 863 -24.38 -14.36 11.94
N MET A 864 -24.27 -13.84 13.16
CA MET A 864 -23.44 -14.47 14.17
C MET A 864 -24.11 -15.66 14.86
N LEU A 865 -25.40 -15.88 14.62
CA LEU A 865 -26.09 -17.01 15.24
C LEU A 865 -25.46 -18.36 14.90
N ILE A 866 -24.69 -18.43 13.81
CA ILE A 866 -24.01 -19.68 13.47
C ILE A 866 -23.05 -20.08 14.57
N ASP A 867 -22.35 -19.10 15.15
CA ASP A 867 -21.45 -19.38 16.27
C ASP A 867 -22.23 -19.93 17.46
N VAL A 868 -23.41 -19.37 17.71
CA VAL A 868 -24.25 -19.87 18.80
C VAL A 868 -24.61 -21.33 18.55
N PHE A 869 -25.00 -21.65 17.31
CA PHE A 869 -25.37 -23.02 16.98
C PHE A 869 -24.19 -23.98 17.22
N PHE A 870 -23.02 -23.62 16.70
CA PHE A 870 -21.86 -24.48 16.85
C PHE A 870 -21.48 -24.66 18.32
N PHE A 871 -21.50 -23.56 19.08
CA PHE A 871 -21.19 -23.64 20.50
C PHE A 871 -22.19 -24.54 21.23
N LEU A 872 -23.47 -24.41 20.90
CA LEU A 872 -24.49 -25.23 21.54
C LEU A 872 -24.21 -26.70 21.29
N PHE A 873 -23.95 -27.07 20.04
CA PHE A 873 -23.68 -28.47 19.70
C PHE A 873 -22.47 -28.99 20.48
N LEU A 874 -21.35 -28.25 20.39
CA LEU A 874 -20.11 -28.72 20.99
C LEU A 874 -20.26 -28.85 22.51
N PHE A 875 -20.90 -27.86 23.14
CA PHE A 875 -21.11 -27.94 24.58
C PHE A 875 -22.06 -29.07 24.94
N ALA A 876 -23.06 -29.33 24.09
CA ALA A 876 -24.05 -30.35 24.40
C ALA A 876 -23.43 -31.73 24.44
N VAL A 877 -22.49 -32.01 23.53
CA VAL A 877 -21.88 -33.34 23.55
C VAL A 877 -21.08 -33.55 24.83
N TRP A 878 -20.30 -32.56 25.25
CA TRP A 878 -19.59 -32.64 26.51
C TRP A 878 -20.58 -32.79 27.68
N MET A 879 -21.69 -32.06 27.62
CA MET A 879 -22.73 -32.17 28.65
C MET A 879 -23.22 -33.61 28.76
N VAL A 880 -23.50 -34.24 27.62
CA VAL A 880 -24.00 -35.60 27.62
C VAL A 880 -22.96 -36.55 28.21
N ALA A 881 -21.69 -36.36 27.87
CA ALA A 881 -20.67 -37.26 28.42
C ALA A 881 -20.57 -37.12 29.94
N PHE A 882 -20.54 -35.88 30.43
CA PHE A 882 -20.41 -35.67 31.88
C PHE A 882 -21.65 -36.18 32.61
N GLY A 883 -22.82 -36.02 32.01
CA GLY A 883 -24.02 -36.60 32.58
C GLY A 883 -23.99 -38.12 32.60
N VAL A 884 -23.41 -38.73 31.55
CA VAL A 884 -23.23 -40.17 31.53
C VAL A 884 -22.37 -40.61 32.70
N ALA A 885 -21.26 -39.90 32.91
CA ALA A 885 -20.32 -40.29 33.96
C ALA A 885 -20.76 -39.87 35.35
N ARG A 886 -21.72 -38.95 35.47
CA ARG A 886 -22.31 -38.66 36.77
C ARG A 886 -23.10 -39.85 37.28
N GLN A 887 -23.87 -40.50 36.40
CA GLN A 887 -24.71 -41.62 36.81
C GLN A 887 -23.90 -42.89 37.07
N GLY A 888 -22.63 -42.92 36.65
CA GLY A 888 -21.81 -44.09 36.95
C GLY A 888 -21.65 -44.30 38.44
N ILE A 889 -21.55 -43.20 39.19
CA ILE A 889 -21.56 -43.26 40.65
C ILE A 889 -22.86 -43.90 41.15
N LEU A 890 -23.97 -43.60 40.49
CA LEU A 890 -25.27 -43.97 41.02
C LEU A 890 -25.52 -45.47 40.91
N ARG A 891 -26.64 -45.89 41.51
CA ARG A 891 -27.06 -47.28 41.61
C ARG A 891 -27.02 -48.01 40.27
N GLN A 892 -26.93 -49.34 40.35
CA GLN A 892 -26.86 -50.16 39.15
C GLN A 892 -27.94 -49.80 38.14
N ASN A 893 -29.17 -49.61 38.61
CA ASN A 893 -30.31 -49.41 37.71
C ASN A 893 -31.17 -48.27 38.22
N GLU A 894 -31.33 -47.23 37.40
CA GLU A 894 -32.22 -46.13 37.74
C GLU A 894 -33.68 -46.55 37.67
N GLN A 895 -34.07 -47.22 36.58
CA GLN A 895 -35.43 -47.73 36.40
C GLN A 895 -36.47 -46.61 36.46
N ARG A 896 -36.09 -45.39 36.09
CA ARG A 896 -37.03 -44.27 36.13
C ARG A 896 -36.58 -43.23 35.09
N TRP A 897 -37.28 -43.19 33.96
CA TRP A 897 -36.99 -42.18 32.94
C TRP A 897 -37.02 -40.78 33.54
N ARG A 898 -37.99 -40.50 34.39
CA ARG A 898 -38.15 -39.16 34.96
C ARG A 898 -36.82 -38.66 35.53
N TRP A 899 -36.29 -39.36 36.52
CA TRP A 899 -35.14 -38.83 37.26
C TRP A 899 -33.84 -39.00 36.48
N ILE A 900 -33.69 -40.05 35.69
CA ILE A 900 -32.47 -40.19 34.90
C ILE A 900 -32.36 -39.02 33.92
N PHE A 901 -33.43 -38.75 33.18
CA PHE A 901 -33.41 -37.62 32.26
C PHE A 901 -33.23 -36.31 33.01
N ARG A 902 -33.98 -36.11 34.10
CA ARG A 902 -33.88 -34.87 34.85
C ARG A 902 -32.44 -34.60 35.28
N SER A 903 -31.81 -35.58 35.92
CA SER A 903 -30.45 -35.40 36.40
C SER A 903 -29.49 -35.16 35.24
N VAL A 904 -29.51 -36.06 34.25
CA VAL A 904 -28.50 -36.00 33.18
C VAL A 904 -28.56 -34.65 32.48
N ILE A 905 -29.75 -34.14 32.24
CA ILE A 905 -29.86 -32.82 31.62
C ILE A 905 -29.45 -31.73 32.60
N TYR A 906 -30.09 -31.69 33.77
CA TYR A 906 -30.07 -30.49 34.59
C TYR A 906 -28.69 -30.25 35.21
N GLU A 907 -28.04 -31.29 35.73
CA GLU A 907 -26.85 -31.03 36.56
C GLU A 907 -25.73 -30.31 35.81
N PRO A 908 -25.17 -30.91 34.75
CA PRO A 908 -24.08 -30.22 34.06
C PRO A 908 -24.50 -28.87 33.52
N TYR A 909 -25.81 -28.70 33.30
CA TYR A 909 -26.34 -27.43 32.82
C TYR A 909 -26.10 -26.32 33.84
N LEU A 910 -26.23 -26.62 35.13
CA LEU A 910 -25.80 -25.64 36.13
C LEU A 910 -24.29 -25.54 36.17
N ALA A 911 -23.58 -26.68 36.18
CA ALA A 911 -22.12 -26.62 36.33
C ALA A 911 -21.51 -25.67 35.32
N MET A 912 -22.01 -25.68 34.08
CA MET A 912 -21.48 -24.78 33.07
C MET A 912 -21.75 -23.31 33.43
N PHE A 913 -22.82 -23.04 34.18
CA PHE A 913 -23.18 -21.69 34.57
C PHE A 913 -22.73 -21.36 35.98
N GLY A 914 -22.97 -22.25 36.93
CA GLY A 914 -22.54 -22.03 38.30
C GLY A 914 -22.95 -23.20 39.16
N GLN A 915 -22.53 -23.14 40.42
CA GLN A 915 -22.91 -24.12 41.46
C GLN A 915 -22.78 -25.55 40.94
N VAL A 916 -21.53 -25.94 40.70
CA VAL A 916 -21.19 -27.25 40.18
C VAL A 916 -22.00 -28.33 40.90
N PRO A 917 -22.56 -29.31 40.18
CA PRO A 917 -23.41 -30.32 40.83
C PRO A 917 -22.65 -31.41 41.55
N SER A 918 -21.38 -31.64 41.19
CA SER A 918 -20.61 -32.75 41.74
C SER A 918 -20.44 -32.63 43.24
N ASP A 919 -20.88 -31.52 43.83
CA ASP A 919 -20.90 -31.41 45.27
C ASP A 919 -21.74 -32.50 45.90
N VAL A 920 -22.66 -33.10 45.14
CA VAL A 920 -23.41 -34.24 45.65
C VAL A 920 -22.47 -35.35 46.10
N ASP A 921 -21.44 -35.63 45.30
CA ASP A 921 -20.52 -36.72 45.59
C ASP A 921 -19.29 -36.26 46.35
N SER A 922 -18.63 -35.20 45.89
CA SER A 922 -17.35 -34.79 46.46
C SER A 922 -17.50 -33.72 47.54
N THR A 923 -18.04 -32.55 47.18
CA THR A 923 -18.10 -31.44 48.12
C THR A 923 -18.97 -31.79 49.33
N THR A 924 -20.12 -32.40 49.11
CA THR A 924 -21.01 -32.79 50.19
C THR A 924 -20.76 -34.21 50.68
N TYR A 925 -19.79 -34.91 50.09
CA TYR A 925 -19.46 -36.29 50.47
C TYR A 925 -20.74 -37.11 50.38
N ASP A 926 -21.13 -37.84 51.42
CA ASP A 926 -22.36 -38.62 51.42
C ASP A 926 -23.35 -37.97 52.39
N PHE A 927 -24.51 -37.57 51.87
CA PHE A 927 -25.56 -36.96 52.68
C PHE A 927 -26.47 -38.00 53.33
N SER A 928 -26.35 -39.27 52.96
CA SER A 928 -27.14 -40.35 53.54
C SER A 928 -28.64 -40.07 53.39
N HIS A 929 -29.03 -39.53 52.24
CA HIS A 929 -30.44 -39.28 51.90
C HIS A 929 -30.70 -39.82 50.49
N CYS A 930 -31.05 -41.10 50.42
CA CYS A 930 -31.44 -41.74 49.17
C CYS A 930 -32.74 -42.49 49.38
N THR A 931 -33.63 -42.43 48.38
CA THR A 931 -34.85 -43.23 48.35
C THR A 931 -34.61 -44.38 47.38
N PHE A 932 -34.13 -45.50 47.91
CA PHE A 932 -33.84 -46.66 47.05
C PHE A 932 -35.12 -47.15 46.38
N SER A 933 -36.21 -47.22 47.13
CA SER A 933 -37.48 -47.64 46.55
C SER A 933 -37.94 -46.65 45.49
N GLY A 934 -38.49 -47.17 44.40
CA GLY A 934 -38.95 -46.33 43.31
C GLY A 934 -40.20 -45.53 43.65
N ASN A 935 -40.95 -45.95 44.65
CA ASN A 935 -42.17 -45.22 45.02
C ASN A 935 -41.84 -43.81 45.48
N GLU A 936 -40.80 -43.64 46.29
CA GLU A 936 -40.45 -42.32 46.80
C GLU A 936 -39.93 -41.44 45.68
N SER A 937 -40.49 -40.24 45.58
CA SER A 937 -40.06 -39.26 44.57
C SER A 937 -39.06 -38.28 45.22
N LYS A 938 -37.86 -38.81 45.49
CA LYS A 938 -36.81 -38.06 46.14
C LYS A 938 -35.64 -37.89 45.17
N PRO A 939 -35.13 -36.67 44.98
CA PRO A 939 -34.01 -36.49 44.03
C PRO A 939 -32.77 -37.27 44.46
N LEU A 940 -32.05 -37.76 43.46
CA LEU A 940 -30.70 -38.30 43.65
C LEU A 940 -30.68 -39.54 44.53
N CYS A 941 -29.58 -40.29 44.47
CA CYS A 941 -29.35 -41.40 45.38
C CYS A 941 -27.88 -41.77 45.32
N VAL A 942 -27.51 -42.78 46.11
CA VAL A 942 -26.13 -43.26 46.22
C VAL A 942 -26.10 -44.74 45.92
N GLU A 943 -25.05 -45.19 45.24
CA GLU A 943 -24.89 -46.61 44.98
C GLU A 943 -24.87 -47.39 46.29
N LEU A 944 -25.51 -48.54 46.30
CA LEU A 944 -25.63 -49.34 47.51
C LEU A 944 -24.27 -49.55 48.17
N ASP A 945 -24.13 -49.01 49.38
CA ASP A 945 -22.88 -49.12 50.11
C ASP A 945 -22.60 -50.58 50.45
N GLU A 946 -21.33 -50.97 50.36
CA GLU A 946 -20.90 -52.32 50.67
C GLU A 946 -20.53 -52.40 52.14
N HIS A 947 -21.27 -53.22 52.90
CA HIS A 947 -21.03 -53.38 54.34
C HIS A 947 -21.14 -52.04 55.05
N ASN A 948 -22.09 -51.21 54.63
CA ASN A 948 -22.33 -49.88 55.16
C ASN A 948 -21.22 -48.90 54.76
N LEU A 949 -20.35 -49.28 53.83
CA LEU A 949 -19.24 -48.43 53.40
C LEU A 949 -19.56 -47.79 52.06
N PRO A 950 -19.48 -46.47 51.91
CA PRO A 950 -19.77 -45.85 50.61
C PRO A 950 -18.81 -46.36 49.54
N ARG A 951 -19.36 -47.06 48.56
CA ARG A 951 -18.54 -47.71 47.55
C ARG A 951 -18.01 -46.76 46.48
N PHE A 952 -18.65 -45.62 46.29
CA PHE A 952 -18.26 -44.73 45.19
C PHE A 952 -16.83 -44.25 45.40
N PRO A 953 -15.91 -44.47 44.44
CA PRO A 953 -14.53 -44.01 44.63
C PRO A 953 -14.31 -42.59 44.13
N GLU A 954 -13.62 -41.79 44.94
CA GLU A 954 -13.37 -40.40 44.60
C GLU A 954 -12.26 -40.21 43.59
N TRP A 955 -11.26 -41.10 43.61
CA TRP A 955 -9.98 -40.86 42.95
C TRP A 955 -10.13 -40.69 41.44
N ILE A 956 -11.25 -41.10 40.86
CA ILE A 956 -11.53 -40.89 39.44
C ILE A 956 -12.74 -39.99 39.23
N THR A 957 -13.76 -40.12 40.09
CA THR A 957 -14.96 -39.31 39.92
C THR A 957 -14.65 -37.83 40.07
N ILE A 958 -13.98 -37.44 41.17
CA ILE A 958 -13.71 -36.01 41.39
C ILE A 958 -12.81 -35.45 40.31
N PRO A 959 -11.70 -36.09 39.92
CA PRO A 959 -10.94 -35.58 38.77
C PRO A 959 -11.78 -35.35 37.54
N LEU A 960 -12.72 -36.24 37.23
CA LEU A 960 -13.58 -36.02 36.07
C LEU A 960 -14.40 -34.76 36.23
N VAL A 961 -14.88 -34.49 37.45
CA VAL A 961 -15.59 -33.24 37.71
C VAL A 961 -14.69 -32.05 37.38
N CYS A 962 -13.44 -32.10 37.84
CA CYS A 962 -12.52 -31.01 37.55
C CYS A 962 -12.29 -30.86 36.05
N ILE A 963 -12.15 -31.97 35.33
CA ILE A 963 -11.89 -31.91 33.89
C ILE A 963 -13.09 -31.29 33.19
N TYR A 964 -14.30 -31.69 33.56
CA TYR A 964 -15.49 -31.11 32.94
C TYR A 964 -15.58 -29.62 33.22
N MET A 965 -15.30 -29.21 34.47
CA MET A 965 -15.34 -27.80 34.80
C MET A 965 -14.34 -27.01 33.96
N LEU A 966 -13.12 -27.52 33.85
CA LEU A 966 -12.12 -26.84 33.04
C LEU A 966 -12.54 -26.78 31.57
N SER A 967 -13.08 -27.88 31.06
CA SER A 967 -13.43 -27.95 29.64
C SER A 967 -14.55 -26.97 29.30
N THR A 968 -15.55 -26.84 30.17
CA THR A 968 -16.74 -26.06 29.84
C THR A 968 -16.66 -24.63 30.37
N ASN A 969 -16.47 -24.46 31.67
CA ASN A 969 -16.63 -23.14 32.28
C ASN A 969 -15.61 -22.14 31.74
N ILE A 970 -14.36 -22.57 31.59
CA ILE A 970 -13.27 -21.64 31.31
C ILE A 970 -12.70 -21.76 29.89
N LEU A 971 -12.94 -22.88 29.20
CA LEU A 971 -12.42 -23.06 27.85
C LEU A 971 -13.48 -22.82 26.78
N LEU A 972 -14.59 -23.56 26.83
CA LEU A 972 -15.61 -23.42 25.80
C LEU A 972 -16.29 -22.06 25.87
N VAL A 973 -16.58 -21.59 27.09
CA VAL A 973 -17.16 -20.25 27.21
C VAL A 973 -16.21 -19.21 26.64
N ASN A 974 -14.96 -19.20 27.13
CA ASN A 974 -14.00 -18.20 26.70
C ASN A 974 -13.59 -18.39 25.25
N LEU A 975 -13.91 -19.53 24.66
CA LEU A 975 -13.75 -19.65 23.21
C LEU A 975 -14.69 -18.71 22.49
N LEU A 976 -15.97 -18.83 22.82
CA LEU A 976 -16.99 -18.05 22.16
C LEU A 976 -16.74 -16.57 22.15
N VAL A 977 -16.11 -16.04 23.18
CA VAL A 977 -15.84 -14.62 23.12
C VAL A 977 -14.86 -14.35 21.98
N ALA A 978 -13.82 -15.16 21.88
CA ALA A 978 -12.82 -14.95 20.85
C ALA A 978 -13.45 -15.07 19.51
N MET A 979 -14.15 -16.18 19.28
CA MET A 979 -14.86 -16.41 18.03
C MET A 979 -15.71 -15.19 17.69
N PHE A 980 -16.58 -14.80 18.62
CA PHE A 980 -17.44 -13.65 18.37
C PHE A 980 -16.61 -12.44 17.94
N GLY A 981 -15.47 -12.24 18.57
CA GLY A 981 -14.57 -11.16 18.19
C GLY A 981 -14.36 -11.13 16.70
N TYR A 982 -13.81 -12.20 16.13
CA TYR A 982 -13.53 -12.20 14.69
C TYR A 982 -14.80 -11.99 13.89
N THR A 983 -15.94 -12.46 14.40
CA THR A 983 -17.19 -12.31 13.66
C THR A 983 -17.55 -10.84 13.49
N VAL A 984 -17.18 -10.00 14.44
CA VAL A 984 -17.59 -8.59 14.38
C VAL A 984 -16.69 -7.79 13.44
N GLY A 985 -15.41 -7.68 13.79
CA GLY A 985 -14.53 -6.78 13.06
C GLY A 985 -14.45 -7.11 11.58
N ILE A 986 -14.47 -8.40 11.25
CA ILE A 986 -14.36 -8.80 9.85
C ILE A 986 -15.58 -8.34 9.05
N VAL A 987 -16.76 -8.37 9.67
CA VAL A 987 -18.00 -8.08 8.95
C VAL A 987 -18.63 -6.77 9.40
N GLN A 988 -17.95 -6.00 10.24
CA GLN A 988 -18.55 -4.76 10.74
C GLN A 988 -18.67 -3.72 9.65
N GLU A 989 -17.74 -3.69 8.71
CA GLU A 989 -17.77 -2.67 7.66
C GLU A 989 -19.01 -2.81 6.79
N ASN A 990 -19.37 -4.04 6.42
CA ASN A 990 -20.52 -4.23 5.54
C ASN A 990 -21.84 -4.01 6.27
N ASN A 991 -21.88 -4.27 7.57
CA ASN A 991 -23.15 -4.28 8.29
C ASN A 991 -23.95 -3.01 8.04
N ASP A 992 -23.29 -1.85 8.14
CA ASP A 992 -23.99 -0.59 7.96
C ASP A 992 -24.81 -0.59 6.68
N GLN A 993 -24.18 -0.99 5.57
CA GLN A 993 -24.89 -1.02 4.29
C GLN A 993 -26.21 -1.75 4.42
N VAL A 994 -26.16 -2.97 4.98
CA VAL A 994 -27.38 -3.77 5.10
C VAL A 994 -28.43 -2.98 5.86
N TRP A 995 -28.04 -2.38 6.99
CA TRP A 995 -29.00 -1.58 7.76
C TRP A 995 -29.67 -0.56 6.86
N LYS A 996 -28.87 0.19 6.11
CA LYS A 996 -29.44 1.19 5.21
C LYS A 996 -30.46 0.54 4.28
N PHE A 997 -30.09 -0.60 3.68
CA PHE A 997 -31.03 -1.32 2.84
C PHE A 997 -32.31 -1.62 3.61
N GLN A 998 -32.17 -2.20 4.80
CA GLN A 998 -33.35 -2.52 5.60
C GLN A 998 -34.21 -1.28 5.80
N ARG A 999 -33.56 -0.14 6.01
CA ARG A 999 -34.30 1.11 6.23
C ARG A 999 -35.32 1.29 5.13
N TYR A 1000 -34.87 1.19 3.87
CA TYR A 1000 -35.77 1.37 2.74
C TYR A 1000 -37.07 0.62 2.97
N PHE A 1001 -36.97 -0.67 3.31
CA PHE A 1001 -38.17 -1.49 3.40
C PHE A 1001 -39.23 -0.82 4.26
N LEU A 1002 -38.85 -0.41 5.46
CA LEU A 1002 -39.85 0.16 6.37
C LEU A 1002 -40.50 1.37 5.72
N VAL A 1003 -39.68 2.27 5.17
CA VAL A 1003 -40.23 3.41 4.44
C VAL A 1003 -41.27 2.94 3.44
N GLN A 1004 -40.87 2.01 2.56
CA GLN A 1004 -41.79 1.52 1.56
C GLN A 1004 -43.07 1.03 2.21
N GLU A 1005 -42.94 0.23 3.27
CA GLU A 1005 -44.13 -0.27 3.95
C GLU A 1005 -45.01 0.89 4.41
N TYR A 1006 -44.41 1.85 5.12
CA TYR A 1006 -45.20 2.98 5.60
C TYR A 1006 -45.58 3.93 4.48
N CYS A 1007 -44.95 3.80 3.31
CA CYS A 1007 -45.43 4.52 2.14
C CYS A 1007 -46.63 3.82 1.51
N ASN A 1008 -46.73 2.50 1.65
CA ASN A 1008 -47.86 1.77 1.10
C ASN A 1008 -49.13 2.07 1.87
N ARG A 1009 -49.03 2.17 3.19
CA ARG A 1009 -50.17 2.46 4.06
C ARG A 1009 -50.41 3.95 4.25
N LEU A 1010 -49.54 4.80 3.71
CA LEU A 1010 -49.66 6.26 3.87
C LEU A 1010 -49.64 6.56 5.36
N ASN A 1011 -50.52 7.44 5.85
CA ASN A 1011 -50.59 7.78 7.27
C ASN A 1011 -52.02 7.59 7.75
N ILE A 1012 -52.17 6.87 8.86
CA ILE A 1012 -53.48 6.64 9.46
C ILE A 1012 -53.30 6.12 10.88
N PRO A 1013 -53.98 6.70 11.88
CA PRO A 1013 -53.91 6.14 13.23
C PRO A 1013 -54.48 4.72 13.26
N PHE A 1014 -53.95 3.91 14.16
CA PHE A 1014 -54.35 2.50 14.22
C PHE A 1014 -55.85 2.33 14.38
N PRO A 1015 -56.53 3.02 15.30
CA PRO A 1015 -57.98 2.77 15.43
C PRO A 1015 -58.76 3.28 14.24
N PHE A 1016 -58.41 4.46 13.74
CA PHE A 1016 -58.93 4.90 12.44
C PHE A 1016 -58.33 4.09 11.30
N VAL A 1017 -57.18 3.46 11.53
CA VAL A 1017 -56.58 2.62 10.48
C VAL A 1017 -57.47 1.43 10.18
N VAL A 1018 -58.02 0.80 11.23
CA VAL A 1018 -58.91 -0.34 11.02
C VAL A 1018 -60.14 0.08 10.23
N PHE A 1019 -60.74 1.22 10.61
CA PHE A 1019 -61.92 1.70 9.90
C PHE A 1019 -61.60 2.04 8.45
N ALA A 1020 -60.44 2.66 8.22
CA ALA A 1020 -60.03 2.98 6.86
C ALA A 1020 -59.81 1.72 6.03
N TYR A 1021 -59.22 0.69 6.65
CA TYR A 1021 -59.04 -0.58 5.94
C TYR A 1021 -60.38 -1.18 5.57
N PHE A 1022 -61.34 -1.15 6.50
CA PHE A 1022 -62.68 -1.67 6.20
C PHE A 1022 -63.32 -0.87 5.07
N TYR A 1023 -63.20 0.46 5.11
CA TYR A 1023 -63.79 1.29 4.07
C TYR A 1023 -63.14 1.01 2.72
N MET A 1024 -61.82 0.85 2.69
CA MET A 1024 -61.13 0.55 1.45
C MET A 1024 -61.55 -0.81 0.90
N VAL A 1025 -61.70 -1.80 1.79
CA VAL A 1025 -62.18 -3.11 1.35
C VAL A 1025 -63.57 -2.99 0.75
N VAL A 1026 -64.43 -2.20 1.38
CA VAL A 1026 -65.77 -1.98 0.82
C VAL A 1026 -65.67 -1.33 -0.55
N LYS A 1027 -64.82 -0.32 -0.68
CA LYS A 1027 -64.67 0.37 -1.96
C LYS A 1027 -63.94 -0.51 -2.97
N LYS A 1028 -62.89 -1.20 -2.54
CA LYS A 1028 -62.11 -2.05 -3.44
C LYS A 1028 -62.90 -3.33 -3.77
N ASN A 1051 -40.00 13.30 -19.81
CA ASN A 1051 -39.59 13.73 -21.14
C ASN A 1051 -38.38 14.65 -21.06
N GLU A 1052 -38.58 15.85 -20.51
CA GLU A 1052 -37.46 16.77 -20.33
C GLU A 1052 -36.42 16.18 -19.38
N THR A 1053 -36.88 15.48 -18.34
CA THR A 1053 -35.95 14.83 -17.42
C THR A 1053 -35.07 13.83 -18.15
N LEU A 1054 -35.64 13.10 -19.11
CA LEU A 1054 -34.84 12.16 -19.89
C LEU A 1054 -33.78 12.88 -20.71
N ALA A 1055 -34.13 14.03 -21.30
CA ALA A 1055 -33.14 14.81 -22.04
C ALA A 1055 -32.02 15.29 -21.13
N TRP A 1056 -32.38 15.76 -19.93
CA TRP A 1056 -31.35 16.18 -18.98
C TRP A 1056 -30.47 15.01 -18.59
N GLU A 1057 -31.06 13.83 -18.40
CA GLU A 1057 -30.27 12.65 -18.09
C GLU A 1057 -29.32 12.31 -19.22
N GLY A 1058 -29.77 12.46 -20.47
CA GLY A 1058 -28.89 12.22 -21.59
C GLY A 1058 -27.72 13.19 -21.63
N VAL A 1059 -27.99 14.46 -21.36
CA VAL A 1059 -26.91 15.45 -21.33
C VAL A 1059 -25.93 15.12 -20.22
N MET A 1060 -26.42 14.75 -19.04
CA MET A 1060 -25.54 14.37 -17.95
C MET A 1060 -24.73 13.14 -18.31
N LYS A 1061 -25.33 12.19 -19.02
CA LYS A 1061 -24.61 11.01 -19.48
C LYS A 1061 -23.50 11.39 -20.45
N GLU A 1062 -23.77 12.33 -21.35
CA GLU A 1062 -22.73 12.81 -22.26
C GLU A 1062 -21.58 13.43 -21.48
N ASN A 1063 -21.91 14.26 -20.47
CA ASN A 1063 -20.87 14.85 -19.64
C ASN A 1063 -20.06 13.77 -18.92
N TYR A 1064 -20.74 12.74 -18.42
CA TYR A 1064 -20.05 11.66 -17.74
C TYR A 1064 -19.13 10.89 -18.68
N LEU A 1065 -19.58 10.65 -19.91
CA LEU A 1065 -18.73 9.98 -20.89
C LEU A 1065 -17.51 10.83 -21.22
N VAL A 1066 -17.68 12.14 -21.31
CA VAL A 1066 -16.54 13.03 -21.52
C VAL A 1066 -15.56 12.89 -20.36
N LYS A 1067 -16.09 12.84 -19.13
CA LYS A 1067 -15.22 12.68 -17.97
C LYS A 1067 -14.48 11.36 -18.01
N ILE A 1068 -15.15 10.28 -18.42
CA ILE A 1068 -14.52 8.98 -18.51
C ILE A 1068 -13.40 9.02 -19.56
N ASN A 1069 -13.66 9.66 -20.70
CA ASN A 1069 -12.63 9.79 -21.72
C ASN A 1069 -11.44 10.57 -21.20
N THR A 1070 -11.68 11.63 -20.43
CA THR A 1070 -10.58 12.40 -19.84
C THR A 1070 -9.79 11.54 -18.87
N LYS A 1071 -10.47 10.74 -18.05
CA LYS A 1071 -9.76 9.86 -17.13
C LYS A 1071 -8.89 8.86 -17.89
N ALA A 1072 -9.42 8.32 -18.99
CA ALA A 1072 -8.63 7.40 -19.82
C ALA A 1072 -7.41 8.11 -20.40
N ASN A 1073 -7.59 9.33 -20.90
CA ASN A 1073 -6.51 10.10 -21.51
C ASN A 1073 -5.52 10.66 -20.50
N ASP A 1074 -5.84 10.60 -19.20
CA ASP A 1074 -4.96 11.18 -18.19
C ASP A 1074 -3.65 10.40 -18.03
N ASN A 1075 -3.43 9.38 -18.86
CA ASN A 1075 -2.20 8.61 -18.75
C ASN A 1075 -0.97 9.50 -18.92
N SER A 1076 -1.07 10.56 -19.71
CA SER A 1076 0.03 11.51 -19.89
C SER A 1076 1.21 10.88 -20.63
N GLU A 1077 0.91 10.10 -21.66
CA GLU A 1077 1.93 9.45 -22.49
C GLU A 1077 2.23 10.23 -23.76
N GLU A 1078 1.95 11.54 -23.77
CA GLU A 1078 2.17 12.34 -24.96
C GLU A 1078 3.64 12.42 -25.36
N MET A 1079 4.55 12.11 -24.44
CA MET A 1079 5.97 12.16 -24.77
C MET A 1079 6.34 11.17 -25.86
N ARG A 1080 5.69 10.01 -25.91
CA ARG A 1080 5.96 9.06 -26.98
C ARG A 1080 5.57 9.65 -28.33
N HIS A 1081 4.40 10.28 -28.41
CA HIS A 1081 4.00 10.91 -29.67
C HIS A 1081 4.92 12.06 -30.04
N ARG A 1082 5.36 12.83 -29.04
CA ARG A 1082 6.30 13.91 -29.30
C ARG A 1082 7.62 13.37 -29.85
N PHE A 1083 8.11 12.27 -29.28
CA PHE A 1083 9.32 11.64 -29.80
C PHE A 1083 9.12 11.14 -31.23
N ARG A 1084 7.96 10.56 -31.51
CA ARG A 1084 7.68 10.11 -32.87
C ARG A 1084 7.68 11.28 -33.84
N GLN A 1085 7.08 12.41 -33.44
CA GLN A 1085 7.09 13.58 -34.29
C GLN A 1085 8.51 14.10 -34.48
N LEU A 1086 9.33 14.06 -33.44
CA LEU A 1086 10.72 14.48 -33.57
C LEU A 1086 11.48 13.60 -34.54
N ASP A 1087 11.25 12.28 -34.47
CA ASP A 1087 11.89 11.37 -35.42
C ASP A 1087 11.43 11.65 -36.84
N SER A 1088 10.14 11.93 -37.02
CA SER A 1088 9.63 12.27 -38.35
C SER A 1088 10.28 13.55 -38.86
N LYS A 1089 10.45 14.54 -37.99
CA LYS A 1089 11.09 15.79 -38.40
C LYS A 1089 12.55 15.55 -38.77
N LEU A 1090 13.24 14.69 -38.01
CA LEU A 1090 14.62 14.37 -38.34
C LEU A 1090 14.71 13.67 -39.69
N ASN A 1091 13.79 12.75 -39.96
CA ASN A 1091 13.76 12.08 -41.26
C ASN A 1091 13.50 13.08 -42.37
N ASP A 1092 12.58 14.03 -42.15
CA ASP A 1092 12.31 15.05 -43.16
C ASP A 1092 13.55 15.91 -43.40
N LEU A 1093 14.26 16.27 -42.34
CA LEU A 1093 15.48 17.05 -42.51
C LEU A 1093 16.54 16.26 -43.30
N LYS A 1094 16.68 14.97 -43.01
CA LYS A 1094 17.63 14.15 -43.76
C LYS A 1094 17.24 14.07 -45.22
N SER A 1095 15.95 13.90 -45.51
CA SER A 1095 15.49 13.86 -46.89
C SER A 1095 15.74 15.19 -47.59
N LEU A 1096 15.53 16.31 -46.89
CA LEU A 1096 15.81 17.61 -47.48
C LEU A 1096 17.30 17.77 -47.78
N LEU A 1097 18.16 17.31 -46.87
CA LEU A 1097 19.59 17.37 -47.11
C LEU A 1097 19.98 16.52 -48.32
N LYS A 1098 19.39 15.32 -48.43
CA LYS A 1098 19.66 14.47 -49.59
C LYS A 1098 19.20 15.14 -50.88
N GLU A 1099 18.04 15.78 -50.86
CA GLU A 1099 17.54 16.47 -52.03
C GLU A 1099 18.46 17.63 -52.41
N ILE A 1100 18.95 18.37 -51.42
CA ILE A 1100 19.88 19.46 -51.69
C ILE A 1100 21.17 18.93 -52.32
N ALA A 1101 21.68 17.82 -51.77
CA ALA A 1101 22.88 17.22 -52.35
C ALA A 1101 22.65 16.78 -53.79
N ASN A 1102 21.49 16.17 -54.07
CA ASN A 1102 21.18 15.76 -55.43
C ASN A 1102 21.09 16.95 -56.37
N ASN A 1103 20.46 18.04 -55.89
CA ASN A 1103 20.35 19.25 -56.71
C ASN A 1103 21.74 19.82 -57.01
N ILE A 1104 22.63 19.81 -56.02
CA ILE A 1104 23.99 20.30 -56.24
C ILE A 1104 24.68 19.47 -57.31
N LYS A 1105 24.53 18.15 -57.24
CA LYS A 1105 25.13 17.26 -58.23
C LYS A 1105 24.24 17.14 -59.46
N ASP B 41 -49.82 44.82 -35.74
CA ASP B 41 -48.73 45.51 -35.08
C ASP B 41 -47.41 45.23 -35.79
N LEU B 42 -46.75 44.13 -35.40
CA LEU B 42 -45.49 43.77 -36.03
C LEU B 42 -45.69 43.35 -37.49
N VAL B 43 -46.83 42.71 -37.79
CA VAL B 43 -47.09 42.29 -39.17
C VAL B 43 -47.17 43.49 -40.10
N ASN B 44 -47.82 44.56 -39.65
CA ASN B 44 -47.93 45.77 -40.46
C ASN B 44 -46.54 46.35 -40.73
N PHE B 45 -45.69 46.42 -39.71
CA PHE B 45 -44.35 46.96 -39.90
C PHE B 45 -43.55 46.09 -40.86
N ILE B 46 -43.67 44.76 -40.72
CA ILE B 46 -42.94 43.85 -41.61
C ILE B 46 -43.39 44.06 -43.05
N GLN B 47 -44.71 44.15 -43.26
CA GLN B 47 -45.23 44.35 -44.61
C GLN B 47 -44.76 45.69 -45.18
N ALA B 48 -44.76 46.74 -44.36
CA ALA B 48 -44.36 48.06 -44.84
C ALA B 48 -42.87 48.12 -45.15
N ASN B 49 -42.05 47.35 -44.42
CA ASN B 49 -40.62 47.40 -44.63
C ASN B 49 -40.26 47.00 -46.07
N PHE B 50 -40.86 45.90 -46.56
CA PHE B 50 -40.61 45.47 -47.92
C PHE B 50 -41.10 46.51 -48.92
N LYS B 51 -42.27 47.06 -48.70
CA LYS B 51 -42.86 48.05 -49.59
C LYS B 51 -43.05 47.46 -50.99
N ASP B 102 -45.70 40.63 -49.12
CA ASP B 102 -45.52 40.20 -47.74
C ASP B 102 -44.85 38.82 -47.69
N ALA B 103 -45.67 37.77 -47.79
CA ALA B 103 -45.17 36.39 -47.76
C ALA B 103 -44.32 36.15 -46.51
N PHE B 104 -44.81 36.66 -45.38
CA PHE B 104 -44.11 36.53 -44.10
C PHE B 104 -45.04 35.87 -43.08
N GLY B 105 -44.48 34.98 -42.27
CA GLY B 105 -45.26 34.29 -41.26
C GLY B 105 -44.36 33.78 -40.16
N ASP B 106 -44.93 33.65 -38.97
CA ASP B 106 -44.21 33.19 -37.79
C ASP B 106 -44.48 31.69 -37.60
N ILE B 107 -43.42 30.90 -37.57
CA ILE B 107 -43.50 29.45 -37.40
C ILE B 107 -43.15 29.12 -35.96
N GLN B 108 -44.04 28.39 -35.29
CA GLN B 108 -43.83 28.02 -33.90
C GLN B 108 -44.63 26.75 -33.56
N GLY B 116 -38.94 29.81 -34.21
CA GLY B 116 -39.37 30.95 -33.42
C GLY B 116 -40.00 32.03 -34.26
N LYS B 117 -39.17 32.74 -35.03
CA LYS B 117 -39.64 33.82 -35.90
C LYS B 117 -38.99 33.64 -37.27
N TYR B 118 -39.81 33.40 -38.29
CA TYR B 118 -39.35 33.28 -39.67
C TYR B 118 -39.79 34.51 -40.43
N LEU B 119 -38.84 35.16 -41.10
CA LEU B 119 -39.11 36.38 -41.84
C LEU B 119 -38.50 36.29 -43.23
N ARG B 120 -39.20 36.88 -44.21
CA ARG B 120 -38.71 36.99 -45.57
C ARG B 120 -38.29 38.43 -45.83
N LEU B 121 -37.07 38.62 -46.33
CA LEU B 121 -36.49 39.94 -46.52
C LEU B 121 -36.25 40.21 -47.99
N SER B 122 -36.24 41.49 -48.34
CA SER B 122 -35.98 41.92 -49.70
C SER B 122 -34.49 42.19 -49.89
N CYS B 123 -33.97 41.77 -51.05
CA CYS B 123 -32.56 41.96 -51.32
C CYS B 123 -32.19 43.44 -51.33
N ASP B 124 -33.02 44.27 -51.96
CA ASP B 124 -32.78 45.71 -52.01
C ASP B 124 -33.38 46.36 -50.76
N THR B 125 -32.74 46.09 -49.63
CA THR B 125 -33.16 46.61 -48.34
C THR B 125 -31.95 47.02 -47.53
N ASP B 126 -32.17 47.94 -46.59
CA ASP B 126 -31.11 48.42 -45.72
C ASP B 126 -30.96 47.46 -44.55
N SER B 127 -29.84 46.73 -44.52
CA SER B 127 -29.58 45.82 -43.41
C SER B 127 -29.54 46.56 -42.08
N GLU B 128 -29.08 47.81 -42.08
CA GLU B 128 -29.02 48.57 -40.84
C GLU B 128 -30.40 48.75 -40.24
N THR B 129 -31.39 49.10 -41.06
CA THR B 129 -32.74 49.31 -40.55
C THR B 129 -33.32 48.03 -39.97
N LEU B 130 -33.15 46.91 -40.68
CA LEU B 130 -33.66 45.63 -40.18
C LEU B 130 -32.99 45.25 -38.88
N TYR B 131 -31.67 45.42 -38.79
CA TYR B 131 -30.95 45.09 -37.56
C TYR B 131 -31.42 45.97 -36.41
N GLU B 132 -31.60 47.26 -36.66
CA GLU B 132 -32.06 48.16 -35.61
C GLU B 132 -33.46 47.78 -35.13
N LEU B 133 -34.36 47.47 -36.07
CA LEU B 133 -35.70 47.07 -35.69
C LEU B 133 -35.68 45.78 -34.88
N LEU B 134 -34.88 44.80 -35.31
CA LEU B 134 -34.80 43.53 -34.58
C LEU B 134 -34.25 43.75 -33.18
N THR B 135 -33.22 44.56 -33.04
CA THR B 135 -32.65 44.83 -31.71
C THR B 135 -33.67 45.55 -30.83
N GLN B 136 -34.40 46.52 -31.40
CA GLN B 136 -35.36 47.27 -30.61
C GLN B 136 -36.51 46.37 -30.13
N HIS B 137 -37.00 45.49 -31.01
CA HIS B 137 -38.17 44.68 -30.70
C HIS B 137 -37.92 43.18 -30.75
N TRP B 138 -37.18 42.70 -31.75
CA TRP B 138 -37.07 41.24 -31.94
C TRP B 138 -36.39 40.57 -30.75
N HIS B 139 -35.23 41.09 -30.35
CA HIS B 139 -34.44 40.45 -29.30
C HIS B 139 -33.58 41.50 -28.61
N LEU B 140 -32.78 41.04 -27.65
CA LEU B 140 -31.91 41.91 -26.88
C LEU B 140 -30.63 42.20 -27.68
N LYS B 141 -29.63 42.78 -27.01
CA LYS B 141 -28.36 43.12 -27.63
C LYS B 141 -27.28 42.16 -27.15
N THR B 142 -26.24 42.01 -27.98
CA THR B 142 -25.15 41.11 -27.67
C THR B 142 -23.81 41.83 -27.81
N PRO B 143 -22.82 41.49 -26.99
CA PRO B 143 -21.49 42.08 -27.17
C PRO B 143 -20.69 41.38 -28.26
N ASN B 144 -20.89 40.08 -28.39
CA ASN B 144 -20.16 39.26 -29.35
C ASN B 144 -21.13 38.57 -30.29
N LEU B 145 -20.71 38.40 -31.55
CA LEU B 145 -21.50 37.73 -32.56
C LEU B 145 -20.61 36.74 -33.30
N VAL B 146 -20.94 35.47 -33.21
CA VAL B 146 -20.17 34.41 -33.85
C VAL B 146 -20.64 34.25 -35.29
N ILE B 147 -19.69 34.24 -36.23
CA ILE B 147 -19.97 34.11 -37.65
C ILE B 147 -19.54 32.72 -38.09
N SER B 148 -20.48 31.98 -38.68
CA SER B 148 -20.23 30.63 -39.18
C SER B 148 -20.30 30.64 -40.70
N VAL B 149 -19.28 30.09 -41.35
CA VAL B 149 -19.21 30.01 -42.81
C VAL B 149 -19.20 28.54 -43.19
N THR B 150 -20.32 28.07 -43.74
CA THR B 150 -20.44 26.68 -44.15
C THR B 150 -20.93 26.59 -45.60
N ARG B 161 -13.59 14.58 -33.35
CA ARG B 161 -12.79 15.73 -32.93
C ARG B 161 -13.47 17.04 -33.29
N MET B 162 -14.01 17.11 -34.52
CA MET B 162 -14.68 18.32 -34.96
C MET B 162 -15.89 18.62 -34.07
N ARG B 163 -16.65 17.58 -33.72
CA ARG B 163 -17.81 17.78 -32.86
C ARG B 163 -17.39 18.35 -31.51
N LYS B 164 -16.26 17.89 -30.97
CA LYS B 164 -15.76 18.43 -29.71
C LYS B 164 -15.47 19.92 -29.81
N ILE B 165 -14.79 20.32 -30.89
CA ILE B 165 -14.45 21.73 -31.07
C ILE B 165 -15.71 22.57 -31.22
N PHE B 166 -16.67 22.09 -32.00
CA PHE B 166 -17.91 22.84 -32.17
C PHE B 166 -18.68 22.95 -30.86
N SER B 167 -18.71 21.87 -30.07
CA SER B 167 -19.38 21.93 -28.77
C SER B 167 -18.71 22.92 -27.84
N ARG B 168 -17.37 22.94 -27.84
CA ARG B 168 -16.65 23.91 -27.00
C ARG B 168 -16.96 25.33 -27.45
N LEU B 169 -17.01 25.56 -28.76
CA LEU B 169 -17.35 26.90 -29.26
C LEU B 169 -18.77 27.28 -28.86
N ILE B 170 -19.70 26.33 -28.93
CA ILE B 170 -21.08 26.60 -28.53
C ILE B 170 -21.13 26.95 -27.04
N TYR B 171 -20.39 26.21 -26.22
CA TYR B 171 -20.37 26.52 -24.79
C TYR B 171 -19.79 27.90 -24.54
N ILE B 172 -18.72 28.26 -25.25
CA ILE B 172 -18.14 29.59 -25.08
C ILE B 172 -19.14 30.67 -25.46
N ALA B 173 -19.83 30.48 -26.59
CA ALA B 173 -20.83 31.45 -27.02
C ALA B 173 -21.95 31.58 -26.00
N GLN B 174 -22.42 30.46 -25.46
CA GLN B 174 -23.48 30.50 -24.46
C GLN B 174 -23.01 31.24 -23.21
N SER B 175 -21.79 30.96 -22.76
CA SER B 175 -21.27 31.64 -21.57
C SER B 175 -21.15 33.14 -21.81
N LYS B 176 -20.67 33.53 -22.99
CA LYS B 176 -20.58 34.95 -23.32
C LYS B 176 -21.91 35.54 -23.74
N GLY B 177 -22.90 34.70 -24.06
CA GLY B 177 -24.17 35.19 -24.54
C GLY B 177 -24.14 35.69 -25.98
N ALA B 178 -23.13 35.30 -26.75
CA ALA B 178 -22.99 35.80 -28.10
C ALA B 178 -24.00 35.17 -29.03
N TRP B 179 -24.35 35.90 -30.09
CA TRP B 179 -25.17 35.37 -31.16
C TRP B 179 -24.37 34.41 -32.02
N ILE B 180 -25.04 33.40 -32.54
CA ILE B 180 -24.42 32.37 -33.36
C ILE B 180 -25.12 32.39 -34.71
N LEU B 181 -24.49 33.03 -35.70
CA LEU B 181 -25.01 33.03 -37.06
C LEU B 181 -24.62 31.75 -37.78
N THR B 182 -25.57 31.18 -38.51
CA THR B 182 -25.32 29.95 -39.24
C THR B 182 -26.28 29.87 -40.41
N GLY B 183 -25.92 29.02 -41.37
CA GLY B 183 -26.78 28.83 -42.53
C GLY B 183 -28.11 28.19 -42.18
N GLY B 184 -28.10 27.26 -41.22
CA GLY B 184 -29.31 26.58 -40.82
C GLY B 184 -29.72 25.44 -41.72
N THR B 185 -28.86 25.03 -42.65
CA THR B 185 -29.22 23.94 -43.56
C THR B 185 -29.40 22.64 -42.77
N HIS B 186 -30.46 21.91 -43.11
CA HIS B 186 -30.72 20.64 -42.43
C HIS B 186 -29.60 19.64 -42.67
N TYR B 187 -29.10 19.58 -43.90
CA TYR B 187 -28.03 18.64 -44.26
C TYR B 187 -26.69 19.33 -44.04
N GLY B 188 -25.90 18.82 -43.09
CA GLY B 188 -24.61 19.35 -42.76
C GLY B 188 -24.47 19.49 -41.25
N LEU B 189 -23.44 20.24 -40.84
CA LEU B 189 -23.21 20.46 -39.42
C LEU B 189 -24.26 21.38 -38.79
N MET B 190 -25.08 22.05 -39.61
CA MET B 190 -26.07 22.96 -39.05
C MET B 190 -27.08 22.21 -38.19
N LYS B 191 -27.52 21.02 -38.63
CA LYS B 191 -28.45 20.24 -37.83
C LYS B 191 -27.83 19.81 -36.51
N TYR B 192 -26.56 19.40 -36.54
CA TYR B 192 -25.88 19.02 -35.30
C TYR B 192 -25.77 20.22 -34.36
N ILE B 193 -25.44 21.39 -34.91
CA ILE B 193 -25.33 22.58 -34.08
C ILE B 193 -26.68 22.93 -33.47
N GLY B 194 -27.75 22.82 -34.24
CA GLY B 194 -29.07 23.08 -33.70
C GLY B 194 -29.45 22.12 -32.60
N GLU B 195 -29.14 20.83 -32.79
CA GLU B 195 -29.42 19.85 -31.75
C GLU B 195 -28.63 20.15 -30.48
N VAL B 196 -27.35 20.51 -30.63
CA VAL B 196 -26.53 20.84 -29.47
C VAL B 196 -27.08 22.06 -28.76
N VAL B 197 -27.50 23.07 -29.53
CA VAL B 197 -28.05 24.28 -28.92
C VAL B 197 -29.33 23.94 -28.15
N ARG B 198 -30.19 23.12 -28.74
CA ARG B 198 -31.41 22.72 -28.05
C ARG B 198 -31.08 21.96 -26.76
N ASP B 199 -30.10 21.06 -26.81
CA ASP B 199 -29.73 20.31 -25.61
C ASP B 199 -29.20 21.24 -24.53
N ASN B 200 -28.36 22.20 -24.92
CA ASN B 200 -27.82 23.15 -23.94
C ASN B 200 -28.94 24.00 -23.34
N THR B 201 -29.89 24.45 -24.17
CA THR B 201 -30.98 25.25 -23.67
C THR B 201 -31.90 24.45 -22.77
N ILE B 202 -31.96 23.13 -22.97
CA ILE B 202 -32.80 22.29 -22.12
C ILE B 202 -32.34 22.39 -20.67
N SER B 203 -31.04 22.33 -20.44
CA SER B 203 -30.50 22.45 -19.09
C SER B 203 -30.89 23.78 -18.46
N GLU B 208 -27.46 33.35 -20.24
CA GLU B 208 -28.43 32.41 -19.70
C GLU B 208 -29.28 31.80 -20.81
N ASN B 209 -29.59 32.61 -21.81
CA ASN B 209 -30.39 32.19 -22.95
C ASN B 209 -29.54 32.20 -24.21
N ILE B 210 -29.66 31.15 -25.01
CA ILE B 210 -28.93 31.01 -26.27
C ILE B 210 -29.88 31.28 -27.42
N VAL B 211 -29.45 32.10 -28.36
CA VAL B 211 -30.24 32.52 -29.51
C VAL B 211 -29.51 32.09 -30.77
N ALA B 212 -30.23 31.46 -31.69
CA ALA B 212 -29.67 30.98 -32.94
C ALA B 212 -30.33 31.67 -34.13
N ILE B 213 -29.49 32.05 -35.10
CA ILE B 213 -29.90 32.80 -36.28
C ILE B 213 -29.58 31.95 -37.50
N GLY B 214 -30.56 31.78 -38.37
CA GLY B 214 -30.40 31.03 -39.61
C GLY B 214 -30.54 31.96 -40.81
N ILE B 215 -29.57 31.87 -41.72
CA ILE B 215 -29.60 32.61 -42.96
C ILE B 215 -29.86 31.63 -44.10
N ALA B 216 -31.13 31.41 -44.42
CA ALA B 216 -31.52 30.44 -45.44
C ALA B 216 -32.57 31.08 -46.33
N ALA B 217 -32.23 31.29 -47.60
CA ALA B 217 -33.13 31.95 -48.53
C ALA B 217 -34.41 31.13 -48.70
N TRP B 218 -35.52 31.85 -48.90
CA TRP B 218 -36.82 31.19 -49.04
C TRP B 218 -36.88 30.30 -50.26
N GLY B 219 -36.14 30.65 -51.32
CA GLY B 219 -36.22 29.90 -52.56
C GLY B 219 -35.90 28.43 -52.39
N MET B 220 -34.92 28.12 -51.53
CA MET B 220 -34.53 26.73 -51.34
C MET B 220 -35.68 25.89 -50.80
N VAL B 221 -36.44 26.43 -49.84
CA VAL B 221 -37.52 25.67 -49.23
C VAL B 221 -38.57 25.33 -50.27
N SER B 222 -38.98 24.06 -50.30
CA SER B 222 -39.99 23.59 -51.24
C SER B 222 -41.40 23.57 -50.66
N ASN B 223 -41.55 23.90 -49.37
CA ASN B 223 -42.85 23.91 -48.71
C ASN B 223 -43.01 25.27 -48.02
N ARG B 224 -43.54 26.25 -48.77
CA ARG B 224 -43.73 27.60 -48.27
C ARG B 224 -45.22 27.93 -48.25
N ASP B 225 -45.69 28.44 -47.13
CA ASP B 225 -47.08 28.84 -46.97
C ASP B 225 -47.15 30.22 -46.32
N THR B 226 -48.19 30.97 -46.68
CA THR B 226 -48.38 32.30 -46.16
C THR B 226 -48.78 32.25 -44.68
N PHE B 237 -52.24 32.50 -39.63
CA PHE B 237 -51.30 33.28 -38.84
C PHE B 237 -49.98 32.52 -38.67
N SER B 238 -49.99 31.53 -37.78
CA SER B 238 -48.81 30.72 -37.49
C SER B 238 -48.86 29.47 -38.35
N ALA B 239 -48.27 29.55 -39.55
CA ALA B 239 -48.24 28.41 -40.44
C ALA B 239 -47.39 27.29 -39.84
N GLN B 240 -47.83 26.05 -40.05
CA GLN B 240 -47.15 24.87 -39.53
C GLN B 240 -46.59 24.04 -40.67
N TYR B 241 -45.35 23.60 -40.51
CA TYR B 241 -44.68 22.77 -41.50
C TYR B 241 -44.04 21.58 -40.80
N ILE B 242 -44.28 20.38 -41.32
CA ILE B 242 -43.75 19.14 -40.76
C ILE B 242 -43.11 18.34 -41.88
N MET B 243 -41.91 17.84 -41.64
CA MET B 243 -41.20 17.04 -42.63
C MET B 243 -40.33 15.99 -41.94
N LEU B 251 -36.63 20.77 -52.44
CA LEU B 251 -36.71 20.53 -51.00
C LEU B 251 -35.90 21.56 -50.22
N TYR B 252 -34.63 21.24 -49.99
CA TYR B 252 -33.73 22.14 -49.25
C TYR B 252 -34.33 22.54 -47.91
N ILE B 253 -34.96 21.57 -47.23
CA ILE B 253 -35.54 21.85 -45.93
C ILE B 253 -34.45 22.21 -44.94
N LEU B 254 -34.86 22.83 -43.83
CA LEU B 254 -33.95 23.38 -42.84
C LEU B 254 -34.34 22.90 -41.45
N ASP B 255 -33.41 23.08 -40.52
CA ASP B 255 -33.66 22.74 -39.12
C ASP B 255 -34.49 23.82 -38.45
N ASN B 256 -35.42 23.41 -37.59
CA ASN B 256 -36.29 24.33 -36.87
C ASN B 256 -35.73 24.76 -35.53
N ASN B 257 -34.54 24.30 -35.16
CA ASN B 257 -33.97 24.67 -33.86
C ASN B 257 -33.69 26.17 -33.79
N HIS B 258 -33.17 26.75 -34.86
CA HIS B 258 -32.80 28.15 -34.85
C HIS B 258 -34.00 29.03 -34.49
N THR B 259 -33.78 29.95 -33.54
CA THR B 259 -34.88 30.81 -33.09
C THR B 259 -35.31 31.75 -34.20
N HIS B 260 -34.37 32.44 -34.82
CA HIS B 260 -34.67 33.42 -35.86
C HIS B 260 -34.23 32.87 -37.20
N LEU B 261 -35.09 32.98 -38.21
CA LEU B 261 -34.80 32.49 -39.56
C LEU B 261 -35.10 33.58 -40.57
N LEU B 262 -34.06 34.12 -41.18
CA LEU B 262 -34.21 35.15 -42.20
C LEU B 262 -33.95 34.54 -43.57
N LEU B 263 -34.90 34.71 -44.49
CA LEU B 263 -34.80 34.18 -45.84
C LEU B 263 -34.81 35.33 -46.83
N VAL B 264 -33.73 35.45 -47.61
CA VAL B 264 -33.58 36.50 -48.60
C VAL B 264 -33.74 35.86 -49.97
N ASP B 265 -34.80 36.23 -50.69
CA ASP B 265 -35.09 35.69 -52.01
C ASP B 265 -34.99 36.80 -53.05
N ASN B 266 -34.52 36.45 -54.24
CA ASN B 266 -34.41 37.40 -55.35
C ASN B 266 -35.74 37.62 -56.06
N GLY B 267 -36.79 36.90 -55.67
CA GLY B 267 -38.08 37.01 -56.30
C GLY B 267 -38.42 35.90 -57.27
N CYS B 268 -37.56 34.89 -57.40
CA CYS B 268 -37.82 33.77 -58.29
C CYS B 268 -37.20 32.52 -57.69
N HIS B 269 -37.72 31.37 -58.12
CA HIS B 269 -37.25 30.07 -57.62
C HIS B 269 -36.10 29.55 -58.49
N GLY B 270 -35.06 30.36 -58.61
CA GLY B 270 -33.86 30.00 -59.34
C GLY B 270 -32.75 29.42 -58.51
N HIS B 271 -32.99 29.21 -57.21
CA HIS B 271 -31.98 28.70 -56.30
C HIS B 271 -30.64 29.44 -56.41
N PRO B 272 -30.64 30.77 -56.24
CA PRO B 272 -29.37 31.50 -56.22
C PRO B 272 -28.85 31.69 -54.81
N THR B 273 -27.53 31.60 -54.67
CA THR B 273 -26.86 31.80 -53.39
C THR B 273 -26.56 33.29 -53.18
N VAL B 274 -27.62 34.09 -53.23
CA VAL B 274 -27.49 35.54 -53.11
C VAL B 274 -27.66 36.03 -51.67
N GLU B 275 -28.12 35.18 -50.76
CA GLU B 275 -28.25 35.59 -49.37
C GLU B 275 -26.90 35.88 -48.73
N ALA B 276 -25.82 35.37 -49.31
CA ALA B 276 -24.49 35.63 -48.74
C ALA B 276 -24.15 37.12 -48.78
N LYS B 277 -24.55 37.81 -49.85
CA LYS B 277 -24.29 39.24 -49.94
C LYS B 277 -24.98 40.00 -48.81
N LEU B 278 -26.25 39.69 -48.56
CA LEU B 278 -26.96 40.33 -47.46
C LEU B 278 -26.35 39.96 -46.12
N ARG B 279 -25.92 38.71 -45.97
CA ARG B 279 -25.27 38.28 -44.73
C ARG B 279 -24.01 39.10 -44.48
N ASN B 280 -23.18 39.26 -45.51
CA ASN B 280 -21.95 40.03 -45.36
C ASN B 280 -22.25 41.50 -45.09
N GLN B 281 -23.26 42.07 -45.74
CA GLN B 281 -23.61 43.45 -45.49
C GLN B 281 -24.07 43.64 -44.05
N LEU B 282 -24.89 42.72 -43.54
CA LEU B 282 -25.34 42.80 -42.15
C LEU B 282 -24.16 42.68 -41.19
N GLU B 283 -23.25 41.75 -41.47
CA GLU B 283 -22.07 41.60 -40.62
C GLU B 283 -21.23 42.87 -40.62
N LYS B 284 -21.04 43.48 -41.79
CA LYS B 284 -20.26 44.71 -41.88
C LYS B 284 -20.93 45.83 -41.09
N TYR B 285 -22.25 45.97 -41.21
CA TYR B 285 -22.95 47.00 -40.45
C TYR B 285 -22.82 46.74 -38.95
N ILE B 286 -22.97 45.48 -38.52
CA ILE B 286 -22.85 45.16 -37.11
C ILE B 286 -21.47 45.50 -36.60
N SER B 287 -20.43 45.20 -37.38
CA SER B 287 -19.08 45.58 -37.01
C SER B 287 -18.96 47.10 -36.90
N GLU B 288 -19.55 47.83 -37.85
CA GLU B 288 -19.53 49.28 -37.78
C GLU B 288 -20.27 49.78 -36.54
N ARG B 289 -21.41 49.16 -36.22
CA ARG B 289 -22.19 49.56 -35.05
C ARG B 289 -21.37 49.39 -33.77
N THR B 290 -21.02 50.50 -33.13
CA THR B 290 -20.22 50.44 -31.92
C THR B 290 -21.05 49.90 -30.76
N SER B 291 -20.41 49.08 -29.91
CA SER B 291 -21.03 48.52 -28.73
C SER B 291 -20.19 48.87 -27.51
N GLN B 292 -20.80 49.56 -26.56
CA GLN B 292 -20.05 50.02 -25.39
C GLN B 292 -19.54 48.85 -24.56
N ASP B 293 -20.37 47.83 -24.37
CA ASP B 293 -20.01 46.71 -23.52
C ASP B 293 -18.95 45.83 -24.18
N SER B 294 -18.23 45.09 -23.36
CA SER B 294 -17.18 44.14 -23.75
C SER B 294 -15.93 44.82 -24.29
N ASN B 295 -15.80 46.14 -24.11
CA ASN B 295 -14.61 46.85 -24.57
C ASN B 295 -14.33 46.58 -26.03
N TYR B 296 -13.11 46.10 -26.35
CA TYR B 296 -12.69 45.92 -27.73
C TYR B 296 -12.84 47.22 -28.52
N GLY B 297 -12.44 48.32 -27.89
CA GLY B 297 -12.57 49.62 -28.52
C GLY B 297 -14.00 49.98 -28.86
N GLY B 298 -14.94 49.60 -28.00
CA GLY B 298 -16.34 49.86 -28.28
C GLY B 298 -16.84 49.21 -29.55
N LYS B 299 -16.24 48.10 -29.95
CA LYS B 299 -16.58 47.42 -31.19
C LYS B 299 -17.00 45.98 -30.89
N ILE B 300 -17.47 45.31 -31.93
CA ILE B 300 -17.93 43.92 -31.84
C ILE B 300 -16.85 43.04 -32.47
N PRO B 301 -16.65 41.81 -32.00
CA PRO B 301 -15.59 40.98 -32.61
C PRO B 301 -15.94 40.43 -33.98
N ILE B 302 -17.15 39.89 -34.16
CA ILE B 302 -17.54 39.25 -35.41
C ILE B 302 -16.54 38.15 -35.72
N VAL B 303 -16.33 37.24 -34.77
CA VAL B 303 -15.45 36.10 -35.01
C VAL B 303 -16.02 35.26 -36.14
N CYS B 304 -15.16 34.82 -37.05
CA CYS B 304 -15.55 34.03 -38.21
C CYS B 304 -14.85 32.68 -38.18
N PHE B 305 -15.61 31.61 -38.40
CA PHE B 305 -15.11 30.24 -38.36
C PHE B 305 -15.77 29.45 -39.48
N ALA B 306 -14.96 28.73 -40.25
CA ALA B 306 -15.44 27.91 -41.34
C ALA B 306 -14.74 26.56 -41.32
N GLN B 307 -15.51 25.50 -41.58
CA GLN B 307 -14.97 24.15 -41.60
C GLN B 307 -15.34 23.36 -42.85
N GLY B 308 -16.17 23.92 -43.74
CA GLY B 308 -16.60 23.23 -44.95
C GLY B 308 -15.94 23.81 -46.19
N GLY B 309 -15.51 22.91 -47.07
CA GLY B 309 -14.83 23.31 -48.29
C GLY B 309 -15.76 23.65 -49.43
N GLY B 310 -16.40 24.82 -49.37
CA GLY B 310 -17.31 25.28 -50.41
C GLY B 310 -16.79 26.51 -51.12
N ARG B 311 -17.12 26.64 -52.40
CA ARG B 311 -16.72 27.82 -53.15
C ARG B 311 -17.37 29.09 -52.60
N GLU B 312 -18.65 29.00 -52.24
CA GLU B 312 -19.33 30.15 -51.65
C GLU B 312 -18.66 30.55 -50.33
N THR B 313 -18.24 29.57 -49.54
CA THR B 313 -17.52 29.89 -48.32
C THR B 313 -16.21 30.60 -48.62
N LEU B 314 -15.53 30.20 -49.70
CA LEU B 314 -14.29 30.87 -50.09
C LEU B 314 -14.55 32.31 -50.51
N LYS B 315 -15.63 32.54 -51.26
CA LYS B 315 -15.98 33.92 -51.63
C LYS B 315 -16.30 34.75 -50.40
N ALA B 316 -17.04 34.17 -49.46
CA ALA B 316 -17.35 34.89 -48.22
C ALA B 316 -16.09 35.20 -47.43
N ILE B 317 -15.14 34.24 -47.40
CA ILE B 317 -13.88 34.47 -46.71
C ILE B 317 -13.11 35.60 -47.36
N ASN B 318 -13.07 35.62 -48.70
CA ASN B 318 -12.38 36.70 -49.39
C ASN B 318 -13.02 38.05 -49.07
N THR B 319 -14.34 38.11 -49.10
CA THR B 319 -15.03 39.36 -48.79
C THR B 319 -14.75 39.79 -47.35
N SER B 320 -14.76 38.85 -46.41
CA SER B 320 -14.55 39.18 -45.01
C SER B 320 -13.13 39.67 -44.77
N VAL B 321 -12.13 38.95 -45.29
CA VAL B 321 -10.75 39.38 -45.13
C VAL B 321 -10.53 40.72 -45.81
N LYS B 322 -11.28 40.99 -46.89
CA LYS B 322 -11.25 42.33 -47.47
C LYS B 322 -11.65 43.37 -46.43
N SER B 323 -12.55 43.00 -45.53
CA SER B 323 -12.96 43.86 -44.42
C SER B 323 -12.04 43.60 -43.23
N LYS B 324 -12.40 44.12 -42.06
CA LYS B 324 -11.64 43.89 -40.84
C LYS B 324 -12.06 42.62 -40.11
N ILE B 325 -12.97 41.84 -40.70
CA ILE B 325 -13.49 40.64 -40.04
C ILE B 325 -12.35 39.63 -39.89
N PRO B 326 -12.13 39.06 -38.70
CA PRO B 326 -11.12 38.00 -38.57
C PRO B 326 -11.72 36.61 -38.68
N CYS B 327 -11.04 35.74 -39.42
CA CYS B 327 -11.48 34.37 -39.62
C CYS B 327 -10.44 33.41 -39.02
N VAL B 328 -10.93 32.42 -38.28
CA VAL B 328 -10.09 31.40 -37.67
C VAL B 328 -10.63 30.05 -38.09
N VAL B 329 -9.75 29.18 -38.58
CA VAL B 329 -10.12 27.85 -39.07
C VAL B 329 -9.19 26.82 -38.43
N VAL B 330 -9.78 25.70 -38.02
CA VAL B 330 -9.01 24.59 -37.48
C VAL B 330 -8.71 23.61 -38.59
N GLU B 331 -7.58 22.91 -38.49
CA GLU B 331 -7.19 21.96 -39.53
C GLU B 331 -8.27 20.91 -39.73
N GLY B 332 -8.67 20.24 -38.65
CA GLY B 332 -9.76 19.27 -38.68
C GLY B 332 -9.78 18.40 -39.92
N SER B 333 -10.92 18.37 -40.60
CA SER B 333 -11.09 17.62 -41.85
C SER B 333 -11.94 18.48 -42.78
N GLY B 334 -11.28 19.29 -43.59
CA GLY B 334 -11.96 20.17 -44.52
C GLY B 334 -11.36 20.09 -45.91
N GLN B 335 -12.23 20.22 -46.91
CA GLN B 335 -11.77 20.14 -48.29
C GLN B 335 -10.80 21.27 -48.60
N ILE B 336 -11.14 22.50 -48.19
CA ILE B 336 -10.26 23.64 -48.38
C ILE B 336 -9.59 24.08 -47.09
N ALA B 337 -10.24 23.87 -45.93
CA ALA B 337 -9.63 24.29 -44.68
C ALA B 337 -8.27 23.65 -44.49
N ASP B 338 -8.14 22.36 -44.81
CA ASP B 338 -6.85 21.70 -44.72
C ASP B 338 -5.83 22.34 -45.66
N VAL B 339 -6.27 22.70 -46.87
CA VAL B 339 -5.35 23.29 -47.84
C VAL B 339 -4.83 24.63 -47.32
N ILE B 340 -5.73 25.48 -46.84
CA ILE B 340 -5.31 26.79 -46.37
C ILE B 340 -4.45 26.66 -45.12
N ALA B 341 -4.80 25.72 -44.23
CA ALA B 341 -4.00 25.49 -43.03
C ALA B 341 -2.58 25.06 -43.40
N SER B 342 -2.45 24.16 -44.36
CA SER B 342 -1.12 23.73 -44.81
C SER B 342 -0.37 24.88 -45.48
N LEU B 343 -1.09 25.75 -46.20
CA LEU B 343 -0.44 26.87 -46.86
C LEU B 343 0.23 27.79 -45.84
N VAL B 344 -0.44 28.07 -44.73
CA VAL B 344 0.12 28.90 -43.68
C VAL B 344 1.18 28.13 -42.90
N THR B 351 1.26 31.92 -56.05
CA THR B 351 1.45 31.71 -57.48
C THR B 351 0.56 30.58 -57.99
N SER B 352 0.43 30.49 -59.32
CA SER B 352 -0.40 29.45 -59.90
C SER B 352 0.14 28.07 -59.59
N SER B 353 1.46 27.89 -59.67
CA SER B 353 2.05 26.58 -59.41
C SER B 353 1.83 26.15 -57.97
N MET B 354 2.01 27.06 -57.02
CA MET B 354 1.83 26.72 -55.61
C MET B 354 0.40 26.27 -55.34
N VAL B 355 -0.59 26.98 -55.90
CA VAL B 355 -1.97 26.61 -55.70
C VAL B 355 -2.27 25.28 -56.40
N LYS B 356 -1.68 25.07 -57.57
CA LYS B 356 -1.87 23.80 -58.27
C LYS B 356 -1.37 22.63 -57.44
N GLU B 357 -0.19 22.78 -56.82
CA GLU B 357 0.32 21.74 -55.94
C GLU B 357 -0.61 21.56 -54.74
N LYS B 358 -1.10 22.65 -54.18
CA LYS B 358 -2.04 22.57 -53.06
C LYS B 358 -3.41 22.11 -53.55
N LEU B 359 -4.11 21.40 -52.68
CA LEU B 359 -5.46 20.89 -52.95
C LEU B 359 -5.47 19.82 -54.04
N VAL B 360 -4.30 19.41 -54.53
CA VAL B 360 -4.26 18.38 -55.57
C VAL B 360 -4.88 17.08 -55.05
N ARG B 361 -4.50 16.68 -53.84
CA ARG B 361 -5.09 15.51 -53.21
C ARG B 361 -6.25 15.85 -52.30
N PHE B 362 -6.31 17.07 -51.78
CA PHE B 362 -7.40 17.45 -50.89
C PHE B 362 -8.72 17.50 -51.64
N LEU B 363 -8.73 18.07 -52.85
CA LEU B 363 -9.95 18.27 -53.62
C LEU B 363 -9.76 17.75 -55.04
N PRO B 364 -9.68 16.43 -55.21
CA PRO B 364 -9.58 15.86 -56.56
C PRO B 364 -10.87 16.03 -57.35
N ARG B 365 -12.00 15.72 -56.72
CA ARG B 365 -13.28 15.85 -57.40
C ARG B 365 -13.56 17.31 -57.75
N THR B 366 -13.28 18.23 -56.83
CA THR B 366 -13.50 19.64 -57.11
C THR B 366 -12.63 20.12 -58.27
N VAL B 367 -11.36 19.70 -58.30
CA VAL B 367 -10.48 20.08 -59.39
C VAL B 367 -10.99 19.52 -60.71
N SER B 368 -11.40 18.26 -60.72
CA SER B 368 -11.88 17.65 -61.95
C SER B 368 -13.14 18.34 -62.46
N ARG B 369 -14.08 18.65 -61.56
CA ARG B 369 -15.32 19.28 -61.98
C ARG B 369 -15.11 20.74 -62.37
N LEU B 370 -14.22 21.43 -61.66
CA LEU B 370 -14.02 22.85 -61.92
C LEU B 370 -13.36 23.06 -63.28
N PRO B 371 -13.93 23.86 -64.18
CA PRO B 371 -13.26 24.15 -65.45
C PRO B 371 -12.04 25.04 -65.27
N GLU B 372 -11.39 25.39 -66.39
CA GLU B 372 -10.20 26.23 -66.31
C GLU B 372 -10.52 27.59 -65.71
N GLU B 373 -11.64 28.19 -66.11
CA GLU B 373 -12.05 29.46 -65.52
C GLU B 373 -12.27 29.32 -64.02
N GLU B 374 -12.89 28.22 -63.59
CA GLU B 374 -13.10 27.99 -62.17
C GLU B 374 -11.78 27.84 -61.43
N ILE B 375 -10.81 27.16 -62.06
CA ILE B 375 -9.50 26.99 -61.43
C ILE B 375 -8.80 28.34 -61.27
N GLU B 376 -8.87 29.18 -62.31
CA GLU B 376 -8.28 30.51 -62.22
C GLU B 376 -8.97 31.33 -61.14
N SER B 377 -10.30 31.22 -61.05
CA SER B 377 -11.02 31.93 -60.00
C SER B 377 -10.60 31.45 -58.61
N TRP B 378 -10.45 30.13 -58.45
CA TRP B 378 -9.96 29.58 -57.19
C TRP B 378 -8.59 30.18 -56.85
N ILE B 379 -7.69 30.20 -57.83
CA ILE B 379 -6.35 30.72 -57.58
C ILE B 379 -6.43 32.18 -57.16
N LYS B 380 -7.27 32.96 -57.85
CA LYS B 380 -7.40 34.38 -57.52
C LYS B 380 -7.95 34.57 -56.11
N TRP B 381 -9.01 33.84 -55.77
CA TRP B 381 -9.62 33.99 -54.45
C TRP B 381 -8.62 33.63 -53.36
N LEU B 382 -7.90 32.52 -53.54
CA LEU B 382 -6.96 32.09 -52.50
C LEU B 382 -5.78 33.04 -52.39
N LYS B 383 -5.32 33.59 -53.52
CA LYS B 383 -4.25 34.58 -53.47
C LYS B 383 -4.71 35.82 -52.72
N GLU B 384 -5.94 36.26 -52.96
CA GLU B 384 -6.47 37.41 -52.23
C GLU B 384 -6.58 37.10 -50.73
N ILE B 385 -7.03 35.89 -50.39
CA ILE B 385 -7.22 35.54 -48.99
C ILE B 385 -5.89 35.50 -48.26
N LEU B 386 -4.88 34.86 -48.87
CA LEU B 386 -3.58 34.73 -48.22
C LEU B 386 -2.86 36.06 -48.08
N GLU B 387 -3.30 37.10 -48.79
CA GLU B 387 -2.63 38.39 -48.73
C GLU B 387 -2.54 38.89 -47.29
N SER B 388 -3.58 38.67 -46.50
CA SER B 388 -3.65 39.15 -45.12
C SER B 388 -3.49 37.98 -44.18
N SER B 389 -2.45 38.02 -43.34
CA SER B 389 -2.22 37.00 -42.33
C SER B 389 -2.79 37.37 -40.97
N HIS B 390 -2.95 38.66 -40.69
CA HIS B 390 -3.52 39.08 -39.41
C HIS B 390 -4.96 38.60 -39.27
N LEU B 391 -5.74 38.68 -40.34
CA LEU B 391 -7.14 38.29 -40.31
C LEU B 391 -7.34 36.78 -40.47
N LEU B 392 -6.28 36.03 -40.71
CA LEU B 392 -6.36 34.57 -40.87
C LEU B 392 -5.70 33.89 -39.69
N THR B 393 -6.44 32.98 -39.06
CA THR B 393 -5.96 32.20 -37.93
C THR B 393 -6.07 30.72 -38.28
N VAL B 394 -5.00 29.97 -37.97
CA VAL B 394 -4.94 28.54 -38.26
C VAL B 394 -4.75 27.81 -36.93
N ILE B 395 -5.59 26.81 -36.68
CA ILE B 395 -5.53 26.00 -35.48
C ILE B 395 -5.20 24.58 -35.88
N LYS B 396 -4.11 24.04 -35.33
CA LYS B 396 -3.70 22.67 -35.63
C LYS B 396 -4.59 21.68 -34.88
N MET B 397 -4.95 20.60 -35.57
CA MET B 397 -5.78 19.56 -34.98
C MET B 397 -4.99 18.59 -34.12
N GLU B 398 -3.65 18.63 -34.17
CA GLU B 398 -2.84 17.73 -33.38
C GLU B 398 -2.81 18.12 -31.90
N GLU B 399 -2.88 19.43 -31.61
CA GLU B 399 -2.82 19.89 -30.23
C GLU B 399 -4.00 19.32 -29.44
N ALA B 400 -3.71 18.80 -28.25
CA ALA B 400 -4.73 18.24 -27.37
C ALA B 400 -4.99 19.13 -26.15
N GLY B 401 -4.56 20.38 -26.20
CA GLY B 401 -4.77 21.26 -25.06
C GLY B 401 -6.23 21.51 -24.80
N ASP B 402 -6.56 21.76 -23.53
CA ASP B 402 -7.92 22.03 -23.13
C ASP B 402 -8.26 23.50 -23.32
N GLU B 403 -9.50 23.76 -23.74
CA GLU B 403 -10.00 25.12 -23.94
C GLU B 403 -9.26 25.84 -25.06
N ILE B 404 -8.65 25.08 -25.98
CA ILE B 404 -7.97 25.68 -27.11
C ILE B 404 -8.93 26.39 -28.04
N VAL B 405 -10.20 25.98 -28.04
CA VAL B 405 -11.19 26.60 -28.92
C VAL B 405 -11.31 28.08 -28.61
N SER B 406 -11.38 28.44 -27.33
CA SER B 406 -11.44 29.84 -26.94
C SER B 406 -10.08 30.53 -27.05
N ASN B 407 -9.00 29.79 -26.79
CA ASN B 407 -7.67 30.39 -26.84
C ASN B 407 -7.34 30.88 -28.25
N ALA B 408 -7.65 30.07 -29.26
CA ALA B 408 -7.37 30.47 -30.64
C ALA B 408 -8.17 31.71 -31.01
N ILE B 409 -9.45 31.75 -30.63
CA ILE B 409 -10.28 32.91 -30.92
C ILE B 409 -9.71 34.15 -30.24
N SER B 410 -9.28 34.00 -28.99
CA SER B 410 -8.73 35.14 -28.26
C SER B 410 -7.47 35.65 -28.94
N TYR B 411 -6.59 34.75 -29.37
CA TYR B 411 -5.36 35.17 -30.04
C TYR B 411 -5.68 35.91 -31.34
N ALA B 412 -6.63 35.38 -32.12
CA ALA B 412 -6.98 36.04 -33.37
C ALA B 412 -7.57 37.42 -33.12
N LEU B 413 -8.46 37.54 -32.13
CA LEU B 413 -9.05 38.84 -31.82
C LEU B 413 -7.98 39.82 -31.36
N TYR B 414 -7.02 39.36 -30.57
CA TYR B 414 -5.93 40.23 -30.12
C TYR B 414 -5.10 40.69 -31.31
N LYS B 415 -4.83 39.79 -32.25
CA LYS B 415 -4.06 40.18 -33.43
C LYS B 415 -4.82 41.23 -34.24
N ALA B 416 -6.13 41.05 -34.41
CA ALA B 416 -6.90 42.05 -35.14
C ALA B 416 -6.89 43.39 -34.41
N PHE B 417 -7.05 43.36 -33.08
CA PHE B 417 -7.06 44.60 -32.32
C PHE B 417 -5.73 45.32 -32.43
N SER B 418 -4.62 44.57 -32.36
CA SER B 418 -3.31 45.16 -32.58
C SER B 418 -3.20 45.74 -33.98
N THR B 419 -3.74 45.04 -34.97
CA THR B 419 -3.75 45.57 -36.33
C THR B 419 -4.56 46.86 -36.44
N ASN B 420 -5.59 47.01 -35.61
CA ASN B 420 -6.43 48.20 -35.69
C ASN B 420 -5.61 49.48 -35.51
N GLU B 421 -4.76 49.51 -34.48
CA GLU B 421 -3.81 50.59 -34.21
C GLU B 421 -4.49 51.85 -33.66
N GLN B 422 -5.81 51.87 -33.53
CA GLN B 422 -6.49 53.03 -32.97
C GLN B 422 -6.43 53.02 -31.45
N ASP B 423 -6.93 51.96 -30.83
CA ASP B 423 -6.84 51.78 -29.38
C ASP B 423 -5.59 51.03 -28.96
N LYS B 424 -4.76 50.60 -29.91
CA LYS B 424 -3.53 49.89 -29.55
C LYS B 424 -2.58 50.79 -28.76
N ASP B 425 -2.66 52.10 -28.98
CA ASP B 425 -1.82 53.03 -28.21
C ASP B 425 -2.12 52.93 -26.72
N ASN B 426 -3.40 52.83 -26.36
CA ASN B 426 -3.80 52.69 -24.97
C ASN B 426 -3.58 51.26 -24.53
N TRP B 427 -2.55 51.04 -23.70
CA TRP B 427 -2.27 49.69 -23.22
C TRP B 427 -3.43 49.15 -22.40
N ASN B 428 -4.03 50.00 -21.56
CA ASN B 428 -5.14 49.55 -20.73
C ASN B 428 -6.28 49.04 -21.58
N GLY B 429 -6.55 49.69 -22.71
CA GLY B 429 -7.68 49.29 -23.54
C GLY B 429 -7.53 47.86 -24.06
N GLN B 430 -6.36 47.54 -24.60
CA GLN B 430 -6.11 46.18 -25.07
C GLN B 430 -6.06 45.21 -23.89
N LEU B 431 -5.56 45.67 -22.74
CA LEU B 431 -5.54 44.81 -21.57
C LEU B 431 -6.96 44.41 -21.17
N LYS B 432 -7.92 45.33 -21.28
CA LYS B 432 -9.30 45.00 -20.92
C LYS B 432 -9.82 43.86 -21.80
N LEU B 433 -9.66 43.99 -23.11
CA LEU B 433 -10.12 42.95 -24.02
C LEU B 433 -9.39 41.64 -23.77
N LEU B 434 -8.08 41.71 -23.53
CA LEU B 434 -7.32 40.49 -23.28
C LEU B 434 -7.78 39.81 -21.99
N LEU B 435 -8.03 40.61 -20.95
CA LEU B 435 -8.40 40.07 -19.65
C LEU B 435 -9.80 39.47 -19.67
N GLU B 436 -10.73 40.10 -20.37
CA GLU B 436 -12.10 39.60 -20.38
C GLU B 436 -12.15 38.15 -20.89
N TRP B 437 -11.15 37.75 -21.68
CA TRP B 437 -11.07 36.40 -22.19
C TRP B 437 -10.12 35.55 -21.35
N ASN B 438 -10.13 34.25 -21.62
CA ASN B 438 -9.36 33.30 -20.82
C ASN B 438 -7.87 33.56 -20.92
N GLN B 439 -7.38 33.86 -22.13
CA GLN B 439 -5.94 33.90 -22.37
C GLN B 439 -5.25 34.85 -21.39
N LEU B 440 -4.22 34.34 -20.72
CA LEU B 440 -3.43 35.14 -19.79
C LEU B 440 -1.94 34.96 -20.04
N ASP B 441 -1.53 33.79 -20.51
CA ASP B 441 -0.12 33.51 -20.73
C ASP B 441 0.47 34.47 -21.77
N LEU B 442 -0.17 34.55 -22.94
CA LEU B 442 0.30 35.47 -23.96
C LEU B 442 0.06 36.91 -23.54
N ALA B 443 -0.98 37.16 -22.74
CA ALA B 443 -1.25 38.51 -22.27
C ALA B 443 -0.10 39.05 -21.45
N SER B 444 0.50 38.20 -20.61
CA SER B 444 1.62 38.65 -19.78
C SER B 444 2.77 39.14 -20.63
N ASP B 445 3.12 38.38 -21.67
CA ASP B 445 4.22 38.79 -22.54
C ASP B 445 3.84 40.04 -23.34
N GLU B 446 2.58 40.13 -23.78
CA GLU B 446 2.19 41.23 -24.65
C GLU B 446 2.33 42.57 -23.95
N ILE B 447 1.75 42.72 -22.77
CA ILE B 447 1.71 44.00 -22.08
C ILE B 447 2.34 43.88 -20.70
N PHE B 448 1.97 42.85 -19.94
CA PHE B 448 2.48 42.72 -18.59
C PHE B 448 4.00 42.64 -18.56
N THR B 449 4.60 42.08 -19.61
CA THR B 449 6.06 42.12 -19.72
C THR B 449 6.55 43.55 -19.82
N ASN B 450 6.00 44.32 -20.76
CA ASN B 450 6.26 45.75 -20.88
C ASN B 450 7.75 46.06 -20.73
N ASP B 451 8.14 46.54 -19.56
CA ASP B 451 9.51 46.91 -19.17
C ASP B 451 9.89 48.29 -19.72
N ARG B 452 9.09 48.89 -20.59
CA ARG B 452 9.41 50.22 -21.10
C ARG B 452 9.23 51.27 -20.02
N ARG B 453 8.00 51.39 -19.50
CA ARG B 453 7.74 52.30 -18.38
C ARG B 453 6.38 51.92 -17.80
N TRP B 454 6.38 51.21 -16.68
CA TRP B 454 5.14 50.83 -16.03
C TRP B 454 4.68 51.93 -15.09
N GLU B 455 3.41 52.33 -15.23
CA GLU B 455 2.85 53.35 -14.35
C GLU B 455 2.72 52.82 -12.93
N SER B 456 2.97 53.70 -11.96
CA SER B 456 2.85 53.29 -10.56
C SER B 456 1.43 52.85 -10.23
N ALA B 457 0.44 53.61 -10.70
CA ALA B 457 -0.95 53.20 -10.51
C ALA B 457 -1.24 51.91 -11.25
N ASP B 458 -0.67 51.74 -12.45
CA ASP B 458 -0.85 50.55 -13.27
C ASP B 458 -2.36 50.33 -13.45
N LEU B 459 -2.90 49.15 -13.15
CA LEU B 459 -4.31 48.85 -13.35
C LEU B 459 -5.09 49.38 -12.15
N GLN B 460 -5.29 50.70 -12.13
CA GLN B 460 -6.07 51.32 -11.05
C GLN B 460 -7.50 50.77 -11.05
N GLU B 461 -8.10 50.65 -12.24
CA GLU B 461 -9.42 50.07 -12.39
C GLU B 461 -9.41 48.68 -13.02
N VAL B 462 -8.37 48.36 -13.80
CA VAL B 462 -8.30 47.04 -14.42
C VAL B 462 -8.22 45.96 -13.35
N MET B 463 -7.40 46.17 -12.33
CA MET B 463 -7.33 45.20 -11.23
C MET B 463 -8.64 45.14 -10.46
N PHE B 464 -9.29 46.29 -10.27
CA PHE B 464 -10.60 46.29 -9.61
C PHE B 464 -11.62 45.48 -10.40
N THR B 465 -11.62 45.64 -11.73
CA THR B 465 -12.51 44.85 -12.57
C THR B 465 -12.15 43.37 -12.50
N ALA B 466 -10.86 43.06 -12.46
CA ALA B 466 -10.43 41.66 -12.34
C ALA B 466 -10.97 41.04 -11.06
N LEU B 467 -10.88 41.78 -9.94
CA LEU B 467 -11.46 41.28 -8.69
C LEU B 467 -12.97 41.13 -8.82
N ILE B 468 -13.63 42.12 -9.42
CA ILE B 468 -15.06 42.02 -9.67
C ILE B 468 -15.34 40.88 -10.65
N LYS B 469 -14.56 40.80 -11.72
CA LYS B 469 -14.72 39.71 -12.68
C LYS B 469 -14.33 38.37 -12.07
N ASP B 470 -13.56 38.38 -10.98
CA ASP B 470 -13.17 37.15 -10.29
C ASP B 470 -12.26 36.30 -11.17
N ARG B 471 -11.27 36.94 -11.78
CA ARG B 471 -10.33 36.22 -12.65
C ARG B 471 -9.33 35.46 -11.81
N PRO B 472 -9.26 34.13 -11.92
CA PRO B 472 -8.27 33.38 -11.15
C PRO B 472 -6.95 33.24 -11.89
N LYS B 473 -5.87 33.22 -11.10
CA LYS B 473 -4.52 33.09 -11.60
C LYS B 473 -4.11 34.26 -12.49
N PHE B 474 -4.83 35.37 -12.41
CA PHE B 474 -4.51 36.57 -13.18
C PHE B 474 -4.19 37.75 -12.29
N VAL B 475 -4.92 37.93 -11.18
CA VAL B 475 -4.55 38.94 -10.21
C VAL B 475 -3.17 38.63 -9.65
N ARG B 476 -2.78 37.36 -9.67
CA ARG B 476 -1.43 36.99 -9.23
C ARG B 476 -0.38 37.79 -9.97
N LEU B 477 -0.59 38.04 -11.26
CA LEU B 477 0.38 38.83 -12.02
C LEU B 477 0.34 40.29 -11.61
N PHE B 478 -0.85 40.83 -11.33
CA PHE B 478 -0.95 42.19 -10.83
C PHE B 478 -0.15 42.34 -9.53
N LEU B 479 -0.22 41.33 -8.67
CA LEU B 479 0.54 41.38 -7.42
C LEU B 479 2.03 41.19 -7.68
N GLU B 480 2.39 40.31 -8.62
CA GLU B 480 3.80 40.11 -8.95
C GLU B 480 4.43 41.40 -9.43
N ASN B 481 3.81 42.07 -10.39
CA ASN B 481 4.22 43.42 -10.73
C ASN B 481 4.03 44.34 -9.54
N GLY B 482 2.93 44.18 -8.82
CA GLY B 482 2.75 44.82 -7.53
C GLY B 482 1.96 46.11 -7.56
N LEU B 483 1.17 46.33 -6.52
CA LEU B 483 0.45 47.57 -6.32
C LEU B 483 0.17 47.71 -4.83
N ASN B 484 0.06 48.96 -4.38
CA ASN B 484 -0.18 49.22 -2.96
C ASN B 484 -1.54 48.66 -2.56
N LEU B 485 -1.54 47.55 -1.82
CA LEU B 485 -2.79 46.91 -1.45
C LEU B 485 -3.65 47.85 -0.61
N GLN B 486 -3.03 48.53 0.37
CA GLN B 486 -3.77 49.50 1.17
C GLN B 486 -4.21 50.68 0.30
N LYS B 487 -3.30 51.23 -0.50
CA LYS B 487 -3.67 52.33 -1.38
C LYS B 487 -4.68 51.90 -2.43
N PHE B 488 -4.51 50.69 -2.99
CA PHE B 488 -5.45 50.21 -3.99
C PHE B 488 -6.86 50.07 -3.41
N LEU B 489 -6.96 49.52 -2.20
CA LEU B 489 -8.25 49.29 -1.56
C LEU B 489 -8.60 50.51 -0.72
N THR B 490 -9.08 51.56 -1.40
CA THR B 490 -9.51 52.76 -0.73
C THR B 490 -10.80 52.50 0.05
N ASN B 491 -11.07 53.36 1.02
CA ASN B 491 -12.27 53.19 1.84
C ASN B 491 -13.54 53.22 0.98
N GLU B 492 -13.61 54.17 0.05
CA GLU B 492 -14.77 54.23 -0.85
C GLU B 492 -14.84 52.99 -1.73
N VAL B 493 -13.69 52.56 -2.26
CA VAL B 493 -13.67 51.38 -3.12
C VAL B 493 -14.07 50.14 -2.32
N LEU B 494 -13.54 50.02 -1.10
CA LEU B 494 -13.90 48.88 -0.27
C LEU B 494 -15.39 48.88 0.06
N THR B 495 -15.95 50.04 0.38
CA THR B 495 -17.38 50.13 0.66
C THR B 495 -18.20 49.75 -0.57
N GLU B 496 -17.79 50.22 -1.75
CA GLU B 496 -18.50 49.87 -2.97
C GLU B 496 -18.45 48.37 -3.21
N LEU B 497 -17.29 47.75 -3.00
CA LEU B 497 -17.18 46.30 -3.17
C LEU B 497 -18.08 45.58 -2.18
N PHE B 498 -18.12 46.04 -0.93
CA PHE B 498 -18.95 45.40 0.08
C PHE B 498 -20.43 45.68 -0.12
N SER B 499 -20.78 46.66 -0.95
CA SER B 499 -22.17 47.01 -1.20
C SER B 499 -22.63 46.65 -2.60
N THR B 500 -21.88 47.08 -3.63
CA THR B 500 -22.30 46.85 -5.01
C THR B 500 -21.98 45.43 -5.45
N HIS B 501 -20.70 45.05 -5.42
CA HIS B 501 -20.27 43.74 -5.90
C HIS B 501 -20.52 42.63 -4.88
N PHE B 502 -20.82 42.96 -3.63
CA PHE B 502 -21.07 41.93 -2.63
C PHE B 502 -22.30 41.11 -2.99
N SER B 503 -23.31 41.73 -3.59
CA SER B 503 -24.55 41.06 -3.95
C SER B 503 -25.39 40.78 -2.71
N THR B 504 -26.48 40.04 -2.87
CA THR B 504 -27.40 39.76 -1.78
C THR B 504 -27.72 38.28 -1.59
N LEU B 505 -27.24 37.39 -2.46
CA LEU B 505 -27.58 35.98 -2.35
C LEU B 505 -27.08 35.41 -1.02
N VAL B 506 -25.83 35.66 -0.68
CA VAL B 506 -25.26 35.15 0.56
C VAL B 506 -25.36 36.17 1.69
N TYR B 507 -25.46 37.47 1.36
CA TYR B 507 -25.49 38.50 2.39
C TYR B 507 -26.69 38.34 3.30
N ARG B 508 -27.87 38.09 2.72
CA ARG B 508 -29.08 37.97 3.52
C ARG B 508 -28.99 36.78 4.47
N ASN B 509 -28.56 35.63 3.96
CA ASN B 509 -28.43 34.44 4.80
C ASN B 509 -27.40 34.67 5.89
N LEU B 510 -26.26 35.27 5.55
CA LEU B 510 -25.23 35.53 6.54
C LEU B 510 -25.74 36.45 7.65
N GLN B 511 -26.43 37.52 7.27
CA GLN B 511 -26.95 38.43 8.28
C GLN B 511 -27.98 37.75 9.16
N ILE B 512 -28.88 36.96 8.56
CA ILE B 512 -29.91 36.28 9.34
C ILE B 512 -29.26 35.32 10.34
N ALA B 513 -28.27 34.54 9.89
CA ALA B 513 -27.64 33.59 10.78
C ALA B 513 -26.82 34.29 11.86
N LYS B 514 -26.14 35.38 11.51
CA LYS B 514 -25.30 36.09 12.47
C LYS B 514 -26.13 36.88 13.48
N ASN B 515 -27.39 37.17 13.16
CA ASN B 515 -28.26 37.80 14.15
C ASN B 515 -28.27 36.99 15.45
N SER B 516 -28.32 35.67 15.33
CA SER B 516 -28.24 34.77 16.48
C SER B 516 -27.47 33.52 16.01
N TYR B 517 -26.15 33.53 16.21
CA TYR B 517 -25.30 32.43 15.80
C TYR B 517 -24.48 31.85 16.94
N ASN B 518 -24.58 32.41 18.15
CA ASN B 518 -23.84 31.91 19.31
C ASN B 518 -22.33 31.95 19.08
N ASP B 519 -21.86 32.94 18.33
CA ASP B 519 -20.43 33.09 18.05
C ASP B 519 -20.08 34.56 18.11
N ALA B 520 -19.10 34.90 18.95
CA ALA B 520 -18.64 36.29 19.02
C ALA B 520 -17.99 36.73 17.71
N LEU B 521 -17.27 35.81 17.06
CA LEU B 521 -16.66 36.14 15.77
C LEU B 521 -17.73 36.48 14.74
N LEU B 522 -18.84 35.74 14.75
CA LEU B 522 -19.94 36.06 13.84
C LEU B 522 -20.50 37.45 14.11
N THR B 523 -20.64 37.81 15.39
CA THR B 523 -21.12 39.14 15.74
C THR B 523 -20.15 40.22 15.25
N PHE B 524 -18.85 39.99 15.43
CA PHE B 524 -17.86 40.96 14.97
C PHE B 524 -17.91 41.10 13.45
N VAL B 525 -18.05 39.98 12.73
CA VAL B 525 -18.13 40.02 11.28
C VAL B 525 -19.38 40.79 10.84
N TRP B 526 -20.51 40.54 11.51
CA TRP B 526 -21.73 41.26 11.19
C TRP B 526 -21.56 42.76 11.42
N LYS B 527 -20.94 43.14 12.54
CA LYS B 527 -20.71 44.55 12.81
C LYS B 527 -19.81 45.18 11.76
N LEU B 528 -18.76 44.48 11.36
CA LEU B 528 -17.87 45.01 10.33
C LEU B 528 -18.60 45.17 9.00
N VAL B 529 -19.43 44.19 8.65
CA VAL B 529 -20.18 44.27 7.40
C VAL B 529 -21.15 45.46 7.45
N ALA B 530 -21.84 45.64 8.58
CA ALA B 530 -22.76 46.76 8.71
C ALA B 530 -22.02 48.09 8.61
N ASN B 531 -20.84 48.18 9.24
CA ASN B 531 -20.07 49.42 9.16
C ASN B 531 -19.65 49.69 7.73
N PHE B 532 -19.20 48.66 7.01
CA PHE B 532 -18.83 48.85 5.60
C PHE B 532 -20.02 49.31 4.77
N ARG B 533 -21.19 48.68 4.97
CA ARG B 533 -22.37 49.07 4.21
C ARG B 533 -22.93 50.39 4.71
N ARG B 534 -22.98 50.59 6.03
CA ARG B 534 -23.52 51.82 6.58
C ARG B 534 -22.62 53.01 6.29
N SER B 535 -21.31 52.79 6.23
CA SER B 535 -20.39 53.90 5.98
C SER B 535 -20.67 54.56 4.64
N PHE B 536 -20.91 53.77 3.60
CA PHE B 536 -21.19 54.30 2.28
C PHE B 536 -20.02 55.14 1.77
N THR B 558 -5.19 48.58 14.77
CA THR B 558 -5.30 49.54 13.67
C THR B 558 -6.57 49.28 12.86
N ARG B 559 -6.65 49.91 11.68
CA ARG B 559 -7.85 49.77 10.86
C ARG B 559 -8.04 48.33 10.39
N HIS B 560 -6.96 47.69 9.95
CA HIS B 560 -7.02 46.31 9.48
C HIS B 560 -7.95 46.20 8.27
N PRO B 561 -7.67 46.91 7.18
CA PRO B 561 -8.53 46.78 6.00
C PRO B 561 -8.33 45.48 5.24
N LEU B 562 -7.08 45.00 5.15
CA LEU B 562 -6.83 43.76 4.44
C LEU B 562 -7.61 42.61 5.07
N GLN B 563 -7.90 42.70 6.36
CA GLN B 563 -8.76 41.70 6.98
C GLN B 563 -10.15 41.71 6.36
N ALA B 564 -10.71 42.91 6.15
CA ALA B 564 -12.01 43.01 5.51
C ALA B 564 -11.97 42.49 4.08
N LEU B 565 -10.90 42.82 3.35
CA LEU B 565 -10.78 42.33 1.98
C LEU B 565 -10.71 40.81 1.96
N PHE B 566 -9.93 40.22 2.87
CA PHE B 566 -9.81 38.76 2.93
C PHE B 566 -11.13 38.12 3.30
N ILE B 567 -11.87 38.72 4.24
CA ILE B 567 -13.17 38.18 4.60
C ILE B 567 -14.08 38.18 3.37
N TRP B 568 -14.11 39.29 2.64
CA TRP B 568 -14.90 39.35 1.42
C TRP B 568 -14.50 38.23 0.47
N ALA B 569 -13.21 38.07 0.25
CA ALA B 569 -12.75 37.02 -0.66
C ALA B 569 -13.22 35.65 -0.21
N ILE B 570 -13.14 35.38 1.09
CA ILE B 570 -13.51 34.06 1.60
C ILE B 570 -15.00 33.81 1.46
N LEU B 571 -15.82 34.86 1.64
CA LEU B 571 -17.26 34.64 1.79
C LEU B 571 -17.86 34.00 0.55
N GLN B 572 -17.44 34.39 -0.65
CA GLN B 572 -18.05 33.91 -1.88
C GLN B 572 -17.34 32.67 -2.44
N ASN B 573 -16.57 31.97 -1.62
CA ASN B 573 -16.00 30.67 -2.02
C ASN B 573 -15.08 30.81 -3.23
N LYS B 574 -14.14 31.73 -3.14
CA LYS B 574 -13.10 31.92 -4.15
C LYS B 574 -11.79 31.42 -3.55
N LYS B 575 -11.54 30.12 -3.69
CA LYS B 575 -10.41 29.52 -2.98
C LYS B 575 -9.07 30.09 -3.45
N GLU B 576 -8.88 30.24 -4.76
CA GLU B 576 -7.61 30.73 -5.26
C GLU B 576 -7.42 32.21 -4.93
N LEU B 577 -8.45 33.02 -5.18
CA LEU B 577 -8.37 34.43 -4.84
C LEU B 577 -8.15 34.62 -3.35
N SER B 578 -8.91 33.88 -2.53
CA SER B 578 -8.76 33.99 -1.09
C SER B 578 -7.35 33.59 -0.66
N LYS B 579 -6.83 32.51 -1.25
CA LYS B 579 -5.49 32.05 -0.89
C LYS B 579 -4.45 33.10 -1.24
N VAL B 580 -4.56 33.71 -2.42
CA VAL B 580 -3.59 34.72 -2.81
C VAL B 580 -3.67 35.91 -1.86
N ILE B 581 -4.88 36.37 -1.57
CA ILE B 581 -5.04 37.53 -0.69
C ILE B 581 -4.47 37.23 0.69
N TRP B 582 -4.75 36.04 1.22
CA TRP B 582 -4.17 35.64 2.49
C TRP B 582 -2.65 35.63 2.42
N GLU B 583 -2.10 35.12 1.33
CA GLU B 583 -0.65 35.07 1.18
C GLU B 583 -0.06 36.48 1.21
N GLN B 584 -0.80 37.45 0.67
CA GLN B 584 -0.32 38.83 0.69
C GLN B 584 -0.41 39.43 2.10
N THR B 585 -1.45 39.08 2.86
CA THR B 585 -1.64 39.64 4.18
C THR B 585 -0.53 39.21 5.12
N LYS B 586 -0.17 40.10 6.04
CA LYS B 586 0.93 39.83 6.96
C LYS B 586 0.55 38.80 8.00
N GLY B 587 -0.62 38.96 8.63
CA GLY B 587 -1.04 38.08 9.69
C GLY B 587 -1.52 36.73 9.17
N CYS B 588 -0.60 35.94 8.63
CA CYS B 588 -0.99 34.72 7.93
C CYS B 588 -1.62 33.70 8.86
N THR B 589 -0.95 33.39 9.98
CA THR B 589 -1.40 32.28 10.81
C THR B 589 -2.74 32.58 11.47
N LEU B 590 -2.86 33.74 12.11
CA LEU B 590 -4.10 34.08 12.79
C LEU B 590 -5.23 34.28 11.79
N ALA B 591 -4.92 34.89 10.64
CA ALA B 591 -5.92 35.05 9.59
C ALA B 591 -6.45 33.70 9.14
N ALA B 592 -5.55 32.74 8.90
CA ALA B 592 -5.99 31.42 8.46
C ALA B 592 -6.82 30.73 9.53
N LEU B 593 -6.38 30.82 10.79
CA LEU B 593 -7.14 30.18 11.88
C LEU B 593 -8.55 30.73 11.94
N GLY B 594 -8.69 32.06 11.98
CA GLY B 594 -10.01 32.65 12.09
C GLY B 594 -10.86 32.40 10.86
N ALA B 595 -10.24 32.40 9.67
CA ALA B 595 -11.00 32.11 8.45
C ALA B 595 -11.54 30.69 8.48
N SER B 596 -10.72 29.73 8.89
CA SER B 596 -11.20 28.35 9.00
C SER B 596 -12.32 28.26 10.02
N LYS B 597 -12.17 28.95 11.16
CA LYS B 597 -13.22 28.93 12.17
C LYS B 597 -14.53 29.46 11.60
N LEU B 598 -14.49 30.62 10.95
CA LEU B 598 -15.70 31.21 10.41
C LEU B 598 -16.32 30.34 9.33
N LEU B 599 -15.49 29.76 8.46
CA LEU B 599 -16.01 28.90 7.40
C LEU B 599 -16.71 27.69 7.99
N LYS B 600 -16.07 27.03 8.96
CA LYS B 600 -16.70 25.88 9.60
C LYS B 600 -17.96 26.27 10.34
N THR B 601 -17.99 27.47 10.91
CA THR B 601 -19.16 27.92 11.66
C THR B 601 -20.35 28.16 10.76
N LEU B 602 -20.13 28.86 9.64
CA LEU B 602 -21.22 29.29 8.76
C LEU B 602 -21.50 28.28 7.65
N ALA B 603 -20.72 27.21 7.53
CA ALA B 603 -20.86 26.32 6.39
C ALA B 603 -22.23 25.65 6.36
N LYS B 604 -22.73 25.19 7.49
CA LYS B 604 -23.89 24.31 7.51
C LYS B 604 -25.21 25.05 7.65
N VAL B 605 -25.21 26.38 7.81
CA VAL B 605 -26.47 27.10 7.85
C VAL B 605 -27.25 26.88 6.57
N LYS B 606 -26.58 26.98 5.42
CA LYS B 606 -27.20 26.62 4.16
C LYS B 606 -27.44 25.12 4.10
N ASN B 607 -28.60 24.73 3.57
CA ASN B 607 -28.97 23.32 3.48
C ASN B 607 -28.52 22.67 2.18
N ASP B 608 -27.82 23.39 1.32
CA ASP B 608 -27.40 22.83 0.05
C ASP B 608 -26.35 21.74 0.25
N ILE B 609 -26.49 20.66 -0.53
CA ILE B 609 -25.49 19.59 -0.50
C ILE B 609 -24.26 19.91 -1.32
N ASN B 610 -24.31 20.94 -2.16
CA ASN B 610 -23.17 21.37 -2.93
C ASN B 610 -22.37 22.46 -2.22
N ALA B 611 -23.07 23.46 -1.66
CA ALA B 611 -22.38 24.51 -0.91
C ALA B 611 -21.69 23.95 0.32
N ALA B 612 -22.34 23.00 1.01
CA ALA B 612 -21.75 22.43 2.21
C ALA B 612 -20.43 21.73 1.89
N GLY B 613 -20.39 20.98 0.79
CA GLY B 613 -19.16 20.28 0.44
C GLY B 613 -18.01 21.24 0.16
N GLU B 614 -18.27 22.29 -0.62
CA GLU B 614 -17.23 23.27 -0.92
C GLU B 614 -16.77 23.98 0.35
N SER B 615 -17.72 24.36 1.21
CA SER B 615 -17.37 25.03 2.45
C SER B 615 -16.48 24.14 3.32
N GLU B 616 -16.87 22.87 3.47
CA GLU B 616 -16.07 21.95 4.28
C GLU B 616 -14.69 21.75 3.68
N GLU B 617 -14.61 21.59 2.35
CA GLU B 617 -13.32 21.39 1.71
C GLU B 617 -12.42 22.60 1.94
N LEU B 618 -12.94 23.80 1.75
CA LEU B 618 -12.13 25.00 1.94
C LEU B 618 -11.70 25.16 3.38
N ALA B 619 -12.62 24.90 4.33
CA ALA B 619 -12.28 25.03 5.74
C ALA B 619 -11.18 24.06 6.13
N ASN B 620 -11.32 22.79 5.71
CA ASN B 620 -10.30 21.80 6.02
C ASN B 620 -8.97 22.17 5.39
N GLU B 621 -9.00 22.63 4.13
CA GLU B 621 -7.77 23.01 3.45
C GLU B 621 -7.05 24.12 4.20
N TYR B 622 -7.79 25.17 4.59
CA TYR B 622 -7.17 26.28 5.30
C TYR B 622 -6.67 25.85 6.68
N GLU B 623 -7.43 25.00 7.38
CA GLU B 623 -7.00 24.54 8.70
C GLU B 623 -5.69 23.77 8.59
N THR B 624 -5.64 22.78 7.69
CA THR B 624 -4.41 22.03 7.49
C THR B 624 -3.28 22.92 7.01
N ARG B 625 -3.60 23.93 6.19
CA ARG B 625 -2.58 24.86 5.72
C ARG B 625 -1.94 25.60 6.88
N ALA B 626 -2.76 26.13 7.79
CA ALA B 626 -2.21 26.83 8.95
C ALA B 626 -1.43 25.88 9.84
N VAL B 627 -1.93 24.65 10.02
CA VAL B 627 -1.24 23.69 10.85
C VAL B 627 0.14 23.40 10.29
N GLU B 628 0.24 23.20 8.97
CA GLU B 628 1.52 22.88 8.36
C GLU B 628 2.44 24.10 8.36
N LEU B 629 1.87 25.30 8.24
CA LEU B 629 2.67 26.52 8.34
C LEU B 629 3.32 26.62 9.72
N PHE B 630 2.57 26.33 10.78
CA PHE B 630 3.11 26.56 12.11
C PHE B 630 4.28 25.64 12.44
N THR B 631 4.42 24.53 11.72
CA THR B 631 5.49 23.58 12.04
C THR B 631 6.87 24.20 11.84
N GLU B 632 7.08 24.84 10.67
CA GLU B 632 8.37 25.44 10.39
C GLU B 632 8.69 26.56 11.38
N CYS B 633 7.68 27.38 11.68
CA CYS B 633 7.90 28.46 12.64
C CYS B 633 8.29 27.91 14.01
N TYR B 634 7.59 26.87 14.47
CA TYR B 634 7.93 26.28 15.76
C TYR B 634 9.33 25.70 15.76
N SER B 635 9.69 24.99 14.68
CA SER B 635 11.00 24.34 14.64
C SER B 635 12.13 25.36 14.59
N ASN B 636 11.97 26.42 13.78
CA ASN B 636 13.04 27.39 13.62
C ASN B 636 13.32 28.12 14.94
N ASP B 637 12.28 28.52 15.65
CA ASP B 637 12.44 29.27 16.89
C ASP B 637 11.23 28.98 17.78
N GLU B 638 11.44 28.14 18.78
CA GLU B 638 10.35 27.82 19.70
C GLU B 638 9.87 29.05 20.45
N ASP B 639 10.81 29.90 20.89
CA ASP B 639 10.44 31.10 21.63
C ASP B 639 9.61 32.03 20.76
N LEU B 640 9.97 32.17 19.49
CA LEU B 640 9.20 33.01 18.59
C LEU B 640 7.77 32.51 18.46
N ALA B 641 7.60 31.20 18.32
CA ALA B 641 6.26 30.63 18.24
C ALA B 641 5.48 30.87 19.53
N GLU B 642 6.13 30.66 20.68
CA GLU B 642 5.45 30.86 21.95
C GLU B 642 4.99 32.31 22.10
N GLN B 643 5.83 33.26 21.71
CA GLN B 643 5.44 34.67 21.75
C GLN B 643 4.29 34.94 20.78
N LEU B 644 4.34 34.33 19.58
CA LEU B 644 3.33 34.60 18.57
C LEU B 644 1.96 34.11 19.00
N LEU B 645 1.89 32.92 19.62
CA LEU B 645 0.59 32.34 19.93
C LEU B 645 -0.24 33.27 20.82
N VAL B 646 0.37 33.81 21.87
CA VAL B 646 -0.33 34.68 22.81
C VAL B 646 -0.13 36.10 22.31
N TYR B 647 -1.06 36.56 21.48
CA TYR B 647 -1.01 37.92 20.95
C TYR B 647 -2.43 38.38 20.64
N SER B 648 -2.83 39.50 21.24
CA SER B 648 -4.14 40.05 20.95
C SER B 648 -4.16 40.68 19.57
N CYS B 649 -5.19 40.34 18.79
CA CYS B 649 -5.32 40.87 17.44
C CYS B 649 -5.89 42.28 17.49
N GLU B 650 -5.81 42.97 16.35
CA GLU B 650 -6.24 44.37 16.23
C GLU B 650 -7.49 44.41 15.36
N ALA B 651 -8.65 44.43 16.03
CA ALA B 651 -9.93 44.76 15.39
C ALA B 651 -10.46 43.60 14.54
N TRP B 652 -9.71 42.49 14.47
CA TRP B 652 -10.18 41.30 13.77
C TRP B 652 -10.49 40.19 14.77
N GLY B 653 -11.51 40.44 15.59
CA GLY B 653 -11.90 39.49 16.61
C GLY B 653 -10.77 39.21 17.58
N GLY B 654 -10.14 40.27 18.08
CA GLY B 654 -8.95 40.14 18.90
C GLY B 654 -9.00 39.01 19.91
N SER B 655 -8.10 38.05 19.74
CA SER B 655 -8.00 36.89 20.62
C SER B 655 -6.76 36.10 20.20
N ASN B 656 -6.15 35.45 21.18
CA ASN B 656 -4.90 34.74 20.93
C ASN B 656 -5.14 33.53 20.02
N CYS B 657 -4.03 32.95 19.55
CA CYS B 657 -4.12 31.81 18.64
C CYS B 657 -4.89 30.66 19.28
N LEU B 658 -4.50 30.25 20.48
CA LEU B 658 -5.19 29.15 21.14
C LEU B 658 -6.62 29.52 21.52
N GLU B 659 -6.87 30.81 21.77
CA GLU B 659 -8.23 31.23 22.07
C GLU B 659 -9.16 30.95 20.90
N LEU B 660 -8.71 31.25 19.67
CA LEU B 660 -9.49 30.89 18.50
C LEU B 660 -9.52 29.38 18.30
N ALA B 661 -8.38 28.71 18.47
CA ALA B 661 -8.31 27.29 18.16
C ALA B 661 -9.26 26.48 19.03
N VAL B 662 -9.30 26.77 20.33
CA VAL B 662 -10.12 25.99 21.24
C VAL B 662 -11.60 26.22 20.96
N GLU B 663 -11.97 27.46 20.67
CA GLU B 663 -13.35 27.81 20.31
C GLU B 663 -13.63 27.56 18.84
N ALA B 664 -12.78 26.79 18.16
CA ALA B 664 -12.93 26.49 16.74
C ALA B 664 -13.00 24.99 16.47
N THR B 665 -13.04 24.16 17.51
CA THR B 665 -12.89 22.70 17.36
C THR B 665 -11.50 22.49 16.76
N ASP B 666 -11.37 21.90 15.57
CA ASP B 666 -10.09 21.76 14.89
C ASP B 666 -9.03 21.20 15.85
N GLN B 667 -9.37 20.07 16.48
CA GLN B 667 -8.46 19.46 17.44
C GLN B 667 -7.14 19.07 16.80
N HIS B 668 -7.09 18.94 15.47
CA HIS B 668 -5.85 18.55 14.81
C HIS B 668 -4.75 19.56 15.07
N PHE B 669 -5.08 20.86 14.98
CA PHE B 669 -4.06 21.89 15.19
C PHE B 669 -3.52 21.84 16.61
N ILE B 670 -4.40 21.71 17.60
CA ILE B 670 -3.96 21.74 18.99
C ILE B 670 -3.29 20.42 19.39
N ALA B 671 -3.52 19.36 18.64
CA ALA B 671 -2.92 18.06 18.94
C ALA B 671 -1.48 17.95 18.48
N GLN B 672 -0.98 18.91 17.71
CA GLN B 672 0.39 18.83 17.22
C GLN B 672 1.36 18.84 18.41
N PRO B 673 2.50 18.14 18.29
CA PRO B 673 3.39 18.00 19.46
C PRO B 673 3.85 19.32 20.04
N GLY B 674 4.11 20.32 19.20
CA GLY B 674 4.63 21.58 19.72
C GLY B 674 3.65 22.27 20.65
N VAL B 675 2.37 22.29 20.28
CA VAL B 675 1.36 22.91 21.14
C VAL B 675 1.25 22.16 22.46
N GLN B 676 1.29 20.83 22.40
CA GLN B 676 1.23 20.03 23.62
C GLN B 676 2.43 20.33 24.52
N ASN B 677 3.62 20.46 23.94
CA ASN B 677 4.79 20.79 24.74
C ASN B 677 4.66 22.17 25.36
N PHE B 678 4.16 23.14 24.59
CA PHE B 678 3.93 24.47 25.15
C PHE B 678 2.99 24.41 26.34
N LEU B 679 1.89 23.67 26.20
CA LEU B 679 0.94 23.57 27.30
C LEU B 679 1.54 22.84 28.50
N SER B 680 2.36 21.83 28.25
CA SER B 680 3.03 21.13 29.34
C SER B 680 3.93 22.08 30.12
N LYS B 681 4.72 22.88 29.40
CA LYS B 681 5.60 23.83 30.08
C LYS B 681 4.79 24.90 30.81
N GLN B 682 3.68 25.34 30.22
CA GLN B 682 2.83 26.33 30.87
C GLN B 682 2.27 25.78 32.18
N TRP B 683 1.78 24.53 32.15
CA TRP B 683 1.28 23.91 33.37
C TRP B 683 2.38 23.76 34.41
N TYR B 684 3.58 23.36 33.96
CA TYR B 684 4.71 23.29 34.88
C TYR B 684 5.02 24.65 35.48
N GLY B 685 5.05 25.69 34.64
CA GLY B 685 5.23 27.04 35.12
C GLY B 685 6.67 27.37 35.47
N GLU B 686 6.92 27.72 36.74
CA GLU B 686 8.23 28.12 37.21
C GLU B 686 9.07 26.92 37.68
N ILE B 687 8.74 25.72 37.21
CA ILE B 687 9.47 24.50 37.57
C ILE B 687 10.22 24.02 36.34
N SER B 688 11.52 23.80 36.50
CA SER B 688 12.36 23.29 35.43
C SER B 688 12.24 21.77 35.36
N ARG B 689 11.93 21.25 34.17
CA ARG B 689 11.71 19.82 33.98
C ARG B 689 13.05 19.16 33.71
N ASP B 690 13.74 18.78 34.79
CA ASP B 690 15.00 18.06 34.67
C ASP B 690 15.11 16.98 35.76
N THR B 691 13.98 16.50 36.26
CA THR B 691 13.98 15.51 37.33
C THR B 691 12.87 14.49 37.08
N LYS B 692 13.02 13.33 37.70
CA LYS B 692 12.03 12.27 37.56
C LYS B 692 10.72 12.67 38.23
N ASN B 693 9.62 12.13 37.70
CA ASN B 693 8.30 12.49 38.20
C ASN B 693 8.12 12.07 39.66
N TRP B 694 8.57 10.86 40.01
CA TRP B 694 8.43 10.39 41.38
C TRP B 694 9.22 11.27 42.35
N LYS B 695 10.43 11.66 41.96
CA LYS B 695 11.23 12.52 42.82
C LYS B 695 10.57 13.89 42.99
N ILE B 696 9.96 14.41 41.93
CA ILE B 696 9.26 15.69 42.07
C ILE B 696 8.06 15.54 42.99
N ILE B 697 7.31 14.44 42.84
CA ILE B 697 6.14 14.22 43.70
C ILE B 697 6.57 14.17 45.16
N LEU B 698 7.66 13.47 45.45
CA LEU B 698 8.19 13.44 46.81
C LEU B 698 8.72 14.82 47.22
N CYS B 699 9.24 15.60 46.26
CA CYS B 699 9.71 16.94 46.55
C CYS B 699 8.57 17.88 46.93
N LEU B 700 7.35 17.57 46.50
CA LEU B 700 6.20 18.37 46.93
C LEU B 700 6.03 18.30 48.44
N PHE B 701 6.19 17.12 49.02
CA PHE B 701 5.91 16.93 50.44
C PHE B 701 6.98 17.55 51.34
N ILE B 702 8.20 17.75 50.83
CA ILE B 702 9.28 18.32 51.62
C ILE B 702 9.18 19.84 51.57
N ILE B 703 9.33 20.48 52.73
CA ILE B 703 9.18 21.93 52.85
C ILE B 703 10.37 22.63 52.21
N PRO B 704 11.60 22.43 52.70
CA PRO B 704 12.74 23.12 52.11
C PRO B 704 13.18 22.48 50.79
N LEU B 705 13.57 23.33 49.85
CA LEU B 705 14.11 22.89 48.58
C LEU B 705 15.63 22.90 48.55
N VAL B 706 16.29 23.40 49.60
CA VAL B 706 17.75 23.44 49.63
C VAL B 706 18.32 22.03 49.64
N GLY B 707 17.73 21.14 50.44
CA GLY B 707 18.27 19.79 50.54
C GLY B 707 18.20 19.03 49.23
N CYS B 708 17.11 19.20 48.49
CA CYS B 708 16.89 18.47 47.24
C CYS B 708 17.68 19.14 46.11
N GLY B 709 19.00 19.07 46.23
CA GLY B 709 19.87 19.60 45.19
C GLY B 709 19.76 18.82 43.90
N LEU B 710 19.68 17.49 43.99
CA LEU B 710 19.59 16.67 42.79
C LEU B 710 18.33 16.98 41.99
N VAL B 711 17.20 17.14 42.68
CA VAL B 711 15.96 17.47 42.00
C VAL B 711 16.10 18.84 41.34
N SER B 712 15.71 18.93 40.07
CA SER B 712 15.91 20.13 39.27
C SER B 712 14.73 21.08 39.52
N PHE B 713 14.88 21.93 40.53
CA PHE B 713 13.85 22.93 40.80
C PHE B 713 13.86 24.03 39.74
N ARG B 714 15.04 24.50 39.35
CA ARG B 714 15.16 25.58 38.40
C ARG B 714 16.23 25.25 37.38
N LYS B 715 16.13 25.88 36.21
CA LYS B 715 17.10 25.67 35.13
C LYS B 715 18.46 26.24 35.51
N LEU B 725 12.16 33.02 51.57
CA LEU B 725 13.15 32.71 50.55
C LEU B 725 12.52 32.77 49.16
N TRP B 726 13.20 33.43 48.22
CA TRP B 726 12.65 33.67 46.89
C TRP B 726 12.36 32.38 46.13
N TYR B 727 13.41 31.64 45.76
CA TYR B 727 13.18 30.42 44.98
C TYR B 727 12.38 29.39 45.77
N TYR B 728 12.47 29.42 47.10
CA TYR B 728 11.58 28.56 47.88
C TYR B 728 10.11 28.92 47.65
N VAL B 729 9.78 30.21 47.69
CA VAL B 729 8.39 30.62 47.53
C VAL B 729 7.94 30.49 46.07
N ALA B 730 8.90 30.44 45.14
CA ALA B 730 8.54 30.27 43.74
C ALA B 730 7.87 28.93 43.50
N PHE B 731 8.20 27.91 44.30
CA PHE B 731 7.67 26.58 44.05
C PHE B 731 6.16 26.52 44.19
N PHE B 732 5.61 27.16 45.23
CA PHE B 732 4.18 27.07 45.48
C PHE B 732 3.36 27.67 44.35
N THR B 733 3.96 28.52 43.53
CA THR B 733 3.22 29.20 42.47
C THR B 733 2.90 28.28 41.29
N SER B 734 3.49 27.11 41.22
CA SER B 734 3.27 26.22 40.08
C SER B 734 1.86 25.64 40.13
N PRO B 735 1.06 25.78 39.05
CA PRO B 735 -0.29 25.17 39.07
C PRO B 735 -0.27 23.67 39.26
N PHE B 736 0.77 22.98 38.80
CA PHE B 736 0.87 21.54 38.98
C PHE B 736 0.81 21.17 40.47
N VAL B 737 1.62 21.85 41.28
CA VAL B 737 1.65 21.60 42.71
C VAL B 737 0.29 21.93 43.32
N VAL B 738 -0.35 22.99 42.82
CA VAL B 738 -1.67 23.36 43.32
C VAL B 738 -2.66 22.23 43.07
N PHE B 739 -2.64 21.65 41.87
CA PHE B 739 -3.54 20.55 41.56
C PHE B 739 -3.29 19.34 42.46
N SER B 740 -2.02 19.01 42.69
CA SER B 740 -1.73 17.87 43.57
C SER B 740 -2.25 18.13 44.97
N TRP B 741 -2.01 19.33 45.50
CA TRP B 741 -2.54 19.68 46.82
C TRP B 741 -4.06 19.61 46.83
N ASN B 742 -4.69 20.04 45.73
CA ASN B 742 -6.14 20.04 45.66
C ASN B 742 -6.71 18.64 45.73
N VAL B 743 -6.08 17.69 45.02
CA VAL B 743 -6.60 16.32 45.04
C VAL B 743 -6.35 15.69 46.41
N VAL B 744 -5.19 15.96 47.02
CA VAL B 744 -4.98 15.45 48.38
C VAL B 744 -6.05 16.00 49.32
N PHE B 745 -6.35 17.30 49.23
CA PHE B 745 -7.34 17.90 50.11
C PHE B 745 -8.72 17.32 49.84
N TYR B 746 -9.05 17.11 48.56
CA TYR B 746 -10.36 16.59 48.22
C TYR B 746 -10.56 15.18 48.74
N ILE B 747 -9.54 14.32 48.61
CA ILE B 747 -9.69 12.95 49.10
C ILE B 747 -9.77 12.94 50.62
N ALA B 748 -8.97 13.77 51.28
CA ALA B 748 -9.07 13.87 52.73
C ALA B 748 -10.46 14.35 53.15
N PHE B 749 -11.00 15.34 52.43
CA PHE B 749 -12.34 15.83 52.71
C PHE B 749 -13.37 14.72 52.53
N LEU B 750 -13.24 13.93 51.47
CA LEU B 750 -14.18 12.85 51.24
C LEU B 750 -14.14 11.85 52.39
N LEU B 751 -12.94 11.45 52.81
CA LEU B 751 -12.83 10.47 53.89
C LEU B 751 -13.43 11.02 55.17
N LEU B 752 -13.09 12.26 55.52
CA LEU B 752 -13.60 12.85 56.75
C LEU B 752 -15.11 12.99 56.70
N PHE B 753 -15.65 13.40 55.55
CA PHE B 753 -17.10 13.54 55.42
C PHE B 753 -17.81 12.21 55.57
N ALA B 754 -17.24 11.14 55.00
CA ALA B 754 -17.83 9.82 55.17
C ALA B 754 -17.83 9.41 56.63
N TYR B 755 -16.71 9.63 57.32
CA TYR B 755 -16.65 9.31 58.75
C TYR B 755 -17.71 10.08 59.53
N VAL B 756 -17.83 11.38 59.25
CA VAL B 756 -18.81 12.20 59.95
C VAL B 756 -20.22 11.70 59.68
N LEU B 757 -20.51 11.37 58.43
CA LEU B 757 -21.87 10.96 58.06
C LEU B 757 -22.25 9.66 58.75
N LEU B 758 -21.37 8.65 58.70
CA LEU B 758 -21.78 7.33 59.16
C LEU B 758 -21.39 7.07 60.61
N MET B 759 -20.11 7.25 60.96
CA MET B 759 -19.62 6.79 62.25
C MET B 759 -20.44 7.38 63.39
N ASP B 760 -20.69 8.69 63.36
CA ASP B 760 -21.40 9.36 64.44
C ASP B 760 -22.45 10.30 63.87
N PHE B 761 -23.69 10.16 64.35
CA PHE B 761 -24.77 11.06 64.00
C PHE B 761 -25.72 11.14 65.18
N HIS B 762 -26.08 12.36 65.57
CA HIS B 762 -26.92 12.59 66.74
C HIS B 762 -28.02 13.58 66.40
N SER B 763 -28.95 13.75 67.35
CA SER B 763 -30.00 14.73 67.17
C SER B 763 -29.44 16.14 67.10
N VAL B 764 -28.47 16.44 67.95
CA VAL B 764 -27.82 17.75 67.98
C VAL B 764 -26.49 17.63 67.23
N PRO B 765 -26.22 18.48 66.25
CA PRO B 765 -24.96 18.37 65.50
C PRO B 765 -23.76 18.74 66.37
N HIS B 766 -22.60 18.17 66.03
CA HIS B 766 -21.39 18.38 66.80
C HIS B 766 -20.24 18.79 65.89
N THR B 767 -19.11 19.10 66.53
CA THR B 767 -18.00 19.85 65.94
C THR B 767 -17.65 19.44 64.51
N PRO B 768 -17.34 18.17 64.25
CA PRO B 768 -16.95 17.81 62.87
C PRO B 768 -18.03 18.07 61.85
N GLU B 769 -19.30 17.94 62.22
CA GLU B 769 -20.39 18.25 61.30
C GLU B 769 -20.39 19.73 60.91
N LEU B 770 -20.16 20.61 61.89
CA LEU B 770 -20.06 22.03 61.60
C LEU B 770 -18.88 22.31 60.67
N ILE B 771 -17.75 21.65 60.92
CA ILE B 771 -16.60 21.86 60.04
C ILE B 771 -16.91 21.32 58.64
N LEU B 772 -17.70 20.25 58.54
CA LEU B 772 -18.09 19.73 57.25
C LEU B 772 -18.93 20.73 56.49
N TYR B 773 -19.87 21.39 57.18
CA TYR B 773 -20.63 22.46 56.53
C TYR B 773 -19.70 23.55 56.04
N ALA B 774 -18.73 23.94 56.87
CA ALA B 774 -17.77 24.97 56.46
C ALA B 774 -17.05 24.59 55.18
N LEU B 775 -16.52 23.36 55.13
CA LEU B 775 -15.74 22.92 53.98
C LEU B 775 -16.59 22.83 52.72
N VAL B 776 -17.80 22.25 52.84
CA VAL B 776 -18.64 22.10 51.67
C VAL B 776 -19.05 23.46 51.14
N PHE B 777 -19.29 24.43 52.03
CA PHE B 777 -19.59 25.77 51.54
C PHE B 777 -18.37 26.40 50.87
N VAL B 778 -17.16 26.05 51.33
CA VAL B 778 -15.97 26.53 50.64
C VAL B 778 -15.95 26.03 49.19
N LEU B 779 -16.22 24.74 49.01
CA LEU B 779 -16.25 24.20 47.64
C LEU B 779 -17.37 24.83 46.82
N PHE B 780 -18.54 25.01 47.43
CA PHE B 780 -19.67 25.58 46.70
C PHE B 780 -19.36 27.01 46.27
N CYS B 781 -18.70 27.79 47.14
CA CYS B 781 -18.34 29.15 46.77
C CYS B 781 -17.31 29.15 45.64
N ASP B 782 -16.35 28.23 45.66
CA ASP B 782 -15.40 28.17 44.56
C ASP B 782 -16.12 27.88 43.25
N GLU B 783 -17.05 26.92 43.27
CA GLU B 783 -17.81 26.59 42.06
C GLU B 783 -18.66 27.78 41.62
N VAL B 784 -19.22 28.53 42.56
CA VAL B 784 -20.03 29.70 42.22
C VAL B 784 -19.17 30.75 41.54
N ARG B 785 -17.95 30.96 42.04
CA ARG B 785 -17.04 31.89 41.37
C ARG B 785 -16.72 31.43 39.96
N GLN B 786 -16.47 30.13 39.79
CA GLN B 786 -16.20 29.61 38.45
C GLN B 786 -17.39 29.85 37.53
N TRP B 787 -18.61 29.64 38.03
CA TRP B 787 -19.80 29.93 37.24
C TRP B 787 -19.87 31.40 36.88
N TYR B 788 -19.56 32.28 37.84
CA TYR B 788 -19.63 33.72 37.60
C TYR B 788 -18.67 34.12 36.49
N MET B 789 -17.48 33.52 36.46
CA MET B 789 -16.52 33.88 35.43
C MET B 789 -17.06 33.60 34.04
N ASN B 790 -17.70 32.44 33.86
CA ASN B 790 -18.28 32.04 32.56
C ASN B 790 -19.68 31.50 32.82
N GLY B 791 -20.68 32.38 32.77
CA GLY B 791 -22.04 31.94 33.06
C GLY B 791 -22.62 31.04 31.98
N VAL B 792 -22.44 31.42 30.71
CA VAL B 792 -23.13 30.72 29.63
C VAL B 792 -22.63 29.29 29.51
N ASN B 793 -21.31 29.10 29.47
CA ASN B 793 -20.77 27.76 29.27
C ASN B 793 -21.00 26.85 30.46
N TYR B 794 -21.24 27.42 31.65
CA TYR B 794 -21.45 26.59 32.84
C TYR B 794 -22.65 25.67 32.66
N PHE B 795 -23.78 26.23 32.21
CA PHE B 795 -24.98 25.41 32.01
C PHE B 795 -24.75 24.35 30.95
N THR B 796 -24.10 24.72 29.84
CA THR B 796 -23.87 23.76 28.77
C THR B 796 -22.93 22.64 29.22
N ASP B 797 -21.91 22.97 30.00
CA ASP B 797 -20.97 21.95 30.45
C ASP B 797 -21.68 20.89 31.27
N LEU B 798 -21.39 19.63 30.95
CA LEU B 798 -22.09 18.51 31.59
C LEU B 798 -21.62 18.28 33.02
N TRP B 799 -20.31 18.36 33.26
CA TRP B 799 -19.78 17.97 34.56
C TRP B 799 -20.28 18.88 35.68
N ASN B 800 -20.36 20.19 35.43
CA ASN B 800 -20.80 21.11 36.47
C ASN B 800 -22.22 20.77 36.95
N VAL B 801 -23.05 20.24 36.06
CA VAL B 801 -24.44 19.98 36.41
C VAL B 801 -24.54 18.96 37.52
N MET B 802 -23.72 17.91 37.47
CA MET B 802 -23.80 16.85 38.47
C MET B 802 -23.47 17.39 39.86
N ASP B 803 -22.39 18.17 39.97
CA ASP B 803 -22.04 18.71 41.28
C ASP B 803 -23.05 19.75 41.76
N THR B 804 -23.61 20.54 40.83
CA THR B 804 -24.67 21.46 41.23
C THR B 804 -25.86 20.72 41.80
N LEU B 805 -26.26 19.62 41.16
CA LEU B 805 -27.37 18.81 41.67
C LEU B 805 -27.02 18.21 43.02
N GLY B 806 -25.78 17.75 43.19
CA GLY B 806 -25.37 17.21 44.47
C GLY B 806 -25.49 18.23 45.59
N LEU B 807 -25.03 19.46 45.34
CA LEU B 807 -25.17 20.52 46.33
C LEU B 807 -26.63 20.83 46.61
N PHE B 808 -27.46 20.82 45.57
CA PHE B 808 -28.89 21.08 45.75
C PHE B 808 -29.53 20.03 46.65
N TYR B 809 -29.14 18.77 46.49
CA TYR B 809 -29.66 17.75 47.39
C TYR B 809 -29.07 17.88 48.80
N PHE B 810 -27.80 18.30 48.89
CA PHE B 810 -27.16 18.42 50.19
C PHE B 810 -27.82 19.49 51.05
N ILE B 811 -28.22 20.60 50.44
CA ILE B 811 -28.90 21.63 51.24
C ILE B 811 -30.23 21.07 51.76
N ALA B 812 -30.91 20.25 50.95
CA ALA B 812 -32.11 19.57 51.44
C ALA B 812 -31.78 18.62 52.59
N GLY B 813 -30.62 17.99 52.53
CA GLY B 813 -30.18 17.17 53.66
C GLY B 813 -30.07 17.99 54.93
N ILE B 814 -29.46 19.18 54.84
CA ILE B 814 -29.37 20.06 55.99
C ILE B 814 -30.76 20.46 56.47
N VAL B 815 -31.65 20.80 55.53
CA VAL B 815 -33.01 21.17 55.90
C VAL B 815 -33.66 20.06 56.70
N PHE B 816 -33.51 18.82 56.22
CA PHE B 816 -34.10 17.68 56.92
C PHE B 816 -33.50 17.52 58.32
N ARG B 817 -32.18 17.67 58.46
CA ARG B 817 -31.58 17.49 59.77
C ARG B 817 -31.85 18.65 60.71
N LEU B 818 -32.36 19.78 60.21
CA LEU B 818 -32.59 20.94 61.06
C LEU B 818 -33.47 20.60 62.26
N HIS B 819 -34.73 20.24 62.00
CA HIS B 819 -35.71 20.02 63.05
C HIS B 819 -36.16 18.56 63.07
N SER B 820 -36.15 17.97 64.25
CA SER B 820 -36.58 16.58 64.43
C SER B 820 -38.08 16.56 64.69
N SER B 821 -38.85 16.74 63.61
CA SER B 821 -40.31 16.70 63.73
C SER B 821 -40.78 15.31 64.16
N ASN B 822 -40.14 14.27 63.63
CA ASN B 822 -40.48 12.88 63.94
C ASN B 822 -39.25 12.18 64.51
N LYS B 823 -39.50 11.11 65.25
CA LYS B 823 -38.41 10.38 65.90
C LYS B 823 -37.40 9.86 64.88
N SER B 824 -37.89 9.32 63.77
CA SER B 824 -37.04 8.78 62.71
C SER B 824 -36.85 9.75 61.56
N SER B 825 -37.27 11.01 61.72
CA SER B 825 -37.19 11.98 60.63
C SER B 825 -35.76 12.38 60.28
N LEU B 826 -34.78 12.00 61.10
CA LEU B 826 -33.37 12.33 60.85
C LEU B 826 -32.70 11.27 59.99
N TYR B 827 -33.06 10.00 60.19
CA TYR B 827 -32.54 8.93 59.36
C TYR B 827 -32.88 9.14 57.89
N SER B 828 -34.10 9.62 57.62
CA SER B 828 -34.50 9.87 56.24
C SER B 828 -33.59 10.90 55.58
N GLY B 829 -33.27 11.97 56.29
CA GLY B 829 -32.36 12.95 55.73
C GLY B 829 -30.94 12.43 55.57
N ARG B 830 -30.50 11.59 56.53
CA ARG B 830 -29.21 10.94 56.38
C ARG B 830 -29.15 10.13 55.08
N VAL B 831 -30.28 9.55 54.69
CA VAL B 831 -30.34 8.83 53.41
C VAL B 831 -29.95 9.77 52.26
N ILE B 832 -30.51 10.98 52.26
CA ILE B 832 -30.22 11.95 51.19
C ILE B 832 -28.76 12.36 51.25
N PHE B 833 -28.25 12.59 52.47
CA PHE B 833 -26.83 12.90 52.64
C PHE B 833 -25.97 11.86 51.93
N CYS B 834 -26.27 10.58 52.18
CA CYS B 834 -25.51 9.50 51.57
C CYS B 834 -25.64 9.51 50.05
N LEU B 835 -26.87 9.70 49.55
CA LEU B 835 -27.09 9.69 48.11
C LEU B 835 -26.25 10.76 47.43
N ASP B 836 -26.16 11.95 48.04
CA ASP B 836 -25.28 12.99 47.52
C ASP B 836 -23.81 12.59 47.65
N TYR B 837 -23.46 11.92 48.75
CA TYR B 837 -22.09 11.45 48.92
C TYR B 837 -21.66 10.62 47.72
N ILE B 838 -22.58 9.82 47.17
CA ILE B 838 -22.25 9.04 45.97
C ILE B 838 -21.82 9.97 44.84
N ILE B 839 -22.55 11.08 44.65
CA ILE B 839 -22.22 12.00 43.58
C ILE B 839 -20.84 12.61 43.79
N PHE B 840 -20.52 12.93 45.05
CA PHE B 840 -19.18 13.45 45.34
C PHE B 840 -18.11 12.41 45.03
N THR B 841 -18.39 11.15 45.32
CA THR B 841 -17.46 10.09 44.95
C THR B 841 -17.22 10.09 43.45
N LEU B 842 -18.28 10.27 42.66
CA LEU B 842 -18.11 10.33 41.20
C LEU B 842 -17.30 11.55 40.79
N ARG B 843 -17.56 12.70 41.42
CA ARG B 843 -16.78 13.89 41.07
C ARG B 843 -15.31 13.69 41.35
N LEU B 844 -14.98 12.83 42.32
CA LEU B 844 -13.57 12.54 42.57
C LEU B 844 -12.88 12.04 41.30
N ILE B 845 -13.53 11.11 40.58
CA ILE B 845 -13.00 10.68 39.29
C ILE B 845 -13.06 11.82 38.28
N HIS B 846 -14.16 12.58 38.30
CA HIS B 846 -14.31 13.65 37.31
C HIS B 846 -13.10 14.57 37.30
N ILE B 847 -12.68 15.04 38.46
CA ILE B 847 -11.60 16.02 38.52
C ILE B 847 -10.27 15.38 38.12
N PHE B 848 -10.04 14.13 38.51
CA PHE B 848 -8.77 13.45 38.30
C PHE B 848 -8.61 12.93 36.87
N THR B 849 -9.54 13.26 35.97
CA THR B 849 -9.55 12.68 34.63
C THR B 849 -8.16 12.62 34.00
N VAL B 850 -7.53 13.78 33.80
CA VAL B 850 -6.27 13.85 33.06
C VAL B 850 -5.12 13.53 34.02
N SER B 851 -4.53 12.34 33.85
CA SER B 851 -3.31 11.97 34.59
C SER B 851 -2.42 11.17 33.64
N ARG B 852 -1.61 11.89 32.86
CA ARG B 852 -0.61 11.28 31.99
C ARG B 852 -1.19 10.09 31.25
N ASN B 853 -0.57 8.91 31.40
CA ASN B 853 -1.03 7.73 30.67
C ASN B 853 -2.36 7.20 31.20
N LEU B 854 -2.76 7.60 32.41
CA LEU B 854 -4.00 7.09 32.99
C LEU B 854 -5.23 7.75 32.35
N GLY B 855 -5.14 9.05 32.04
CA GLY B 855 -6.28 9.82 31.63
C GLY B 855 -6.98 9.35 30.37
N PRO B 856 -6.25 8.98 29.31
CA PRO B 856 -6.93 8.66 28.05
C PRO B 856 -7.97 7.55 28.17
N LYS B 857 -7.77 6.59 29.08
CA LYS B 857 -8.70 5.47 29.17
C LYS B 857 -10.09 5.92 29.57
N ILE B 858 -10.20 7.05 30.27
CA ILE B 858 -11.51 7.49 30.78
C ILE B 858 -12.41 7.94 29.64
N ILE B 859 -11.85 8.65 28.66
CA ILE B 859 -12.66 9.29 27.64
C ILE B 859 -13.44 8.26 26.83
N MET B 860 -12.77 7.19 26.42
CA MET B 860 -13.40 6.24 25.50
C MET B 860 -14.66 5.62 26.11
N LEU B 861 -14.76 5.59 27.43
CA LEU B 861 -15.96 5.05 28.07
C LEU B 861 -17.18 5.89 27.71
N GLN B 862 -17.02 7.21 27.64
CA GLN B 862 -18.14 8.07 27.27
C GLN B 862 -18.66 7.73 25.89
N ARG B 863 -17.77 7.48 24.93
CA ARG B 863 -18.20 7.10 23.59
C ARG B 863 -18.81 5.70 23.59
N MET B 864 -18.27 4.80 24.41
CA MET B 864 -18.73 3.41 24.42
C MET B 864 -20.03 3.21 25.18
N LEU B 865 -20.49 4.22 25.92
CA LEU B 865 -21.73 4.08 26.68
C LEU B 865 -22.94 3.74 25.80
N ILE B 866 -22.86 4.02 24.49
CA ILE B 866 -23.95 3.65 23.59
C ILE B 866 -24.16 2.14 23.60
N ASP B 867 -23.07 1.38 23.63
CA ASP B 867 -23.17 -0.07 23.71
C ASP B 867 -23.87 -0.49 25.00
N VAL B 868 -23.55 0.18 26.11
CA VAL B 868 -24.21 -0.12 27.37
C VAL B 868 -25.71 0.12 27.25
N PHE B 869 -26.09 1.24 26.65
CA PHE B 869 -27.51 1.55 26.48
C PHE B 869 -28.22 0.48 25.66
N PHE B 870 -27.63 0.12 24.52
CA PHE B 870 -28.26 -0.88 23.66
C PHE B 870 -28.37 -2.23 24.36
N PHE B 871 -27.30 -2.64 25.05
CA PHE B 871 -27.33 -3.90 25.79
C PHE B 871 -28.40 -3.87 26.87
N LEU B 872 -28.52 -2.75 27.59
CA LEU B 872 -29.52 -2.66 28.64
C LEU B 872 -30.92 -2.84 28.07
N PHE B 873 -31.21 -2.15 26.96
CA PHE B 873 -32.53 -2.27 26.35
C PHE B 873 -32.82 -3.71 25.92
N LEU B 874 -31.88 -4.30 25.16
CA LEU B 874 -32.11 -5.63 24.62
C LEU B 874 -32.26 -6.65 25.74
N PHE B 875 -31.42 -6.57 26.76
CA PHE B 875 -31.54 -7.48 27.89
C PHE B 875 -32.83 -7.25 28.65
N ALA B 876 -33.28 -6.01 28.76
CA ALA B 876 -34.47 -5.70 29.54
C ALA B 876 -35.71 -6.32 28.92
N VAL B 877 -35.79 -6.32 27.59
CA VAL B 877 -36.99 -6.91 26.97
C VAL B 877 -37.05 -8.41 27.24
N TRP B 878 -35.92 -9.10 27.10
CA TRP B 878 -35.87 -10.52 27.44
C TRP B 878 -36.21 -10.73 28.91
N MET B 879 -35.71 -9.85 29.78
CA MET B 879 -36.02 -9.93 31.21
C MET B 879 -37.52 -9.87 31.44
N VAL B 880 -38.19 -8.92 30.77
CA VAL B 880 -39.62 -8.77 30.94
C VAL B 880 -40.36 -10.02 30.46
N ALA B 881 -39.94 -10.59 29.33
CA ALA B 881 -40.62 -11.79 28.84
C ALA B 881 -40.47 -12.95 29.83
N PHE B 882 -39.25 -13.18 30.32
CA PHE B 882 -39.03 -14.29 31.24
C PHE B 882 -39.76 -14.07 32.56
N GLY B 883 -39.84 -12.82 33.01
CA GLY B 883 -40.63 -12.52 34.19
C GLY B 883 -42.12 -12.74 33.95
N VAL B 884 -42.60 -12.44 32.75
CA VAL B 884 -43.98 -12.73 32.39
C VAL B 884 -44.25 -14.22 32.50
N ALA B 885 -43.35 -15.03 31.96
CA ALA B 885 -43.54 -16.47 31.93
C ALA B 885 -43.22 -17.14 33.26
N ARG B 886 -42.51 -16.47 34.15
CA ARG B 886 -42.34 -16.99 35.51
C ARG B 886 -43.66 -16.99 36.26
N GLN B 887 -44.44 -15.91 36.12
CA GLN B 887 -45.70 -15.80 36.83
C GLN B 887 -46.79 -16.69 36.25
N GLY B 888 -46.59 -17.23 35.05
CA GLY B 888 -47.58 -18.15 34.50
C GLY B 888 -47.75 -19.38 35.37
N ILE B 889 -46.66 -19.85 35.95
CA ILE B 889 -46.73 -20.92 36.95
C ILE B 889 -47.60 -20.51 38.13
N LEU B 890 -47.52 -19.24 38.52
CA LEU B 890 -48.13 -18.81 39.77
C LEU B 890 -49.66 -18.75 39.66
N ARG B 891 -50.28 -18.51 40.80
CA ARG B 891 -51.73 -18.48 40.97
C ARG B 891 -52.43 -17.60 39.94
N GLN B 892 -53.72 -17.89 39.74
CA GLN B 892 -54.51 -17.17 38.74
C GLN B 892 -54.35 -15.67 38.89
N ASN B 893 -54.41 -15.15 40.13
CA ASN B 893 -54.43 -13.71 40.36
C ASN B 893 -53.48 -13.37 41.49
N GLU B 894 -52.49 -12.52 41.20
CA GLU B 894 -51.57 -12.04 42.22
C GLU B 894 -52.27 -11.06 43.17
N GLN B 895 -53.00 -10.09 42.61
CA GLN B 895 -53.75 -9.11 43.39
C GLN B 895 -52.86 -8.33 44.34
N ARG B 896 -51.59 -8.14 43.99
CA ARG B 896 -50.67 -7.40 44.85
C ARG B 896 -49.55 -6.82 43.98
N TRP B 897 -49.64 -5.51 43.70
CA TRP B 897 -48.59 -4.83 42.96
C TRP B 897 -47.22 -5.06 43.57
N ARG B 898 -47.14 -5.00 44.91
CA ARG B 898 -45.86 -5.16 45.59
C ARG B 898 -45.12 -6.39 45.10
N TRP B 899 -45.70 -7.57 45.30
CA TRP B 899 -44.97 -8.80 45.03
C TRP B 899 -44.88 -9.13 43.56
N ILE B 900 -45.89 -8.78 42.76
CA ILE B 900 -45.78 -9.03 41.32
C ILE B 900 -44.62 -8.24 40.74
N PHE B 901 -44.55 -6.94 41.04
CA PHE B 901 -43.43 -6.14 40.56
C PHE B 901 -42.11 -6.64 41.14
N ARG B 902 -42.07 -6.93 42.45
CA ARG B 902 -40.83 -7.37 43.07
C ARG B 902 -40.29 -8.61 42.36
N SER B 903 -41.14 -9.63 42.21
CA SER B 903 -40.69 -10.86 41.57
C SER B 903 -40.27 -10.62 40.13
N VAL B 904 -41.16 -10.00 39.33
CA VAL B 904 -40.90 -9.90 37.90
C VAL B 904 -39.59 -9.16 37.66
N ILE B 905 -39.31 -8.12 38.43
CA ILE B 905 -38.04 -7.42 38.27
C ILE B 905 -36.89 -8.27 38.80
N TYR B 906 -36.98 -8.70 40.05
CA TYR B 906 -35.80 -9.17 40.77
C TYR B 906 -35.30 -10.51 40.24
N GLU B 907 -36.20 -11.47 39.97
CA GLU B 907 -35.72 -12.83 39.72
C GLU B 907 -34.80 -12.93 38.51
N PRO B 908 -35.27 -12.61 37.30
CA PRO B 908 -34.39 -12.74 36.14
C PRO B 908 -33.14 -11.89 36.27
N TYR B 909 -33.23 -10.84 37.10
CA TYR B 909 -32.08 -9.97 37.33
C TYR B 909 -30.95 -10.73 38.00
N LEU B 910 -31.27 -11.63 38.93
CA LEU B 910 -30.23 -12.53 39.45
C LEU B 910 -29.84 -13.55 38.40
N ALA B 911 -30.82 -14.18 37.74
CA ALA B 911 -30.48 -15.25 36.80
C ALA B 911 -29.42 -14.80 35.80
N MET B 912 -29.53 -13.57 35.32
CA MET B 912 -28.54 -13.06 34.38
C MET B 912 -27.16 -12.96 35.02
N PHE B 913 -27.10 -12.75 36.35
CA PHE B 913 -25.84 -12.63 37.07
C PHE B 913 -25.43 -13.92 37.76
N GLY B 914 -26.36 -14.57 38.44
CA GLY B 914 -26.08 -15.83 39.09
C GLY B 914 -27.30 -16.35 39.81
N GLN B 915 -27.16 -17.55 40.37
CA GLN B 915 -28.19 -18.17 41.20
C GLN B 915 -29.58 -18.05 40.56
N VAL B 916 -29.72 -18.77 39.44
CA VAL B 916 -30.95 -18.78 38.65
C VAL B 916 -32.16 -18.90 39.57
N PRO B 917 -33.23 -18.12 39.35
CA PRO B 917 -34.38 -18.17 40.26
C PRO B 917 -35.31 -19.35 40.04
N SER B 918 -35.29 -19.95 38.85
CA SER B 918 -36.24 -21.01 38.51
C SER B 918 -36.09 -22.21 39.43
N ASP B 919 -35.08 -22.20 40.30
CA ASP B 919 -34.99 -23.24 41.31
C ASP B 919 -36.22 -23.28 42.20
N VAL B 920 -36.99 -22.18 42.25
CA VAL B 920 -38.25 -22.20 42.97
C VAL B 920 -39.15 -23.30 42.43
N ASP B 921 -39.23 -23.44 41.12
CA ASP B 921 -40.12 -24.41 40.49
C ASP B 921 -39.44 -25.74 40.20
N SER B 922 -38.27 -25.69 39.56
CA SER B 922 -37.62 -26.91 39.08
C SER B 922 -36.61 -27.46 40.09
N THR B 923 -35.57 -26.69 40.40
CA THR B 923 -34.49 -27.20 41.24
C THR B 923 -34.99 -27.56 42.64
N THR B 924 -35.82 -26.69 43.23
CA THR B 924 -36.38 -26.94 44.54
C THR B 924 -37.73 -27.65 44.48
N TYR B 925 -38.22 -27.96 43.30
CA TYR B 925 -39.51 -28.64 43.11
C TYR B 925 -40.57 -27.82 43.86
N ASP B 926 -41.36 -28.42 44.74
CA ASP B 926 -42.35 -27.69 45.52
C ASP B 926 -41.91 -27.65 46.98
N PHE B 927 -41.75 -26.45 47.52
CA PHE B 927 -41.36 -26.28 48.91
C PHE B 927 -42.54 -26.27 49.86
N SER B 928 -43.77 -26.24 49.33
CA SER B 928 -44.98 -26.27 50.15
C SER B 928 -45.00 -25.13 51.17
N HIS B 929 -44.53 -23.95 50.74
CA HIS B 929 -44.56 -22.74 51.55
C HIS B 929 -45.14 -21.60 50.71
N CYS B 930 -46.47 -21.48 50.73
CA CYS B 930 -47.16 -20.37 50.07
C CYS B 930 -48.15 -19.75 51.04
N THR B 931 -48.24 -18.43 51.00
CA THR B 931 -49.27 -17.69 51.75
C THR B 931 -50.35 -17.28 50.76
N PHE B 932 -51.36 -18.14 50.60
CA PHE B 932 -52.44 -17.85 49.65
C PHE B 932 -53.17 -16.57 50.04
N SER B 933 -53.45 -16.40 51.33
CA SER B 933 -54.10 -15.18 51.79
C SER B 933 -53.20 -13.97 51.52
N GLY B 934 -53.83 -12.86 51.11
CA GLY B 934 -53.08 -11.66 50.82
C GLY B 934 -52.53 -10.97 52.06
N ASN B 935 -53.09 -11.26 53.23
CA ASN B 935 -52.62 -10.62 54.46
C ASN B 935 -51.17 -10.98 54.75
N GLU B 936 -50.81 -12.26 54.56
CA GLU B 936 -49.45 -12.70 54.85
C GLU B 936 -48.48 -12.10 53.83
N SER B 937 -47.41 -11.50 54.34
CA SER B 937 -46.36 -10.94 53.49
C SER B 937 -45.22 -11.95 53.35
N LYS B 938 -45.51 -13.01 52.61
CA LYS B 938 -44.57 -14.09 52.38
C LYS B 938 -44.17 -14.14 50.91
N PRO B 939 -42.88 -14.19 50.58
CA PRO B 939 -42.49 -14.22 49.18
C PRO B 939 -43.01 -15.46 48.46
N LEU B 940 -43.35 -15.28 47.18
CA LEU B 940 -43.62 -16.38 46.27
C LEU B 940 -44.84 -17.19 46.68
N CYS B 941 -45.35 -17.99 45.74
CA CYS B 941 -46.42 -18.94 46.03
C CYS B 941 -46.49 -19.94 44.88
N VAL B 942 -47.41 -20.89 45.01
CA VAL B 942 -47.61 -21.95 44.03
C VAL B 942 -49.07 -21.94 43.59
N GLU B 943 -49.30 -22.20 42.30
CA GLU B 943 -50.67 -22.31 41.81
C GLU B 943 -51.42 -23.39 42.57
N LEU B 944 -52.69 -23.11 42.88
CA LEU B 944 -53.51 -24.02 43.66
C LEU B 944 -53.43 -25.43 43.11
N ASP B 945 -52.89 -26.35 43.92
CA ASP B 945 -52.77 -27.73 43.50
C ASP B 945 -54.14 -28.36 43.31
N GLU B 946 -54.27 -29.19 42.29
CA GLU B 946 -55.53 -29.87 41.99
C GLU B 946 -55.54 -31.21 42.73
N HIS B 947 -56.49 -31.37 43.65
CA HIS B 947 -56.61 -32.61 44.43
C HIS B 947 -55.31 -32.89 45.18
N ASN B 948 -54.69 -31.84 45.71
CA ASN B 948 -53.42 -31.90 46.42
C ASN B 948 -52.24 -32.21 45.50
N LEU B 949 -52.44 -32.17 44.18
CA LEU B 949 -51.39 -32.48 43.22
C LEU B 949 -50.83 -31.20 42.63
N PRO B 950 -49.51 -30.99 42.66
CA PRO B 950 -48.96 -29.75 42.06
C PRO B 950 -49.26 -29.68 40.58
N ARG B 951 -50.05 -28.68 40.20
CA ARG B 951 -50.54 -28.58 38.83
C ARG B 951 -49.50 -28.03 37.87
N PHE B 952 -48.49 -27.31 38.35
CA PHE B 952 -47.55 -26.66 37.47
C PHE B 952 -46.80 -27.70 36.64
N PRO B 953 -46.84 -27.63 35.30
CA PRO B 953 -46.13 -28.63 34.49
C PRO B 953 -44.69 -28.24 34.20
N GLU B 954 -43.77 -29.19 34.37
CA GLU B 954 -42.35 -28.93 34.17
C GLU B 954 -41.96 -28.91 32.69
N TRP B 955 -42.64 -29.70 31.87
CA TRP B 955 -42.16 -30.03 30.52
C TRP B 955 -42.01 -28.82 29.63
N ILE B 956 -42.62 -27.69 30.00
CA ILE B 956 -42.47 -26.44 29.26
C ILE B 956 -41.83 -25.36 30.11
N THR B 957 -42.14 -25.33 31.41
CA THR B 957 -41.58 -24.30 32.28
C THR B 957 -40.06 -24.42 32.37
N ILE B 958 -39.56 -25.62 32.69
CA ILE B 958 -38.12 -25.79 32.85
C ILE B 958 -37.38 -25.52 31.54
N PRO B 959 -37.80 -26.05 30.39
CA PRO B 959 -37.14 -25.67 29.14
C PRO B 959 -37.06 -24.17 28.94
N LEU B 960 -38.12 -23.43 29.28
CA LEU B 960 -38.07 -21.98 29.13
C LEU B 960 -36.99 -21.38 30.01
N VAL B 961 -36.82 -21.92 31.22
CA VAL B 961 -35.74 -21.48 32.09
C VAL B 961 -34.39 -21.68 31.39
N CYS B 962 -34.21 -22.86 30.80
CA CYS B 962 -32.96 -23.12 30.09
C CYS B 962 -32.76 -22.16 28.93
N ILE B 963 -33.82 -21.87 28.18
CA ILE B 963 -33.70 -20.98 27.03
C ILE B 963 -33.32 -19.59 27.49
N TYR B 964 -33.95 -19.09 28.56
CA TYR B 964 -33.61 -17.78 29.08
C TYR B 964 -32.16 -17.73 29.55
N MET B 965 -31.72 -18.77 30.26
CA MET B 965 -30.33 -18.82 30.72
C MET B 965 -29.37 -18.76 29.54
N LEU B 966 -29.63 -19.56 28.50
CA LEU B 966 -28.76 -19.55 27.33
C LEU B 966 -28.78 -18.19 26.65
N SER B 967 -29.97 -17.59 26.53
CA SER B 967 -30.10 -16.33 25.81
C SER B 967 -29.34 -15.21 26.52
N THR B 968 -29.43 -15.16 27.85
CA THR B 968 -28.88 -14.03 28.59
C THR B 968 -27.46 -14.28 29.09
N ASN B 969 -27.26 -15.34 29.88
CA ASN B 969 -26.00 -15.51 30.58
C ASN B 969 -24.83 -15.67 29.63
N ILE B 970 -25.00 -16.44 28.57
CA ILE B 970 -23.87 -16.85 27.73
C ILE B 970 -23.89 -16.21 26.34
N LEU B 971 -25.03 -15.69 25.87
CA LEU B 971 -25.09 -15.06 24.56
C LEU B 971 -25.06 -13.54 24.64
N LEU B 972 -26.01 -12.94 25.35
CA LEU B 972 -26.06 -11.48 25.41
C LEU B 972 -24.86 -10.91 26.14
N VAL B 973 -24.45 -11.54 27.24
CA VAL B 973 -23.25 -11.07 27.94
C VAL B 973 -22.04 -11.16 27.01
N ASN B 974 -21.79 -12.34 26.45
CA ASN B 974 -20.62 -12.54 25.61
C ASN B 974 -20.73 -11.78 24.31
N LEU B 975 -21.91 -11.28 23.97
CA LEU B 975 -21.99 -10.34 22.85
C LEU B 975 -21.24 -9.06 23.17
N LEU B 976 -21.60 -8.46 24.30
CA LEU B 976 -21.04 -7.19 24.70
C LEU B 976 -19.54 -7.18 24.71
N VAL B 977 -18.89 -8.28 25.04
CA VAL B 977 -17.45 -8.24 25.01
C VAL B 977 -16.99 -8.02 23.58
N ALA B 978 -17.59 -8.74 22.65
CA ALA B 978 -17.19 -8.63 21.25
C ALA B 978 -17.43 -7.23 20.78
N MET B 979 -18.65 -6.74 20.95
CA MET B 979 -19.01 -5.38 20.60
C MET B 979 -17.97 -4.41 21.14
N PHE B 980 -17.75 -4.46 22.46
CA PHE B 980 -16.78 -3.56 23.07
C PHE B 980 -15.44 -3.64 22.36
N GLY B 981 -15.03 -4.85 21.98
CA GLY B 981 -13.80 -5.02 21.24
C GLY B 981 -13.72 -4.06 20.07
N TYR B 982 -14.67 -4.15 19.14
CA TYR B 982 -14.60 -3.30 17.97
C TYR B 982 -14.64 -1.82 18.37
N THR B 983 -15.32 -1.51 19.47
CA THR B 983 -15.42 -0.11 19.88
C THR B 983 -14.04 0.45 20.23
N VAL B 984 -13.13 -0.39 20.73
CA VAL B 984 -11.84 0.11 21.19
C VAL B 984 -10.89 0.30 20.01
N GLY B 985 -10.53 -0.79 19.34
CA GLY B 985 -9.47 -0.73 18.35
C GLY B 985 -9.77 0.26 17.24
N ILE B 986 -11.05 0.35 16.84
CA ILE B 986 -11.40 1.25 15.76
C ILE B 986 -11.18 2.71 16.16
N VAL B 987 -11.45 3.05 17.41
CA VAL B 987 -11.40 4.43 17.87
C VAL B 987 -10.24 4.70 18.81
N GLN B 988 -9.36 3.72 19.01
CA GLN B 988 -8.26 3.90 19.95
C GLN B 988 -7.25 4.93 19.45
N GLU B 989 -7.04 5.00 18.14
CA GLU B 989 -6.03 5.92 17.59
C GLU B 989 -6.41 7.37 17.87
N ASN B 990 -7.68 7.72 17.70
CA ASN B 990 -8.09 9.11 17.90
C ASN B 990 -8.13 9.48 19.38
N ASN B 991 -8.40 8.52 20.26
CA ASN B 991 -8.66 8.84 21.67
C ASN B 991 -7.57 9.72 22.24
N ASP B 992 -6.30 9.36 22.00
CA ASP B 992 -5.19 10.12 22.57
C ASP B 992 -5.34 11.60 22.29
N GLN B 993 -5.61 11.95 21.02
CA GLN B 993 -5.77 13.35 20.66
C GLN B 993 -6.75 14.05 21.59
N VAL B 994 -7.93 13.44 21.77
CA VAL B 994 -8.95 14.07 22.60
C VAL B 994 -8.39 14.32 23.99
N TRP B 995 -7.72 13.31 24.56
CA TRP B 995 -7.13 13.49 25.89
C TRP B 995 -6.25 14.72 25.91
N LYS B 996 -5.36 14.84 24.93
CA LYS B 996 -4.49 16.00 24.87
C LYS B 996 -5.32 17.28 24.88
N PHE B 997 -6.36 17.33 24.04
CA PHE B 997 -7.24 18.48 24.04
C PHE B 997 -7.77 18.74 25.44
N GLN B 998 -8.34 17.69 26.07
CA GLN B 998 -8.87 17.86 27.41
C GLN B 998 -7.82 18.43 28.34
N ARG B 999 -6.57 17.99 28.19
CA ARG B 999 -5.50 18.49 29.04
C ARG B 999 -5.50 20.01 29.06
N TYR B 1000 -5.52 20.61 27.86
CA TYR B 1000 -5.51 22.07 27.77
C TYR B 1000 -6.50 22.68 28.75
N PHE B 1001 -7.74 22.19 28.73
CA PHE B 1001 -8.78 22.83 29.53
C PHE B 1001 -8.33 22.99 30.96
N LEU B 1002 -7.86 21.89 31.58
CA LEU B 1002 -7.50 21.98 32.98
C LEU B 1002 -6.43 23.04 33.20
N VAL B 1003 -5.39 23.02 32.36
CA VAL B 1003 -4.36 24.05 32.42
C VAL B 1003 -5.03 25.43 32.43
N GLN B 1004 -5.85 25.68 31.41
CA GLN B 1004 -6.52 26.97 31.31
C GLN B 1004 -7.25 27.29 32.61
N GLU B 1005 -8.00 26.32 33.13
CA GLU B 1005 -8.73 26.55 34.37
C GLU B 1005 -7.76 26.96 35.47
N TYR B 1006 -6.71 26.16 35.66
CA TYR B 1006 -5.75 26.46 36.72
C TYR B 1006 -4.89 27.67 36.37
N CYS B 1007 -4.90 28.09 35.10
CA CYS B 1007 -4.28 29.36 34.75
C CYS B 1007 -5.17 30.54 35.09
N ASN B 1008 -6.49 30.32 35.07
CA ASN B 1008 -7.42 31.40 35.40
C ASN B 1008 -7.38 31.72 36.89
N ARG B 1009 -7.27 30.69 37.73
CA ARG B 1009 -7.21 30.86 39.17
C ARG B 1009 -5.79 31.07 39.68
N LEU B 1010 -4.79 30.98 38.82
CA LEU B 1010 -3.38 31.15 39.21
C LEU B 1010 -3.09 30.08 40.27
N ASN B 1011 -2.40 30.42 41.36
CA ASN B 1011 -2.07 29.47 42.42
C ASN B 1011 -2.54 30.03 43.75
N ILE B 1012 -3.28 29.23 44.51
CA ILE B 1012 -3.76 29.65 45.82
C ILE B 1012 -4.24 28.41 46.58
N PRO B 1013 -3.80 28.22 47.83
CA PRO B 1013 -4.35 27.11 48.62
C PRO B 1013 -5.85 27.29 48.85
N PHE B 1014 -6.55 26.16 48.96
CA PHE B 1014 -8.01 26.20 49.10
C PHE B 1014 -8.47 27.07 50.26
N PRO B 1015 -7.93 26.95 51.48
CA PRO B 1015 -8.45 27.77 52.57
C PRO B 1015 -8.09 29.23 52.40
N PHE B 1016 -6.86 29.53 51.97
CA PHE B 1016 -6.53 30.87 51.52
C PHE B 1016 -7.20 31.21 50.21
N VAL B 1017 -7.60 30.19 49.42
CA VAL B 1017 -8.30 30.45 48.17
C VAL B 1017 -9.65 31.11 48.44
N VAL B 1018 -10.37 30.64 49.46
CA VAL B 1018 -11.66 31.23 49.79
C VAL B 1018 -11.47 32.69 50.20
N PHE B 1019 -10.48 32.95 51.05
CA PHE B 1019 -10.23 34.32 51.49
C PHE B 1019 -9.83 35.21 50.31
N ALA B 1020 -9.00 34.69 49.41
CA ALA B 1020 -8.60 35.46 48.24
C ALA B 1020 -9.79 35.75 47.33
N TYR B 1021 -10.69 34.77 47.18
CA TYR B 1021 -11.90 35.02 46.39
C TYR B 1021 -12.75 36.10 47.03
N PHE B 1022 -12.91 36.06 48.35
CA PHE B 1022 -13.67 37.11 49.02
C PHE B 1022 -13.01 38.48 48.84
N TYR B 1023 -11.68 38.53 48.97
CA TYR B 1023 -10.98 39.79 48.80
C TYR B 1023 -11.11 40.33 47.38
N MET B 1024 -11.02 39.44 46.39
CA MET B 1024 -11.19 39.85 45.00
C MET B 1024 -12.59 40.35 44.75
N VAL B 1025 -13.60 39.67 45.31
CA VAL B 1025 -14.97 40.14 45.17
C VAL B 1025 -15.12 41.53 45.77
N VAL B 1026 -14.50 41.76 46.93
CA VAL B 1026 -14.54 43.08 47.55
C VAL B 1026 -13.89 44.11 46.63
N LYS B 1027 -12.73 43.76 46.08
CA LYS B 1027 -12.02 44.69 45.19
C LYS B 1027 -12.73 44.84 43.86
N LYS B 1028 -13.22 43.73 43.29
CA LYS B 1028 -13.91 43.76 42.02
C LYS B 1028 -15.30 44.36 42.17
N ASN B 1051 5.46 42.95 17.17
CA ASN B 1051 5.97 43.71 16.04
C ASN B 1051 7.10 42.95 15.35
N GLU B 1052 8.24 42.83 16.04
CA GLU B 1052 9.36 42.07 15.49
C GLU B 1052 8.98 40.61 15.31
N THR B 1053 8.19 40.06 16.25
CA THR B 1053 7.73 38.69 16.11
C THR B 1053 6.93 38.50 14.84
N LEU B 1054 6.11 39.49 14.48
CA LEU B 1054 5.33 39.41 13.25
C LEU B 1054 6.25 39.39 12.03
N ALA B 1055 7.31 40.21 12.05
CA ALA B 1055 8.27 40.19 10.95
C ALA B 1055 8.96 38.83 10.82
N TRP B 1056 9.35 38.26 11.96
CA TRP B 1056 9.95 36.93 11.94
C TRP B 1056 8.97 35.90 11.39
N GLU B 1057 7.71 36.00 11.78
CA GLU B 1057 6.69 35.10 11.27
C GLU B 1057 6.54 35.26 9.75
N GLY B 1058 6.60 36.49 9.26
CA GLY B 1058 6.54 36.69 7.82
C GLY B 1058 7.72 36.06 7.10
N VAL B 1059 8.91 36.21 7.66
CA VAL B 1059 10.09 35.59 7.05
C VAL B 1059 9.96 34.08 7.04
N MET B 1060 9.49 33.50 8.15
CA MET B 1060 9.28 32.06 8.20
C MET B 1060 8.23 31.63 7.20
N LYS B 1061 7.19 32.44 7.01
CA LYS B 1061 6.18 32.12 6.00
C LYS B 1061 6.76 32.15 4.60
N GLU B 1062 7.64 33.11 4.32
CA GLU B 1062 8.31 33.14 3.03
C GLU B 1062 9.14 31.88 2.82
N ASN B 1063 9.88 31.46 3.86
CA ASN B 1063 10.66 30.24 3.76
C ASN B 1063 9.75 29.04 3.51
N TYR B 1064 8.61 28.99 4.19
CA TYR B 1064 7.66 27.88 4.01
C TYR B 1064 7.11 27.87 2.59
N LEU B 1065 6.79 29.05 2.05
CA LEU B 1065 6.30 29.11 0.67
C LEU B 1065 7.35 28.64 -0.31
N VAL B 1066 8.62 28.99 -0.06
CA VAL B 1066 9.70 28.49 -0.90
C VAL B 1066 9.76 26.97 -0.82
N LYS B 1067 9.60 26.42 0.38
CA LYS B 1067 9.61 24.97 0.53
C LYS B 1067 8.44 24.33 -0.22
N ILE B 1068 7.27 24.95 -0.17
CA ILE B 1068 6.11 24.42 -0.89
C ILE B 1068 6.36 24.44 -2.39
N ASN B 1069 6.96 25.53 -2.88
CA ASN B 1069 7.28 25.62 -4.30
C ASN B 1069 8.27 24.53 -4.69
N THR B 1070 9.27 24.27 -3.84
CA THR B 1070 10.22 23.21 -4.13
C THR B 1070 9.53 21.85 -4.16
N LYS B 1071 8.62 21.60 -3.22
CA LYS B 1071 7.88 20.34 -3.24
C LYS B 1071 7.08 20.19 -4.52
N ALA B 1072 6.44 21.28 -4.96
CA ALA B 1072 5.70 21.24 -6.22
C ALA B 1072 6.63 20.95 -7.40
N ASN B 1073 7.80 21.59 -7.43
CA ASN B 1073 8.75 21.41 -8.52
C ASN B 1073 9.50 20.08 -8.45
N ASP B 1074 9.38 19.33 -7.36
CA ASP B 1074 10.09 18.08 -7.21
C ASP B 1074 9.60 16.99 -8.16
N ASN B 1075 8.64 17.31 -9.02
CA ASN B 1075 8.11 16.32 -9.96
C ASN B 1075 9.22 15.73 -10.83
N SER B 1076 10.25 16.52 -11.14
CA SER B 1076 11.40 16.04 -11.91
C SER B 1076 11.00 15.71 -13.35
N GLU B 1077 10.18 16.57 -13.95
CA GLU B 1077 9.74 16.40 -15.34
C GLU B 1077 10.57 17.24 -16.30
N GLU B 1078 11.80 17.60 -15.93
CA GLU B 1078 12.64 18.43 -16.79
C GLU B 1078 13.00 17.74 -18.10
N MET B 1079 12.86 16.42 -18.17
CA MET B 1079 13.18 15.72 -19.41
C MET B 1079 12.30 16.16 -20.56
N ARG B 1080 11.02 16.47 -20.29
CA ARG B 1080 10.15 16.96 -21.34
C ARG B 1080 10.66 18.28 -21.91
N HIS B 1081 11.06 19.20 -21.03
CA HIS B 1081 11.59 20.48 -21.50
C HIS B 1081 12.91 20.27 -22.25
N ARG B 1082 13.74 19.34 -21.78
CA ARG B 1082 14.98 19.05 -22.48
C ARG B 1082 14.71 18.50 -23.88
N PHE B 1083 13.72 17.62 -24.00
CA PHE B 1083 13.34 17.11 -25.32
C PHE B 1083 12.81 18.22 -26.21
N ARG B 1084 12.02 19.14 -25.65
CA ARG B 1084 11.53 20.26 -26.44
C ARG B 1084 12.68 21.12 -26.94
N GLN B 1085 13.66 21.37 -26.07
CA GLN B 1085 14.84 22.13 -26.48
C GLN B 1085 15.62 21.40 -27.57
N LEU B 1086 15.72 20.07 -27.45
CA LEU B 1086 16.41 19.29 -28.47
C LEU B 1086 15.69 19.40 -29.81
N ASP B 1087 14.35 19.32 -29.80
CA ASP B 1087 13.59 19.48 -31.02
C ASP B 1087 13.78 20.86 -31.62
N SER B 1088 13.80 21.90 -30.77
CA SER B 1088 14.04 23.24 -31.27
C SER B 1088 15.42 23.35 -31.90
N LYS B 1089 16.44 22.73 -31.28
CA LYS B 1089 17.78 22.76 -31.85
C LYS B 1089 17.82 22.03 -33.17
N LEU B 1090 17.12 20.90 -33.28
CA LEU B 1090 17.06 20.17 -34.55
C LEU B 1090 16.41 21.02 -35.63
N ASN B 1091 15.32 21.71 -35.28
CA ASN B 1091 14.67 22.59 -36.24
C ASN B 1091 15.60 23.72 -36.67
N ASP B 1092 16.35 24.29 -35.72
CA ASP B 1092 17.31 25.33 -36.06
C ASP B 1092 18.38 24.80 -36.99
N LEU B 1093 18.87 23.58 -36.74
CA LEU B 1093 19.87 22.99 -37.63
C LEU B 1093 19.31 22.77 -39.02
N LYS B 1094 18.06 22.30 -39.11
CA LYS B 1094 17.44 22.11 -40.42
C LYS B 1094 17.30 23.43 -41.15
N SER B 1095 16.89 24.48 -40.44
CA SER B 1095 16.77 25.80 -41.06
C SER B 1095 18.12 26.32 -41.53
N LEU B 1096 19.17 26.09 -40.73
CA LEU B 1096 20.51 26.49 -41.15
C LEU B 1096 20.95 25.74 -42.40
N LEU B 1097 20.66 24.44 -42.47
CA LEU B 1097 20.99 23.68 -43.66
C LEU B 1097 20.23 24.19 -44.88
N LYS B 1098 18.96 24.51 -44.71
CA LYS B 1098 18.18 25.07 -45.81
C LYS B 1098 18.75 26.41 -46.26
N GLU B 1099 19.15 27.25 -45.31
CA GLU B 1099 19.75 28.54 -45.66
C GLU B 1099 21.05 28.35 -46.41
N ILE B 1100 21.87 27.38 -45.98
CA ILE B 1100 23.12 27.10 -46.68
C ILE B 1100 22.84 26.64 -48.10
N ALA B 1101 21.85 25.76 -48.27
CA ALA B 1101 21.49 25.29 -49.61
C ALA B 1101 21.03 26.45 -50.47
N ASN B 1102 20.21 27.34 -49.92
CA ASN B 1102 19.74 28.49 -50.69
C ASN B 1102 20.91 29.40 -51.08
N ASN B 1103 21.85 29.61 -50.15
CA ASN B 1103 23.01 30.44 -50.46
C ASN B 1103 23.84 29.80 -51.58
N ILE B 1104 24.01 28.48 -51.54
CA ILE B 1104 24.75 27.80 -52.59
C ILE B 1104 24.07 28.01 -53.94
N LYS B 1105 22.75 27.90 -53.98
CA LYS B 1105 21.99 28.11 -55.21
C LYS B 1105 21.71 29.59 -55.42
N ASP C 41 34.57 65.22 17.91
CA ASP C 41 35.46 64.09 17.68
C ASP C 41 35.43 63.69 16.20
N LEU C 42 34.48 62.83 15.84
CA LEU C 42 34.37 62.40 14.45
C LEU C 42 33.93 63.55 13.55
N VAL C 43 33.08 64.45 14.06
CA VAL C 43 32.62 65.58 13.25
C VAL C 43 33.79 66.47 12.85
N ASN C 44 34.71 66.71 13.78
CA ASN C 44 35.89 67.53 13.48
C ASN C 44 36.73 66.88 12.38
N PHE C 45 36.95 65.57 12.48
CA PHE C 45 37.74 64.88 11.46
C PHE C 45 37.04 64.94 10.10
N ILE C 46 35.71 64.75 10.09
CA ILE C 46 34.97 64.79 8.84
C ILE C 46 35.08 66.18 8.21
N GLN C 47 34.92 67.23 9.03
CA GLN C 47 35.02 68.58 8.51
C GLN C 47 36.43 68.86 7.98
N ALA C 48 37.46 68.39 8.69
CA ALA C 48 38.83 68.65 8.26
C ALA C 48 39.18 67.89 6.99
N ASN C 49 38.58 66.70 6.79
CA ASN C 49 38.91 65.91 5.62
C ASN C 49 38.58 66.67 4.33
N PHE C 50 37.39 67.29 4.27
CA PHE C 50 37.03 68.06 3.10
C PHE C 50 37.95 69.26 2.92
N LYS C 51 38.27 69.95 4.00
CA LYS C 51 39.13 71.12 3.95
C LYS C 51 38.53 72.20 3.05
N ASP C 102 31.30 71.73 5.25
CA ASP C 102 30.91 70.54 5.99
C ASP C 102 29.69 69.89 5.35
N ALA C 103 28.50 70.37 5.72
CA ALA C 103 27.24 69.84 5.18
C ALA C 103 27.16 68.32 5.39
N PHE C 104 27.56 67.89 6.58
CA PHE C 104 27.56 66.47 6.93
C PHE C 104 26.73 66.27 8.20
N GLY C 105 25.96 65.18 8.22
CA GLY C 105 25.13 64.87 9.37
C GLY C 105 24.80 63.39 9.40
N ASP C 106 24.56 62.89 10.60
CA ASP C 106 24.24 61.48 10.82
C ASP C 106 22.72 61.33 10.93
N ILE C 107 22.15 60.49 10.07
CA ILE C 107 20.71 60.25 10.04
C ILE C 107 20.44 58.91 10.72
N GLN C 108 19.56 58.93 11.71
CA GLN C 108 19.22 57.71 12.45
C GLN C 108 17.83 57.84 13.07
N GLY C 116 21.92 54.91 8.98
CA GLY C 116 22.96 54.76 9.99
C GLY C 116 23.90 55.94 10.03
N LYS C 117 24.76 56.04 9.01
CA LYS C 117 25.73 57.12 8.91
C LYS C 117 25.69 57.67 7.49
N TYR C 118 25.29 58.93 7.35
CA TYR C 118 25.27 59.62 6.06
C TYR C 118 26.40 60.63 6.03
N LEU C 119 27.22 60.58 4.99
CA LEU C 119 28.37 61.45 4.85
C LEU C 119 28.40 62.05 3.46
N ARG C 120 28.85 63.30 3.38
CA ARG C 120 29.06 63.99 2.11
C ARG C 120 30.56 64.09 1.84
N LEU C 121 30.98 63.66 0.66
CA LEU C 121 32.38 63.58 0.30
C LEU C 121 32.70 64.53 -0.84
N SER C 122 33.96 64.94 -0.90
CA SER C 122 34.44 65.82 -1.95
C SER C 122 34.99 65.01 -3.11
N CYS C 123 34.68 65.45 -4.33
CA CYS C 123 35.14 64.73 -5.51
C CYS C 123 36.66 64.68 -5.57
N ASP C 124 37.32 65.80 -5.28
CA ASP C 124 38.79 65.86 -5.27
C ASP C 124 39.30 65.43 -3.90
N THR C 125 39.15 64.14 -3.63
CA THR C 125 39.58 63.55 -2.37
C THR C 125 40.21 62.19 -2.64
N ASP C 126 41.06 61.77 -1.70
CA ASP C 126 41.73 60.48 -1.81
C ASP C 126 40.82 59.40 -1.26
N SER C 127 40.32 58.54 -2.15
CA SER C 127 39.47 57.44 -1.71
C SER C 127 40.19 56.53 -0.72
N GLU C 128 41.51 56.38 -0.87
CA GLU C 128 42.27 55.53 0.03
C GLU C 128 42.18 56.04 1.46
N THR C 129 42.33 57.34 1.66
CA THR C 129 42.28 57.89 3.01
C THR C 129 40.90 57.69 3.64
N LEU C 130 39.84 57.95 2.87
CA LEU C 130 38.49 57.77 3.39
C LEU C 130 38.23 56.31 3.74
N TYR C 131 38.65 55.39 2.88
CA TYR C 131 38.46 53.97 3.15
C TYR C 131 39.23 53.55 4.40
N GLU C 132 40.46 54.03 4.54
CA GLU C 132 41.26 53.67 5.72
C GLU C 132 40.61 54.21 6.99
N LEU C 133 40.14 55.46 6.95
CA LEU C 133 39.49 56.03 8.13
C LEU C 133 38.22 55.25 8.48
N LEU C 134 37.42 54.91 7.47
CA LEU C 134 36.19 54.16 7.72
C LEU C 134 36.49 52.79 8.31
N THR C 135 37.49 52.10 7.78
CA THR C 135 37.86 50.79 8.32
C THR C 135 38.37 50.92 9.75
N GLN C 136 39.18 51.94 10.03
CA GLN C 136 39.73 52.10 11.37
C GLN C 136 38.63 52.41 12.38
N HIS C 137 37.67 53.26 12.02
CA HIS C 137 36.65 53.72 12.95
C HIS C 137 35.23 53.39 12.52
N TRP C 138 34.89 53.57 11.25
CA TRP C 138 33.49 53.45 10.83
C TRP C 138 32.96 52.04 11.05
N HIS C 139 33.68 51.03 10.56
CA HIS C 139 33.21 49.66 10.62
C HIS C 139 34.40 48.71 10.62
N LEU C 140 34.10 47.41 10.63
CA LEU C 140 35.12 46.38 10.65
C LEU C 140 35.65 46.15 9.23
N LYS C 141 36.41 45.07 9.06
CA LYS C 141 36.99 44.71 7.77
C LYS C 141 36.25 43.52 7.18
N THR C 142 36.31 43.41 5.85
CA THR C 142 35.63 42.34 5.15
C THR C 142 36.60 41.64 4.19
N PRO C 143 36.45 40.33 3.98
CA PRO C 143 37.28 39.65 2.99
C PRO C 143 36.76 39.82 1.58
N ASN C 144 35.44 39.89 1.44
CA ASN C 144 34.78 40.00 0.15
C ASN C 144 33.92 41.25 0.10
N LEU C 145 33.84 41.87 -1.08
CA LEU C 145 33.03 43.06 -1.29
C LEU C 145 32.24 42.88 -2.58
N VAL C 146 30.92 42.87 -2.46
CA VAL C 146 30.04 42.68 -3.60
C VAL C 146 29.80 44.03 -4.27
N ILE C 147 29.97 44.08 -5.59
CA ILE C 147 29.80 45.30 -6.37
C ILE C 147 28.52 45.16 -7.18
N SER C 148 27.61 46.12 -7.02
CA SER C 148 26.34 46.15 -7.73
C SER C 148 26.34 47.31 -8.71
N VAL C 149 26.00 47.04 -9.96
CA VAL C 149 25.94 48.05 -11.02
C VAL C 149 24.50 48.13 -11.49
N THR C 150 23.83 49.22 -11.13
CA THR C 150 22.44 49.43 -11.53
C THR C 150 22.26 50.80 -12.17
N ARG C 161 11.84 35.39 -10.84
CA ARG C 161 13.12 34.69 -10.96
C ARG C 161 14.27 35.58 -10.53
N MET C 162 14.24 36.84 -10.97
CA MET C 162 15.31 37.77 -10.61
C MET C 162 15.36 37.97 -9.09
N ARG C 163 14.20 38.09 -8.45
CA ARG C 163 14.16 38.25 -7.01
C ARG C 163 14.80 37.06 -6.31
N LYS C 164 14.57 35.85 -6.83
CA LYS C 164 15.18 34.66 -6.24
C LYS C 164 16.70 34.73 -6.31
N ILE C 165 17.23 35.12 -7.47
CA ILE C 165 18.67 35.20 -7.64
C ILE C 165 19.26 36.26 -6.71
N PHE C 166 18.61 37.42 -6.62
CA PHE C 166 19.11 38.47 -5.74
C PHE C 166 19.06 38.04 -4.28
N SER C 167 18.00 37.33 -3.88
CA SER C 167 17.92 36.84 -2.51
C SER C 167 19.02 35.84 -2.21
N ARG C 168 19.29 34.94 -3.17
CA ARG C 168 20.38 33.98 -2.98
C ARG C 168 21.72 34.69 -2.85
N LEU C 169 21.94 35.71 -3.68
CA LEU C 169 23.19 36.47 -3.58
C LEU C 169 23.29 37.18 -2.24
N ILE C 170 22.17 37.74 -1.75
CA ILE C 170 22.18 38.39 -0.45
C ILE C 170 22.51 37.39 0.65
N TYR C 171 21.92 36.20 0.57
CA TYR C 171 22.21 35.17 1.57
C TYR C 171 23.69 34.77 1.53
N ILE C 172 24.25 34.63 0.33
CA ILE C 172 25.66 34.28 0.22
C ILE C 172 26.53 35.37 0.82
N ALA C 173 26.21 36.63 0.53
CA ALA C 173 26.98 37.75 1.10
C ALA C 173 26.88 37.76 2.62
N GLN C 174 25.69 37.53 3.16
CA GLN C 174 25.53 37.51 4.60
C GLN C 174 26.33 36.37 5.24
N SER C 175 26.30 35.20 4.61
CA SER C 175 27.05 34.07 5.14
C SER C 175 28.55 34.36 5.12
N LYS C 176 29.03 34.94 4.03
CA LYS C 176 30.45 35.31 3.93
C LYS C 176 30.77 36.59 4.69
N GLY C 177 29.76 37.37 5.06
CA GLY C 177 30.00 38.64 5.72
C GLY C 177 30.49 39.73 4.79
N ALA C 178 30.31 39.57 3.48
CA ALA C 178 30.84 40.53 2.53
C ALA C 178 30.03 41.81 2.54
N TRP C 179 30.69 42.91 2.17
CA TRP C 179 30.01 44.18 1.96
C TRP C 179 29.22 44.15 0.66
N ILE C 180 28.10 44.85 0.65
CA ILE C 180 27.21 44.91 -0.50
C ILE C 180 27.10 46.36 -0.92
N LEU C 181 27.87 46.75 -1.95
CA LEU C 181 27.77 48.09 -2.50
C LEU C 181 26.59 48.19 -3.46
N THR C 182 25.85 49.29 -3.35
CA THR C 182 24.69 49.50 -4.20
C THR C 182 24.43 51.00 -4.32
N GLY C 183 23.67 51.35 -5.36
CA GLY C 183 23.32 52.75 -5.56
C GLY C 183 22.44 53.31 -4.46
N GLY C 184 21.54 52.47 -3.94
CA GLY C 184 20.62 52.90 -2.90
C GLY C 184 19.43 53.69 -3.38
N THR C 185 19.20 53.75 -4.69
CA THR C 185 18.06 54.51 -5.20
C THR C 185 16.75 53.89 -4.72
N HIS C 186 15.83 54.75 -4.30
CA HIS C 186 14.53 54.27 -3.83
C HIS C 186 13.77 53.56 -4.94
N TYR C 187 13.81 54.13 -6.15
CA TYR C 187 13.10 53.56 -7.30
C TYR C 187 14.04 52.58 -8.01
N GLY C 188 13.67 51.30 -8.01
CA GLY C 188 14.44 50.26 -8.63
C GLY C 188 14.60 49.07 -7.69
N LEU C 189 15.53 48.19 -8.04
CA LEU C 189 15.79 47.02 -7.21
C LEU C 189 16.48 47.38 -5.90
N MET C 190 16.98 48.61 -5.76
CA MET C 190 17.69 48.98 -4.54
C MET C 190 16.75 48.92 -3.34
N LYS C 191 15.51 49.39 -3.49
CA LYS C 191 14.55 49.33 -2.39
C LYS C 191 14.25 47.89 -2.00
N TYR C 192 14.09 47.01 -2.99
CA TYR C 192 13.85 45.60 -2.70
C TYR C 192 15.03 44.99 -1.96
N ILE C 193 16.25 45.32 -2.40
CA ILE C 193 17.44 44.79 -1.74
C ILE C 193 17.52 45.29 -0.31
N GLY C 194 17.21 46.56 -0.08
CA GLY C 194 17.21 47.08 1.27
C GLY C 194 16.19 46.40 2.16
N GLU C 195 14.98 46.16 1.62
CA GLU C 195 13.96 45.46 2.39
C GLU C 195 14.41 44.05 2.73
N VAL C 196 15.00 43.35 1.76
CA VAL C 196 15.48 41.99 2.00
C VAL C 196 16.57 41.99 3.06
N VAL C 197 17.48 42.97 2.98
CA VAL C 197 18.56 43.05 3.96
C VAL C 197 17.99 43.29 5.35
N ARG C 198 17.01 44.20 5.46
CA ARG C 198 16.38 44.45 6.75
C ARG C 198 15.70 43.19 7.28
N ASP C 199 15.00 42.46 6.41
CA ASP C 199 14.33 41.23 6.85
C ASP C 199 15.34 40.21 7.34
N ASN C 200 16.45 40.05 6.61
CA ASN C 200 17.48 39.10 7.03
C ASN C 200 18.10 39.52 8.36
N THR C 201 18.36 40.81 8.54
CA THR C 201 18.93 41.29 9.79
C THR C 201 17.97 41.14 10.95
N ILE C 202 16.66 41.16 10.66
CA ILE C 202 15.67 40.98 11.72
C ILE C 202 15.85 39.62 12.39
N SER C 203 16.05 38.57 11.60
CA SER C 203 16.26 37.24 12.15
C SER C 203 17.48 37.21 13.05
N GLU C 208 27.54 37.45 10.75
CA GLU C 208 26.43 37.57 11.67
C GLU C 208 25.67 38.88 11.44
N ASN C 209 26.42 39.93 11.11
CA ASN C 209 25.86 41.26 10.85
C ASN C 209 26.03 41.60 9.38
N ILE C 210 24.97 42.13 8.77
CA ILE C 210 24.98 42.54 7.36
C ILE C 210 25.08 44.06 7.31
N VAL C 211 25.96 44.57 6.47
CA VAL C 211 26.23 46.00 6.32
C VAL C 211 25.96 46.38 4.87
N ALA C 212 25.20 47.45 4.68
CA ALA C 212 24.84 47.93 3.35
C ALA C 212 25.40 49.32 3.12
N ILE C 213 25.94 49.52 1.91
CA ILE C 213 26.60 50.76 1.51
C ILE C 213 25.83 51.33 0.32
N GLY C 214 25.48 52.61 0.41
CA GLY C 214 24.78 53.31 -0.65
C GLY C 214 25.67 54.40 -1.23
N ILE C 215 25.77 54.41 -2.56
CA ILE C 215 26.50 55.44 -3.28
C ILE C 215 25.49 56.32 -4.01
N ALA C 216 25.04 57.37 -3.35
CA ALA C 216 24.01 58.25 -3.90
C ALA C 216 24.44 59.70 -3.66
N ALA C 217 24.72 60.42 -4.74
CA ALA C 217 25.19 61.79 -4.63
C ALA C 217 24.14 62.67 -3.95
N TRP C 218 24.64 63.64 -3.17
CA TRP C 218 23.74 64.53 -2.43
C TRP C 218 22.87 65.36 -3.35
N GLY C 219 23.35 65.68 -4.55
CA GLY C 219 22.60 66.55 -5.44
C GLY C 219 21.22 66.02 -5.77
N MET C 220 21.10 64.71 -5.92
CA MET C 220 19.81 64.11 -6.28
C MET C 220 18.77 64.38 -5.21
N VAL C 221 19.15 64.26 -3.93
CA VAL C 221 18.19 64.44 -2.85
C VAL C 221 17.67 65.85 -2.85
N SER C 222 16.34 65.99 -2.76
CA SER C 222 15.69 67.29 -2.75
C SER C 222 15.40 67.80 -1.33
N ASN C 223 15.68 67.01 -0.30
CA ASN C 223 15.44 67.39 1.08
C ASN C 223 16.74 67.17 1.86
N ARG C 224 17.60 68.19 1.87
CA ARG C 224 18.89 68.13 2.54
C ARG C 224 18.93 69.15 3.67
N ASP C 225 19.34 68.71 4.85
CA ASP C 225 19.46 69.57 6.02
C ASP C 225 20.79 69.32 6.70
N THR C 226 21.33 70.37 7.31
CA THR C 226 22.61 70.29 7.99
C THR C 226 22.47 69.47 9.28
N PHE C 237 22.03 68.11 15.24
CA PHE C 237 22.98 67.00 15.21
C PHE C 237 22.48 65.90 14.27
N SER C 238 21.51 65.12 14.74
CA SER C 238 20.93 64.02 13.97
C SER C 238 19.70 64.53 13.24
N ALA C 239 19.90 65.02 12.02
CA ALA C 239 18.78 65.50 11.23
C ALA C 239 17.85 64.35 10.86
N GLN C 240 16.55 64.65 10.86
CA GLN C 240 15.52 63.66 10.56
C GLN C 240 14.81 64.01 9.26
N TYR C 241 14.62 63.01 8.41
CA TYR C 241 13.94 63.18 7.14
C TYR C 241 12.90 62.09 6.99
N ILE C 242 11.67 62.48 6.64
CA ILE C 242 10.56 61.56 6.46
C ILE C 242 9.89 61.85 5.12
N MET C 243 9.64 60.81 4.35
CA MET C 243 8.99 60.95 3.05
C MET C 243 8.12 59.73 2.74
N LEU C 251 13.58 65.56 -6.37
CA LEU C 251 13.31 64.54 -5.37
C LEU C 251 14.47 63.56 -5.28
N TYR C 252 14.41 62.49 -6.08
CA TYR C 252 15.46 61.47 -6.10
C TYR C 252 15.72 60.94 -4.69
N ILE C 253 14.65 60.74 -3.92
CA ILE C 253 14.81 60.21 -2.57
C ILE C 253 15.37 58.79 -2.64
N LEU C 254 15.89 58.33 -1.50
CA LEU C 254 16.60 57.07 -1.40
C LEU C 254 16.05 56.26 -0.24
N ASP C 255 16.41 54.97 -0.25
CA ASP C 255 16.02 54.07 0.83
C ASP C 255 16.92 54.28 2.04
N ASN C 256 16.33 54.21 3.24
CA ASN C 256 17.06 54.39 4.48
C ASN C 256 17.59 53.09 5.06
N ASN C 257 17.36 51.95 4.38
CA ASN C 257 17.83 50.67 4.92
C ASN C 257 19.35 50.62 4.97
N HIS C 258 20.03 51.13 3.96
CA HIS C 258 21.47 51.06 3.90
C HIS C 258 22.11 51.71 5.13
N THR C 259 23.04 50.99 5.75
CA THR C 259 23.68 51.49 6.97
C THR C 259 24.52 52.73 6.67
N HIS C 260 25.39 52.64 5.66
CA HIS C 260 26.29 53.72 5.31
C HIS C 260 25.84 54.34 4.00
N LEU C 261 25.79 55.67 3.95
CA LEU C 261 25.36 56.39 2.75
C LEU C 261 26.38 57.48 2.44
N LEU C 262 27.13 57.30 1.35
CA LEU C 262 28.10 58.28 0.92
C LEU C 262 27.56 59.03 -0.29
N LEU C 263 27.54 60.36 -0.22
CA LEU C 263 27.05 61.22 -1.28
C LEU C 263 28.18 62.09 -1.78
N VAL C 264 28.51 61.97 -3.07
CA VAL C 264 29.58 62.73 -3.70
C VAL C 264 28.92 63.75 -4.61
N ASP C 265 29.08 65.03 -4.29
CA ASP C 265 28.51 66.12 -5.05
C ASP C 265 29.62 66.97 -5.67
N ASN C 266 29.37 67.48 -6.87
CA ASN C 266 30.32 68.33 -7.57
C ASN C 266 30.29 69.77 -7.06
N GLY C 267 29.38 70.10 -6.15
CA GLY C 267 29.24 71.44 -5.63
C GLY C 267 28.09 72.23 -6.20
N CYS C 268 27.27 71.63 -7.06
CA CYS C 268 26.12 72.31 -7.64
C CYS C 268 25.01 71.29 -7.86
N HIS C 269 23.78 71.80 -7.94
CA HIS C 269 22.60 70.95 -8.13
C HIS C 269 22.31 70.77 -9.62
N GLY C 270 23.30 70.26 -10.33
CA GLY C 270 23.19 69.96 -11.73
C GLY C 270 22.82 68.52 -12.05
N HIS C 271 22.57 67.71 -11.03
CA HIS C 271 22.25 66.29 -11.21
C HIS C 271 23.25 65.59 -12.14
N PRO C 272 24.54 65.62 -11.84
CA PRO C 272 25.51 64.86 -12.63
C PRO C 272 25.79 63.50 -12.02
N THR C 273 25.95 62.50 -12.89
CA THR C 273 26.27 61.14 -12.46
C THR C 273 27.79 60.98 -12.32
N VAL C 274 28.37 61.83 -11.48
CA VAL C 274 29.82 61.84 -11.28
C VAL C 274 30.26 60.95 -10.12
N GLU C 275 29.33 60.49 -9.28
CA GLU C 275 29.70 59.60 -8.19
C GLU C 275 30.25 58.28 -8.68
N ALA C 276 29.96 57.90 -9.93
CA ALA C 276 30.47 56.64 -10.46
C ALA C 276 31.99 56.63 -10.51
N LYS C 277 32.60 57.78 -10.84
CA LYS C 277 34.06 57.85 -10.89
C LYS C 277 34.66 57.57 -9.53
N LEU C 278 34.11 58.20 -8.48
CA LEU C 278 34.60 57.95 -7.13
C LEU C 278 34.35 56.51 -6.72
N ARG C 279 33.20 55.95 -7.10
CA ARG C 279 32.90 54.56 -6.78
C ARG C 279 33.95 53.64 -7.40
N ASN C 280 34.27 53.86 -8.68
CA ASN C 280 35.25 53.03 -9.35
C ASN C 280 36.64 53.21 -8.74
N GLN C 281 37.01 54.44 -8.37
CA GLN C 281 38.30 54.66 -7.75
C GLN C 281 38.39 53.94 -6.41
N LEU C 282 37.32 54.00 -5.61
CA LEU C 282 37.31 53.30 -4.33
C LEU C 282 37.41 51.79 -4.54
N GLU C 283 36.68 51.27 -5.52
CA GLU C 283 36.76 49.83 -5.81
C GLU C 283 38.17 49.44 -6.23
N LYS C 284 38.80 50.24 -7.08
CA LYS C 284 40.16 49.94 -7.51
C LYS C 284 41.13 49.95 -6.34
N TYR C 285 41.01 50.94 -5.46
CA TYR C 285 41.89 50.98 -4.29
C TYR C 285 41.65 49.76 -3.40
N ILE C 286 40.38 49.39 -3.18
CA ILE C 286 40.08 48.24 -2.35
C ILE C 286 40.69 46.98 -2.95
N SER C 287 40.59 46.82 -4.27
CA SER C 287 41.22 45.70 -4.93
C SER C 287 42.74 45.73 -4.73
N GLU C 288 43.34 46.91 -4.84
CA GLU C 288 44.77 47.04 -4.60
C GLU C 288 45.11 46.68 -3.15
N ARG C 289 44.29 47.13 -2.21
CA ARG C 289 44.52 46.85 -0.80
C ARG C 289 44.51 45.34 -0.54
N THR C 290 45.66 44.78 -0.19
CA THR C 290 45.75 43.34 0.05
C THR C 290 45.06 42.98 1.35
N SER C 291 44.38 41.83 1.35
CA SER C 291 43.69 41.31 2.52
C SER C 291 44.20 39.90 2.80
N GLN C 292 44.76 39.70 3.99
CA GLN C 292 45.35 38.39 4.31
C GLN C 292 44.29 37.30 4.34
N ASP C 293 43.13 37.58 4.92
CA ASP C 293 42.09 36.57 5.08
C ASP C 293 41.44 36.24 3.74
N SER C 294 40.85 35.06 3.67
CA SER C 294 40.12 34.53 2.52
C SER C 294 41.03 34.17 1.35
N ASN C 295 42.34 34.12 1.57
CA ASN C 295 43.27 33.76 0.51
C ASN C 295 43.07 34.60 -0.74
N TYR C 296 42.84 33.96 -1.89
CA TYR C 296 42.74 34.67 -3.16
C TYR C 296 43.99 35.52 -3.40
N GLY C 297 45.15 34.92 -3.11
CA GLY C 297 46.40 35.64 -3.26
C GLY C 297 46.48 36.89 -2.41
N GLY C 298 45.92 36.84 -1.20
CA GLY C 298 45.91 38.02 -0.35
C GLY C 298 45.18 39.20 -0.95
N LYS C 299 44.21 38.95 -1.81
CA LYS C 299 43.48 39.99 -2.50
C LYS C 299 41.99 39.88 -2.20
N ILE C 300 41.24 40.87 -2.67
CA ILE C 300 39.80 40.93 -2.48
C ILE C 300 39.14 40.57 -3.81
N PRO C 301 37.97 39.92 -3.81
CA PRO C 301 37.36 39.55 -5.11
C PRO C 301 36.76 40.72 -5.87
N ILE C 302 35.99 41.59 -5.19
CA ILE C 302 35.30 42.69 -5.86
C ILE C 302 34.41 42.10 -6.95
N VAL C 303 33.55 41.15 -6.58
CA VAL C 303 32.61 40.60 -7.54
C VAL C 303 31.68 41.71 -8.02
N CYS C 304 31.41 41.73 -9.32
CA CYS C 304 30.56 42.74 -9.94
C CYS C 304 29.37 42.08 -10.62
N PHE C 305 28.19 42.61 -10.37
CA PHE C 305 26.94 42.08 -10.91
C PHE C 305 26.04 43.24 -11.31
N ALA C 306 25.48 43.17 -12.52
CA ALA C 306 24.60 44.19 -13.03
C ALA C 306 23.41 43.53 -13.71
N GLN C 307 22.22 44.09 -13.49
CA GLN C 307 21.00 43.58 -14.09
C GLN C 307 20.16 44.65 -14.77
N GLY C 308 20.55 45.92 -14.71
CA GLY C 308 19.79 47.00 -15.32
C GLY C 308 20.49 47.53 -16.55
N GLY C 309 19.70 47.79 -17.60
CA GLY C 309 20.23 48.28 -18.86
C GLY C 309 20.39 49.79 -18.91
N GLY C 310 21.42 50.32 -18.25
CA GLY C 310 21.69 51.74 -18.24
C GLY C 310 23.01 52.07 -18.91
N ARG C 311 23.07 53.24 -19.53
CA ARG C 311 24.31 53.68 -20.16
C ARG C 311 25.43 53.87 -19.14
N GLU C 312 25.09 54.45 -17.98
CA GLU C 312 26.09 54.62 -16.93
C GLU C 312 26.61 53.26 -16.46
N THR C 313 25.72 52.27 -16.36
CA THR C 313 26.17 50.93 -16.00
C THR C 313 27.12 50.38 -17.05
N LEU C 314 26.86 50.66 -18.32
CA LEU C 314 27.76 50.21 -19.39
C LEU C 314 29.13 50.88 -19.27
N LYS C 315 29.15 52.17 -18.97
CA LYS C 315 30.43 52.85 -18.79
C LYS C 315 31.18 52.27 -17.60
N ALA C 316 30.48 52.00 -16.50
CA ALA C 316 31.10 51.39 -15.34
C ALA C 316 31.65 50.01 -15.66
N ILE C 317 30.89 49.23 -16.46
CA ILE C 317 31.35 47.91 -16.86
C ILE C 317 32.61 48.02 -17.70
N ASN C 318 32.65 48.98 -18.63
CA ASN C 318 33.85 49.16 -19.44
C ASN C 318 35.04 49.52 -18.58
N THR C 319 34.84 50.44 -17.63
CA THR C 319 35.94 50.82 -16.75
C THR C 319 36.41 49.64 -15.91
N SER C 320 35.48 48.84 -15.40
CA SER C 320 35.85 47.72 -14.55
C SER C 320 36.60 46.65 -15.34
N VAL C 321 36.09 46.27 -16.51
CA VAL C 321 36.76 45.29 -17.33
C VAL C 321 38.12 45.81 -17.76
N LYS C 322 38.25 47.13 -17.92
CA LYS C 322 39.57 47.71 -18.14
C LYS C 322 40.51 47.35 -17.00
N SER C 323 39.98 47.25 -15.79
CA SER C 323 40.74 46.81 -14.62
C SER C 323 40.65 45.29 -14.51
N LYS C 324 41.09 44.75 -13.39
CA LYS C 324 41.00 43.32 -13.13
C LYS C 324 39.67 42.91 -12.51
N ILE C 325 38.74 43.85 -12.37
CA ILE C 325 37.46 43.55 -11.72
C ILE C 325 36.69 42.55 -12.58
N PRO C 326 36.16 41.45 -12.01
CA PRO C 326 35.32 40.56 -12.80
C PRO C 326 33.84 40.86 -12.64
N CYS C 327 33.12 40.83 -13.76
CA CYS C 327 31.69 41.10 -13.78
C CYS C 327 30.94 39.85 -14.25
N VAL C 328 29.88 39.49 -13.54
CA VAL C 328 29.03 38.36 -13.88
C VAL C 328 27.60 38.86 -13.97
N VAL C 329 26.92 38.52 -15.06
CA VAL C 329 25.55 38.95 -15.32
C VAL C 329 24.71 37.74 -15.69
N VAL C 330 23.50 37.68 -15.16
CA VAL C 330 22.55 36.63 -15.50
C VAL C 330 21.66 37.13 -16.61
N GLU C 331 21.18 36.20 -17.45
CA GLU C 331 20.33 36.58 -18.58
C GLU C 331 19.10 37.32 -18.09
N GLY C 332 18.35 36.70 -17.16
CA GLY C 332 17.20 37.33 -16.55
C GLY C 332 16.34 38.14 -17.50
N SER C 333 16.09 39.40 -17.15
CA SER C 333 15.34 40.34 -17.98
C SER C 333 16.02 41.69 -17.88
N GLY C 334 16.95 41.95 -18.79
CA GLY C 334 17.68 43.20 -18.80
C GLY C 334 17.72 43.81 -20.19
N GLN C 335 17.68 45.14 -20.23
CA GLN C 335 17.70 45.83 -21.51
C GLN C 335 19.00 45.56 -22.26
N ILE C 336 20.14 45.64 -21.56
CA ILE C 336 21.43 45.34 -22.16
C ILE C 336 21.98 44.00 -21.69
N ALA C 337 21.65 43.55 -20.47
CA ALA C 337 22.17 42.28 -19.99
C ALA C 337 21.81 41.15 -20.94
N ASP C 338 20.57 41.14 -21.44
CA ASP C 338 20.17 40.12 -22.39
C ASP C 338 20.99 40.21 -23.67
N VAL C 339 21.26 41.44 -24.13
CA VAL C 339 22.03 41.62 -25.36
C VAL C 339 23.44 41.05 -25.20
N ILE C 340 24.09 41.41 -24.10
CA ILE C 340 25.46 40.95 -23.89
C ILE C 340 25.49 39.44 -23.68
N ALA C 341 24.50 38.91 -22.96
CA ALA C 341 24.43 37.46 -22.75
C ALA C 341 24.28 36.73 -24.08
N SER C 342 23.42 37.23 -24.96
CA SER C 342 23.26 36.62 -26.28
C SER C 342 24.53 36.76 -27.11
N LEU C 343 25.25 37.87 -26.96
CA LEU C 343 26.48 38.07 -27.71
C LEU C 343 27.50 36.99 -27.37
N VAL C 344 27.64 36.65 -26.10
CA VAL C 344 28.57 35.62 -25.66
C VAL C 344 28.01 34.25 -26.01
N THR C 351 31.80 44.31 -34.46
CA THR C 351 31.63 45.20 -35.61
C THR C 351 30.36 46.03 -35.48
N SER C 352 30.25 47.08 -36.30
CA SER C 352 29.07 47.93 -36.25
C SER C 352 27.82 47.16 -36.62
N SER C 353 27.89 46.31 -37.65
CA SER C 353 26.72 45.57 -38.09
C SER C 353 26.25 44.60 -37.01
N MET C 354 27.18 43.90 -36.36
CA MET C 354 26.80 42.94 -35.32
C MET C 354 26.08 43.65 -34.18
N VAL C 355 26.60 44.80 -33.74
CA VAL C 355 25.96 45.54 -32.67
C VAL C 355 24.61 46.08 -33.11
N LYS C 356 24.51 46.52 -34.37
CA LYS C 356 23.23 47.00 -34.89
C LYS C 356 22.19 45.90 -34.86
N GLU C 357 22.56 44.69 -35.26
CA GLU C 357 21.63 43.56 -35.17
C GLU C 357 21.26 43.28 -33.72
N LYS C 358 22.24 43.33 -32.82
CA LYS C 358 21.97 43.14 -31.40
C LYS C 358 21.26 44.35 -30.82
N LEU C 359 20.43 44.09 -29.82
CA LEU C 359 19.67 45.12 -29.11
C LEU C 359 18.62 45.79 -30.00
N VAL C 360 18.44 45.32 -31.23
CA VAL C 360 17.45 45.92 -32.11
C VAL C 360 16.06 45.79 -31.50
N ARG C 361 15.73 44.60 -31.01
CA ARG C 361 14.46 44.38 -30.32
C ARG C 361 14.56 44.53 -28.82
N PHE C 362 15.75 44.35 -28.25
CA PHE C 362 15.92 44.47 -26.80
C PHE C 362 15.72 45.92 -26.35
N LEU C 363 16.27 46.87 -27.09
CA LEU C 363 16.24 48.29 -26.71
C LEU C 363 15.77 49.13 -27.90
N PRO C 364 14.49 49.03 -28.25
CA PRO C 364 13.95 49.88 -29.32
C PRO C 364 13.88 51.34 -28.91
N ARG C 365 13.36 51.60 -27.72
CA ARG C 365 13.24 52.97 -27.23
C ARG C 365 14.62 53.60 -27.06
N THR C 366 15.57 52.85 -26.51
CA THR C 366 16.93 53.38 -26.33
C THR C 366 17.56 53.71 -27.69
N VAL C 367 17.39 52.84 -28.68
CA VAL C 367 17.94 53.09 -30.00
C VAL C 367 17.30 54.33 -30.61
N SER C 368 15.98 54.45 -30.50
CA SER C 368 15.29 55.59 -31.08
C SER C 368 15.74 56.90 -30.43
N ARG C 369 15.85 56.91 -29.09
CA ARG C 369 16.24 58.13 -28.39
C ARG C 369 17.71 58.45 -28.61
N LEU C 370 18.55 57.43 -28.66
CA LEU C 370 19.99 57.67 -28.78
C LEU C 370 20.33 58.25 -30.15
N PRO C 371 21.02 59.39 -30.23
CA PRO C 371 21.43 59.91 -31.54
C PRO C 371 22.53 59.08 -32.16
N GLU C 372 23.00 59.51 -33.34
CA GLU C 372 24.06 58.77 -34.02
C GLU C 372 25.33 58.71 -33.19
N GLU C 373 25.70 59.83 -32.57
CA GLU C 373 26.87 59.83 -31.69
C GLU C 373 26.69 58.86 -30.54
N GLU C 374 25.48 58.82 -29.96
CA GLU C 374 25.22 57.89 -28.86
C GLU C 374 25.31 56.45 -29.34
N ILE C 375 24.83 56.17 -30.57
CA ILE C 375 24.92 54.82 -31.10
C ILE C 375 26.37 54.41 -31.30
N GLU C 376 27.19 55.32 -31.84
CA GLU C 376 28.60 55.03 -32.00
C GLU C 376 29.28 54.80 -30.66
N SER C 377 28.92 55.61 -29.66
CA SER C 377 29.47 55.41 -28.32
C SER C 377 29.07 54.06 -27.75
N TRP C 378 27.80 53.67 -27.94
CA TRP C 378 27.35 52.34 -27.51
C TRP C 378 28.20 51.26 -28.18
N ILE C 379 28.40 51.37 -29.49
CA ILE C 379 29.17 50.37 -30.21
C ILE C 379 30.59 50.30 -29.65
N LYS C 380 31.19 51.46 -29.41
CA LYS C 380 32.56 51.49 -28.89
C LYS C 380 32.64 50.85 -27.50
N TRP C 381 31.71 51.21 -26.61
CA TRP C 381 31.73 50.67 -25.26
C TRP C 381 31.57 49.16 -25.28
N LEU C 382 30.62 48.66 -26.09
CA LEU C 382 30.37 47.23 -26.11
C LEU C 382 31.53 46.48 -26.76
N LYS C 383 32.16 47.07 -27.78
CA LYS C 383 33.34 46.44 -28.37
C LYS C 383 34.46 46.35 -27.35
N GLU C 384 34.66 47.42 -26.56
CA GLU C 384 35.68 47.38 -25.52
C GLU C 384 35.35 46.32 -24.47
N ILE C 385 34.08 46.21 -24.09
CA ILE C 385 33.69 45.27 -23.05
C ILE C 385 33.90 43.84 -23.51
N LEU C 386 33.47 43.53 -24.75
CA LEU C 386 33.59 42.16 -25.25
C LEU C 386 35.04 41.75 -25.49
N GLU C 387 35.97 42.70 -25.50
CA GLU C 387 37.37 42.37 -25.76
C GLU C 387 37.88 41.32 -24.77
N SER C 388 37.46 41.41 -23.51
CA SER C 388 37.91 40.50 -22.47
C SER C 388 36.78 39.56 -22.10
N SER C 389 37.02 38.26 -22.27
CA SER C 389 36.06 37.23 -21.90
C SER C 389 36.31 36.66 -20.51
N HIS C 390 37.55 36.72 -20.02
CA HIS C 390 37.84 36.22 -18.68
C HIS C 390 37.09 37.02 -17.62
N LEU C 391 37.02 38.34 -17.78
CA LEU C 391 36.37 39.20 -16.81
C LEU C 391 34.86 39.27 -16.99
N LEU C 392 34.32 38.63 -18.02
CA LEU C 392 32.88 38.63 -18.28
C LEU C 392 32.33 37.23 -18.05
N THR C 393 31.29 37.14 -17.22
CA THR C 393 30.61 35.89 -16.91
C THR C 393 29.14 36.03 -17.28
N VAL C 394 28.61 35.00 -17.94
CA VAL C 394 27.22 34.99 -18.39
C VAL C 394 26.53 33.80 -17.72
N ILE C 395 25.39 34.04 -17.10
CA ILE C 395 24.61 33.01 -16.43
C ILE C 395 23.27 32.91 -17.15
N LYS C 396 22.95 31.71 -17.64
CA LYS C 396 21.69 31.48 -18.33
C LYS C 396 20.54 31.40 -17.33
N MET C 397 19.41 32.01 -17.69
CA MET C 397 18.23 32.00 -16.84
C MET C 397 17.42 30.71 -16.97
N GLU C 398 17.72 29.86 -17.95
CA GLU C 398 16.99 28.62 -18.12
C GLU C 398 17.38 27.58 -17.09
N GLU C 399 18.64 27.57 -16.65
CA GLU C 399 19.10 26.58 -15.68
C GLU C 399 18.31 26.72 -14.38
N ALA C 400 17.85 25.59 -13.85
CA ALA C 400 17.10 25.55 -12.61
C ALA C 400 17.92 24.95 -11.46
N GLY C 401 19.23 24.85 -11.62
CA GLY C 401 20.05 24.27 -10.58
C GLY C 401 20.01 25.09 -9.31
N ASP C 402 20.19 24.41 -8.18
CA ASP C 402 20.20 25.06 -6.88
C ASP C 402 21.57 25.61 -6.56
N GLU C 403 21.59 26.79 -5.92
CA GLU C 403 22.83 27.44 -5.50
C GLU C 403 23.68 27.86 -6.69
N ILE C 404 23.06 28.03 -7.86
CA ILE C 404 23.79 28.48 -9.04
C ILE C 404 24.30 29.89 -8.87
N VAL C 405 23.65 30.70 -8.02
CA VAL C 405 24.08 32.08 -7.82
C VAL C 405 25.52 32.11 -7.31
N SER C 406 25.84 31.27 -6.34
CA SER C 406 27.20 31.20 -5.83
C SER C 406 28.13 30.46 -6.78
N ASN C 407 27.62 29.46 -7.49
CA ASN C 407 28.46 28.68 -8.39
C ASN C 407 29.01 29.55 -9.52
N ALA C 408 28.17 30.40 -10.10
CA ALA C 408 28.62 31.27 -11.18
C ALA C 408 29.68 32.24 -10.68
N ILE C 409 29.47 32.82 -9.50
CA ILE C 409 30.45 33.74 -8.93
C ILE C 409 31.77 33.02 -8.70
N SER C 410 31.71 31.79 -8.17
CA SER C 410 32.93 31.03 -7.91
C SER C 410 33.67 30.75 -9.21
N TYR C 411 32.95 30.37 -10.26
CA TYR C 411 33.61 30.08 -11.54
C TYR C 411 34.28 31.35 -12.09
N ALA C 412 33.58 32.49 -12.02
CA ALA C 412 34.16 33.72 -12.52
C ALA C 412 35.40 34.11 -11.73
N LEU C 413 35.35 33.99 -10.40
CA LEU C 413 36.51 34.33 -9.58
C LEU C 413 37.68 33.40 -9.89
N TYR C 414 37.40 32.11 -10.12
CA TYR C 414 38.46 31.18 -10.46
C TYR C 414 39.08 31.55 -11.80
N LYS C 415 38.25 31.94 -12.77
CA LYS C 415 38.79 32.35 -14.06
C LYS C 415 39.68 33.58 -13.92
N ALA C 416 39.25 34.56 -13.12
CA ALA C 416 40.09 35.73 -12.92
C ALA C 416 41.40 35.36 -12.24
N PHE C 417 41.34 34.50 -11.22
CA PHE C 417 42.55 34.10 -10.52
C PHE C 417 43.51 33.38 -11.45
N SER C 418 42.98 32.50 -12.31
CA SER C 418 43.82 31.85 -13.31
C SER C 418 44.43 32.88 -14.26
N THR C 419 43.63 33.89 -14.64
CA THR C 419 44.15 34.95 -15.49
C THR C 419 45.26 35.74 -14.79
N ASN C 420 45.21 35.84 -13.47
CA ASN C 420 46.22 36.62 -12.75
C ASN C 420 47.63 36.09 -13.04
N GLU C 421 47.82 34.77 -12.94
CA GLU C 421 49.06 34.08 -13.28
C GLU C 421 50.16 34.29 -12.24
N GLN C 422 49.92 35.08 -11.20
CA GLN C 422 50.93 35.28 -10.16
C GLN C 422 50.93 34.11 -9.18
N ASP C 423 49.79 33.86 -8.55
CA ASP C 423 49.62 32.72 -7.65
C ASP C 423 49.13 31.48 -8.37
N LYS C 424 48.87 31.56 -9.67
CA LYS C 424 48.41 30.38 -10.41
C LYS C 424 49.47 29.29 -10.43
N ASP C 425 50.74 29.67 -10.33
CA ASP C 425 51.81 28.67 -10.28
C ASP C 425 51.65 27.76 -9.06
N ASN C 426 51.30 28.34 -7.92
CA ASN C 426 51.09 27.57 -6.70
C ASN C 426 49.72 26.91 -6.77
N TRP C 427 49.69 25.59 -6.97
CA TRP C 427 48.42 24.88 -7.04
C TRP C 427 47.67 24.98 -5.73
N ASN C 428 48.38 24.87 -4.60
CA ASN C 428 47.73 24.96 -3.30
C ASN C 428 47.01 26.28 -3.14
N GLY C 429 47.60 27.37 -3.62
CA GLY C 429 46.99 28.68 -3.43
C GLY C 429 45.63 28.78 -4.10
N GLN C 430 45.53 28.35 -5.35
CA GLN C 430 44.25 28.35 -6.04
C GLN C 430 43.31 27.33 -5.42
N LEU C 431 43.85 26.22 -4.93
CA LEU C 431 43.00 25.24 -4.26
C LEU C 431 42.34 25.84 -3.03
N LYS C 432 43.05 26.68 -2.29
CA LYS C 432 42.46 27.30 -1.10
C LYS C 432 41.25 28.14 -1.49
N LEU C 433 41.42 29.01 -2.47
CA LEU C 433 40.30 29.85 -2.91
C LEU C 433 39.16 29.02 -3.45
N LEU C 434 39.47 27.98 -4.22
CA LEU C 434 38.43 27.12 -4.77
C LEU C 434 37.68 26.41 -3.65
N LEU C 435 38.40 25.91 -2.66
CA LEU C 435 37.79 25.13 -1.58
C LEU C 435 36.93 26.00 -0.68
N GLU C 436 37.38 27.23 -0.39
CA GLU C 436 36.62 28.08 0.50
C GLU C 436 35.20 28.30 -0.01
N TRP C 437 35.00 28.16 -1.32
CA TRP C 437 33.69 28.32 -1.92
C TRP C 437 33.04 26.95 -2.16
N ASN C 438 31.75 26.99 -2.52
CA ASN C 438 30.97 25.77 -2.66
C ASN C 438 31.51 24.88 -3.77
N GLN C 439 31.91 25.48 -4.90
CA GLN C 439 32.22 24.69 -6.09
C GLN C 439 33.28 23.64 -5.78
N LEU C 440 32.98 22.39 -6.14
CA LEU C 440 33.91 21.28 -5.95
C LEU C 440 34.02 20.45 -7.22
N ASP C 441 32.95 20.38 -8.01
CA ASP C 441 32.95 19.56 -9.21
C ASP C 441 34.00 20.04 -10.21
N LEU C 442 33.96 21.34 -10.53
CA LEU C 442 34.97 21.90 -11.43
C LEU C 442 36.33 21.93 -10.76
N ALA C 443 36.37 22.07 -9.44
CA ALA C 443 37.65 22.08 -8.73
C ALA C 443 38.39 20.77 -8.92
N SER C 444 37.67 19.65 -8.91
CA SER C 444 38.32 18.35 -9.07
C SER C 444 39.03 18.26 -10.41
N ASP C 445 38.35 18.69 -11.48
CA ASP C 445 38.97 18.66 -12.81
C ASP C 445 40.13 19.65 -12.90
N GLU C 446 39.97 20.83 -12.28
CA GLU C 446 40.98 21.87 -12.43
C GLU C 446 42.32 21.43 -11.87
N ILE C 447 42.35 20.97 -10.62
CA ILE C 447 43.60 20.66 -9.94
C ILE C 447 43.60 19.21 -9.48
N PHE C 448 42.51 18.78 -8.83
CA PHE C 448 42.48 17.42 -8.30
C PHE C 448 42.69 16.38 -9.39
N THR C 449 42.26 16.67 -10.62
CA THR C 449 42.58 15.78 -11.73
C THR C 449 44.08 15.71 -11.95
N ASN C 450 44.73 16.87 -12.09
CA ASN C 450 46.18 16.96 -12.15
C ASN C 450 46.77 15.89 -13.07
N ASP C 451 47.32 14.84 -12.49
CA ASP C 451 47.94 13.69 -13.15
C ASP C 451 49.37 14.01 -13.60
N ARG C 452 49.81 15.25 -13.53
CA ARG C 452 51.18 15.59 -13.92
C ARG C 452 52.16 15.05 -12.90
N ARG C 453 52.05 15.50 -11.65
CA ARG C 453 52.89 14.98 -10.57
C ARG C 453 52.25 15.42 -9.25
N TRP C 454 51.55 14.50 -8.59
CA TRP C 454 50.93 14.81 -7.31
C TRP C 454 51.92 14.57 -6.18
N GLU C 455 52.07 15.56 -5.31
CA GLU C 455 52.96 15.43 -4.16
C GLU C 455 52.41 14.41 -3.18
N SER C 456 53.31 13.64 -2.57
CA SER C 456 52.89 12.64 -1.59
C SER C 456 52.18 13.29 -0.41
N ALA C 457 52.74 14.39 0.09
CA ALA C 457 52.07 15.13 1.16
C ALA C 457 50.75 15.71 0.68
N ASP C 458 50.70 16.18 -0.57
CA ASP C 458 49.50 16.76 -1.16
C ASP C 458 49.00 17.86 -0.24
N LEU C 459 47.73 17.85 0.18
CA LEU C 459 47.17 18.91 1.02
C LEU C 459 47.53 18.61 2.47
N GLN C 460 48.79 18.90 2.82
CA GLN C 460 49.24 18.71 4.20
C GLN C 460 48.43 19.60 5.15
N GLU C 461 48.20 20.85 4.76
CA GLU C 461 47.38 21.77 5.52
C GLU C 461 46.02 22.05 4.89
N VAL C 462 45.91 21.89 3.57
CA VAL C 462 44.63 22.12 2.90
C VAL C 462 43.58 21.16 3.42
N MET C 463 43.94 19.88 3.55
CA MET C 463 43.00 18.90 4.11
C MET C 463 42.68 19.21 5.57
N PHE C 464 43.69 19.65 6.33
CA PHE C 464 43.43 20.04 7.72
C PHE C 464 42.45 21.20 7.79
N THR C 465 42.61 22.19 6.92
CA THR C 465 41.66 23.30 6.87
C THR C 465 40.28 22.82 6.45
N ALA C 466 40.22 21.89 5.50
CA ALA C 466 38.94 21.34 5.08
C ALA C 466 38.22 20.68 6.24
N LEU C 467 38.95 19.89 7.04
CA LEU C 467 38.35 19.30 8.24
C LEU C 467 37.91 20.39 9.22
N ILE C 468 38.76 21.39 9.42
CA ILE C 468 38.39 22.52 10.27
C ILE C 468 37.22 23.28 9.64
N LYS C 469 37.30 23.53 8.34
CA LYS C 469 36.20 24.20 7.64
C LYS C 469 34.96 23.32 7.59
N ASP C 470 35.10 22.01 7.78
CA ASP C 470 33.97 21.09 7.79
C ASP C 470 33.32 21.01 6.42
N ARG C 471 34.14 20.88 5.38
CA ARG C 471 33.62 20.82 4.02
C ARG C 471 33.06 19.42 3.76
N PRO C 472 31.77 19.29 3.44
CA PRO C 472 31.21 17.96 3.14
C PRO C 472 31.34 17.60 1.67
N LYS C 473 31.52 16.30 1.43
CA LYS C 473 31.65 15.75 0.10
C LYS C 473 32.88 16.28 -0.63
N PHE C 474 33.84 16.84 0.10
CA PHE C 474 35.07 17.34 -0.48
C PHE C 474 36.30 16.63 0.06
N VAL C 475 36.32 16.34 1.37
CA VAL C 475 37.38 15.50 1.91
C VAL C 475 37.34 14.13 1.26
N ARG C 476 36.17 13.72 0.77
CA ARG C 476 36.06 12.45 0.06
C ARG C 476 37.05 12.38 -1.10
N LEU C 477 37.26 13.51 -1.78
CA LEU C 477 38.23 13.52 -2.87
C LEU C 477 39.65 13.43 -2.36
N PHE C 478 39.95 14.09 -1.24
CA PHE C 478 41.27 13.96 -0.64
C PHE C 478 41.56 12.50 -0.30
N LEU C 479 40.55 11.78 0.19
CA LEU C 479 40.74 10.37 0.50
C LEU C 479 40.85 9.53 -0.78
N GLU C 480 40.05 9.87 -1.80
CA GLU C 480 40.12 9.14 -3.06
C GLU C 480 41.52 9.23 -3.66
N ASN C 481 42.06 10.45 -3.77
CA ASN C 481 43.47 10.58 -4.10
C ASN C 481 44.34 9.96 -3.03
N GLY C 482 43.96 10.15 -1.77
CA GLY C 482 44.55 9.41 -0.67
C GLY C 482 45.66 10.12 0.06
N LEU C 483 45.72 9.91 1.37
CA LEU C 483 46.79 10.41 2.20
C LEU C 483 46.87 9.52 3.43
N ASN C 484 48.08 9.42 4.00
CA ASN C 484 48.28 8.58 5.17
C ASN C 484 47.46 9.12 6.34
N LEU C 485 46.38 8.44 6.68
CA LEU C 485 45.51 8.92 7.75
C LEU C 485 46.27 9.00 9.07
N GLN C 486 47.04 7.96 9.39
CA GLN C 486 47.85 7.99 10.60
C GLN C 486 48.94 9.06 10.51
N LYS C 487 49.64 9.12 9.38
CA LYS C 487 50.66 10.15 9.20
C LYS C 487 50.04 11.54 9.16
N PHE C 488 48.90 11.68 8.48
CA PHE C 488 48.24 12.98 8.40
C PHE C 488 47.84 13.48 9.79
N LEU C 489 47.27 12.59 10.60
CA LEU C 489 46.79 12.95 11.94
C LEU C 489 47.93 12.73 12.94
N THR C 490 48.86 13.68 12.96
CA THR C 490 49.96 13.63 13.91
C THR C 490 49.45 13.89 15.33
N ASN C 491 50.24 13.48 16.31
CA ASN C 491 49.84 13.65 17.70
C ASN C 491 49.63 15.13 18.02
N GLU C 492 50.55 15.98 17.59
CA GLU C 492 50.39 17.42 17.82
C GLU C 492 49.16 17.96 17.09
N VAL C 493 48.97 17.53 15.84
CA VAL C 493 47.81 17.98 15.07
C VAL C 493 46.51 17.51 15.73
N LEU C 494 46.49 16.24 16.16
CA LEU C 494 45.30 15.73 16.82
C LEU C 494 45.01 16.48 18.11
N THR C 495 46.05 16.77 18.90
CA THR C 495 45.86 17.53 20.13
C THR C 495 45.34 18.94 19.83
N GLU C 496 45.88 19.58 18.80
CA GLU C 496 45.40 20.91 18.43
C GLU C 496 43.94 20.87 18.01
N LEU C 497 43.56 19.85 17.23
CA LEU C 497 42.16 19.72 16.83
C LEU C 497 41.27 19.50 18.05
N PHE C 498 41.71 18.67 18.99
CA PHE C 498 40.91 18.40 20.18
C PHE C 498 40.91 19.58 21.15
N SER C 499 41.81 20.54 20.98
CA SER C 499 41.88 21.70 21.86
C SER C 499 41.45 22.99 21.18
N THR C 500 42.02 23.31 20.01
CA THR C 500 41.72 24.56 19.33
C THR C 500 40.39 24.49 18.60
N HIS C 501 40.26 23.56 17.65
CA HIS C 501 39.06 23.46 16.83
C HIS C 501 37.92 22.74 17.54
N PHE C 502 38.18 22.07 18.66
CA PHE C 502 37.12 21.37 19.37
C PHE C 502 36.07 22.34 19.90
N SER C 503 36.50 23.54 20.29
CA SER C 503 35.59 24.55 20.84
C SER C 503 35.16 24.17 22.25
N THR C 504 34.22 24.92 22.82
CA THR C 504 33.77 24.70 24.18
C THR C 504 32.25 24.58 24.33
N LEU C 505 31.48 24.80 23.26
CA LEU C 505 30.02 24.75 23.39
C LEU C 505 29.55 23.37 23.84
N VAL C 506 30.05 22.32 23.21
CA VAL C 506 29.65 20.97 23.58
C VAL C 506 30.63 20.33 24.56
N TYR C 507 31.88 20.80 24.59
CA TYR C 507 32.88 20.20 25.46
C TYR C 507 32.49 20.32 26.93
N ARG C 508 32.02 21.50 27.34
CA ARG C 508 31.67 21.70 28.74
C ARG C 508 30.51 20.79 29.15
N ASN C 509 29.47 20.74 28.33
CA ASN C 509 28.33 19.89 28.64
C ASN C 509 28.74 18.42 28.67
N LEU C 510 29.55 17.99 27.71
CA LEU C 510 29.99 16.61 27.68
C LEU C 510 30.80 16.26 28.92
N GLN C 511 31.72 17.13 29.32
CA GLN C 511 32.51 16.87 30.52
C GLN C 511 31.63 16.81 31.76
N ILE C 512 30.69 17.75 31.88
CA ILE C 512 29.82 17.78 33.05
C ILE C 512 29.00 16.50 33.13
N ALA C 513 28.43 16.07 32.00
CA ALA C 513 27.61 14.87 32.01
C ALA C 513 28.45 13.61 32.26
N LYS C 514 29.65 13.56 31.69
CA LYS C 514 30.51 12.38 31.85
C LYS C 514 31.12 12.30 33.24
N ASN C 515 31.17 13.41 33.97
CA ASN C 515 31.62 13.35 35.36
C ASN C 515 30.81 12.30 36.13
N SER C 516 29.51 12.25 35.90
CA SER C 516 28.63 11.24 36.49
C SER C 516 27.56 10.91 35.45
N TYR C 517 27.82 9.88 34.64
CA TYR C 517 26.91 9.48 33.58
C TYR C 517 26.49 8.01 33.69
N ASN C 518 27.02 7.27 34.66
CA ASN C 518 26.66 5.86 34.85
C ASN C 518 26.99 5.03 33.62
N ASP C 519 28.05 5.39 32.91
CA ASP C 519 28.48 4.66 31.71
C ASP C 519 29.99 4.57 31.71
N ALA C 520 30.51 3.33 31.63
CA ALA C 520 31.96 3.16 31.54
C ALA C 520 32.52 3.74 30.25
N LEU C 521 31.76 3.62 29.15
CA LEU C 521 32.20 4.19 27.89
C LEU C 521 32.33 5.71 28.00
N LEU C 522 31.40 6.35 28.70
CA LEU C 522 31.51 7.79 28.92
C LEU C 522 32.77 8.14 29.70
N THR C 523 33.08 7.35 30.73
CA THR C 523 34.30 7.58 31.50
C THR C 523 35.54 7.43 30.63
N PHE C 524 35.56 6.41 29.78
CA PHE C 524 36.70 6.20 28.90
C PHE C 524 36.84 7.37 27.92
N VAL C 525 35.72 7.84 27.37
CA VAL C 525 35.75 8.97 26.45
C VAL C 525 36.27 10.21 27.15
N TRP C 526 35.80 10.45 28.39
CA TRP C 526 36.28 11.60 29.15
C TRP C 526 37.77 11.51 29.41
N LYS C 527 38.27 10.32 29.76
CA LYS C 527 39.69 10.14 29.99
C LYS C 527 40.49 10.40 28.72
N LEU C 528 40.00 9.89 27.59
CA LEU C 528 40.70 10.12 26.33
C LEU C 528 40.72 11.61 25.97
N VAL C 529 39.60 12.29 26.18
CA VAL C 529 39.55 13.72 25.89
C VAL C 529 40.52 14.48 26.79
N ALA C 530 40.56 14.14 28.08
CA ALA C 530 41.48 14.80 28.99
C ALA C 530 42.93 14.55 28.58
N ASN C 531 43.25 13.31 28.18
CA ASN C 531 44.61 13.01 27.74
C ASN C 531 44.96 13.81 26.50
N PHE C 532 44.04 13.91 25.55
CA PHE C 532 44.30 14.72 24.35
C PHE C 532 44.53 16.18 24.70
N ARG C 533 43.69 16.74 25.59
CA ARG C 533 43.84 18.13 25.97
C ARG C 533 45.03 18.31 26.91
N ARG C 534 45.21 17.40 27.87
CA ARG C 534 46.31 17.53 28.82
C ARG C 534 47.66 17.28 28.14
N SER C 535 47.69 16.43 27.12
CA SER C 535 48.95 16.13 26.45
C SER C 535 49.56 17.38 25.84
N PHE C 536 48.74 18.20 25.19
CA PHE C 536 49.22 19.43 24.57
C PHE C 536 50.26 19.13 23.50
N THR C 558 46.62 -1.15 20.75
CA THR C 558 47.54 -0.15 20.21
C THR C 558 47.05 1.26 20.54
N ARG C 559 47.65 2.26 19.89
CA ARG C 559 47.30 3.65 20.16
C ARG C 559 45.85 3.94 19.77
N HIS C 560 45.42 3.45 18.61
CA HIS C 560 44.06 3.66 18.14
C HIS C 560 43.78 5.15 17.96
N PRO C 561 44.54 5.86 17.12
CA PRO C 561 44.25 7.28 16.92
C PRO C 561 43.01 7.54 16.07
N LEU C 562 42.79 6.71 15.05
CA LEU C 562 41.62 6.90 14.20
C LEU C 562 40.34 6.81 15.03
N GLN C 563 40.36 6.07 16.13
CA GLN C 563 39.21 6.07 17.03
C GLN C 563 38.96 7.46 17.61
N ALA C 564 40.03 8.14 18.03
CA ALA C 564 39.88 9.48 18.55
C ALA C 564 39.38 10.43 17.47
N LEU C 565 39.92 10.31 16.26
CA LEU C 565 39.46 11.16 15.16
C LEU C 565 37.98 10.94 14.88
N PHE C 566 37.55 9.67 14.86
CA PHE C 566 36.15 9.37 14.60
C PHE C 566 35.26 9.89 15.71
N ILE C 567 35.70 9.77 16.96
CA ILE C 567 34.92 10.31 18.07
C ILE C 567 34.75 11.82 17.89
N TRP C 568 35.84 12.52 17.57
CA TRP C 568 35.75 13.94 17.32
C TRP C 568 34.73 14.24 16.22
N ALA C 569 34.82 13.51 15.12
CA ALA C 569 33.89 13.74 14.02
C ALA C 569 32.45 13.55 14.47
N ILE C 570 32.19 12.51 15.27
CA ILE C 570 30.83 12.20 15.68
C ILE C 570 30.30 13.28 16.63
N LEU C 571 31.17 13.82 17.48
CA LEU C 571 30.68 14.65 18.59
C LEU C 571 29.93 15.88 18.08
N GLN C 572 30.41 16.52 17.03
CA GLN C 572 29.82 17.78 16.55
C GLN C 572 28.74 17.56 15.49
N ASN C 573 28.20 16.35 15.39
CA ASN C 573 27.05 16.09 14.53
C ASN C 573 27.35 16.38 13.06
N LYS C 574 28.44 15.81 12.58
CA LYS C 574 28.83 15.88 11.17
C LYS C 574 28.59 14.50 10.57
N LYS C 575 27.36 14.27 10.10
CA LYS C 575 26.98 12.91 9.69
C LYS C 575 27.81 12.45 8.50
N GLU C 576 28.00 13.30 7.49
CA GLU C 576 28.72 12.87 6.30
C GLU C 576 30.20 12.69 6.60
N LEU C 577 30.80 13.66 7.28
CA LEU C 577 32.21 13.54 7.66
C LEU C 577 32.43 12.33 8.55
N SER C 578 31.55 12.14 9.54
CA SER C 578 31.69 10.99 10.43
C SER C 578 31.55 9.68 9.66
N LYS C 579 30.59 9.63 8.72
CA LYS C 579 30.40 8.42 7.93
C LYS C 579 31.63 8.11 7.10
N VAL C 580 32.21 9.13 6.47
CA VAL C 580 33.40 8.90 5.65
C VAL C 580 34.55 8.41 6.52
N ILE C 581 34.77 9.06 7.66
CA ILE C 581 35.87 8.67 8.54
C ILE C 581 35.68 7.24 9.03
N TRP C 582 34.45 6.88 9.41
CA TRP C 582 34.17 5.52 9.81
C TRP C 582 34.45 4.55 8.67
N GLU C 583 34.05 4.91 7.45
CA GLU C 583 34.29 4.05 6.30
C GLU C 583 35.79 3.83 6.10
N GLN C 584 36.60 4.83 6.40
CA GLN C 584 38.04 4.67 6.27
C GLN C 584 38.61 3.78 7.37
N THR C 585 38.06 3.87 8.59
CA THR C 585 38.57 3.10 9.71
C THR C 585 38.35 1.61 9.49
N LYS C 586 39.30 0.81 9.98
CA LYS C 586 39.24 -0.63 9.78
C LYS C 586 38.15 -1.27 10.62
N GLY C 587 38.08 -0.93 11.90
CA GLY C 587 37.13 -1.54 12.81
C GLY C 587 35.72 -1.01 12.60
N CYS C 588 35.12 -1.33 11.45
CA CYS C 588 33.85 -0.72 11.08
C CYS C 588 32.72 -1.11 12.03
N THR C 589 32.54 -2.41 12.26
CA THR C 589 31.36 -2.87 12.99
C THR C 589 31.40 -2.41 14.44
N LEU C 590 32.51 -2.65 15.14
CA LEU C 590 32.61 -2.27 16.54
C LEU C 590 32.59 -0.76 16.70
N ALA C 591 33.25 -0.05 15.78
CA ALA C 591 33.22 1.41 15.80
C ALA C 591 31.79 1.92 15.69
N ALA C 592 31.03 1.37 14.74
CA ALA C 592 29.65 1.81 14.57
C ALA C 592 28.81 1.50 15.79
N LEU C 593 28.97 0.29 16.35
CA LEU C 593 28.20 -0.08 17.54
C LEU C 593 28.47 0.89 18.68
N GLY C 594 29.74 1.12 19.00
CA GLY C 594 30.07 2.00 20.10
C GLY C 594 29.67 3.44 19.84
N ALA C 595 29.79 3.90 18.59
CA ALA C 595 29.36 5.26 18.26
C ALA C 595 27.87 5.42 18.47
N SER C 596 27.08 4.45 18.02
CA SER C 596 25.64 4.52 18.24
C SER C 596 25.32 4.50 19.72
N LYS C 597 26.03 3.65 20.50
CA LYS C 597 25.80 3.61 21.93
C LYS C 597 26.07 4.97 22.56
N LEU C 598 27.22 5.57 22.25
CA LEU C 598 27.58 6.85 22.84
C LEU C 598 26.60 7.95 22.43
N LEU C 599 26.20 7.96 21.16
CA LEU C 599 25.26 8.97 20.68
C LEU C 599 23.94 8.85 21.42
N LYS C 600 23.40 7.63 21.53
CA LYS C 600 22.15 7.43 22.24
C LYS C 600 22.29 7.80 23.72
N THR C 601 23.46 7.54 24.30
CA THR C 601 23.67 7.82 25.72
C THR C 601 23.69 9.32 25.99
N LEU C 602 24.43 10.08 25.17
CA LEU C 602 24.63 11.50 25.41
C LEU C 602 23.60 12.38 24.71
N ALA C 603 22.70 11.80 23.92
CA ALA C 603 21.80 12.61 23.11
C ALA C 603 20.88 13.48 23.98
N LYS C 604 20.33 12.92 25.05
CA LYS C 604 19.24 13.57 25.77
C LYS C 604 19.71 14.46 26.92
N VAL C 605 21.02 14.50 27.21
CA VAL C 605 21.49 15.41 28.26
C VAL C 605 21.13 16.84 27.91
N LYS C 606 21.35 17.24 26.66
CA LYS C 606 20.89 18.53 26.20
C LYS C 606 19.37 18.54 26.11
N ASN C 607 18.77 19.66 26.53
CA ASN C 607 17.32 19.80 26.54
C ASN C 607 16.76 20.36 25.24
N ASP C 608 17.61 20.62 24.25
CA ASP C 608 17.14 21.19 23.00
C ASP C 608 16.27 20.21 22.23
N ILE C 609 15.19 20.73 21.64
CA ILE C 609 14.33 19.91 20.79
C ILE C 609 14.89 19.73 19.40
N ASN C 610 15.89 20.51 19.01
CA ASN C 610 16.54 20.36 17.72
C ASN C 610 17.76 19.45 17.79
N ALA C 611 18.60 19.63 18.82
CA ALA C 611 19.76 18.76 18.98
C ALA C 611 19.34 17.32 19.24
N ALA C 612 18.28 17.14 20.04
CA ALA C 612 17.83 15.78 20.35
C ALA C 612 17.39 15.05 19.09
N GLY C 613 16.67 15.73 18.20
CA GLY C 613 16.22 15.08 16.98
C GLY C 613 17.38 14.63 16.10
N GLU C 614 18.37 15.51 15.90
CA GLU C 614 19.53 15.16 15.09
C GLU C 614 20.31 14.02 15.73
N SER C 615 20.50 14.07 17.05
CA SER C 615 21.22 13.01 17.74
C SER C 615 20.51 11.67 17.57
N GLU C 616 19.19 11.66 17.76
CA GLU C 616 18.43 10.41 17.61
C GLU C 616 18.51 9.91 16.18
N GLU C 617 18.38 10.80 15.20
CA GLU C 617 18.43 10.38 13.80
C GLU C 617 19.79 9.76 13.49
N LEU C 618 20.87 10.41 13.91
CA LEU C 618 22.20 9.88 13.62
C LEU C 618 22.43 8.56 14.32
N ALA C 619 21.99 8.44 15.58
CA ALA C 619 22.18 7.20 16.32
C ALA C 619 21.44 6.06 15.66
N ASN C 620 20.17 6.30 15.29
CA ASN C 620 19.39 5.26 14.63
C ASN C 620 20.01 4.88 13.29
N GLU C 621 20.46 5.88 12.53
CA GLU C 621 21.07 5.61 11.23
C GLU C 621 22.30 4.72 11.39
N TYR C 622 23.18 5.06 12.33
CA TYR C 622 24.39 4.27 12.53
C TYR C 622 24.06 2.87 13.05
N GLU C 623 23.07 2.75 13.94
CA GLU C 623 22.71 1.44 14.47
C GLU C 623 22.20 0.54 13.34
N THR C 624 21.26 1.05 12.55
CA THR C 624 20.74 0.27 11.43
C THR C 624 21.84 -0.02 10.41
N ARG C 625 22.77 0.93 10.24
CA ARG C 625 23.88 0.71 9.32
C ARG C 625 24.73 -0.48 9.75
N ALA C 626 25.09 -0.53 11.03
CA ALA C 626 25.87 -1.65 11.53
C ALA C 626 25.08 -2.95 11.44
N VAL C 627 23.79 -2.90 11.74
CA VAL C 627 22.96 -4.10 11.67
C VAL C 627 22.95 -4.65 10.26
N GLU C 628 22.77 -3.77 9.26
CA GLU C 628 22.71 -4.22 7.88
C GLU C 628 24.08 -4.68 7.40
N LEU C 629 25.15 -4.05 7.89
CA LEU C 629 26.50 -4.51 7.56
C LEU C 629 26.73 -5.94 8.04
N PHE C 630 26.28 -6.25 9.26
CA PHE C 630 26.61 -7.56 9.82
C PHE C 630 25.93 -8.70 9.07
N THR C 631 24.87 -8.41 8.32
CA THR C 631 24.15 -9.48 7.63
C THR C 631 25.02 -10.17 6.59
N GLU C 632 25.69 -9.38 5.74
CA GLU C 632 26.53 -9.96 4.71
C GLU C 632 27.68 -10.75 5.31
N CYS C 633 28.30 -10.20 6.36
CA CYS C 633 29.39 -10.91 7.01
C CYS C 633 28.92 -12.24 7.58
N TYR C 634 27.77 -12.24 8.24
CA TYR C 634 27.25 -13.49 8.80
C TYR C 634 26.95 -14.50 7.71
N SER C 635 26.32 -14.04 6.61
CA SER C 635 25.94 -14.97 5.55
C SER C 635 27.17 -15.56 4.85
N ASN C 636 28.16 -14.72 4.57
CA ASN C 636 29.32 -15.20 3.83
C ASN C 636 30.09 -16.25 4.62
N ASP C 637 30.28 -16.03 5.92
CA ASP C 637 31.06 -16.95 6.75
C ASP C 637 30.52 -16.83 8.18
N GLU C 638 29.73 -17.81 8.59
CA GLU C 638 29.20 -17.80 9.97
C GLU C 638 30.32 -17.87 10.98
N ASP C 639 31.33 -18.71 10.74
CA ASP C 639 32.43 -18.85 11.68
C ASP C 639 33.20 -17.54 11.82
N LEU C 640 33.41 -16.83 10.71
CA LEU C 640 34.09 -15.55 10.77
C LEU C 640 33.32 -14.57 11.64
N ALA C 641 32.00 -14.52 11.48
CA ALA C 641 31.19 -13.63 12.31
C ALA C 641 31.27 -14.03 13.78
N GLU C 642 31.18 -15.33 14.06
CA GLU C 642 31.24 -15.78 15.45
C GLU C 642 32.57 -15.40 16.08
N GLN C 643 33.67 -15.56 15.35
CA GLN C 643 34.98 -15.14 15.86
C GLN C 643 35.02 -13.63 16.07
N LEU C 644 34.44 -12.87 15.13
CA LEU C 644 34.52 -11.41 15.21
C LEU C 644 33.77 -10.87 16.41
N LEU C 645 32.59 -11.43 16.71
CA LEU C 645 31.77 -10.87 17.78
C LEU C 645 32.52 -10.85 19.11
N VAL C 646 33.16 -11.96 19.46
CA VAL C 646 33.88 -12.06 20.73
C VAL C 646 35.31 -11.65 20.45
N TYR C 647 35.59 -10.36 20.62
CA TYR C 647 36.93 -9.83 20.43
C TYR C 647 37.11 -8.60 21.30
N SER C 648 38.13 -8.62 22.15
CA SER C 648 38.44 -7.47 22.98
C SER C 648 39.04 -6.36 22.15
N CYS C 649 38.52 -5.14 22.30
CA CYS C 649 39.02 -4.00 21.55
C CYS C 649 40.29 -3.48 22.20
N GLU C 650 40.99 -2.61 21.46
CA GLU C 650 42.28 -2.05 21.89
C GLU C 650 42.07 -0.58 22.22
N ALA C 651 41.89 -0.29 23.50
CA ALA C 651 41.95 1.07 24.03
C ALA C 651 40.72 1.91 23.66
N TRP C 652 39.78 1.32 22.92
CA TRP C 652 38.52 1.99 22.61
C TRP C 652 37.37 1.32 23.35
N GLY C 653 37.42 1.43 24.68
CA GLY C 653 36.40 0.83 25.52
C GLY C 653 36.34 -0.68 25.32
N GLY C 654 37.50 -1.33 25.36
CA GLY C 654 37.60 -2.74 25.05
C GLY C 654 36.47 -3.59 25.61
N SER C 655 35.71 -4.19 24.71
CA SER C 655 34.59 -5.05 25.07
C SER C 655 34.05 -5.67 23.78
N ASN C 656 33.52 -6.88 23.91
CA ASN C 656 33.07 -7.62 22.75
C ASN C 656 31.83 -6.95 22.13
N CYS C 657 31.48 -7.42 20.93
CA CYS C 657 30.35 -6.85 20.21
C CYS C 657 29.07 -6.94 21.03
N LEU C 658 28.74 -8.13 21.51
CA LEU C 658 27.52 -8.30 22.30
C LEU C 658 27.61 -7.57 23.63
N GLU C 659 28.82 -7.42 24.17
CA GLU C 659 28.98 -6.68 25.41
C GLU C 659 28.53 -5.24 25.24
N LEU C 660 28.92 -4.60 24.13
CA LEU C 660 28.42 -3.26 23.84
C LEU C 660 26.93 -3.29 23.51
N ALA C 661 26.49 -4.26 22.71
CA ALA C 661 25.11 -4.27 22.24
C ALA C 661 24.13 -4.37 23.40
N VAL C 662 24.40 -5.26 24.35
CA VAL C 662 23.48 -5.48 25.45
C VAL C 662 23.42 -4.25 26.35
N GLU C 663 24.57 -3.62 26.61
CA GLU C 663 24.64 -2.41 27.40
C GLU C 663 24.35 -1.17 26.57
N ALA C 664 23.77 -1.34 25.39
CA ALA C 664 23.44 -0.23 24.48
C ALA C 664 21.97 -0.19 24.13
N THR C 665 21.14 -1.03 24.75
CA THR C 665 19.74 -1.20 24.33
C THR C 665 19.80 -1.72 22.90
N ASP C 666 19.25 -1.01 21.91
CA ASP C 666 19.36 -1.39 20.51
C ASP C 666 19.00 -2.87 20.32
N GLN C 667 17.83 -3.25 20.82
CA GLN C 667 17.40 -4.64 20.74
C GLN C 667 17.27 -5.10 19.29
N HIS C 668 17.16 -4.18 18.34
CA HIS C 668 17.02 -4.57 16.94
C HIS C 668 18.23 -5.37 16.48
N PHE C 669 19.43 -4.92 16.83
CA PHE C 669 20.64 -5.61 16.40
C PHE C 669 20.69 -7.03 16.97
N ILE C 670 20.39 -7.18 18.25
CA ILE C 670 20.50 -8.49 18.88
C ILE C 670 19.33 -9.39 18.49
N ALA C 671 18.24 -8.83 17.99
CA ALA C 671 17.09 -9.61 17.58
C ALA C 671 17.26 -10.26 16.21
N GLN C 672 18.29 -9.91 15.46
CA GLN C 672 18.49 -10.47 14.15
C GLN C 672 18.67 -11.99 14.25
N PRO C 673 18.20 -12.75 13.25
CA PRO C 673 18.23 -14.22 13.39
C PRO C 673 19.61 -14.79 13.64
N GLY C 674 20.65 -14.22 13.03
CA GLY C 674 21.99 -14.78 13.19
C GLY C 674 22.48 -14.73 14.63
N VAL C 675 22.25 -13.60 15.29
CA VAL C 675 22.65 -13.47 16.70
C VAL C 675 21.89 -14.46 17.56
N GLN C 676 20.59 -14.62 17.30
CA GLN C 676 19.79 -15.57 18.06
C GLN C 676 20.31 -16.99 17.86
N ASN C 677 20.68 -17.34 16.62
CA ASN C 677 21.22 -18.68 16.37
C ASN C 677 22.55 -18.87 17.09
N PHE C 678 23.40 -17.84 17.07
CA PHE C 678 24.66 -17.93 17.80
C PHE C 678 24.42 -18.18 19.28
N LEU C 679 23.48 -17.44 19.87
CA LEU C 679 23.20 -17.62 21.28
C LEU C 679 22.59 -18.99 21.56
N SER C 680 21.76 -19.49 20.66
CA SER C 680 21.20 -20.82 20.81
C SER C 680 22.30 -21.88 20.84
N LYS C 681 23.25 -21.78 19.90
CA LYS C 681 24.34 -22.74 19.86
C LYS C 681 25.23 -22.59 21.10
N GLN C 682 25.45 -21.36 21.55
CA GLN C 682 26.26 -21.15 22.75
C GLN C 682 25.60 -21.80 23.96
N TRP C 683 24.29 -21.62 24.12
CA TRP C 683 23.58 -22.25 25.22
C TRP C 683 23.63 -23.77 25.11
N TYR C 684 23.48 -24.30 23.89
CA TYR C 684 23.61 -25.73 23.69
C TYR C 684 25.01 -26.20 24.07
N GLY C 685 26.03 -25.48 23.63
CA GLY C 685 27.40 -25.78 24.02
C GLY C 685 28.00 -26.96 23.27
N GLU C 686 28.38 -28.00 24.00
CA GLU C 686 29.02 -29.17 23.43
C GLU C 686 28.00 -30.23 22.98
N ILE C 687 26.77 -29.83 22.73
CA ILE C 687 25.71 -30.73 22.28
C ILE C 687 25.38 -30.40 20.83
N SER C 688 25.42 -31.41 19.97
CA SER C 688 25.08 -31.24 18.57
C SER C 688 23.57 -31.31 18.39
N ARG C 689 23.01 -30.30 17.73
CA ARG C 689 21.56 -30.19 17.55
C ARG C 689 21.17 -30.98 16.31
N ASP C 690 20.93 -32.27 16.50
CA ASP C 690 20.46 -33.12 15.41
C ASP C 690 19.42 -34.13 15.91
N THR C 691 18.72 -33.81 16.99
CA THR C 691 17.75 -34.72 17.58
C THR C 691 16.54 -33.92 18.06
N LYS C 692 15.42 -34.63 18.20
CA LYS C 692 14.19 -34.00 18.67
C LYS C 692 14.33 -33.55 20.13
N ASN C 693 13.59 -32.50 20.48
CA ASN C 693 13.69 -31.94 21.83
C ASN C 693 13.24 -32.94 22.88
N TRP C 694 12.14 -33.65 22.63
CA TRP C 694 11.65 -34.62 23.60
C TRP C 694 12.65 -35.74 23.81
N LYS C 695 13.27 -36.23 22.73
CA LYS C 695 14.26 -37.28 22.86
C LYS C 695 15.48 -36.79 23.65
N ILE C 696 15.88 -35.54 23.45
CA ILE C 696 17.00 -35.01 24.22
C ILE C 696 16.62 -34.89 25.70
N ILE C 697 15.41 -34.44 25.97
CA ILE C 697 14.96 -34.31 27.36
C ILE C 697 14.99 -35.67 28.04
N LEU C 698 14.50 -36.70 27.35
CA LEU C 698 14.58 -38.06 27.89
C LEU C 698 16.03 -38.53 27.98
N CYS C 699 16.89 -38.08 27.07
CA CYS C 699 18.30 -38.43 27.13
C CYS C 699 18.99 -37.83 28.34
N LEU C 700 18.46 -36.74 28.88
CA LEU C 700 19.03 -36.19 30.11
C LEU C 700 18.92 -37.19 31.25
N PHE C 701 17.78 -37.87 31.36
CA PHE C 701 17.55 -38.75 32.50
C PHE C 701 18.36 -40.04 32.43
N ILE C 702 18.78 -40.46 31.24
CA ILE C 702 19.55 -41.69 31.08
C ILE C 702 21.02 -41.39 31.34
N ILE C 703 21.67 -42.25 32.11
CA ILE C 703 23.06 -42.06 32.51
C ILE C 703 23.98 -42.30 31.32
N PRO C 704 24.02 -43.51 30.74
CA PRO C 704 24.92 -43.74 29.61
C PRO C 704 24.39 -43.14 28.32
N LEU C 705 25.30 -42.61 27.52
CA LEU C 705 24.97 -42.10 26.19
C LEU C 705 25.27 -43.10 25.09
N VAL C 706 25.88 -44.24 25.40
CA VAL C 706 26.21 -45.23 24.38
C VAL C 706 24.93 -45.81 23.77
N GLY C 707 23.94 -46.11 24.62
CA GLY C 707 22.72 -46.72 24.10
C GLY C 707 21.97 -45.81 23.15
N CYS C 708 21.93 -44.51 23.45
CA CYS C 708 21.18 -43.54 22.66
C CYS C 708 21.99 -43.16 21.41
N GLY C 709 22.17 -44.14 20.54
CA GLY C 709 22.87 -43.89 19.28
C GLY C 709 22.08 -42.97 18.37
N LEU C 710 20.76 -43.15 18.30
CA LEU C 710 19.94 -42.32 17.43
C LEU C 710 20.01 -40.85 17.83
N VAL C 711 19.95 -40.58 19.14
CA VAL C 711 20.04 -39.21 19.62
C VAL C 711 21.40 -38.65 19.26
N SER C 712 21.43 -37.44 18.69
CA SER C 712 22.65 -36.83 18.19
C SER C 712 23.35 -36.11 19.32
N PHE C 713 24.22 -36.84 20.03
CA PHE C 713 24.99 -36.22 21.10
C PHE C 713 26.08 -35.31 20.53
N ARG C 714 26.76 -35.76 19.48
CA ARG C 714 27.86 -35.00 18.90
C ARG C 714 27.74 -35.01 17.39
N LYS C 715 28.34 -34.01 16.76
CA LYS C 715 28.33 -33.89 15.30
C LYS C 715 29.15 -35.01 14.66
N LEU C 725 34.53 -41.69 31.08
CA LEU C 725 34.41 -41.65 29.64
C LEU C 725 34.36 -40.20 29.15
N TRP C 726 35.14 -39.89 28.12
CA TRP C 726 35.28 -38.51 27.65
C TRP C 726 33.96 -37.93 27.15
N TYR C 727 33.43 -38.45 26.04
CA TYR C 727 32.20 -37.88 25.50
C TYR C 727 31.03 -38.06 26.46
N TYR C 728 31.07 -39.09 27.31
CA TYR C 728 30.05 -39.17 28.35
C TYR C 728 30.13 -37.98 29.30
N VAL C 729 31.34 -37.63 29.76
CA VAL C 729 31.46 -36.52 30.70
C VAL C 729 31.25 -35.17 30.01
N ALA C 730 31.40 -35.13 28.69
CA ALA C 730 31.17 -33.89 27.96
C ALA C 730 29.72 -33.44 28.09
N PHE C 731 28.79 -34.37 28.26
CA PHE C 731 27.37 -34.01 28.27
C PHE C 731 27.03 -33.10 29.45
N PHE C 732 27.55 -33.43 30.64
CA PHE C 732 27.18 -32.66 31.82
C PHE C 732 27.62 -31.21 31.73
N THR C 733 28.58 -30.89 30.87
CA THR C 733 29.10 -29.54 30.77
C THR C 733 28.14 -28.58 30.07
N SER C 734 27.11 -29.08 29.43
CA SER C 734 26.19 -28.20 28.68
C SER C 734 25.36 -27.38 29.65
N PRO C 735 25.34 -26.04 29.51
CA PRO C 735 24.49 -25.22 30.40
C PRO C 735 23.02 -25.56 30.31
N PHE C 736 22.54 -26.01 29.15
CA PHE C 736 21.15 -26.40 28.99
C PHE C 736 20.77 -27.49 29.99
N VAL C 737 21.59 -28.54 30.05
CA VAL C 737 21.34 -29.63 30.97
C VAL C 737 21.40 -29.14 32.41
N VAL C 738 22.32 -28.20 32.68
CA VAL C 738 22.43 -27.64 34.03
C VAL C 738 21.13 -26.93 34.41
N PHE C 739 20.57 -26.15 33.49
CA PHE C 739 19.32 -25.46 33.77
C PHE C 739 18.18 -26.44 34.03
N SER C 740 18.09 -27.50 33.23
CA SER C 740 17.04 -28.49 33.45
C SER C 740 17.17 -29.13 34.82
N TRP C 741 18.40 -29.53 35.18
CA TRP C 741 18.64 -30.10 36.50
C TRP C 741 18.27 -29.10 37.59
N ASN C 742 18.57 -27.82 37.36
CA ASN C 742 18.30 -26.79 38.35
C ASN C 742 16.82 -26.64 38.61
N VAL C 743 16.01 -26.66 37.54
CA VAL C 743 14.57 -26.51 37.73
C VAL C 743 13.98 -27.75 38.39
N VAL C 744 14.47 -28.95 38.01
CA VAL C 744 14.01 -30.15 38.71
C VAL C 744 14.34 -30.06 40.20
N PHE C 745 15.56 -29.62 40.54
CA PHE C 745 15.95 -29.53 41.94
C PHE C 745 15.12 -28.47 42.66
N TYR C 746 14.85 -27.35 42.00
CA TYR C 746 14.09 -26.29 42.64
C TYR C 746 12.67 -26.72 42.93
N ILE C 747 12.02 -27.41 41.99
CA ILE C 747 10.65 -27.84 42.23
C ILE C 747 10.62 -28.91 43.32
N ALA C 748 11.58 -29.82 43.31
CA ALA C 748 11.65 -30.81 44.39
C ALA C 748 11.85 -30.12 45.74
N PHE C 749 12.72 -29.11 45.78
CA PHE C 749 12.95 -28.36 47.00
C PHE C 749 11.67 -27.68 47.47
N LEU C 750 10.92 -27.08 46.54
CA LEU C 750 9.67 -26.42 46.90
C LEU C 750 8.70 -27.43 47.51
N LEU C 751 8.53 -28.58 46.88
CA LEU C 751 7.59 -29.57 47.39
C LEU C 751 8.01 -30.04 48.78
N LEU C 752 9.30 -30.37 48.94
CA LEU C 752 9.77 -30.85 50.24
C LEU C 752 9.62 -29.78 51.31
N PHE C 753 9.92 -28.53 50.97
CA PHE C 753 9.79 -27.45 51.95
C PHE C 753 8.33 -27.26 52.36
N ALA C 754 7.40 -27.36 51.41
CA ALA C 754 5.99 -27.25 51.76
C ALA C 754 5.58 -28.38 52.69
N TYR C 755 6.02 -29.61 52.39
CA TYR C 755 5.70 -30.73 53.28
C TYR C 755 6.24 -30.49 54.68
N VAL C 756 7.50 -30.04 54.76
CA VAL C 756 8.11 -29.80 56.07
C VAL C 756 7.36 -28.72 56.82
N LEU C 757 6.98 -27.65 56.13
CA LEU C 757 6.32 -26.53 56.79
C LEU C 757 4.96 -26.94 57.35
N LEU C 758 4.16 -27.62 56.54
CA LEU C 758 2.77 -27.85 56.96
C LEU C 758 2.58 -29.21 57.63
N MET C 759 3.01 -30.29 56.97
CA MET C 759 2.64 -31.64 57.43
C MET C 759 3.05 -31.85 58.88
N ASP C 760 4.29 -31.49 59.23
CA ASP C 760 4.81 -31.72 60.57
C ASP C 760 5.53 -30.48 61.07
N PHE C 761 5.16 -30.03 62.27
CA PHE C 761 5.84 -28.93 62.93
C PHE C 761 5.73 -29.14 64.43
N HIS C 762 6.85 -29.04 65.13
CA HIS C 762 6.92 -29.31 66.57
C HIS C 762 7.67 -28.19 67.27
N SER C 763 7.67 -28.24 68.60
CA SER C 763 8.42 -27.28 69.38
C SER C 763 9.91 -27.43 69.13
N VAL C 764 10.39 -28.65 69.06
CA VAL C 764 11.80 -28.95 68.79
C VAL C 764 11.95 -29.31 67.31
N PRO C 765 12.83 -28.66 66.57
CA PRO C 765 12.97 -28.97 65.14
C PRO C 765 13.56 -30.36 64.92
N HIS C 766 13.22 -30.96 63.78
CA HIS C 766 13.66 -32.30 63.47
C HIS C 766 14.28 -32.35 62.08
N THR C 767 14.81 -33.54 61.75
CA THR C 767 15.76 -33.75 60.66
C THR C 767 15.43 -32.99 59.37
N PRO C 768 14.24 -33.17 58.78
CA PRO C 768 13.97 -32.46 57.51
C PRO C 768 14.02 -30.96 57.64
N GLU C 769 13.65 -30.39 58.79
CA GLU C 769 13.74 -28.96 58.98
C GLU C 769 15.20 -28.49 58.93
N LEU C 770 16.10 -29.25 59.55
CA LEU C 770 17.52 -28.92 59.49
C LEU C 770 18.02 -28.99 58.06
N ILE C 771 17.59 -30.01 57.31
CA ILE C 771 18.02 -30.10 55.92
C ILE C 771 17.44 -28.94 55.11
N LEU C 772 16.23 -28.48 55.46
CA LEU C 772 15.65 -27.33 54.78
C LEU C 772 16.48 -26.08 55.01
N TYR C 773 16.94 -25.88 56.26
CA TYR C 773 17.85 -24.77 56.52
C TYR C 773 19.10 -24.88 55.67
N ALA C 774 19.67 -26.09 55.59
CA ALA C 774 20.87 -26.30 54.78
C ALA C 774 20.63 -25.90 53.32
N LEU C 775 19.53 -26.37 52.74
CA LEU C 775 19.25 -26.11 51.32
C LEU C 775 19.00 -24.62 51.07
N VAL C 776 18.20 -23.98 51.94
CA VAL C 776 17.89 -22.58 51.72
C VAL C 776 19.15 -21.74 51.85
N PHE C 777 20.06 -22.11 52.77
CA PHE C 777 21.32 -21.38 52.85
C PHE C 777 22.17 -21.63 51.60
N VAL C 778 22.06 -22.81 51.00
CA VAL C 778 22.76 -23.05 49.74
C VAL C 778 22.28 -22.06 48.67
N LEU C 779 20.96 -21.91 48.55
CA LEU C 779 20.44 -20.96 47.56
C LEU C 779 20.84 -19.53 47.90
N PHE C 780 20.79 -19.16 49.18
CA PHE C 780 21.15 -17.81 49.58
C PHE C 780 22.60 -17.51 49.27
N CYS C 781 23.48 -18.49 49.50
CA CYS C 781 24.90 -18.29 49.18
C CYS C 781 25.10 -18.14 47.69
N ASP C 782 24.38 -18.93 46.87
CA ASP C 782 24.50 -18.76 45.43
C ASP C 782 24.09 -17.36 45.01
N GLU C 783 22.97 -16.87 45.56
CA GLU C 783 22.51 -15.52 45.24
C GLU C 783 23.51 -14.47 45.71
N VAL C 784 24.13 -14.70 46.87
CA VAL C 784 25.13 -13.76 47.38
C VAL C 784 26.33 -13.70 46.45
N ARG C 785 26.76 -14.85 45.95
CA ARG C 785 27.86 -14.85 44.97
C ARG C 785 27.47 -14.09 43.72
N GLN C 786 26.25 -14.30 43.23
CA GLN C 786 25.79 -13.56 42.05
C GLN C 786 25.80 -12.06 42.31
N TRP C 787 25.36 -11.64 43.50
CA TRP C 787 25.42 -10.23 43.86
C TRP C 787 26.86 -9.74 43.88
N TYR C 788 27.76 -10.53 44.44
CA TYR C 788 29.16 -10.12 44.53
C TYR C 788 29.75 -9.90 43.14
N MET C 789 29.40 -10.75 42.18
CA MET C 789 29.93 -10.60 40.84
C MET C 789 29.56 -9.25 40.24
N ASN C 790 28.30 -8.83 40.41
CA ASN C 790 27.81 -7.55 39.89
C ASN C 790 27.00 -6.87 40.99
N GLY C 791 27.67 -6.05 41.80
CA GLY C 791 26.98 -5.41 42.91
C GLY C 791 25.99 -4.35 42.47
N VAL C 792 26.40 -3.49 41.53
CA VAL C 792 25.59 -2.33 41.19
C VAL C 792 24.28 -2.75 40.54
N ASN C 793 24.34 -3.63 39.54
CA ASN C 793 23.13 -4.02 38.83
C ASN C 793 22.20 -4.86 39.68
N TYR C 794 22.70 -5.49 40.74
CA TYR C 794 21.84 -6.32 41.58
C TYR C 794 20.71 -5.50 42.18
N PHE C 795 21.04 -4.36 42.77
CA PHE C 795 20.01 -3.52 43.37
C PHE C 795 19.02 -3.03 42.33
N THR C 796 19.50 -2.60 41.18
CA THR C 796 18.62 -2.09 40.14
C THR C 796 17.70 -3.18 39.61
N ASP C 797 18.21 -4.40 39.45
CA ASP C 797 17.40 -5.50 38.94
C ASP C 797 16.21 -5.75 39.86
N LEU C 798 15.03 -5.88 39.25
CA LEU C 798 13.80 -6.01 40.02
C LEU C 798 13.65 -7.40 40.63
N TRP C 799 13.99 -8.45 39.86
CA TRP C 799 13.70 -9.81 40.31
C TRP C 799 14.49 -10.17 41.56
N ASN C 800 15.76 -9.77 41.63
CA ASN C 800 16.57 -10.13 42.79
C ASN C 800 15.97 -9.57 44.09
N VAL C 801 15.29 -8.42 44.01
CA VAL C 801 14.77 -7.79 45.20
C VAL C 801 13.74 -8.67 45.89
N MET C 802 12.87 -9.31 45.11
CA MET C 802 11.81 -10.13 45.70
C MET C 802 12.39 -11.30 46.48
N ASP C 803 13.37 -12.00 45.90
CA ASP C 803 13.96 -13.12 46.61
C ASP C 803 14.78 -12.66 47.82
N THR C 804 15.46 -11.51 47.70
CA THR C 804 16.16 -10.98 48.86
C THR C 804 15.20 -10.70 50.00
N LEU C 805 14.05 -10.10 49.70
CA LEU C 805 13.04 -9.84 50.72
C LEU C 805 12.51 -11.13 51.31
N GLY C 806 12.30 -12.15 50.46
CA GLY C 806 11.84 -13.43 50.96
C GLY C 806 12.81 -14.04 51.95
N LEU C 807 14.11 -14.00 51.63
CA LEU C 807 15.12 -14.51 52.55
C LEU C 807 15.14 -13.69 53.84
N PHE C 808 14.97 -12.37 53.73
CA PHE C 808 14.95 -11.52 54.91
C PHE C 808 13.80 -11.89 55.83
N TYR C 809 12.64 -12.19 55.27
CA TYR C 809 11.53 -12.64 56.11
C TYR C 809 11.77 -14.04 56.66
N PHE C 810 12.42 -14.89 55.87
CA PHE C 810 12.66 -16.28 56.31
C PHE C 810 13.58 -16.32 57.53
N ILE C 811 14.60 -15.47 57.56
CA ILE C 811 15.47 -15.46 58.74
C ILE C 811 14.67 -15.03 59.97
N ALA C 812 13.73 -14.09 59.79
CA ALA C 812 12.83 -13.73 60.89
C ALA C 812 11.96 -14.92 61.29
N GLY C 813 11.56 -15.73 60.33
CA GLY C 813 10.84 -16.95 60.66
C GLY C 813 11.66 -17.86 61.57
N ILE C 814 12.94 -18.04 61.24
CA ILE C 814 13.82 -18.84 62.09
C ILE C 814 13.94 -18.21 63.47
N VAL C 815 14.11 -16.88 63.51
CA VAL C 815 14.21 -16.19 64.80
C VAL C 815 12.99 -16.48 65.65
N PHE C 816 11.81 -16.40 65.03
CA PHE C 816 10.57 -16.66 65.77
C PHE C 816 10.53 -18.10 66.27
N ARG C 817 10.92 -19.06 65.45
CA ARG C 817 10.86 -20.46 65.87
C ARG C 817 11.94 -20.82 66.87
N LEU C 818 12.95 -19.97 67.06
CA LEU C 818 14.04 -20.29 67.97
C LEU C 818 13.53 -20.62 69.37
N HIS C 819 12.94 -19.63 70.05
CA HIS C 819 12.54 -19.77 71.44
C HIS C 819 11.02 -19.67 71.56
N SER C 820 10.43 -20.62 72.28
CA SER C 820 8.98 -20.65 72.51
C SER C 820 8.67 -19.84 73.77
N SER C 821 8.71 -18.51 73.60
CA SER C 821 8.39 -17.62 74.72
C SER C 821 6.93 -17.80 75.16
N ASN C 822 6.03 -17.98 74.19
CA ASN C 822 4.61 -18.15 74.44
C ASN C 822 4.16 -19.48 73.85
N LYS C 823 3.05 -19.99 74.38
CA LYS C 823 2.55 -21.29 73.94
C LYS C 823 2.23 -21.28 72.44
N SER C 824 1.61 -20.21 71.95
CA SER C 824 1.25 -20.07 70.55
C SER C 824 2.24 -19.23 69.77
N SER C 825 3.40 -18.91 70.36
CA SER C 825 4.37 -18.05 69.70
C SER C 825 5.04 -18.69 68.49
N LEU C 826 4.85 -20.00 68.29
CA LEU C 826 5.44 -20.71 67.15
C LEU C 826 4.54 -20.66 65.93
N TYR C 827 3.22 -20.73 66.15
CA TYR C 827 2.27 -20.61 65.05
C TYR C 827 2.42 -19.27 64.33
N SER C 828 2.66 -18.20 65.09
CA SER C 828 2.84 -16.89 64.48
C SER C 828 4.02 -16.88 63.52
N GLY C 829 5.13 -17.48 63.93
CA GLY C 829 6.27 -17.56 63.03
C GLY C 829 6.03 -18.45 61.84
N ARG C 830 5.29 -19.55 62.05
CA ARG C 830 4.90 -20.39 60.92
C ARG C 830 4.12 -19.58 59.89
N VAL C 831 3.33 -18.61 60.35
CA VAL C 831 2.63 -17.73 59.41
C VAL C 831 3.62 -17.03 58.49
N ILE C 832 4.71 -16.48 59.07
CA ILE C 832 5.71 -15.79 58.27
C ILE C 832 6.40 -16.75 57.32
N PHE C 833 6.72 -17.96 57.81
CA PHE C 833 7.29 -18.99 56.95
C PHE C 833 6.44 -19.18 55.70
N CYS C 834 5.13 -19.32 55.90
CA CYS C 834 4.21 -19.52 54.79
C CYS C 834 4.20 -18.32 53.85
N LEU C 835 4.15 -17.11 54.42
CA LEU C 835 4.12 -15.91 53.59
C LEU C 835 5.33 -15.84 52.68
N ASP C 836 6.50 -16.21 53.21
CA ASP C 836 7.70 -16.26 52.36
C ASP C 836 7.59 -17.39 51.34
N TYR C 837 7.00 -18.51 51.74
CA TYR C 837 6.79 -19.61 50.81
C TYR C 837 6.07 -19.13 49.56
N ILE C 838 5.11 -18.21 49.73
CA ILE C 838 4.42 -17.66 48.57
C ILE C 838 5.42 -17.00 47.62
N ILE C 839 6.36 -16.23 48.17
CA ILE C 839 7.34 -15.55 47.34
C ILE C 839 8.20 -16.55 46.59
N PHE C 840 8.56 -17.64 47.25
CA PHE C 840 9.34 -18.68 46.57
C PHE C 840 8.52 -19.30 45.43
N THR C 841 7.23 -19.50 45.65
CA THR C 841 6.36 -19.98 44.58
C THR C 841 6.42 -19.04 43.39
N LEU C 842 6.39 -17.73 43.64
CA LEU C 842 6.50 -16.77 42.54
C LEU C 842 7.85 -16.84 41.85
N ARG C 843 8.93 -16.99 42.62
CA ARG C 843 10.24 -17.09 42.01
C ARG C 843 10.33 -18.32 41.10
N LEU C 844 9.54 -19.36 41.40
CA LEU C 844 9.52 -20.52 40.52
C LEU C 844 9.17 -20.10 39.09
N ILE C 845 8.14 -19.27 38.93
CA ILE C 845 7.83 -18.74 37.61
C ILE C 845 8.94 -17.81 37.13
N HIS C 846 9.47 -16.99 38.04
CA HIS C 846 10.50 -16.03 37.63
C HIS C 846 11.63 -16.71 36.88
N ILE C 847 12.17 -17.79 37.44
CA ILE C 847 13.34 -18.42 36.84
C ILE C 847 12.97 -19.11 35.53
N PHE C 848 11.78 -19.70 35.45
CA PHE C 848 11.36 -20.48 34.29
C PHE C 848 10.88 -19.61 33.13
N THR C 849 11.03 -18.29 33.23
CA THR C 849 10.47 -17.37 32.25
C THR C 849 10.68 -17.84 30.81
N VAL C 850 11.94 -17.98 30.39
CA VAL C 850 12.25 -18.26 28.99
C VAL C 850 12.15 -19.77 28.77
N SER C 851 11.11 -20.20 28.06
CA SER C 851 10.97 -21.60 27.63
C SER C 851 10.36 -21.60 26.24
N ARG C 852 11.23 -21.48 25.22
CA ARG C 852 10.82 -21.59 23.83
C ARG C 852 9.54 -20.81 23.56
N ASN C 853 8.51 -21.48 23.06
CA ASN C 853 7.26 -20.79 22.72
C ASN C 853 6.48 -20.37 23.96
N LEU C 854 6.80 -20.93 25.13
CA LEU C 854 6.06 -20.59 26.34
C LEU C 854 6.47 -19.22 26.88
N GLY C 855 7.77 -18.89 26.80
CA GLY C 855 8.30 -17.72 27.44
C GLY C 855 7.71 -16.39 27.03
N PRO C 856 7.49 -16.16 25.72
CA PRO C 856 7.05 -14.82 25.31
C PRO C 856 5.77 -14.35 25.98
N LYS C 857 4.86 -15.27 26.32
CA LYS C 857 3.58 -14.86 26.89
C LYS C 857 3.75 -14.16 28.23
N ILE C 858 4.84 -14.46 28.94
CA ILE C 858 5.01 -13.91 30.29
C ILE C 858 5.29 -12.41 30.22
N ILE C 859 6.10 -11.98 29.25
CA ILE C 859 6.58 -10.60 29.24
C ILE C 859 5.42 -9.62 29.10
N MET C 860 4.49 -9.90 28.19
CA MET C 860 3.45 -8.93 27.88
C MET C 860 2.60 -8.61 29.11
N LEU C 861 2.54 -9.52 30.08
CA LEU C 861 1.78 -9.25 31.29
C LEU C 861 2.37 -8.06 32.05
N GLN C 862 3.69 -7.95 32.07
CA GLN C 862 4.33 -6.82 32.75
C GLN C 862 3.89 -5.51 32.14
N ARG C 863 3.83 -5.44 30.81
CA ARG C 863 3.37 -4.21 30.15
C ARG C 863 1.89 -3.98 30.39
N MET C 864 1.10 -5.06 30.42
CA MET C 864 -0.35 -4.94 30.57
C MET C 864 -0.80 -4.66 31.99
N LEU C 865 0.10 -4.75 32.97
CA LEU C 865 -0.27 -4.50 34.36
C LEU C 865 -0.83 -3.09 34.57
N ILE C 866 -0.54 -2.15 33.67
CA ILE C 866 -1.11 -0.81 33.79
C ILE C 866 -2.64 -0.87 33.73
N ASP C 867 -3.17 -1.72 32.85
CA ASP C 867 -4.61 -1.89 32.77
C ASP C 867 -5.16 -2.42 34.09
N VAL C 868 -4.45 -3.36 34.72
CA VAL C 868 -4.88 -3.89 36.01
C VAL C 868 -4.93 -2.77 37.04
N PHE C 869 -3.90 -1.93 37.06
CA PHE C 869 -3.86 -0.82 38.01
C PHE C 869 -5.05 0.12 37.81
N PHE C 870 -5.29 0.52 36.56
CA PHE C 870 -6.39 1.44 36.28
C PHE C 870 -7.73 0.83 36.65
N PHE C 871 -7.93 -0.44 36.29
CA PHE C 871 -9.18 -1.12 36.63
C PHE C 871 -9.36 -1.19 38.14
N LEU C 872 -8.29 -1.51 38.88
CA LEU C 872 -8.40 -1.59 40.32
C LEU C 872 -8.83 -0.26 40.91
N PHE C 873 -8.21 0.84 40.47
CA PHE C 873 -8.58 2.16 40.99
C PHE C 873 -10.05 2.47 40.69
N LEU C 874 -10.44 2.32 39.42
CA LEU C 874 -11.79 2.70 39.02
C LEU C 874 -12.82 1.86 39.74
N PHE C 875 -12.59 0.55 39.85
CA PHE C 875 -13.51 -0.31 40.57
C PHE C 875 -13.54 0.02 42.05
N ALA C 876 -12.40 0.40 42.63
CA ALA C 876 -12.33 0.67 44.05
C ALA C 876 -13.18 1.87 44.44
N VAL C 877 -13.19 2.90 43.59
CA VAL C 877 -13.99 4.08 43.94
C VAL C 877 -15.48 3.73 43.96
N TRP C 878 -15.94 2.99 42.95
CA TRP C 878 -17.32 2.53 42.94
C TRP C 878 -17.60 1.65 44.16
N MET C 879 -16.64 0.79 44.51
CA MET C 879 -16.79 -0.06 45.70
C MET C 879 -17.02 0.78 46.95
N VAL C 880 -16.21 1.84 47.10
CA VAL C 880 -16.34 2.70 48.27
C VAL C 880 -17.71 3.38 48.30
N ALA C 881 -18.18 3.86 47.14
CA ALA C 881 -19.48 4.51 47.13
C ALA C 881 -20.60 3.54 47.53
N PHE C 882 -20.59 2.34 46.95
CA PHE C 882 -21.64 1.37 47.25
C PHE C 882 -21.57 0.92 48.71
N GLY C 883 -20.36 0.80 49.25
CA GLY C 883 -20.23 0.51 50.67
C GLY C 883 -20.73 1.65 51.54
N VAL C 884 -20.52 2.89 51.11
CA VAL C 884 -21.06 4.05 51.82
C VAL C 884 -22.58 3.95 51.88
N ALA C 885 -23.20 3.64 50.74
CA ALA C 885 -24.65 3.60 50.66
C ALA C 885 -25.25 2.33 51.23
N ARG C 886 -24.46 1.28 51.43
CA ARG C 886 -24.95 0.11 52.15
C ARG C 886 -25.20 0.45 53.62
N GLN C 887 -24.30 1.21 54.24
CA GLN C 887 -24.43 1.54 55.64
C GLN C 887 -25.51 2.59 55.90
N GLY C 888 -26.00 3.25 54.86
CA GLY C 888 -27.09 4.20 55.07
C GLY C 888 -28.33 3.53 55.61
N ILE C 889 -28.59 2.31 55.15
CA ILE C 889 -29.66 1.48 55.73
C ILE C 889 -29.42 1.26 57.21
N LEU C 890 -28.16 1.08 57.61
CA LEU C 890 -27.86 0.63 58.95
C LEU C 890 -28.09 1.73 59.98
N ARG C 891 -27.98 1.35 61.25
CA ARG C 891 -28.23 2.20 62.41
C ARG C 891 -27.50 3.53 62.34
N GLN C 892 -28.03 4.50 63.08
CA GLN C 892 -27.47 5.85 63.07
C GLN C 892 -25.97 5.83 63.28
N ASN C 893 -25.48 5.03 64.23
CA ASN C 893 -24.07 5.06 64.62
C ASN C 893 -23.56 3.64 64.75
N GLU C 894 -22.53 3.30 63.96
CA GLU C 894 -21.89 2.00 64.06
C GLU C 894 -21.07 1.89 65.35
N GLN C 895 -20.26 2.91 65.63
CA GLN C 895 -19.44 2.97 66.85
C GLN C 895 -18.50 1.78 66.97
N ARG C 896 -18.07 1.21 65.84
CA ARG C 896 -17.17 0.06 65.87
C ARG C 896 -16.38 0.03 64.56
N TRP C 897 -15.12 0.46 64.62
CA TRP C 897 -14.24 0.38 63.46
C TRP C 897 -14.21 -1.01 62.86
N ARG C 898 -14.14 -2.04 63.71
CA ARG C 898 -14.05 -3.41 63.24
C ARG C 898 -15.11 -3.70 62.20
N TRP C 899 -16.39 -3.61 62.58
CA TRP C 899 -17.45 -4.06 61.70
C TRP C 899 -17.75 -3.08 60.58
N ILE C 900 -17.60 -1.78 60.81
CA ILE C 900 -17.82 -0.83 59.73
C ILE C 900 -16.82 -1.09 58.61
N PHE C 901 -15.53 -1.18 58.94
CA PHE C 901 -14.53 -1.48 57.93
C PHE C 901 -14.77 -2.85 57.31
N ARG C 902 -15.05 -3.87 58.12
CA ARG C 902 -15.25 -5.21 57.59
C ARG C 902 -16.36 -5.21 56.55
N SER C 903 -17.52 -4.66 56.91
CA SER C 903 -18.64 -4.65 55.97
C SER C 903 -18.32 -3.84 54.72
N VAL C 904 -17.88 -2.59 54.91
CA VAL C 904 -17.72 -1.69 53.77
C VAL C 904 -16.75 -2.30 52.76
N ILE C 905 -15.67 -2.92 53.23
CA ILE C 905 -14.75 -3.56 52.32
C ILE C 905 -15.36 -4.83 51.72
N TYR C 906 -15.80 -5.74 52.58
CA TYR C 906 -16.03 -7.11 52.16
C TYR C 906 -17.25 -7.23 51.24
N GLU C 907 -18.37 -6.56 51.57
CA GLU C 907 -19.61 -6.87 50.86
C GLU C 907 -19.53 -6.60 49.36
N PRO C 908 -19.30 -5.37 48.92
CA PRO C 908 -19.25 -5.12 47.48
C PRO C 908 -18.18 -5.94 46.80
N TYR C 909 -17.17 -6.36 47.57
CA TYR C 909 -16.10 -7.18 47.03
C TYR C 909 -16.63 -8.53 46.56
N LEU C 910 -17.58 -9.11 47.30
CA LEU C 910 -18.26 -10.30 46.77
C LEU C 910 -19.19 -9.92 45.63
N ALA C 911 -19.99 -8.86 45.80
CA ALA C 911 -20.97 -8.53 44.76
C ALA C 911 -20.32 -8.46 43.38
N MET C 912 -19.13 -7.87 43.31
CA MET C 912 -18.43 -7.78 42.03
C MET C 912 -18.07 -9.16 41.50
N PHE C 913 -17.87 -10.14 42.38
CA PHE C 913 -17.51 -11.50 41.98
C PHE C 913 -18.70 -12.44 41.97
N GLY C 914 -19.52 -12.40 43.02
CA GLY C 914 -20.70 -13.24 43.07
C GLY C 914 -21.44 -13.00 44.37
N GLN C 915 -22.59 -13.67 44.48
CA GLN C 915 -23.41 -13.66 45.69
C GLN C 915 -23.56 -12.25 46.26
N VAL C 916 -24.28 -11.43 45.50
CA VAL C 916 -24.53 -10.03 45.85
C VAL C 916 -24.88 -9.91 47.32
N PRO C 917 -24.33 -8.93 48.06
CA PRO C 917 -24.59 -8.84 49.50
C PRO C 917 -25.94 -8.21 49.84
N SER C 918 -26.52 -7.43 48.94
CA SER C 918 -27.73 -6.68 49.24
C SER C 918 -28.89 -7.60 49.58
N ASP C 919 -28.69 -8.91 49.45
CA ASP C 919 -29.70 -9.86 49.92
C ASP C 919 -29.97 -9.68 51.40
N VAL C 920 -29.04 -9.07 52.15
CA VAL C 920 -29.30 -8.75 53.54
C VAL C 920 -30.55 -7.90 53.67
N ASP C 921 -30.71 -6.90 52.81
CA ASP C 921 -31.82 -5.97 52.89
C ASP C 921 -32.99 -6.38 52.00
N SER C 922 -32.72 -6.69 50.74
CA SER C 922 -33.79 -6.93 49.77
C SER C 922 -34.14 -8.41 49.65
N THR C 923 -33.18 -9.24 49.22
CA THR C 923 -33.49 -10.64 48.95
C THR C 923 -33.94 -11.37 50.21
N THR C 924 -33.25 -11.14 51.33
CA THR C 924 -33.61 -11.76 52.59
C THR C 924 -34.56 -10.91 53.42
N TYR C 925 -34.96 -9.75 52.92
CA TYR C 925 -35.87 -8.83 53.62
C TYR C 925 -35.27 -8.57 55.01
N ASP C 926 -36.01 -8.77 56.09
CA ASP C 926 -35.50 -8.58 57.44
C ASP C 926 -35.38 -9.94 58.12
N PHE C 927 -34.17 -10.29 58.55
CA PHE C 927 -33.93 -11.55 59.23
C PHE C 927 -34.15 -11.45 60.73
N SER C 928 -34.36 -10.23 61.26
CA SER C 928 -34.62 -10.04 62.68
C SER C 928 -33.51 -10.62 63.55
N HIS C 929 -32.26 -10.47 63.09
CA HIS C 929 -31.08 -10.89 63.84
C HIS C 929 -30.07 -9.74 63.85
N CYS C 930 -30.21 -8.86 64.83
CA CYS C 930 -29.25 -7.77 65.04
C CYS C 930 -28.83 -7.74 66.50
N THR C 931 -27.56 -7.47 66.74
CA THR C 931 -27.03 -7.25 68.08
C THR C 931 -26.83 -5.74 68.24
N PHE C 932 -27.87 -5.06 68.74
CA PHE C 932 -27.79 -3.61 68.91
C PHE C 932 -26.68 -3.24 69.88
N SER C 933 -26.56 -3.98 70.98
CA SER C 933 -25.49 -3.73 71.94
C SER C 933 -24.13 -3.98 71.29
N GLY C 934 -23.17 -3.11 71.62
CA GLY C 934 -21.84 -3.25 71.05
C GLY C 934 -21.06 -4.44 71.61
N ASN C 935 -21.45 -4.94 72.77
CA ASN C 935 -20.75 -6.09 73.35
C ASN C 935 -20.82 -7.32 72.45
N GLU C 936 -22.00 -7.58 71.88
CA GLU C 936 -22.18 -8.76 71.04
C GLU C 936 -21.40 -8.59 69.74
N SER C 937 -20.61 -9.60 69.40
CA SER C 937 -19.85 -9.61 68.14
C SER C 937 -20.62 -10.39 67.09
N LYS C 938 -21.72 -9.79 66.64
CA LYS C 938 -22.60 -10.39 65.65
C LYS C 938 -22.56 -9.59 64.36
N PRO C 939 -22.37 -10.22 63.20
CA PRO C 939 -22.32 -9.45 61.96
C PRO C 939 -23.63 -8.73 61.67
N LEU C 940 -23.51 -7.54 61.07
CA LEU C 940 -24.64 -6.84 60.48
C LEU C 940 -25.67 -6.43 61.52
N CYS C 941 -26.55 -5.50 61.14
CA CYS C 941 -27.69 -5.12 61.96
C CYS C 941 -28.68 -4.35 61.09
N VAL C 942 -29.79 -3.95 61.70
CA VAL C 942 -30.86 -3.23 61.03
C VAL C 942 -31.13 -1.94 61.78
N GLU C 943 -31.43 -0.88 61.04
CA GLU C 943 -31.80 0.39 61.67
C GLU C 943 -33.00 0.19 62.57
N LEU C 944 -32.97 0.85 63.73
CA LEU C 944 -34.02 0.70 64.72
C LEU C 944 -35.39 0.88 64.09
N ASP C 945 -36.19 -0.19 64.11
CA ASP C 945 -37.53 -0.14 63.55
C ASP C 945 -38.40 0.83 64.32
N GLU C 946 -39.24 1.57 63.60
CA GLU C 946 -40.15 2.53 64.20
C GLU C 946 -41.47 1.83 64.51
N HIS C 947 -41.81 1.77 65.80
CA HIS C 947 -43.05 1.11 66.24
C HIS C 947 -43.08 -0.34 65.77
N ASN C 948 -41.93 -1.00 65.84
CA ASN C 948 -41.75 -2.38 65.40
C ASN C 948 -41.83 -2.53 63.89
N LEU C 949 -41.82 -1.42 63.14
CA LEU C 949 -41.92 -1.47 61.68
C LEU C 949 -40.55 -1.25 61.06
N PRO C 950 -40.09 -2.12 60.17
CA PRO C 950 -38.77 -1.89 59.54
C PRO C 950 -38.75 -0.60 58.76
N ARG C 951 -37.92 0.34 59.22
CA ARG C 951 -37.90 1.68 58.64
C ARG C 951 -37.16 1.76 57.33
N PHE C 952 -36.27 0.82 57.03
CA PHE C 952 -35.44 0.93 55.84
C PHE C 952 -36.32 0.90 54.59
N PRO C 953 -36.25 1.92 53.72
CA PRO C 953 -37.09 1.90 52.52
C PRO C 953 -36.44 1.21 51.34
N GLU C 954 -37.19 0.35 50.65
CA GLU C 954 -36.66 -0.41 49.54
C GLU C 954 -36.56 0.40 48.26
N TRP C 955 -37.46 1.36 48.07
CA TRP C 955 -37.70 1.98 46.76
C TRP C 955 -36.46 2.69 46.22
N ILE C 956 -35.48 2.98 47.07
CA ILE C 956 -34.22 3.57 46.64
C ILE C 956 -33.04 2.66 46.91
N THR C 957 -33.08 1.92 48.03
CA THR C 957 -31.96 1.04 48.36
C THR C 957 -31.79 -0.06 47.32
N ILE C 958 -32.87 -0.78 47.00
CA ILE C 958 -32.76 -1.88 46.05
C ILE C 958 -32.35 -1.39 44.66
N PRO C 959 -32.95 -0.33 44.11
CA PRO C 959 -32.44 0.20 42.84
C PRO C 959 -30.95 0.49 42.86
N LEU C 960 -30.43 1.04 43.96
CA LEU C 960 -28.99 1.29 44.03
C LEU C 960 -28.20 0.00 43.94
N VAL C 961 -28.71 -1.07 44.56
CA VAL C 961 -28.07 -2.37 44.44
C VAL C 961 -28.01 -2.77 42.97
N CYS C 962 -29.13 -2.62 42.27
CA CYS C 962 -29.14 -2.97 40.84
C CYS C 962 -28.15 -2.13 40.05
N ILE C 963 -28.08 -0.83 40.35
CA ILE C 963 -27.17 0.04 39.61
C ILE C 963 -25.73 -0.37 39.84
N TYR C 964 -25.37 -0.67 41.10
CA TYR C 964 -24.02 -1.11 41.39
C TYR C 964 -23.70 -2.42 40.68
N MET C 965 -24.63 -3.36 40.69
CA MET C 965 -24.42 -4.63 40.00
C MET C 965 -24.17 -4.41 38.52
N LEU C 966 -25.01 -3.58 37.88
CA LEU C 966 -24.82 -3.30 36.46
C LEU C 966 -23.49 -2.61 36.21
N SER C 967 -23.12 -1.65 37.07
CA SER C 967 -21.91 -0.88 36.85
C SER C 967 -20.67 -1.76 36.95
N THR C 968 -20.64 -2.67 37.92
CA THR C 968 -19.43 -3.44 38.20
C THR C 968 -19.40 -4.78 37.48
N ASN C 969 -20.41 -5.62 37.72
CA ASN C 969 -20.34 -7.01 37.27
C ASN C 969 -20.27 -7.11 35.76
N ILE C 970 -21.05 -6.32 35.05
CA ILE C 970 -21.23 -6.51 33.61
C ILE C 970 -20.61 -5.40 32.77
N LEU C 971 -20.31 -4.23 33.34
CA LEU C 971 -19.70 -3.14 32.58
C LEU C 971 -18.20 -3.03 32.84
N LEU C 972 -17.79 -2.84 34.09
CA LEU C 972 -16.37 -2.66 34.38
C LEU C 972 -15.58 -3.93 34.09
N VAL C 973 -16.13 -5.09 34.45
CA VAL C 973 -15.44 -6.35 34.13
C VAL C 973 -15.29 -6.48 32.62
N ASN C 974 -16.41 -6.39 31.89
CA ASN C 974 -16.37 -6.59 30.44
C ASN C 974 -15.64 -5.46 29.75
N LEU C 975 -15.37 -4.35 30.44
CA LEU C 975 -14.46 -3.36 29.87
C LEU C 975 -13.06 -3.94 29.74
N LEU C 976 -12.55 -4.44 30.85
CA LEU C 976 -11.20 -4.95 30.89
C LEU C 976 -10.90 -5.97 29.83
N VAL C 977 -11.86 -6.77 29.43
CA VAL C 977 -11.54 -7.71 28.38
C VAL C 977 -11.23 -6.94 27.11
N ALA C 978 -12.05 -5.95 26.80
CA ALA C 978 -11.85 -5.19 25.58
C ALA C 978 -10.53 -4.49 25.63
N MET C 979 -10.28 -3.74 26.69
CA MET C 979 -9.02 -3.07 26.90
C MET C 979 -7.87 -4.04 26.67
N PHE C 980 -7.88 -5.16 27.40
CA PHE C 980 -6.81 -6.14 27.25
C PHE C 980 -6.63 -6.52 25.79
N GLY C 981 -7.73 -6.68 25.06
CA GLY C 981 -7.66 -6.97 23.65
C GLY C 981 -6.70 -6.05 22.94
N TYR C 982 -6.97 -4.75 22.97
CA TYR C 982 -6.11 -3.82 22.25
C TYR C 982 -4.68 -3.90 22.76
N THR C 983 -4.50 -4.21 24.04
CA THR C 983 -3.15 -4.27 24.59
C THR C 983 -2.34 -5.38 23.92
N VAL C 984 -2.99 -6.46 23.49
CA VAL C 984 -2.25 -7.59 22.95
C VAL C 984 -1.87 -7.35 21.49
N GLY C 985 -2.88 -7.23 20.61
CA GLY C 985 -2.61 -7.21 19.19
C GLY C 985 -1.70 -6.07 18.79
N ILE C 986 -1.85 -4.91 19.45
CA ILE C 986 -1.03 -3.76 19.10
C ILE C 986 0.44 -4.02 19.42
N VAL C 987 0.72 -4.71 20.51
CA VAL C 987 2.09 -4.91 20.99
C VAL C 987 2.57 -6.34 20.83
N GLN C 988 1.77 -7.20 20.19
CA GLN C 988 2.16 -8.59 20.07
C GLN C 988 3.36 -8.77 19.15
N GLU C 989 3.48 -7.95 18.12
CA GLU C 989 4.58 -8.09 17.16
C GLU C 989 5.93 -7.87 17.83
N ASN C 990 6.03 -6.84 18.68
CA ASN C 990 7.31 -6.54 19.30
C ASN C 990 7.66 -7.55 20.39
N ASN C 991 6.67 -8.14 21.05
CA ASN C 991 6.92 -8.95 22.24
C ASN C 991 8.00 -10.00 21.97
N ASP C 992 7.88 -10.71 20.84
CA ASP C 992 8.84 -11.77 20.54
C ASP C 992 10.27 -11.27 20.67
N GLN C 993 10.56 -10.12 20.05
CA GLN C 993 11.91 -9.57 20.12
C GLN C 993 12.40 -9.51 21.56
N VAL C 994 11.58 -8.93 22.44
CA VAL C 994 12.00 -8.78 23.83
C VAL C 994 12.34 -10.14 24.41
N TRP C 995 11.48 -11.14 24.17
CA TRP C 995 11.76 -12.48 24.67
C TRP C 995 13.14 -12.93 24.23
N LYS C 996 13.43 -12.80 22.94
CA LYS C 996 14.74 -13.17 22.44
C LYS C 996 15.84 -12.47 23.23
N PHE C 997 15.69 -11.15 23.41
CA PHE C 997 16.65 -10.41 24.21
C PHE C 997 16.79 -11.05 25.59
N GLN C 998 15.66 -11.27 26.27
CA GLN C 998 15.71 -11.87 27.59
C GLN C 998 16.47 -13.19 27.55
N ARG C 999 16.28 -13.96 26.48
CA ARG C 999 16.97 -15.24 26.37
C ARG C 999 18.46 -15.05 26.60
N TYR C 1000 19.05 -14.09 25.88
CA TYR C 1000 20.48 -13.85 26.02
C TYR C 1000 20.89 -13.82 27.48
N PHE C 1001 20.17 -13.04 28.29
CA PHE C 1001 20.59 -12.85 29.68
C PHE C 1001 20.83 -14.18 30.35
N LEU C 1002 19.86 -15.10 30.28
CA LEU C 1002 20.00 -16.35 30.98
C LEU C 1002 21.24 -17.08 30.51
N VAL C 1003 21.42 -17.17 29.19
CA VAL C 1003 22.64 -17.76 28.65
C VAL C 1003 23.85 -17.15 29.33
N GLN C 1004 23.95 -15.82 29.26
CA GLN C 1004 25.09 -15.14 29.86
C GLN C 1004 25.26 -15.56 31.31
N GLU C 1005 24.16 -15.56 32.07
CA GLU C 1005 24.24 -15.96 33.46
C GLU C 1005 24.82 -17.36 33.58
N TYR C 1006 24.24 -18.31 32.84
CA TYR C 1006 24.72 -19.68 32.91
C TYR C 1006 26.07 -19.85 32.23
N CYS C 1007 26.48 -18.86 31.44
CA CYS C 1007 27.85 -18.85 30.93
C CYS C 1007 28.83 -18.34 31.98
N ASN C 1008 28.36 -17.47 32.88
CA ASN C 1008 29.24 -16.97 33.93
C ASN C 1008 29.56 -18.05 34.95
N ARG C 1009 28.57 -18.87 35.30
CA ARG C 1009 28.74 -19.94 36.27
C ARG C 1009 29.22 -21.24 35.62
N LEU C 1010 29.33 -21.28 34.30
CA LEU C 1010 29.76 -22.49 33.58
C LEU C 1010 28.76 -23.60 33.94
N ASN C 1011 29.22 -24.82 34.23
CA ASN C 1011 28.35 -25.93 34.58
C ASN C 1011 28.80 -26.52 35.90
N ILE C 1012 27.87 -26.69 36.83
CA ILE C 1012 28.19 -27.27 38.13
C ILE C 1012 26.88 -27.67 38.82
N PRO C 1013 26.77 -28.90 39.33
CA PRO C 1013 25.57 -29.26 40.10
C PRO C 1013 25.46 -28.40 41.36
N PHE C 1014 24.21 -28.16 41.77
CA PHE C 1014 23.98 -27.28 42.93
C PHE C 1014 24.73 -27.71 44.17
N PRO C 1015 24.71 -28.98 44.59
CA PRO C 1015 25.42 -29.33 45.82
C PRO C 1015 26.92 -29.25 45.66
N PHE C 1016 27.45 -29.72 44.52
CA PHE C 1016 28.83 -29.45 44.18
C PHE C 1016 29.04 -27.99 43.82
N VAL C 1017 27.97 -27.27 43.42
CA VAL C 1017 28.09 -25.86 43.11
C VAL C 1017 28.48 -25.07 44.36
N VAL C 1018 27.87 -25.40 45.50
CA VAL C 1018 28.21 -24.70 46.74
C VAL C 1018 29.67 -24.94 47.09
N PHE C 1019 30.12 -26.19 47.00
CA PHE C 1019 31.51 -26.51 47.31
C PHE C 1019 32.46 -25.80 46.35
N ALA C 1020 32.11 -25.76 45.07
CA ALA C 1020 32.95 -25.07 44.09
C ALA C 1020 33.01 -23.58 44.37
N TYR C 1021 31.89 -22.99 44.78
CA TYR C 1021 31.89 -21.57 45.14
C TYR C 1021 32.79 -21.33 46.34
N PHE C 1022 32.72 -22.20 47.34
CA PHE C 1022 33.60 -22.04 48.51
C PHE C 1022 35.07 -22.18 48.10
N TYR C 1023 35.37 -23.16 47.24
CA TYR C 1023 36.74 -23.34 46.80
C TYR C 1023 37.25 -22.14 46.00
N MET C 1024 36.40 -21.59 45.14
CA MET C 1024 36.77 -20.41 44.37
C MET C 1024 37.00 -19.22 45.28
N VAL C 1025 36.14 -19.04 46.30
CA VAL C 1025 36.34 -17.96 47.26
C VAL C 1025 37.67 -18.13 47.96
N VAL C 1026 38.01 -19.36 48.35
CA VAL C 1026 39.29 -19.62 48.98
C VAL C 1026 40.43 -19.25 48.04
N LYS C 1027 40.31 -19.67 46.77
CA LYS C 1027 41.36 -19.37 45.80
C LYS C 1027 41.38 -17.90 45.43
N LYS C 1028 40.20 -17.31 45.23
CA LYS C 1028 40.10 -15.90 44.86
C LYS C 1028 40.43 -15.01 46.05
N ASN C 1051 43.13 -10.75 13.92
CA ASN C 1051 43.98 -10.16 12.89
C ASN C 1051 43.45 -10.51 11.50
N GLU C 1052 43.55 -11.79 11.14
CA GLU C 1052 43.02 -12.23 9.85
C GLU C 1052 41.51 -12.03 9.79
N THR C 1053 40.82 -12.26 10.91
CA THR C 1053 39.39 -12.03 10.95
C THR C 1053 39.05 -10.59 10.64
N LEU C 1054 39.87 -9.65 11.13
CA LEU C 1054 39.64 -8.24 10.83
C LEU C 1054 39.81 -7.96 9.34
N ALA C 1055 40.81 -8.59 8.71
CA ALA C 1055 40.99 -8.42 7.27
C ALA C 1055 39.79 -8.96 6.50
N TRP C 1056 39.29 -10.12 6.90
CA TRP C 1056 38.11 -10.68 6.27
C TRP C 1056 36.90 -9.75 6.45
N GLU C 1057 36.77 -9.18 7.65
CA GLU C 1057 35.69 -8.24 7.89
C GLU C 1057 35.82 -7.01 6.99
N GLY C 1058 37.04 -6.54 6.79
CA GLY C 1058 37.23 -5.42 5.88
C GLY C 1058 36.84 -5.75 4.46
N VAL C 1059 37.21 -6.95 4.00
CA VAL C 1059 36.83 -7.36 2.65
C VAL C 1059 35.33 -7.46 2.52
N MET C 1060 34.66 -8.04 3.53
CA MET C 1060 33.21 -8.11 3.51
C MET C 1060 32.59 -6.73 3.52
N LYS C 1061 33.18 -5.80 4.25
CA LYS C 1061 32.68 -4.42 4.25
C LYS C 1061 32.83 -3.78 2.89
N GLU C 1062 33.94 -4.04 2.20
CA GLU C 1062 34.11 -3.54 0.84
C GLU C 1062 33.03 -4.10 -0.08
N ASN C 1063 32.76 -5.40 0.04
CA ASN C 1063 31.70 -6.01 -0.76
C ASN C 1063 30.35 -5.38 -0.45
N TYR C 1064 30.08 -5.12 0.82
CA TYR C 1064 28.82 -4.50 1.22
C TYR C 1064 28.70 -3.09 0.66
N LEU C 1065 29.80 -2.33 0.68
CA LEU C 1065 29.77 -0.98 0.11
C LEU C 1065 29.52 -1.03 -1.39
N VAL C 1066 30.11 -2.01 -2.07
CA VAL C 1066 29.83 -2.18 -3.50
C VAL C 1066 28.34 -2.48 -3.71
N LYS C 1067 27.77 -3.32 -2.85
CA LYS C 1067 26.34 -3.62 -2.96
C LYS C 1067 25.50 -2.37 -2.73
N ILE C 1068 25.88 -1.54 -1.76
CA ILE C 1068 25.14 -0.31 -1.49
C ILE C 1068 25.22 0.62 -2.69
N ASN C 1069 26.41 0.74 -3.30
CA ASN C 1069 26.56 1.56 -4.48
C ASN C 1069 25.68 1.05 -5.62
N THR C 1070 25.62 -0.27 -5.79
CA THR C 1070 24.75 -0.84 -6.82
C THR C 1070 23.29 -0.53 -6.55
N LYS C 1071 22.86 -0.64 -5.29
CA LYS C 1071 21.49 -0.30 -4.95
C LYS C 1071 21.19 1.16 -5.26
N ALA C 1072 22.14 2.05 -4.95
CA ALA C 1072 21.96 3.47 -5.29
C ALA C 1072 21.86 3.67 -6.79
N ASN C 1073 22.71 2.99 -7.57
CA ASN C 1073 22.73 3.13 -9.01
C ASN C 1073 21.57 2.42 -9.69
N ASP C 1074 20.80 1.60 -8.98
CA ASP C 1074 19.71 0.85 -9.57
C ASP C 1074 18.55 1.74 -10.02
N ASN C 1075 18.69 3.05 -9.86
CA ASN C 1075 17.62 3.96 -10.27
C ASN C 1075 17.25 3.79 -11.73
N SER C 1076 18.22 3.43 -12.58
CA SER C 1076 17.98 3.17 -13.99
C SER C 1076 17.58 4.44 -14.73
N GLU C 1077 18.27 5.54 -14.43
CA GLU C 1077 18.03 6.83 -15.08
C GLU C 1077 19.02 7.09 -16.22
N GLU C 1078 19.60 6.04 -16.80
CA GLU C 1078 20.59 6.21 -17.86
C GLU C 1078 19.99 6.84 -19.10
N MET C 1079 18.66 6.82 -19.25
CA MET C 1079 18.03 7.42 -20.43
C MET C 1079 18.30 8.92 -20.51
N ARG C 1080 18.37 9.61 -19.36
CA ARG C 1080 18.68 11.03 -19.38
C ARG C 1080 20.07 11.27 -19.94
N HIS C 1081 21.05 10.48 -19.50
CA HIS C 1081 22.41 10.62 -20.02
C HIS C 1081 22.46 10.27 -21.51
N ARG C 1082 21.71 9.25 -21.92
CA ARG C 1082 21.67 8.89 -23.33
C ARG C 1082 21.08 10.03 -24.17
N PHE C 1083 20.02 10.67 -23.66
CA PHE C 1083 19.45 11.82 -24.36
C PHE C 1083 20.44 12.98 -24.43
N ARG C 1084 21.19 13.21 -23.35
CA ARG C 1084 22.21 14.26 -23.37
C ARG C 1084 23.27 13.97 -24.41
N GLN C 1085 23.70 12.71 -24.50
CA GLN C 1085 24.68 12.32 -25.51
C GLN C 1085 24.11 12.50 -26.92
N LEU C 1086 22.83 12.17 -27.09
CA LEU C 1086 22.20 12.36 -28.40
C LEU C 1086 22.17 13.84 -28.77
N ASP C 1087 21.84 14.71 -27.82
CA ASP C 1087 21.85 16.14 -28.08
C ASP C 1087 23.25 16.62 -28.43
N SER C 1088 24.26 16.13 -27.71
CA SER C 1088 25.64 16.50 -28.03
C SER C 1088 26.01 16.05 -29.44
N LYS C 1089 25.59 14.84 -29.83
CA LYS C 1089 25.88 14.37 -31.18
C LYS C 1089 25.17 15.21 -32.22
N LEU C 1090 23.93 15.62 -31.95
CA LEU C 1090 23.21 16.49 -32.88
C LEU C 1090 23.92 17.84 -33.02
N ASN C 1091 24.39 18.39 -31.90
CA ASN C 1091 25.13 19.64 -31.96
C ASN C 1091 26.42 19.48 -32.76
N ASP C 1092 27.12 18.35 -32.57
CA ASP C 1092 28.33 18.10 -33.34
C ASP C 1092 28.02 17.99 -34.82
N LEU C 1093 26.93 17.32 -35.17
CA LEU C 1093 26.53 17.23 -36.59
C LEU C 1093 26.21 18.60 -37.16
N LYS C 1094 25.51 19.44 -36.39
CA LYS C 1094 25.21 20.79 -36.86
C LYS C 1094 26.49 21.59 -37.06
N SER C 1095 27.44 21.47 -36.14
CA SER C 1095 28.70 22.18 -36.29
C SER C 1095 29.47 21.69 -37.51
N LEU C 1096 29.45 20.37 -37.75
CA LEU C 1096 30.10 19.83 -38.94
C LEU C 1096 29.46 20.36 -40.21
N LEU C 1097 28.12 20.44 -40.23
CA LEU C 1097 27.44 20.99 -41.40
C LEU C 1097 27.81 22.45 -41.61
N LYS C 1098 27.88 23.23 -40.52
CA LYS C 1098 28.28 24.63 -40.64
C LYS C 1098 29.70 24.75 -41.16
N GLU C 1099 30.60 23.89 -40.68
CA GLU C 1099 31.99 23.91 -41.17
C GLU C 1099 32.05 23.56 -42.64
N ILE C 1100 31.26 22.58 -43.07
CA ILE C 1100 31.23 22.22 -44.50
C ILE C 1100 30.72 23.39 -45.32
N ALA C 1101 29.67 24.06 -44.85
CA ALA C 1101 29.16 25.22 -45.57
C ALA C 1101 30.21 26.31 -45.66
N ASN C 1102 30.92 26.57 -44.57
CA ASN C 1102 31.97 27.59 -44.59
C ASN C 1102 33.08 27.21 -45.57
N ASN C 1103 33.46 25.94 -45.58
CA ASN C 1103 34.49 25.49 -46.51
C ASN C 1103 34.05 25.67 -47.95
N ILE C 1104 32.78 25.36 -48.24
CA ILE C 1104 32.25 25.56 -49.58
C ILE C 1104 32.33 27.02 -49.99
N LYS C 1105 31.97 27.92 -49.07
CA LYS C 1105 32.03 29.36 -49.34
C LYS C 1105 33.44 29.89 -49.07
N ASP D 41 70.57 -27.90 -3.30
CA ASP D 41 69.63 -28.47 -4.26
C ASP D 41 69.24 -27.42 -5.31
N LEU D 42 68.21 -26.62 -4.99
CA LEU D 42 67.78 -25.59 -5.92
C LEU D 42 68.82 -24.49 -6.05
N VAL D 43 69.54 -24.19 -4.96
CA VAL D 43 70.56 -23.14 -5.02
C VAL D 43 71.66 -23.51 -6.01
N ASN D 44 72.07 -24.78 -6.00
CA ASN D 44 73.10 -25.24 -6.94
C ASN D 44 72.63 -25.08 -8.38
N PHE D 45 71.39 -25.47 -8.66
CA PHE D 45 70.87 -25.33 -10.02
C PHE D 45 70.79 -23.86 -10.43
N ILE D 46 70.35 -23.00 -9.51
CA ILE D 46 70.26 -21.57 -9.83
C ILE D 46 71.64 -21.01 -10.14
N GLN D 47 72.63 -21.37 -9.32
CA GLN D 47 74.00 -20.88 -9.55
C GLN D 47 74.54 -21.40 -10.87
N ALA D 48 74.27 -22.67 -11.20
CA ALA D 48 74.79 -23.24 -12.44
C ALA D 48 74.11 -22.64 -13.66
N ASN D 49 72.84 -22.24 -13.54
CA ASN D 49 72.13 -21.70 -14.69
C ASN D 49 72.82 -20.44 -15.22
N PHE D 50 73.20 -19.53 -14.32
CA PHE D 50 73.88 -18.32 -14.74
C PHE D 50 75.24 -18.65 -15.35
N LYS D 51 75.97 -19.57 -14.74
CA LYS D 51 77.29 -19.96 -15.24
C LYS D 51 78.24 -18.77 -15.26
N ASP D 102 76.38 -15.60 -8.63
CA ASP D 102 75.14 -16.04 -8.02
C ASP D 102 74.26 -14.84 -7.67
N ALA D 103 74.51 -14.25 -6.50
CA ALA D 103 73.75 -13.09 -6.03
C ALA D 103 72.24 -13.38 -6.05
N PHE D 104 71.87 -14.58 -5.60
CA PHE D 104 70.49 -15.01 -5.56
C PHE D 104 70.12 -15.41 -4.13
N GLY D 105 68.91 -15.05 -3.72
CA GLY D 105 68.44 -15.38 -2.39
C GLY D 105 66.93 -15.37 -2.34
N ASP D 106 66.39 -16.15 -1.42
CA ASP D 106 64.94 -16.27 -1.24
C ASP D 106 64.50 -15.36 -0.10
N ILE D 107 63.57 -14.45 -0.39
CA ILE D 107 63.06 -13.51 0.59
C ILE D 107 61.70 -13.99 1.05
N GLN D 108 61.54 -14.13 2.36
CA GLN D 108 60.27 -14.59 2.93
C GLN D 108 60.13 -14.11 4.38
N GLY D 116 58.06 -14.22 -1.76
CA GLY D 116 58.10 -15.67 -1.85
C GLY D 116 59.44 -16.18 -2.33
N LYS D 117 59.71 -15.99 -3.62
CA LYS D 117 60.96 -16.43 -4.24
C LYS D 117 61.50 -15.29 -5.09
N TYR D 118 62.66 -14.76 -4.72
CA TYR D 118 63.34 -13.71 -5.48
C TYR D 118 64.55 -14.32 -6.17
N LEU D 119 64.65 -14.11 -7.48
CA LEU D 119 65.73 -14.67 -8.27
C LEU D 119 66.33 -13.59 -9.16
N ARG D 120 67.65 -13.67 -9.36
CA ARG D 120 68.37 -12.80 -10.27
C ARG D 120 68.75 -13.59 -11.51
N LEU D 121 68.41 -13.05 -12.68
CA LEU D 121 68.61 -13.74 -13.94
C LEU D 121 69.61 -13.00 -14.81
N SER D 122 70.26 -13.74 -15.70
CA SER D 122 71.22 -13.19 -16.63
C SER D 122 70.53 -12.81 -17.94
N CYS D 123 70.91 -11.65 -18.49
CA CYS D 123 70.29 -11.18 -19.71
C CYS D 123 70.53 -12.16 -20.86
N ASP D 124 71.76 -12.67 -20.97
CA ASP D 124 72.10 -13.65 -22.02
C ASP D 124 71.77 -15.05 -21.52
N THR D 125 70.47 -15.31 -21.41
CA THR D 125 69.97 -16.60 -20.95
C THR D 125 68.76 -17.00 -21.77
N ASP D 126 68.50 -18.31 -21.81
CA ASP D 126 67.37 -18.85 -22.55
C ASP D 126 66.13 -18.77 -21.67
N SER D 127 65.20 -17.90 -22.04
CA SER D 127 63.95 -17.79 -21.29
C SER D 127 63.19 -19.11 -21.27
N GLU D 128 63.30 -19.90 -22.34
CA GLU D 128 62.61 -21.18 -22.39
C GLU D 128 63.07 -22.11 -21.29
N THR D 129 64.39 -22.18 -21.07
CA THR D 129 64.92 -23.07 -20.03
C THR D 129 64.46 -22.64 -18.64
N LEU D 130 64.51 -21.33 -18.37
CA LEU D 130 64.07 -20.83 -17.06
C LEU D 130 62.58 -21.10 -16.85
N TYR D 131 61.77 -20.87 -17.88
CA TYR D 131 60.33 -21.12 -17.75
C TYR D 131 60.07 -22.60 -17.52
N GLU D 132 60.77 -23.47 -18.24
CA GLU D 132 60.57 -24.90 -18.05
C GLU D 132 60.96 -25.34 -16.65
N LEU D 133 62.10 -24.84 -16.16
CA LEU D 133 62.53 -25.19 -14.81
C LEU D 133 61.52 -24.70 -13.77
N LEU D 134 61.04 -23.47 -13.93
CA LEU D 134 60.06 -22.94 -12.99
C LEU D 134 58.78 -23.74 -13.00
N THR D 135 58.30 -24.11 -14.18
CA THR D 135 57.08 -24.91 -14.26
C THR D 135 57.29 -26.28 -13.64
N GLN D 136 58.45 -26.90 -13.89
CA GLN D 136 58.71 -28.23 -13.34
C GLN D 136 58.79 -28.20 -11.82
N HIS D 137 59.45 -27.18 -11.26
CA HIS D 137 59.70 -27.12 -9.83
C HIS D 137 59.11 -25.90 -9.14
N TRP D 138 59.22 -24.72 -9.74
CA TRP D 138 58.84 -23.49 -9.04
C TRP D 138 57.35 -23.48 -8.71
N HIS D 139 56.50 -23.74 -9.71
CA HIS D 139 55.06 -23.63 -9.52
C HIS D 139 54.36 -24.55 -10.51
N LEU D 140 53.03 -24.52 -10.47
CA LEU D 140 52.22 -25.35 -11.34
C LEU D 140 52.09 -24.70 -12.72
N LYS D 141 51.18 -25.21 -13.54
CA LYS D 141 50.94 -24.70 -14.88
C LYS D 141 49.64 -23.92 -14.92
N THR D 142 49.55 -23.01 -15.89
CA THR D 142 48.36 -22.17 -16.03
C THR D 142 47.87 -22.21 -17.48
N PRO D 143 46.56 -22.13 -17.70
CA PRO D 143 46.05 -22.05 -19.07
C PRO D 143 46.13 -20.63 -19.63
N ASN D 144 45.94 -19.64 -18.77
CA ASN D 144 45.92 -18.24 -19.15
C ASN D 144 46.99 -17.47 -18.39
N LEU D 145 47.59 -16.48 -19.05
CA LEU D 145 48.60 -15.63 -18.44
C LEU D 145 48.27 -14.18 -18.78
N VAL D 146 48.01 -13.39 -17.75
CA VAL D 146 47.67 -11.98 -17.92
C VAL D 146 48.95 -11.16 -18.01
N ILE D 147 49.03 -10.30 -19.02
CA ILE D 147 50.20 -9.46 -19.25
C ILE D 147 49.82 -8.03 -18.89
N SER D 148 50.59 -7.42 -18.00
CA SER D 148 50.38 -6.05 -17.57
C SER D 148 51.52 -5.19 -18.08
N VAL D 149 51.19 -4.06 -18.72
CA VAL D 149 52.17 -3.14 -19.26
C VAL D 149 51.98 -1.81 -18.53
N THR D 150 52.93 -1.48 -17.64
CA THR D 150 52.86 -0.24 -16.88
C THR D 150 54.18 0.53 -16.99
N ARG D 161 37.05 4.55 -10.81
CA ARG D 161 36.61 3.70 -11.91
C ARG D 161 37.70 2.72 -12.31
N MET D 162 38.94 3.22 -12.41
CA MET D 162 40.05 2.37 -12.80
C MET D 162 40.25 1.25 -11.77
N ARG D 163 40.14 1.57 -10.49
CA ARG D 163 40.29 0.56 -9.46
C ARG D 163 39.24 -0.53 -9.61
N LYS D 164 38.01 -0.15 -9.97
CA LYS D 164 36.95 -1.14 -10.18
C LYS D 164 37.31 -2.10 -11.31
N ILE D 165 37.80 -1.55 -12.43
CA ILE D 165 38.16 -2.39 -13.57
C ILE D 165 39.30 -3.32 -13.20
N PHE D 166 40.32 -2.80 -12.51
CA PHE D 166 41.44 -3.64 -12.12
C PHE D 166 41.00 -4.74 -11.15
N SER D 167 40.11 -4.42 -10.22
CA SER D 167 39.61 -5.43 -9.30
C SER D 167 38.82 -6.51 -10.04
N ARG D 168 38.01 -6.10 -11.01
CA ARG D 168 37.27 -7.10 -11.80
C ARG D 168 38.22 -7.99 -12.57
N LEU D 169 39.27 -7.40 -13.15
CA LEU D 169 40.26 -8.21 -13.87
C LEU D 169 40.97 -9.18 -12.93
N ILE D 170 41.29 -8.71 -11.72
CA ILE D 170 41.93 -9.59 -10.74
C ILE D 170 41.01 -10.74 -10.37
N TYR D 171 39.73 -10.45 -10.17
CA TYR D 171 38.77 -11.50 -9.85
C TYR D 171 38.67 -12.51 -10.99
N ILE D 172 38.64 -12.02 -12.23
CA ILE D 172 38.57 -12.93 -13.37
C ILE D 172 39.80 -13.82 -13.43
N ALA D 173 40.98 -13.23 -13.22
CA ALA D 173 42.22 -14.01 -13.23
C ALA D 173 42.20 -15.06 -12.13
N GLN D 174 41.75 -14.69 -10.93
CA GLN D 174 41.70 -15.64 -9.83
C GLN D 174 40.73 -16.79 -10.14
N SER D 175 39.57 -16.46 -10.71
CA SER D 175 38.61 -17.50 -11.06
C SER D 175 39.17 -18.44 -12.11
N LYS D 176 39.85 -17.89 -13.11
CA LYS D 176 40.48 -18.72 -14.14
C LYS D 176 41.79 -19.32 -13.67
N GLY D 177 42.36 -18.82 -12.58
CA GLY D 177 43.65 -19.30 -12.13
C GLY D 177 44.82 -18.82 -12.96
N ALA D 178 44.63 -17.76 -13.74
CA ALA D 178 45.68 -17.29 -14.63
C ALA D 178 46.78 -16.58 -13.86
N TRP D 179 47.99 -16.62 -14.42
CA TRP D 179 49.11 -15.85 -13.89
C TRP D 179 48.93 -14.38 -14.22
N ILE D 180 49.40 -13.53 -13.32
CA ILE D 180 49.29 -12.08 -13.46
C ILE D 180 50.70 -11.51 -13.46
N LEU D 181 51.23 -11.22 -14.65
CA LEU D 181 52.54 -10.59 -14.76
C LEU D 181 52.41 -9.08 -14.55
N THR D 182 53.35 -8.52 -13.79
CA THR D 182 53.34 -7.10 -13.50
C THR D 182 54.75 -6.65 -13.19
N GLY D 183 54.96 -5.33 -13.30
CA GLY D 183 56.27 -4.78 -12.98
C GLY D 183 56.63 -4.92 -11.52
N GLY D 184 55.64 -4.80 -10.63
CA GLY D 184 55.89 -4.90 -9.21
C GLY D 184 56.43 -3.65 -8.56
N THR D 185 56.45 -2.53 -9.28
CA THR D 185 56.98 -1.30 -8.71
C THR D 185 56.12 -0.84 -7.52
N HIS D 186 56.78 -0.43 -6.44
CA HIS D 186 56.06 0.02 -5.26
C HIS D 186 55.23 1.26 -5.57
N TYR D 187 55.79 2.20 -6.34
CA TYR D 187 55.10 3.43 -6.70
C TYR D 187 54.33 3.20 -8.00
N GLY D 188 53.00 3.28 -7.91
CA GLY D 188 52.13 3.09 -9.04
C GLY D 188 50.99 2.15 -8.68
N LEU D 189 50.31 1.67 -9.72
CA LEU D 189 49.20 0.74 -9.51
C LEU D 189 49.68 -0.64 -9.06
N MET D 190 50.98 -0.92 -9.16
CA MET D 190 51.48 -2.24 -8.77
C MET D 190 51.24 -2.50 -7.29
N LYS D 191 51.46 -1.50 -6.44
CA LYS D 191 51.21 -1.68 -5.01
C LYS D 191 49.74 -1.95 -4.74
N TYR D 192 48.85 -1.21 -5.41
CA TYR D 192 47.42 -1.45 -5.25
C TYR D 192 47.04 -2.86 -5.69
N ILE D 193 47.60 -3.31 -6.81
CA ILE D 193 47.31 -4.66 -7.30
C ILE D 193 47.81 -5.70 -6.31
N GLY D 194 48.99 -5.50 -5.75
CA GLY D 194 49.50 -6.42 -4.75
C GLY D 194 48.63 -6.47 -3.51
N GLU D 195 48.17 -5.31 -3.04
CA GLU D 195 47.29 -5.27 -1.89
C GLU D 195 45.98 -6.00 -2.18
N VAL D 196 45.42 -5.78 -3.37
CA VAL D 196 44.17 -6.44 -3.73
C VAL D 196 44.38 -7.95 -3.81
N VAL D 197 45.50 -8.39 -4.37
CA VAL D 197 45.79 -9.81 -4.47
C VAL D 197 45.92 -10.41 -3.07
N ARG D 198 46.61 -9.72 -2.16
CA ARG D 198 46.74 -10.21 -0.80
C ARG D 198 45.37 -10.31 -0.13
N ASP D 199 44.52 -9.30 -0.33
CA ASP D 199 43.19 -9.33 0.27
C ASP D 199 42.37 -10.50 -0.26
N ASN D 200 42.44 -10.72 -1.58
CA ASN D 200 41.70 -11.83 -2.17
C ASN D 200 42.22 -13.17 -1.65
N THR D 201 43.54 -13.31 -1.53
CA THR D 201 44.10 -14.55 -1.03
C THR D 201 43.78 -14.77 0.44
N ILE D 202 43.54 -13.69 1.18
CA ILE D 202 43.18 -13.83 2.59
C ILE D 202 41.88 -14.61 2.72
N SER D 203 40.89 -14.30 1.90
CA SER D 203 39.61 -15.01 1.92
C SER D 203 39.82 -16.49 1.65
N GLU D 208 41.99 -21.50 -7.11
CA GLU D 208 41.89 -21.42 -5.66
C GLU D 208 43.04 -20.57 -5.09
N ASN D 209 44.21 -20.69 -5.70
CA ASN D 209 45.40 -19.95 -5.29
C ASN D 209 45.78 -18.96 -6.36
N ILE D 210 46.10 -17.73 -5.94
CA ILE D 210 46.52 -16.66 -6.84
C ILE D 210 48.02 -16.49 -6.73
N VAL D 211 48.69 -16.40 -7.87
CA VAL D 211 50.15 -16.28 -7.95
C VAL D 211 50.48 -15.00 -8.69
N ALA D 212 51.38 -14.21 -8.12
CA ALA D 212 51.79 -12.93 -8.70
C ALA D 212 53.27 -12.96 -9.06
N ILE D 213 53.57 -12.41 -10.24
CA ILE D 213 54.92 -12.39 -10.80
C ILE D 213 55.33 -10.95 -10.99
N GLY D 214 56.52 -10.61 -10.49
CA GLY D 214 57.07 -9.27 -10.61
C GLY D 214 58.32 -9.30 -11.48
N ILE D 215 58.35 -8.40 -12.46
CA ILE D 215 59.50 -8.23 -13.33
C ILE D 215 60.18 -6.90 -12.98
N ALA D 216 61.12 -6.95 -12.04
CA ALA D 216 61.79 -5.75 -11.56
C ALA D 216 63.29 -6.03 -11.49
N ALA D 217 64.06 -5.33 -12.32
CA ALA D 217 65.49 -5.55 -12.39
C ALA D 217 66.15 -5.24 -11.05
N TRP D 218 67.20 -6.01 -10.74
CA TRP D 218 67.89 -5.85 -9.46
C TRP D 218 68.54 -4.48 -9.34
N GLY D 219 68.96 -3.89 -10.46
CA GLY D 219 69.67 -2.62 -10.40
C GLY D 219 68.89 -1.52 -9.71
N MET D 220 67.56 -1.50 -9.91
CA MET D 220 66.75 -0.45 -9.32
C MET D 220 66.80 -0.50 -7.80
N VAL D 221 66.75 -1.71 -7.22
CA VAL D 221 66.74 -1.84 -5.77
C VAL D 221 68.03 -1.30 -5.19
N SER D 222 67.91 -0.47 -4.15
CA SER D 222 69.06 0.12 -3.49
C SER D 222 69.50 -0.65 -2.25
N ASN D 223 68.77 -1.70 -1.86
CA ASN D 223 69.09 -2.51 -0.69
C ASN D 223 69.12 -3.97 -1.14
N ARG D 224 70.29 -4.43 -1.59
CA ARG D 224 70.48 -5.79 -2.08
C ARG D 224 71.48 -6.51 -1.19
N ASP D 225 71.13 -7.70 -0.74
CA ASP D 225 71.99 -8.53 0.09
C ASP D 225 71.99 -9.95 -0.44
N THR D 226 73.13 -10.62 -0.27
CA THR D 226 73.28 -11.99 -0.73
C THR D 226 72.45 -12.95 0.12
N PHE D 237 71.00 -17.19 4.31
CA PHE D 237 70.10 -17.94 3.44
C PHE D 237 68.93 -17.07 3.00
N SER D 238 67.98 -16.86 3.91
CA SER D 238 66.78 -16.05 3.64
C SER D 238 67.06 -14.63 4.11
N ALA D 239 67.58 -13.81 3.20
CA ALA D 239 67.84 -12.42 3.53
C ALA D 239 66.54 -11.67 3.79
N GLN D 240 66.57 -10.76 4.77
CA GLN D 240 65.41 -9.98 5.16
C GLN D 240 65.63 -8.51 4.84
N TYR D 241 64.61 -7.89 4.25
CA TYR D 241 64.65 -6.48 3.90
C TYR D 241 63.38 -5.81 4.39
N ILE D 242 63.53 -4.68 5.09
CA ILE D 242 62.41 -3.93 5.64
C ILE D 242 62.58 -2.46 5.24
N MET D 243 61.49 -1.86 4.76
CA MET D 243 61.53 -0.45 4.36
C MET D 243 60.17 0.20 4.59
N LEU D 251 66.97 3.97 -4.70
CA LEU D 251 65.91 3.29 -3.96
C LEU D 251 65.17 2.31 -4.88
N TYR D 252 64.12 2.81 -5.53
CA TYR D 252 63.31 1.99 -6.44
C TYR D 252 62.84 0.71 -5.75
N ILE D 253 62.43 0.84 -4.48
CA ILE D 253 61.94 -0.32 -3.76
C ILE D 253 60.65 -0.83 -4.41
N LEU D 254 60.30 -2.07 -4.08
CA LEU D 254 59.20 -2.78 -4.70
C LEU D 254 58.29 -3.37 -3.63
N ASP D 255 57.10 -3.76 -4.07
CA ASP D 255 56.14 -4.41 -3.19
C ASP D 255 56.51 -5.87 -2.98
N ASN D 256 56.32 -6.36 -1.76
CA ASN D 256 56.64 -7.74 -1.41
C ASN D 256 55.45 -8.68 -1.59
N ASN D 257 54.30 -8.18 -2.04
CA ASN D 257 53.13 -9.05 -2.20
C ASN D 257 53.37 -10.11 -3.26
N HIS D 258 54.01 -9.75 -4.37
CA HIS D 258 54.21 -10.69 -5.45
C HIS D 258 54.97 -11.93 -4.98
N THR D 259 54.44 -13.10 -5.34
CA THR D 259 55.05 -14.36 -4.89
C THR D 259 56.42 -14.55 -5.53
N HIS D 260 56.51 -14.39 -6.85
CA HIS D 260 57.74 -14.60 -7.58
C HIS D 260 58.27 -13.26 -8.05
N LEU D 261 59.56 -13.02 -7.87
CA LEU D 261 60.20 -11.77 -8.26
C LEU D 261 61.46 -12.08 -9.06
N LEU D 262 61.44 -11.80 -10.36
CA LEU D 262 62.59 -12.01 -11.22
C LEU D 262 63.23 -10.67 -11.54
N LEU D 263 64.53 -10.54 -11.28
CA LEU D 263 65.28 -9.32 -11.53
C LEU D 263 66.35 -9.60 -12.56
N VAL D 264 66.30 -8.90 -13.69
CA VAL D 264 67.25 -9.04 -14.78
C VAL D 264 68.13 -7.81 -14.78
N ASP D 265 69.42 -7.99 -14.49
CA ASP D 265 70.39 -6.91 -14.44
C ASP D 265 71.43 -7.09 -15.54
N ASN D 266 71.88 -5.97 -16.11
CA ASN D 266 72.91 -6.00 -17.14
C ASN D 266 74.31 -6.16 -16.57
N GLY D 267 74.46 -6.18 -15.25
CA GLY D 267 75.75 -6.29 -14.60
C GLY D 267 76.31 -5.00 -14.05
N CYS D 268 75.55 -3.90 -14.13
CA CYS D 268 76.01 -2.62 -13.60
C CYS D 268 74.80 -1.85 -13.10
N HIS D 269 75.06 -0.91 -12.19
CA HIS D 269 74.00 -0.09 -11.59
C HIS D 269 73.78 1.18 -12.43
N GLY D 270 73.47 0.97 -13.70
CA GLY D 270 73.15 2.04 -14.62
C GLY D 270 71.68 2.33 -14.77
N HIS D 271 70.82 1.65 -14.02
CA HIS D 271 69.38 1.81 -14.11
C HIS D 271 68.88 1.74 -15.56
N PRO D 272 69.16 0.65 -16.28
CA PRO D 272 68.60 0.49 -17.62
C PRO D 272 67.31 -0.32 -17.61
N THR D 273 66.37 0.08 -18.46
CA THR D 273 65.09 -0.62 -18.59
C THR D 273 65.22 -1.76 -19.61
N VAL D 274 66.17 -2.65 -19.34
CA VAL D 274 66.45 -3.77 -20.24
C VAL D 274 65.67 -5.02 -19.89
N GLU D 275 65.03 -5.08 -18.72
CA GLU D 275 64.23 -6.24 -18.37
C GLU D 275 63.03 -6.42 -19.29
N ALA D 276 62.61 -5.35 -19.98
CA ALA D 276 61.48 -5.47 -20.89
C ALA D 276 61.76 -6.45 -22.02
N LYS D 277 63.00 -6.46 -22.52
CA LYS D 277 63.35 -7.39 -23.59
C LYS D 277 63.19 -8.83 -23.13
N LEU D 278 63.70 -9.15 -21.94
CA LEU D 278 63.54 -10.50 -21.41
C LEU D 278 62.08 -10.82 -21.14
N ARG D 279 61.31 -9.85 -20.67
CA ARG D 279 59.89 -10.05 -20.43
C ARG D 279 59.19 -10.42 -21.74
N ASN D 280 59.47 -9.66 -22.80
CA ASN D 280 58.84 -9.94 -24.09
C ASN D 280 59.29 -11.29 -24.65
N GLN D 281 60.57 -11.64 -24.48
CA GLN D 281 61.03 -12.93 -24.96
C GLN D 281 60.32 -14.07 -24.22
N LEU D 282 60.18 -13.94 -22.90
CA LEU D 282 59.48 -14.96 -22.12
C LEU D 282 58.02 -15.06 -22.55
N GLU D 283 57.37 -13.92 -22.77
CA GLU D 283 55.98 -13.94 -23.22
C GLU D 283 55.86 -14.63 -24.58
N LYS D 284 56.78 -14.32 -25.50
CA LYS D 284 56.75 -14.95 -26.81
C LYS D 284 56.94 -16.46 -26.71
N TYR D 285 57.89 -16.90 -25.88
CA TYR D 285 58.08 -18.34 -25.70
C TYR D 285 56.84 -18.99 -25.11
N ILE D 286 56.24 -18.35 -24.10
CA ILE D 286 55.04 -18.91 -23.48
C ILE D 286 53.93 -19.03 -24.51
N SER D 287 53.76 -18.02 -25.36
CA SER D 287 52.78 -18.10 -26.42
C SER D 287 53.10 -19.26 -27.37
N GLU D 288 54.38 -19.43 -27.71
CA GLU D 288 54.76 -20.54 -28.56
C GLU D 288 54.48 -21.88 -27.87
N ARG D 289 54.76 -21.96 -26.57
CA ARG D 289 54.52 -23.19 -25.82
C ARG D 289 53.04 -23.56 -25.85
N THR D 290 52.71 -24.65 -26.52
CA THR D 290 51.32 -25.08 -26.63
C THR D 290 50.83 -25.61 -25.29
N SER D 291 49.56 -25.31 -24.97
CA SER D 291 48.92 -25.77 -23.76
C SER D 291 47.63 -26.49 -24.14
N GLN D 292 47.52 -27.76 -23.76
CA GLN D 292 46.37 -28.56 -24.15
C GLN D 292 45.08 -28.01 -23.53
N ASP D 293 45.14 -27.63 -22.25
CA ASP D 293 43.95 -27.18 -21.55
C ASP D 293 43.50 -25.80 -22.04
N SER D 294 42.23 -25.51 -21.83
CA SER D 294 41.57 -24.25 -22.16
C SER D 294 41.41 -24.04 -23.67
N ASN D 295 41.61 -25.09 -24.47
CA ASN D 295 41.42 -24.98 -25.92
C ASN D 295 42.23 -23.82 -26.49
N TYR D 296 41.56 -22.90 -27.20
CA TYR D 296 42.24 -21.82 -27.89
C TYR D 296 43.31 -22.37 -28.84
N GLY D 297 42.95 -23.44 -29.55
CA GLY D 297 43.90 -24.07 -30.45
C GLY D 297 45.14 -24.59 -29.75
N GLY D 298 44.97 -25.10 -28.54
CA GLY D 298 46.12 -25.57 -27.78
C GLY D 298 47.14 -24.50 -27.50
N LYS D 299 46.72 -23.25 -27.42
CA LYS D 299 47.60 -22.12 -27.21
C LYS D 299 47.20 -21.35 -25.96
N ILE D 300 48.03 -20.39 -25.59
CA ILE D 300 47.81 -19.55 -24.42
C ILE D 300 47.34 -18.19 -24.90
N PRO D 301 46.48 -17.48 -24.16
CA PRO D 301 46.00 -16.18 -24.65
C PRO D 301 47.04 -15.06 -24.57
N ILE D 302 47.75 -14.94 -23.43
CA ILE D 302 48.69 -13.85 -23.24
C ILE D 302 47.95 -12.53 -23.42
N VAL D 303 46.85 -12.34 -22.69
CA VAL D 303 46.13 -11.08 -22.74
C VAL D 303 47.04 -9.96 -22.24
N CYS D 304 47.02 -8.83 -22.93
CA CYS D 304 47.85 -7.68 -22.60
C CYS D 304 46.97 -6.47 -22.30
N PHE D 305 47.27 -5.80 -21.20
CA PHE D 305 46.51 -4.64 -20.74
C PHE D 305 47.48 -3.59 -20.20
N ALA D 306 47.30 -2.35 -20.64
CA ALA D 306 48.14 -1.25 -20.20
C ALA D 306 47.26 -0.04 -19.90
N GLN D 307 47.59 0.67 -18.82
CA GLN D 307 46.86 1.85 -18.43
C GLN D 307 47.74 3.06 -18.14
N GLY D 308 49.07 2.91 -18.19
CA GLY D 308 49.99 4.00 -17.91
C GLY D 308 50.65 4.51 -19.17
N GLY D 309 50.76 5.83 -19.28
CA GLY D 309 51.34 6.47 -20.45
C GLY D 309 52.85 6.59 -20.38
N GLY D 310 53.56 5.49 -20.59
CA GLY D 310 55.01 5.47 -20.58
C GLY D 310 55.59 5.12 -21.93
N ARG D 311 56.76 5.69 -22.23
CA ARG D 311 57.43 5.38 -23.49
C ARG D 311 57.82 3.91 -23.57
N GLU D 312 58.33 3.36 -22.46
CA GLU D 312 58.68 1.95 -22.44
C GLU D 312 57.44 1.08 -22.68
N THR D 313 56.30 1.48 -22.12
CA THR D 313 55.07 0.74 -22.39
C THR D 313 54.71 0.80 -23.86
N LEU D 314 54.95 1.95 -24.50
CA LEU D 314 54.68 2.07 -25.94
C LEU D 314 55.60 1.15 -26.74
N LYS D 315 56.87 1.09 -26.38
CA LYS D 315 57.78 0.18 -27.07
C LYS D 315 57.36 -1.27 -26.88
N ALA D 316 56.95 -1.63 -25.67
CA ALA D 316 56.47 -2.98 -25.42
C ALA D 316 55.21 -3.28 -26.22
N ILE D 317 54.31 -2.30 -26.34
CA ILE D 317 53.10 -2.48 -27.13
C ILE D 317 53.45 -2.69 -28.59
N ASN D 318 54.40 -1.91 -29.12
CA ASN D 318 54.82 -2.09 -30.50
C ASN D 318 55.40 -3.48 -30.72
N THR D 319 56.27 -3.93 -29.80
CA THR D 319 56.84 -5.25 -29.94
C THR D 319 55.77 -6.34 -29.88
N SER D 320 54.80 -6.19 -28.97
CA SER D 320 53.77 -7.20 -28.81
C SER D 320 52.87 -7.26 -30.05
N VAL D 321 52.40 -6.11 -30.53
CA VAL D 321 51.57 -6.09 -31.72
C VAL D 321 52.34 -6.61 -32.92
N LYS D 322 53.67 -6.41 -32.92
CA LYS D 322 54.49 -7.06 -33.94
C LYS D 322 54.31 -8.57 -33.89
N SER D 323 54.11 -9.11 -32.70
CA SER D 323 53.82 -10.53 -32.50
C SER D 323 52.31 -10.75 -32.59
N LYS D 324 51.85 -11.94 -32.22
CA LYS D 324 50.44 -12.25 -32.19
C LYS D 324 49.78 -11.87 -30.87
N ILE D 325 50.51 -11.22 -29.97
CA ILE D 325 49.98 -10.88 -28.65
C ILE D 325 48.84 -9.86 -28.82
N PRO D 326 47.67 -10.07 -28.21
CA PRO D 326 46.63 -9.04 -28.27
C PRO D 326 46.64 -8.13 -27.06
N CYS D 327 46.48 -6.83 -27.31
CA CYS D 327 46.47 -5.83 -26.25
C CYS D 327 45.10 -5.15 -26.22
N VAL D 328 44.55 -5.00 -25.02
CA VAL D 328 43.27 -4.33 -24.80
C VAL D 328 43.49 -3.24 -23.77
N VAL D 329 43.03 -2.04 -24.07
CA VAL D 329 43.20 -0.87 -23.20
C VAL D 329 41.84 -0.19 -23.02
N VAL D 330 41.55 0.22 -21.80
CA VAL D 330 40.34 0.96 -21.50
C VAL D 330 40.65 2.45 -21.54
N GLU D 331 39.66 3.26 -21.91
CA GLU D 331 39.88 4.70 -22.00
C GLU D 331 40.36 5.26 -20.68
N GLY D 332 39.61 5.00 -19.60
CA GLY D 332 40.01 5.40 -18.26
C GLY D 332 40.64 6.77 -18.18
N SER D 333 41.82 6.84 -17.58
CA SER D 333 42.60 8.08 -17.47
C SER D 333 44.06 7.72 -17.70
N GLY D 334 44.50 7.81 -18.94
CA GLY D 334 45.86 7.48 -19.30
C GLY D 334 46.47 8.55 -20.19
N GLN D 335 47.78 8.77 -20.00
CA GLN D 335 48.46 9.79 -20.78
C GLN D 335 48.45 9.43 -22.27
N ILE D 336 48.74 8.17 -22.59
CA ILE D 336 48.69 7.71 -23.96
C ILE D 336 47.49 6.82 -24.24
N ALA D 337 46.98 6.09 -23.24
CA ALA D 337 45.83 5.24 -23.47
C ALA D 337 44.66 6.03 -24.02
N ASP D 338 44.41 7.22 -23.47
CA ASP D 338 43.34 8.06 -23.97
C ASP D 338 43.59 8.45 -25.43
N VAL D 339 44.84 8.77 -25.75
CA VAL D 339 45.17 9.19 -27.12
C VAL D 339 44.89 8.05 -28.10
N ILE D 340 45.36 6.85 -27.77
CA ILE D 340 45.17 5.72 -28.68
C ILE D 340 43.70 5.35 -28.77
N ALA D 341 42.98 5.42 -27.64
CA ALA D 341 41.55 5.14 -27.66
C ALA D 341 40.80 6.11 -28.56
N SER D 342 41.14 7.40 -28.47
CA SER D 342 40.51 8.39 -29.34
C SER D 342 40.89 8.17 -30.80
N LEU D 343 42.12 7.72 -31.06
CA LEU D 343 42.55 7.48 -32.43
C LEU D 343 41.69 6.40 -33.08
N VAL D 344 41.38 5.33 -32.36
CA VAL D 344 40.55 4.26 -32.88
C VAL D 344 39.09 4.71 -32.92
N THR D 351 49.73 9.66 -39.95
CA THR D 351 50.58 10.73 -40.48
C THR D 351 51.14 11.59 -39.36
N SER D 352 52.15 12.40 -39.68
CA SER D 352 52.77 13.25 -38.68
C SER D 352 51.77 14.27 -38.14
N SER D 353 50.96 14.86 -39.02
CA SER D 353 50.00 15.87 -38.58
C SER D 353 48.96 15.27 -37.65
N MET D 354 48.45 14.08 -37.97
CA MET D 354 47.43 13.46 -37.14
C MET D 354 47.98 13.19 -35.74
N VAL D 355 49.21 12.67 -35.65
CA VAL D 355 49.81 12.40 -34.35
C VAL D 355 50.08 13.70 -33.61
N LYS D 356 50.50 14.75 -34.33
CA LYS D 356 50.72 16.04 -33.70
C LYS D 356 49.45 16.58 -33.08
N GLU D 357 48.32 16.47 -33.79
CA GLU D 357 47.05 16.89 -33.23
C GLU D 357 46.70 16.03 -32.01
N LYS D 358 46.93 14.72 -32.10
CA LYS D 358 46.68 13.84 -30.97
C LYS D 358 47.73 14.04 -29.89
N LEU D 359 47.31 13.83 -28.65
CA LEU D 359 48.18 13.95 -27.47
C LEU D 359 48.63 15.38 -27.23
N VAL D 360 48.14 16.35 -27.99
CA VAL D 360 48.55 17.74 -27.80
C VAL D 360 48.15 18.21 -26.41
N ARG D 361 46.91 17.91 -26.00
CA ARG D 361 46.45 18.24 -24.65
C ARG D 361 46.62 17.07 -23.69
N PHE D 362 46.66 15.84 -24.18
CA PHE D 362 46.81 14.68 -23.30
C PHE D 362 48.18 14.67 -22.64
N LEU D 363 49.23 14.97 -23.40
CA LEU D 363 50.61 14.89 -22.92
C LEU D 363 51.35 16.18 -23.27
N PRO D 364 51.01 17.28 -22.60
CA PRO D 364 51.75 18.53 -22.83
C PRO D 364 53.16 18.46 -22.29
N ARG D 365 53.31 17.97 -21.05
CA ARG D 365 54.64 17.87 -20.45
C ARG D 365 55.52 16.91 -21.24
N THR D 366 54.97 15.77 -21.65
CA THR D 366 55.75 14.80 -22.43
C THR D 366 56.20 15.41 -23.75
N VAL D 367 55.30 16.14 -24.42
CA VAL D 367 55.67 16.78 -25.69
C VAL D 367 56.77 17.81 -25.47
N SER D 368 56.63 18.63 -24.42
CA SER D 368 57.62 19.66 -24.16
C SER D 368 58.98 19.05 -23.85
N ARG D 369 59.01 17.99 -23.02
CA ARG D 369 60.28 17.38 -22.65
C ARG D 369 60.88 16.59 -23.81
N LEU D 370 60.04 15.94 -24.60
CA LEU D 370 60.55 15.10 -25.68
C LEU D 370 61.19 15.95 -26.76
N PRO D 371 62.44 15.69 -27.15
CA PRO D 371 63.03 16.44 -28.26
C PRO D 371 62.44 16.07 -29.60
N GLU D 372 62.95 16.66 -30.68
CA GLU D 372 62.43 16.36 -32.01
C GLU D 372 62.61 14.89 -32.37
N GLU D 373 63.78 14.32 -32.04
CA GLU D 373 64.00 12.91 -32.29
C GLU D 373 63.02 12.06 -31.51
N GLU D 374 62.74 12.44 -30.26
CA GLU D 374 61.77 11.69 -29.46
C GLU D 374 60.37 11.80 -30.06
N ILE D 375 60.01 12.97 -30.58
CA ILE D 375 58.70 13.14 -31.20
C ILE D 375 58.58 12.26 -32.45
N GLU D 376 59.64 12.22 -33.26
CA GLU D 376 59.62 11.36 -34.44
C GLU D 376 59.53 9.90 -34.05
N SER D 377 60.24 9.51 -32.99
CA SER D 377 60.15 8.14 -32.50
C SER D 377 58.75 7.81 -32.02
N TRP D 378 58.12 8.74 -31.30
CA TRP D 378 56.73 8.57 -30.87
C TRP D 378 55.83 8.35 -32.09
N ILE D 379 55.99 9.19 -33.11
CA ILE D 379 55.15 9.08 -34.29
C ILE D 379 55.36 7.71 -34.94
N LYS D 380 56.61 7.28 -35.05
CA LYS D 380 56.90 5.99 -35.67
C LYS D 380 56.28 4.84 -34.87
N TRP D 381 56.45 4.85 -33.55
CA TRP D 381 55.92 3.78 -32.72
C TRP D 381 54.41 3.71 -32.84
N LEU D 382 53.74 4.87 -32.78
CA LEU D 382 52.28 4.87 -32.82
C LEU D 382 51.78 4.47 -34.20
N LYS D 383 52.48 4.88 -35.26
CA LYS D 383 52.09 4.44 -36.60
C LYS D 383 52.22 2.92 -36.73
N GLU D 384 53.30 2.36 -36.19
CA GLU D 384 53.45 0.91 -36.21
C GLU D 384 52.34 0.22 -35.41
N ILE D 385 51.99 0.78 -34.25
CA ILE D 385 50.98 0.15 -33.40
C ILE D 385 49.62 0.17 -34.08
N LEU D 386 49.24 1.33 -34.65
CA LEU D 386 47.93 1.44 -35.27
C LEU D 386 47.80 0.60 -36.53
N GLU D 387 48.92 0.11 -37.07
CA GLU D 387 48.86 -0.68 -38.31
C GLU D 387 47.92 -1.88 -38.15
N SER D 388 47.92 -2.51 -36.98
CA SER D 388 47.12 -3.70 -36.72
C SER D 388 45.97 -3.33 -35.80
N SER D 389 44.73 -3.53 -36.28
CA SER D 389 43.55 -3.29 -35.47
C SER D 389 43.02 -4.55 -34.79
N HIS D 390 43.33 -5.73 -35.33
CA HIS D 390 42.89 -6.97 -34.71
C HIS D 390 43.52 -7.14 -33.33
N LEU D 391 44.80 -6.82 -33.20
CA LEU D 391 45.52 -6.98 -31.95
C LEU D 391 45.29 -5.83 -30.97
N LEU D 392 44.57 -4.79 -31.38
CA LEU D 392 44.29 -3.65 -30.52
C LEU D 392 42.82 -3.62 -30.17
N THR D 393 42.53 -3.55 -28.88
CA THR D 393 41.17 -3.48 -28.36
C THR D 393 41.02 -2.21 -27.53
N VAL D 394 39.92 -1.50 -27.75
CA VAL D 394 39.63 -0.25 -27.05
C VAL D 394 38.33 -0.43 -26.28
N ILE D 395 38.35 -0.08 -25.00
CA ILE D 395 37.19 -0.18 -24.13
C ILE D 395 36.83 1.22 -23.67
N LYS D 396 35.59 1.64 -23.95
CA LYS D 396 35.13 2.96 -23.54
C LYS D 396 34.83 2.98 -22.05
N MET D 397 35.21 4.08 -21.39
CA MET D 397 34.97 4.24 -19.97
C MET D 397 33.55 4.71 -19.66
N GLU D 398 32.78 5.12 -20.67
CA GLU D 398 31.42 5.58 -20.43
C GLU D 398 30.47 4.43 -20.16
N GLU D 399 30.70 3.27 -20.77
CA GLU D 399 29.82 2.13 -20.58
C GLU D 399 29.79 1.72 -19.11
N ALA D 400 28.59 1.49 -18.59
CA ALA D 400 28.40 1.08 -17.21
C ALA D 400 27.97 -0.38 -17.10
N GLY D 401 28.13 -1.16 -18.16
CA GLY D 401 27.71 -2.55 -18.13
C GLY D 401 28.50 -3.35 -17.12
N ASP D 402 27.86 -4.39 -16.58
CA ASP D 402 28.50 -5.25 -15.60
C ASP D 402 29.30 -6.34 -16.29
N GLU D 403 30.46 -6.67 -15.70
CA GLU D 403 31.33 -7.72 -16.21
C GLU D 403 31.91 -7.36 -17.58
N ILE D 404 31.96 -6.07 -17.90
CA ILE D 404 32.55 -5.63 -19.16
C ILE D 404 34.03 -5.92 -19.21
N VAL D 405 34.70 -6.01 -18.05
CA VAL D 405 36.13 -6.26 -18.02
C VAL D 405 36.44 -7.58 -18.70
N SER D 406 35.67 -8.63 -18.40
CA SER D 406 35.87 -9.92 -19.04
C SER D 406 35.32 -9.94 -20.46
N ASN D 407 34.24 -9.20 -20.72
CA ASN D 407 33.65 -9.21 -22.05
C ASN D 407 34.61 -8.63 -23.09
N ALA D 408 35.28 -7.54 -22.75
CA ALA D 408 36.23 -6.94 -23.68
C ALA D 408 37.37 -7.89 -23.98
N ILE D 409 37.90 -8.54 -22.94
CA ILE D 409 38.99 -9.50 -23.12
C ILE D 409 38.54 -10.64 -24.02
N SER D 410 37.32 -11.14 -23.79
CA SER D 410 36.80 -12.24 -24.60
C SER D 410 36.68 -11.82 -26.06
N TYR D 411 36.17 -10.62 -26.31
CA TYR D 411 36.02 -10.16 -27.69
C TYR D 411 37.39 -10.04 -28.37
N ALA D 412 38.38 -9.49 -27.65
CA ALA D 412 39.70 -9.35 -28.23
C ALA D 412 40.32 -10.71 -28.53
N LEU D 413 40.19 -11.66 -27.61
CA LEU D 413 40.72 -12.99 -27.84
C LEU D 413 40.05 -13.66 -29.02
N TYR D 414 38.73 -13.47 -29.15
CA TYR D 414 38.03 -14.06 -30.29
C TYR D 414 38.51 -13.44 -31.59
N LYS D 415 38.74 -12.13 -31.59
CA LYS D 415 39.25 -11.48 -32.81
C LYS D 415 40.62 -12.03 -33.17
N ALA D 416 41.50 -12.21 -32.17
CA ALA D 416 42.82 -12.76 -32.48
C ALA D 416 42.70 -14.18 -33.01
N PHE D 417 41.83 -14.99 -32.39
CA PHE D 417 41.68 -16.37 -32.84
C PHE D 417 41.16 -16.43 -34.27
N SER D 418 40.19 -15.56 -34.60
CA SER D 418 39.73 -15.46 -35.98
C SER D 418 40.85 -15.03 -36.91
N THR D 419 41.70 -14.10 -36.46
CA THR D 419 42.83 -13.70 -37.27
C THR D 419 43.82 -14.84 -37.47
N ASN D 420 43.91 -15.77 -36.51
CA ASN D 420 44.85 -16.87 -36.64
C ASN D 420 44.61 -17.67 -37.92
N GLU D 421 43.36 -18.03 -38.18
CA GLU D 421 42.91 -18.70 -39.40
C GLU D 421 43.32 -20.17 -39.46
N GLN D 422 44.05 -20.68 -38.47
CA GLN D 422 44.43 -22.08 -38.46
C GLN D 422 43.29 -22.96 -37.95
N ASP D 423 42.81 -22.68 -36.74
CA ASP D 423 41.67 -23.38 -36.17
C ASP D 423 40.35 -22.68 -36.48
N LYS D 424 40.39 -21.54 -37.17
CA LYS D 424 39.15 -20.84 -37.51
C LYS D 424 38.28 -21.67 -38.45
N ASP D 425 38.90 -22.55 -39.24
CA ASP D 425 38.12 -23.43 -40.12
C ASP D 425 37.19 -24.32 -39.30
N ASN D 426 37.69 -24.86 -38.19
CA ASN D 426 36.89 -25.71 -37.32
C ASN D 426 35.98 -24.83 -36.48
N TRP D 427 34.68 -24.83 -36.79
CA TRP D 427 33.74 -24.02 -36.02
C TRP D 427 33.69 -24.47 -34.57
N ASN D 428 33.71 -25.78 -34.34
CA ASN D 428 33.66 -26.29 -32.97
C ASN D 428 34.83 -25.76 -32.15
N GLY D 429 36.01 -25.66 -32.75
CA GLY D 429 37.17 -25.23 -31.99
C GLY D 429 37.02 -23.81 -31.45
N GLN D 430 36.58 -22.89 -32.30
CA GLN D 430 36.34 -21.53 -31.85
C GLN D 430 35.16 -21.48 -30.89
N LEU D 431 34.16 -22.34 -31.10
CA LEU D 431 33.03 -22.39 -30.18
C LEU D 431 33.50 -22.77 -28.78
N LYS D 432 34.45 -23.69 -28.67
CA LYS D 432 34.94 -24.08 -27.35
C LYS D 432 35.54 -22.88 -26.62
N LEU D 433 36.43 -22.16 -27.29
CA LEU D 433 37.04 -20.99 -26.66
C LEU D 433 36.01 -19.93 -26.33
N LEU D 434 35.05 -19.71 -27.23
CA LEU D 434 34.01 -18.72 -26.97
C LEU D 434 33.15 -19.12 -25.77
N LEU D 435 32.81 -20.40 -25.69
CA LEU D 435 31.92 -20.89 -24.63
C LEU D 435 32.61 -20.86 -23.27
N GLU D 436 33.89 -21.21 -23.23
CA GLU D 436 34.59 -21.26 -21.95
C GLU D 436 34.53 -19.90 -21.24
N TRP D 437 34.36 -18.83 -22.00
CA TRP D 437 34.26 -17.49 -21.46
C TRP D 437 32.80 -17.06 -21.34
N ASN D 438 32.59 -15.92 -20.66
CA ASN D 438 31.25 -15.45 -20.37
C ASN D 438 30.48 -15.12 -21.64
N GLN D 439 31.15 -14.48 -22.61
CA GLN D 439 30.44 -13.92 -23.76
C GLN D 439 29.61 -14.99 -24.46
N LEU D 440 28.32 -14.68 -24.67
CA LEU D 440 27.42 -15.58 -25.37
C LEU D 440 26.62 -14.83 -26.43
N ASP D 441 26.35 -13.54 -26.20
CA ASP D 441 25.55 -12.77 -27.14
C ASP D 441 26.24 -12.67 -28.50
N LEU D 442 27.50 -12.25 -28.51
CA LEU D 442 28.25 -12.19 -29.77
C LEU D 442 28.54 -13.59 -30.29
N ALA D 443 28.67 -14.57 -29.39
CA ALA D 443 28.93 -15.94 -29.83
C ALA D 443 27.79 -16.46 -30.68
N SER D 444 26.55 -16.14 -30.32
CA SER D 444 25.40 -16.62 -31.08
C SER D 444 25.46 -16.12 -32.52
N ASP D 445 25.75 -14.83 -32.69
CA ASP D 445 25.84 -14.27 -34.04
C ASP D 445 27.04 -14.85 -34.79
N GLU D 446 28.16 -15.05 -34.09
CA GLU D 446 29.37 -15.48 -34.77
C GLU D 446 29.21 -16.85 -35.42
N ILE D 447 28.75 -17.84 -34.66
CA ILE D 447 28.68 -19.21 -35.13
C ILE D 447 27.26 -19.74 -35.03
N PHE D 448 26.62 -19.54 -33.87
CA PHE D 448 25.29 -20.08 -33.67
C PHE D 448 24.30 -19.55 -34.72
N THR D 449 24.52 -18.33 -35.21
CA THR D 449 23.71 -17.84 -36.32
C THR D 449 23.93 -18.69 -37.55
N ASN D 450 25.19 -18.88 -37.95
CA ASN D 450 25.56 -19.80 -39.02
C ASN D 450 24.63 -19.65 -40.23
N ASP D 451 23.69 -20.58 -40.37
CA ASP D 451 22.69 -20.65 -41.44
C ASP D 451 23.28 -21.23 -42.72
N ARG D 452 24.58 -21.42 -42.81
CA ARG D 452 25.18 -22.01 -44.01
C ARG D 452 24.83 -23.49 -44.11
N ARG D 453 25.25 -24.27 -43.11
CA ARG D 453 24.90 -25.69 -43.05
C ARG D 453 25.20 -26.17 -41.63
N TRP D 454 24.16 -26.30 -40.81
CA TRP D 454 24.33 -26.79 -39.45
C TRP D 454 24.29 -28.31 -39.43
N GLU D 455 25.29 -28.92 -38.80
CA GLU D 455 25.32 -30.37 -38.68
C GLU D 455 24.20 -30.85 -37.76
N SER D 456 23.63 -32.00 -38.11
CA SER D 456 22.56 -32.56 -37.28
C SER D 456 23.06 -32.87 -35.87
N ALA D 457 24.25 -33.48 -35.77
CA ALA D 457 24.84 -33.71 -34.46
C ALA D 457 25.15 -32.41 -33.75
N ASP D 458 25.61 -31.40 -34.50
CA ASP D 458 25.94 -30.08 -33.96
C ASP D 458 26.93 -30.29 -32.81
N LEU D 459 26.67 -29.75 -31.62
CA LEU D 459 27.60 -29.86 -30.50
C LEU D 459 27.37 -31.20 -29.80
N GLN D 460 27.90 -32.26 -30.44
CA GLN D 460 27.79 -33.59 -29.85
C GLN D 460 28.51 -33.64 -28.49
N GLU D 461 29.69 -33.04 -28.41
CA GLU D 461 30.44 -32.93 -27.17
C GLU D 461 30.45 -31.52 -26.59
N VAL D 462 30.27 -30.50 -27.43
CA VAL D 462 30.26 -29.13 -26.92
C VAL D 462 29.10 -28.93 -25.96
N MET D 463 27.93 -29.43 -26.31
CA MET D 463 26.78 -29.33 -25.39
C MET D 463 27.02 -30.15 -24.13
N PHE D 464 27.64 -31.32 -24.27
CA PHE D 464 27.97 -32.12 -23.09
C PHE D 464 28.91 -31.37 -22.16
N THR D 465 29.93 -30.71 -22.73
CA THR D 465 30.84 -29.90 -21.92
C THR D 465 30.10 -28.73 -21.29
N ALA D 466 29.17 -28.11 -22.02
CA ALA D 466 28.39 -27.02 -21.46
C ALA D 466 27.60 -27.48 -20.25
N LEU D 467 26.97 -28.65 -20.35
CA LEU D 467 26.27 -29.20 -19.18
C LEU D 467 27.24 -29.49 -18.05
N ILE D 468 28.39 -30.08 -18.37
CA ILE D 468 29.42 -30.30 -17.37
C ILE D 468 29.95 -28.97 -16.85
N LYS D 469 30.22 -28.03 -17.75
CA LYS D 469 30.67 -26.70 -17.34
C LYS D 469 29.57 -25.94 -16.62
N ASP D 470 28.31 -26.35 -16.78
CA ASP D 470 27.18 -25.72 -16.09
C ASP D 470 26.99 -24.27 -16.56
N ARG D 471 27.02 -24.08 -17.88
CA ARG D 471 26.86 -22.75 -18.44
C ARG D 471 25.39 -22.36 -18.41
N PRO D 472 25.01 -21.28 -17.72
CA PRO D 472 23.60 -20.86 -17.72
C PRO D 472 23.28 -19.92 -18.86
N LYS D 473 22.04 -20.03 -19.34
CA LYS D 473 21.53 -19.21 -20.42
C LYS D 473 22.29 -19.43 -21.72
N PHE D 474 23.02 -20.53 -21.84
CA PHE D 474 23.75 -20.87 -23.05
C PHE D 474 23.29 -22.18 -23.66
N VAL D 475 22.99 -23.19 -22.83
CA VAL D 475 22.37 -24.40 -23.34
C VAL D 475 21.02 -24.07 -23.96
N ARG D 476 20.39 -22.98 -23.50
CA ARG D 476 19.14 -22.55 -24.09
C ARG D 476 19.26 -22.37 -25.60
N LEU D 477 20.41 -21.87 -26.05
CA LEU D 477 20.61 -21.71 -27.49
C LEU D 477 20.80 -23.05 -28.18
N PHE D 478 21.50 -23.99 -27.53
CA PHE D 478 21.62 -25.33 -28.09
C PHE D 478 20.24 -25.96 -28.28
N LEU D 479 19.34 -25.73 -27.33
CA LEU D 479 17.99 -26.27 -27.46
C LEU D 479 17.19 -25.51 -28.52
N GLU D 480 17.38 -24.18 -28.59
CA GLU D 480 16.68 -23.40 -29.61
C GLU D 480 17.05 -23.88 -31.01
N ASN D 481 18.34 -24.01 -31.30
CA ASN D 481 18.75 -24.68 -32.51
C ASN D 481 18.29 -26.13 -32.49
N GLY D 482 18.40 -26.79 -31.34
CA GLY D 482 17.78 -28.07 -31.12
C GLY D 482 18.69 -29.26 -31.32
N LEU D 483 18.50 -30.29 -30.50
CA LEU D 483 19.18 -31.55 -30.63
C LEU D 483 18.32 -32.62 -29.98
N ASN D 484 18.45 -33.86 -30.48
CA ASN D 484 17.66 -34.96 -29.95
C ASN D 484 18.03 -35.20 -28.49
N LEU D 485 17.15 -34.81 -27.57
CA LEU D 485 17.46 -34.95 -26.15
C LEU D 485 17.67 -36.41 -25.78
N GLN D 486 16.80 -37.30 -26.28
CA GLN D 486 16.98 -38.73 -26.03
C GLN D 486 18.25 -39.24 -26.71
N LYS D 487 18.44 -38.88 -27.98
CA LYS D 487 19.64 -39.30 -28.69
C LYS D 487 20.89 -38.68 -28.08
N PHE D 488 20.82 -37.40 -27.69
CA PHE D 488 21.97 -36.74 -27.09
C PHE D 488 22.37 -37.42 -25.78
N LEU D 489 21.38 -37.75 -24.95
CA LEU D 489 21.64 -38.36 -23.65
C LEU D 489 21.63 -39.88 -23.81
N THR D 490 22.75 -40.40 -24.33
CA THR D 490 22.91 -41.84 -24.48
C THR D 490 23.05 -42.50 -23.11
N ASN D 491 22.79 -43.80 -23.08
CA ASN D 491 22.89 -44.53 -21.81
C ASN D 491 24.29 -44.44 -21.23
N GLU D 492 25.31 -44.63 -22.07
CA GLU D 492 26.69 -44.50 -21.59
C GLU D 492 26.99 -43.08 -21.13
N VAL D 493 26.53 -42.09 -21.90
CA VAL D 493 26.76 -40.70 -21.53
C VAL D 493 26.04 -40.37 -20.22
N LEU D 494 24.80 -40.83 -20.08
CA LEU D 494 24.05 -40.59 -18.86
C LEU D 494 24.74 -41.25 -17.66
N THR D 495 25.22 -42.48 -17.83
CA THR D 495 25.92 -43.16 -16.74
C THR D 495 27.20 -42.41 -16.37
N GLU D 496 27.95 -41.94 -17.37
CA GLU D 496 29.16 -41.17 -17.09
C GLU D 496 28.84 -39.90 -16.33
N LEU D 497 27.77 -39.20 -16.73
CA LEU D 497 27.37 -37.99 -16.02
C LEU D 497 26.98 -38.31 -14.58
N PHE D 498 26.25 -39.41 -14.38
CA PHE D 498 25.83 -39.78 -13.03
C PHE D 498 26.98 -40.33 -12.20
N SER D 499 28.10 -40.69 -12.82
CA SER D 499 29.25 -41.24 -12.11
C SER D 499 30.43 -40.28 -12.08
N THR D 500 30.85 -39.76 -13.24
CA THR D 500 32.03 -38.91 -13.30
C THR D 500 31.71 -37.49 -12.86
N HIS D 501 30.78 -36.83 -13.55
CA HIS D 501 30.45 -35.44 -13.25
C HIS D 501 29.52 -35.29 -12.06
N PHE D 502 28.91 -36.37 -11.58
CA PHE D 502 28.01 -36.27 -10.43
C PHE D 502 28.77 -35.84 -9.18
N SER D 503 30.03 -36.25 -9.04
CA SER D 503 30.84 -35.93 -7.88
C SER D 503 30.37 -36.71 -6.66
N THR D 504 30.93 -36.41 -5.49
CA THR D 504 30.62 -37.13 -4.27
C THR D 504 30.20 -36.24 -3.10
N LEU D 505 30.27 -34.92 -3.24
CA LEU D 505 29.95 -34.04 -2.11
C LEU D 505 28.51 -34.24 -1.66
N VAL D 506 27.57 -34.24 -2.60
CA VAL D 506 26.17 -34.41 -2.25
C VAL D 506 25.73 -35.87 -2.38
N TYR D 507 26.43 -36.67 -3.19
CA TYR D 507 26.03 -38.05 -3.41
C TYR D 507 26.06 -38.85 -2.11
N ARG D 508 27.14 -38.69 -1.33
CA ARG D 508 27.26 -39.45 -0.09
C ARG D 508 26.14 -39.10 0.89
N ASN D 509 25.89 -37.80 1.07
CA ASN D 509 24.84 -37.38 1.98
C ASN D 509 23.47 -37.86 1.50
N LEU D 510 23.22 -37.76 0.20
CA LEU D 510 21.94 -38.21 -0.34
C LEU D 510 21.74 -39.70 -0.12
N GLN D 511 22.78 -40.49 -0.39
CA GLN D 511 22.66 -41.94 -0.18
C GLN D 511 22.44 -42.26 1.29
N ILE D 512 23.18 -41.61 2.18
CA ILE D 512 23.03 -41.88 3.61
C ILE D 512 21.62 -41.55 4.07
N ALA D 513 21.09 -40.40 3.64
CA ALA D 513 19.75 -40.01 4.07
C ALA D 513 18.69 -40.90 3.46
N LYS D 514 18.87 -41.31 2.20
CA LYS D 514 17.88 -42.14 1.52
C LYS D 514 17.91 -43.58 2.02
N ASN D 515 19.01 -44.01 2.64
CA ASN D 515 19.02 -45.34 3.26
C ASN D 515 17.84 -45.50 4.21
N SER D 516 17.54 -44.46 4.98
CA SER D 516 16.38 -44.44 5.87
C SER D 516 15.85 -43.00 5.88
N TYR D 517 14.90 -42.71 4.99
CA TYR D 517 14.32 -41.38 4.87
C TYR D 517 12.81 -41.36 5.04
N ASN D 518 12.17 -42.52 5.21
CA ASN D 518 10.72 -42.60 5.39
C ASN D 518 9.97 -42.02 4.20
N ASP D 519 10.53 -42.17 3.00
CA ASP D 519 9.91 -41.67 1.79
C ASP D 519 10.10 -42.69 0.68
N ALA D 520 9.00 -43.14 0.07
CA ALA D 520 9.10 -44.06 -1.05
C ALA D 520 9.78 -43.42 -2.25
N LEU D 521 9.52 -42.12 -2.47
CA LEU D 521 10.18 -41.42 -3.56
C LEU D 521 11.69 -41.39 -3.37
N LEU D 522 12.14 -41.20 -2.12
CA LEU D 522 13.57 -41.25 -1.85
C LEU D 522 14.15 -42.62 -2.17
N THR D 523 13.43 -43.69 -1.81
CA THR D 523 13.89 -45.03 -2.13
C THR D 523 13.98 -45.24 -3.64
N PHE D 524 12.98 -44.77 -4.38
CA PHE D 524 13.01 -44.91 -5.83
C PHE D 524 14.18 -44.14 -6.42
N VAL D 525 14.44 -42.92 -5.92
CA VAL D 525 15.55 -42.12 -6.41
C VAL D 525 16.87 -42.83 -6.12
N TRP D 526 17.01 -43.40 -4.92
CA TRP D 526 18.22 -44.12 -4.57
C TRP D 526 18.42 -45.32 -5.50
N LYS D 527 17.35 -46.06 -5.77
CA LYS D 527 17.45 -47.21 -6.66
C LYS D 527 17.86 -46.77 -8.06
N LEU D 528 17.26 -45.68 -8.56
CA LEU D 528 17.64 -45.20 -9.88
C LEU D 528 19.10 -44.76 -9.93
N VAL D 529 19.56 -44.08 -8.88
CA VAL D 529 20.95 -43.65 -8.83
C VAL D 529 21.88 -44.86 -8.82
N ALA D 530 21.55 -45.88 -8.02
CA ALA D 530 22.37 -47.07 -7.96
C ALA D 530 22.40 -47.77 -9.32
N ASN D 531 21.25 -47.85 -10.00
CA ASN D 531 21.22 -48.48 -11.32
C ASN D 531 22.08 -47.70 -12.30
N PHE D 532 22.00 -46.37 -12.27
CA PHE D 532 22.85 -45.57 -13.16
C PHE D 532 24.32 -45.80 -12.87
N ARG D 533 24.70 -45.81 -11.58
CA ARG D 533 26.10 -46.02 -11.23
C ARG D 533 26.50 -47.48 -11.42
N ARG D 534 25.64 -48.42 -11.03
CA ARG D 534 25.96 -49.82 -11.16
C ARG D 534 25.99 -50.26 -12.62
N SER D 535 25.16 -49.65 -13.47
CA SER D 535 25.11 -50.04 -14.87
C SER D 535 26.46 -49.83 -15.54
N PHE D 536 27.11 -48.70 -15.28
CA PHE D 536 28.41 -48.41 -15.87
C PHE D 536 28.32 -48.37 -17.39
N THR D 558 7.74 -46.50 -19.55
CA THR D 558 8.90 -46.60 -20.43
C THR D 558 10.18 -46.33 -19.66
N ARG D 559 11.28 -46.13 -20.39
CA ARG D 559 12.57 -45.92 -19.75
C ARG D 559 12.58 -44.63 -18.93
N HIS D 560 12.03 -43.55 -19.48
CA HIS D 560 11.97 -42.27 -18.80
C HIS D 560 13.37 -41.76 -18.50
N PRO D 561 14.22 -41.56 -19.52
CA PRO D 561 15.57 -41.04 -19.24
C PRO D 561 15.59 -39.56 -18.89
N LEU D 562 14.74 -38.76 -19.55
CA LEU D 562 14.70 -37.34 -19.25
C LEU D 562 14.37 -37.10 -17.79
N GLN D 563 13.64 -38.01 -17.16
CA GLN D 563 13.41 -37.91 -15.72
C GLN D 563 14.72 -37.99 -14.95
N ALA D 564 15.59 -38.93 -15.33
CA ALA D 564 16.89 -39.03 -14.68
C ALA D 564 17.73 -37.79 -14.92
N LEU D 565 17.70 -37.27 -16.15
CA LEU D 565 18.46 -36.06 -16.44
C LEU D 565 17.96 -34.89 -15.60
N PHE D 566 16.64 -34.75 -15.49
CA PHE D 566 16.07 -33.66 -14.70
C PHE D 566 16.40 -33.81 -13.23
N ILE D 567 16.37 -35.04 -12.71
CA ILE D 567 16.75 -35.26 -11.32
C ILE D 567 18.19 -34.82 -11.11
N TRP D 568 19.09 -35.23 -12.01
CA TRP D 568 20.47 -34.80 -11.91
C TRP D 568 20.57 -33.28 -11.88
N ALA D 569 19.87 -32.62 -12.80
CA ALA D 569 19.93 -31.16 -12.84
C ALA D 569 19.46 -30.56 -11.53
N ILE D 570 18.39 -31.10 -10.95
CA ILE D 570 17.83 -30.53 -9.73
C ILE D 570 18.77 -30.74 -8.56
N LEU D 571 19.47 -31.87 -8.51
CA LEU D 571 20.19 -32.25 -7.30
C LEU D 571 21.26 -31.22 -6.92
N GLN D 572 21.98 -30.69 -7.90
CA GLN D 572 23.10 -29.78 -7.61
C GLN D 572 22.68 -28.31 -7.60
N ASN D 573 21.39 -28.04 -7.45
CA ASN D 573 20.92 -26.67 -7.24
C ASN D 573 21.27 -25.76 -8.42
N LYS D 574 20.92 -26.20 -9.61
CA LYS D 574 21.07 -25.42 -10.84
C LYS D 574 19.67 -25.00 -11.27
N LYS D 575 19.21 -23.86 -10.74
CA LYS D 575 17.81 -23.48 -10.94
C LYS D 575 17.51 -23.21 -12.42
N GLU D 576 18.39 -22.50 -13.12
CA GLU D 576 18.11 -22.16 -14.50
C GLU D 576 18.22 -23.40 -15.40
N LEU D 577 19.29 -24.17 -15.22
CA LEU D 577 19.44 -25.40 -15.99
C LEU D 577 18.29 -26.36 -15.72
N SER D 578 17.93 -26.52 -14.44
CA SER D 578 16.83 -27.41 -14.10
C SER D 578 15.52 -26.92 -14.71
N LYS D 579 15.29 -25.60 -14.67
CA LYS D 579 14.06 -25.05 -15.24
C LYS D 579 14.00 -25.30 -16.74
N VAL D 580 15.11 -25.09 -17.44
CA VAL D 580 15.12 -25.32 -18.88
C VAL D 580 14.85 -26.79 -19.18
N ILE D 581 15.53 -27.69 -18.48
CA ILE D 581 15.35 -29.11 -18.73
C ILE D 581 13.91 -29.53 -18.46
N TRP D 582 13.33 -29.03 -17.37
CA TRP D 582 11.93 -29.31 -17.09
C TRP D 582 11.04 -28.79 -18.21
N GLU D 583 11.32 -27.58 -18.70
CA GLU D 583 10.53 -27.02 -19.77
C GLU D 583 10.59 -27.89 -21.02
N GLN D 584 11.74 -28.53 -21.25
CA GLN D 584 11.86 -29.42 -22.40
C GLN D 584 11.08 -30.72 -22.19
N THR D 585 11.07 -31.23 -20.95
CA THR D 585 10.41 -32.49 -20.67
C THR D 585 8.90 -32.38 -20.88
N LYS D 586 8.30 -33.48 -21.33
CA LYS D 586 6.87 -33.47 -21.64
C LYS D 586 6.03 -33.44 -20.38
N GLY D 587 6.34 -34.29 -19.40
CA GLY D 587 5.55 -34.39 -18.19
C GLY D 587 5.81 -33.23 -17.24
N CYS D 588 5.38 -32.03 -17.63
CA CYS D 588 5.75 -30.83 -16.88
C CYS D 588 5.14 -30.82 -15.49
N THR D 589 3.83 -31.04 -15.39
CA THR D 589 3.15 -30.84 -14.11
C THR D 589 3.60 -31.87 -13.08
N LEU D 590 3.58 -33.16 -13.44
CA LEU D 590 3.96 -34.19 -12.50
C LEU D 590 5.44 -34.11 -12.16
N ALA D 591 6.27 -33.79 -13.16
CA ALA D 591 7.69 -33.60 -12.92
C ALA D 591 7.92 -32.50 -11.90
N ALA D 592 7.24 -31.36 -12.07
CA ALA D 592 7.41 -30.25 -11.13
C ALA D 592 6.94 -30.63 -9.74
N LEU D 593 5.78 -31.30 -9.65
CA LEU D 593 5.26 -31.70 -8.34
C LEU D 593 6.26 -32.60 -7.62
N GLY D 594 6.72 -33.65 -8.29
CA GLY D 594 7.65 -34.56 -7.65
C GLY D 594 8.99 -33.92 -7.33
N ALA D 595 9.46 -33.03 -8.20
CA ALA D 595 10.72 -32.33 -7.92
C ALA D 595 10.59 -31.46 -6.68
N SER D 596 9.49 -30.73 -6.56
CA SER D 596 9.27 -29.92 -5.37
C SER D 596 9.19 -30.80 -4.13
N LYS D 597 8.49 -31.94 -4.23
CA LYS D 597 8.40 -32.86 -3.10
C LYS D 597 9.79 -33.32 -2.67
N LEU D 598 10.60 -33.79 -3.62
CA LEU D 598 11.92 -34.30 -3.30
C LEU D 598 12.81 -33.20 -2.71
N LEU D 599 12.75 -31.99 -3.29
CA LEU D 599 13.56 -30.89 -2.80
C LEU D 599 13.19 -30.56 -1.36
N LYS D 600 11.89 -30.44 -1.08
CA LYS D 600 11.45 -30.15 0.28
C LYS D 600 11.82 -31.28 1.23
N THR D 601 11.80 -32.52 0.75
CA THR D 601 12.12 -33.66 1.60
C THR D 601 13.58 -33.68 2.00
N LEU D 602 14.47 -33.48 1.02
CA LEU D 602 15.90 -33.61 1.23
C LEU D 602 16.58 -32.30 1.63
N ALA D 603 15.84 -31.19 1.66
CA ALA D 603 16.47 -29.89 1.87
C ALA D 603 17.14 -29.80 3.25
N LYS D 604 16.48 -30.28 4.29
CA LYS D 604 16.90 -30.00 5.65
C LYS D 604 17.85 -31.05 6.23
N VAL D 605 18.15 -32.13 5.49
CA VAL D 605 19.12 -33.10 5.99
C VAL D 605 20.46 -32.42 6.22
N LYS D 606 20.90 -31.60 5.27
CA LYS D 606 22.09 -30.79 5.47
C LYS D 606 21.81 -29.71 6.51
N ASN D 607 22.78 -29.47 7.39
CA ASN D 607 22.64 -28.49 8.45
C ASN D 607 23.10 -27.09 8.05
N ASP D 608 23.51 -26.90 6.80
CA ASP D 608 23.99 -25.60 6.37
C ASP D 608 22.86 -24.58 6.33
N ILE D 609 23.16 -23.36 6.78
CA ILE D 609 22.20 -22.27 6.70
C ILE D 609 22.14 -21.63 5.33
N ASN D 610 23.10 -21.93 4.45
CA ASN D 610 23.08 -21.43 3.10
C ASN D 610 22.42 -22.42 2.14
N ALA D 611 22.76 -23.71 2.25
CA ALA D 611 22.13 -24.72 1.41
C ALA D 611 20.63 -24.81 1.68
N ALA D 612 20.24 -24.71 2.95
CA ALA D 612 18.82 -24.81 3.30
C ALA D 612 18.02 -23.69 2.65
N GLY D 613 18.57 -22.47 2.66
CA GLY D 613 17.84 -21.36 2.06
C GLY D 613 17.63 -21.54 0.56
N GLU D 614 18.69 -21.95 -0.15
CA GLU D 614 18.56 -22.17 -1.59
C GLU D 614 17.59 -23.31 -1.88
N SER D 615 17.67 -24.40 -1.11
CA SER D 615 16.77 -25.51 -1.31
C SER D 615 15.31 -25.09 -1.11
N GLU D 616 15.05 -24.35 -0.03
CA GLU D 616 13.68 -23.90 0.22
C GLU D 616 13.21 -22.96 -0.87
N GLU D 617 14.07 -22.04 -1.31
CA GLU D 617 13.67 -21.10 -2.37
C GLU D 617 13.32 -21.86 -3.64
N LEU D 618 14.16 -22.81 -4.04
CA LEU D 618 13.90 -23.55 -5.27
C LEU D 618 12.64 -24.39 -5.15
N ALA D 619 12.44 -25.04 -3.99
CA ALA D 619 11.26 -25.86 -3.81
C ALA D 619 9.99 -25.02 -3.88
N ASN D 620 9.99 -23.88 -3.19
CA ASN D 620 8.82 -23.00 -3.23
C ASN D 620 8.58 -22.49 -4.64
N GLU D 621 9.65 -22.10 -5.33
CA GLU D 621 9.50 -21.60 -6.70
C GLU D 621 8.86 -22.65 -7.60
N TYR D 622 9.36 -23.88 -7.54
CA TYR D 622 8.82 -24.94 -8.39
C TYR D 622 7.38 -25.27 -8.00
N GLU D 623 7.07 -25.28 -6.70
CA GLU D 623 5.71 -25.59 -6.27
C GLU D 623 4.74 -24.54 -6.79
N THR D 624 5.06 -23.26 -6.58
CA THR D 624 4.20 -22.20 -7.09
C THR D 624 4.13 -22.22 -8.61
N ARG D 625 5.24 -22.59 -9.26
CA ARG D 625 5.24 -22.69 -10.72
C ARG D 625 4.24 -23.73 -11.20
N ALA D 626 4.25 -24.91 -10.60
CA ALA D 626 3.30 -25.94 -10.98
C ALA D 626 1.87 -25.52 -10.67
N VAL D 627 1.67 -24.86 -9.52
CA VAL D 627 0.34 -24.42 -9.15
C VAL D 627 -0.20 -23.44 -10.17
N GLU D 628 0.63 -22.48 -10.60
CA GLU D 628 0.18 -21.49 -11.56
C GLU D 628 0.00 -22.11 -12.94
N LEU D 629 0.82 -23.11 -13.28
CA LEU D 629 0.63 -23.82 -14.54
C LEU D 629 -0.74 -24.51 -14.58
N PHE D 630 -1.13 -25.15 -13.48
CA PHE D 630 -2.36 -25.94 -13.53
C PHE D 630 -3.60 -25.08 -13.71
N THR D 631 -3.52 -23.79 -13.42
CA THR D 631 -4.70 -22.93 -13.52
C THR D 631 -5.21 -22.84 -14.95
N GLU D 632 -4.30 -22.57 -15.90
CA GLU D 632 -4.70 -22.43 -17.28
C GLU D 632 -5.26 -23.76 -17.82
N CYS D 633 -4.60 -24.87 -17.47
CA CYS D 633 -5.09 -26.17 -17.92
C CYS D 633 -6.50 -26.44 -17.38
N TYR D 634 -6.72 -26.16 -16.10
CA TYR D 634 -8.04 -26.38 -15.53
C TYR D 634 -9.09 -25.50 -16.20
N SER D 635 -8.76 -24.23 -16.43
CA SER D 635 -9.73 -23.31 -17.01
C SER D 635 -10.08 -23.69 -18.45
N ASN D 636 -9.06 -24.04 -19.25
CA ASN D 636 -9.30 -24.34 -20.65
C ASN D 636 -10.19 -25.57 -20.82
N ASP D 637 -9.94 -26.61 -20.03
CA ASP D 637 -10.70 -27.86 -20.15
C ASP D 637 -10.69 -28.53 -18.78
N GLU D 638 -11.81 -28.44 -18.07
CA GLU D 638 -11.91 -29.07 -16.76
C GLU D 638 -11.77 -30.59 -16.88
N ASP D 639 -12.40 -31.19 -17.89
CA ASP D 639 -12.33 -32.64 -18.06
C ASP D 639 -10.90 -33.08 -18.33
N LEU D 640 -10.15 -32.32 -19.14
CA LEU D 640 -8.76 -32.66 -19.39
C LEU D 640 -7.95 -32.66 -18.11
N ALA D 641 -8.16 -31.65 -17.26
CA ALA D 641 -7.44 -31.60 -15.99
C ALA D 641 -7.82 -32.78 -15.10
N GLU D 642 -9.12 -33.10 -15.03
CA GLU D 642 -9.55 -34.21 -14.21
C GLU D 642 -8.93 -35.52 -14.67
N GLN D 643 -8.87 -35.73 -15.98
CA GLN D 643 -8.21 -36.92 -16.51
C GLN D 643 -6.72 -36.92 -16.19
N LEU D 644 -6.08 -35.74 -16.30
CA LEU D 644 -4.64 -35.67 -16.09
C LEU D 644 -4.26 -35.98 -14.66
N LEU D 645 -5.03 -35.48 -13.69
CA LEU D 645 -4.64 -35.64 -12.29
C LEU D 645 -4.48 -37.11 -11.92
N VAL D 646 -5.45 -37.94 -12.30
CA VAL D 646 -5.42 -39.37 -11.97
C VAL D 646 -4.74 -40.07 -13.13
N TYR D 647 -3.43 -40.22 -13.03
CA TYR D 647 -2.65 -40.90 -14.05
C TYR D 647 -1.40 -41.50 -13.41
N SER D 648 -1.24 -42.81 -13.56
CA SER D 648 -0.05 -43.47 -13.05
C SER D 648 1.16 -43.11 -13.90
N CYS D 649 2.25 -42.73 -13.24
CA CYS D 649 3.47 -42.38 -13.96
C CYS D 649 4.23 -43.64 -14.35
N GLU D 650 5.21 -43.45 -15.23
CA GLU D 650 6.01 -44.55 -15.78
C GLU D 650 7.42 -44.47 -15.21
N ALA D 651 7.66 -45.24 -14.15
CA ALA D 651 9.01 -45.50 -13.65
C ALA D 651 9.58 -44.30 -12.89
N TRP D 652 8.83 -43.21 -12.80
CA TRP D 652 9.25 -42.05 -12.02
C TRP D 652 8.37 -41.91 -10.78
N GLY D 653 8.49 -42.90 -9.89
CA GLY D 653 7.69 -42.92 -8.67
C GLY D 653 6.21 -42.92 -8.98
N GLY D 654 5.79 -43.81 -9.88
CA GLY D 654 4.43 -43.83 -10.37
C GLY D 654 3.37 -43.60 -9.30
N SER D 655 2.63 -42.50 -9.45
CA SER D 655 1.57 -42.12 -8.53
C SER D 655 0.87 -40.91 -9.10
N ASN D 656 -0.42 -40.80 -8.80
CA ASN D 656 -1.23 -39.73 -9.37
C ASN D 656 -0.81 -38.37 -8.82
N CYS D 657 -1.32 -37.32 -9.45
CA CYS D 657 -0.98 -35.96 -9.04
C CYS D 657 -1.32 -35.72 -7.58
N LEU D 658 -2.55 -36.00 -7.18
CA LEU D 658 -2.95 -35.79 -5.80
C LEU D 658 -2.23 -36.73 -4.85
N GLU D 659 -1.85 -37.92 -5.33
CA GLU D 659 -1.10 -38.84 -4.49
C GLU D 659 0.23 -38.22 -4.08
N LEU D 660 0.93 -37.59 -5.02
CA LEU D 660 2.15 -36.87 -4.67
C LEU D 660 1.84 -35.64 -3.83
N ALA D 661 0.81 -34.89 -4.20
CA ALA D 661 0.54 -33.62 -3.52
C ALA D 661 0.25 -33.83 -2.05
N VAL D 662 -0.58 -34.82 -1.72
CA VAL D 662 -0.98 -35.04 -0.34
C VAL D 662 0.21 -35.51 0.49
N GLU D 663 1.04 -36.38 -0.07
CA GLU D 663 2.25 -36.85 0.59
C GLU D 663 3.41 -35.89 0.41
N ALA D 664 3.14 -34.65 0.01
CA ALA D 664 4.17 -33.64 -0.22
C ALA D 664 3.92 -32.38 0.61
N THR D 665 2.95 -32.39 1.50
CA THR D 665 2.51 -31.17 2.20
C THR D 665 2.02 -30.22 1.11
N ASP D 666 2.61 -29.04 0.93
CA ASP D 666 2.26 -28.14 -0.16
C ASP D 666 0.74 -27.95 -0.24
N GLN D 667 0.14 -27.59 0.89
CA GLN D 667 -1.30 -27.41 0.94
C GLN D 667 -1.77 -26.32 -0.01
N HIS D 668 -0.88 -25.44 -0.45
CA HIS D 668 -1.29 -24.37 -1.36
C HIS D 668 -1.83 -24.94 -2.66
N PHE D 669 -1.17 -25.95 -3.21
CA PHE D 669 -1.62 -26.52 -4.48
C PHE D 669 -2.99 -27.16 -4.33
N ILE D 670 -3.21 -27.91 -3.26
CA ILE D 670 -4.47 -28.62 -3.10
C ILE D 670 -5.59 -27.66 -2.66
N ALA D 671 -5.23 -26.49 -2.14
CA ALA D 671 -6.23 -25.52 -1.70
C ALA D 671 -6.83 -24.72 -2.84
N GLN D 672 -6.27 -24.82 -4.04
CA GLN D 672 -6.79 -24.05 -5.16
C GLN D 672 -8.25 -24.45 -5.44
N PRO D 673 -9.07 -23.50 -5.89
CA PRO D 673 -10.51 -23.81 -6.03
C PRO D 673 -10.81 -24.98 -6.94
N GLY D 674 -10.04 -25.16 -8.01
CA GLY D 674 -10.34 -26.24 -8.94
C GLY D 674 -10.20 -27.61 -8.31
N VAL D 675 -9.14 -27.81 -7.53
CA VAL D 675 -8.94 -29.08 -6.85
C VAL D 675 -10.06 -29.34 -5.86
N GLN D 676 -10.46 -28.30 -5.12
CA GLN D 676 -11.56 -28.45 -4.17
C GLN D 676 -12.85 -28.82 -4.88
N ASN D 677 -13.12 -28.21 -6.03
CA ASN D 677 -14.32 -28.56 -6.79
C ASN D 677 -14.26 -30.00 -7.28
N PHE D 678 -13.09 -30.42 -7.76
CA PHE D 678 -12.93 -31.81 -8.18
C PHE D 678 -13.24 -32.76 -7.04
N LEU D 679 -12.69 -32.47 -5.86
CA LEU D 679 -12.93 -33.35 -4.71
C LEU D 679 -14.39 -33.32 -4.29
N SER D 680 -15.04 -32.16 -4.38
CA SER D 680 -16.45 -32.07 -4.06
C SER D 680 -17.28 -32.96 -4.98
N LYS D 681 -17.00 -32.88 -6.29
CA LYS D 681 -17.73 -33.72 -7.23
C LYS D 681 -17.42 -35.20 -7.02
N GLN D 682 -16.17 -35.52 -6.69
CA GLN D 682 -15.81 -36.91 -6.42
C GLN D 682 -16.59 -37.45 -5.22
N TRP D 683 -16.66 -36.65 -4.14
CA TRP D 683 -17.41 -37.07 -2.97
C TRP D 683 -18.90 -37.23 -3.31
N TYR D 684 -19.43 -36.29 -4.10
CA TYR D 684 -20.82 -36.42 -4.54
C TYR D 684 -21.02 -37.69 -5.35
N GLY D 685 -20.10 -37.96 -6.28
CA GLY D 685 -20.15 -39.20 -7.05
C GLY D 685 -21.18 -39.20 -8.15
N GLU D 686 -22.13 -40.12 -8.08
CA GLU D 686 -23.16 -40.29 -9.09
C GLU D 686 -24.39 -39.41 -8.82
N ILE D 687 -24.24 -38.34 -8.05
CA ILE D 687 -25.32 -37.43 -7.73
C ILE D 687 -25.04 -36.10 -8.43
N SER D 688 -26.03 -35.63 -9.18
CA SER D 688 -25.93 -34.35 -9.87
C SER D 688 -26.28 -33.22 -8.92
N ARG D 689 -25.39 -32.23 -8.81
CA ARG D 689 -25.56 -31.12 -7.88
C ARG D 689 -26.40 -30.04 -8.56
N ASP D 690 -27.73 -30.19 -8.44
CA ASP D 690 -28.65 -29.19 -8.97
C ASP D 690 -29.84 -28.98 -8.03
N THR D 691 -29.66 -29.27 -6.74
CA THR D 691 -30.73 -29.17 -5.77
C THR D 691 -30.19 -28.61 -4.46
N LYS D 692 -31.10 -28.06 -3.66
CA LYS D 692 -30.72 -27.50 -2.37
C LYS D 692 -30.26 -28.61 -1.42
N ASN D 693 -29.37 -28.23 -0.49
CA ASN D 693 -28.81 -29.21 0.43
C ASN D 693 -29.89 -29.82 1.33
N TRP D 694 -30.79 -28.98 1.85
CA TRP D 694 -31.84 -29.49 2.72
C TRP D 694 -32.76 -30.46 1.98
N LYS D 695 -33.10 -30.15 0.74
CA LYS D 695 -33.95 -31.04 -0.04
C LYS D 695 -33.24 -32.36 -0.31
N ILE D 696 -31.93 -32.33 -0.55
CA ILE D 696 -31.19 -33.58 -0.75
C ILE D 696 -31.17 -34.39 0.53
N ILE D 697 -30.95 -33.71 1.67
CA ILE D 697 -30.92 -34.42 2.95
C ILE D 697 -32.25 -35.11 3.20
N LEU D 698 -33.35 -34.41 2.93
CA LEU D 698 -34.67 -35.03 3.05
C LEU D 698 -34.86 -36.13 2.00
N CYS D 699 -34.24 -35.98 0.83
CA CYS D 699 -34.32 -37.01 -0.20
C CYS D 699 -33.60 -38.28 0.21
N LEU D 700 -32.63 -38.18 1.12
CA LEU D 700 -31.98 -39.39 1.63
C LEU D 700 -33.00 -40.29 2.34
N PHE D 701 -33.88 -39.70 3.13
CA PHE D 701 -34.80 -40.49 3.95
C PHE D 701 -35.91 -41.14 3.14
N ILE D 702 -36.23 -40.61 1.96
CA ILE D 702 -37.30 -41.16 1.12
C ILE D 702 -36.72 -42.29 0.28
N ILE D 703 -37.44 -43.40 0.22
CA ILE D 703 -36.98 -44.60 -0.48
C ILE D 703 -37.04 -44.37 -1.99
N PRO D 704 -38.21 -44.13 -2.58
CA PRO D 704 -38.28 -43.93 -4.03
C PRO D 704 -37.79 -42.55 -4.45
N LEU D 705 -37.08 -42.51 -5.57
CA LEU D 705 -36.64 -41.25 -6.16
C LEU D 705 -37.56 -40.77 -7.28
N VAL D 706 -38.56 -41.56 -7.66
CA VAL D 706 -39.46 -41.14 -8.73
C VAL D 706 -40.27 -39.93 -8.31
N GLY D 707 -40.77 -39.92 -7.07
CA GLY D 707 -41.59 -38.81 -6.62
C GLY D 707 -40.83 -37.49 -6.60
N CYS D 708 -39.57 -37.52 -6.18
CA CYS D 708 -38.77 -36.30 -6.04
C CYS D 708 -38.23 -35.88 -7.42
N GLY D 709 -39.16 -35.49 -8.29
CA GLY D 709 -38.76 -35.00 -9.60
C GLY D 709 -38.01 -33.69 -9.53
N LEU D 710 -38.44 -32.79 -8.66
CA LEU D 710 -37.77 -31.49 -8.55
C LEU D 710 -36.33 -31.65 -8.10
N VAL D 711 -36.07 -32.53 -7.14
CA VAL D 711 -34.71 -32.76 -6.67
C VAL D 711 -33.90 -33.35 -7.82
N SER D 712 -32.71 -32.80 -8.05
CA SER D 712 -31.88 -33.15 -9.19
C SER D 712 -31.04 -34.37 -8.81
N PHE D 713 -31.59 -35.56 -9.05
CA PHE D 713 -30.85 -36.78 -8.80
C PHE D 713 -29.74 -36.97 -9.83
N ARG D 714 -30.04 -36.72 -11.10
CA ARG D 714 -29.08 -36.93 -12.18
C ARG D 714 -29.11 -35.74 -13.12
N LYS D 715 -28.01 -35.55 -13.85
CA LYS D 715 -27.89 -34.47 -14.81
C LYS D 715 -28.82 -34.69 -15.99
N LEU D 725 -34.42 -51.18 -9.64
CA LEU D 725 -34.39 -50.03 -10.54
C LEU D 725 -32.98 -49.46 -10.62
N TRP D 726 -32.52 -49.18 -11.84
CA TRP D 726 -31.14 -48.75 -12.06
C TRP D 726 -30.81 -47.42 -11.38
N TYR D 727 -31.42 -46.33 -11.82
CA TYR D 727 -31.11 -45.04 -11.22
C TYR D 727 -31.50 -44.98 -9.75
N TYR D 728 -32.51 -45.76 -9.35
CA TYR D 728 -32.79 -45.86 -7.92
C TYR D 728 -31.61 -46.45 -7.16
N VAL D 729 -31.04 -47.54 -7.66
CA VAL D 729 -29.93 -48.18 -6.95
C VAL D 729 -28.65 -47.36 -7.09
N ALA D 730 -28.57 -46.49 -8.08
CA ALA D 730 -27.39 -45.64 -8.23
C ALA D 730 -27.23 -44.71 -7.03
N PHE D 731 -28.33 -44.33 -6.39
CA PHE D 731 -28.24 -43.34 -5.31
C PHE D 731 -27.43 -43.86 -4.13
N PHE D 732 -27.65 -45.11 -3.74
CA PHE D 732 -26.97 -45.65 -2.57
C PHE D 732 -25.46 -45.69 -2.73
N THR D 733 -24.97 -45.65 -3.96
CA THR D 733 -23.53 -45.77 -4.21
C THR D 733 -22.77 -44.49 -3.86
N SER D 734 -23.46 -43.38 -3.62
CA SER D 734 -22.77 -42.12 -3.35
C SER D 734 -22.12 -42.17 -1.97
N PRO D 735 -20.81 -41.88 -1.87
CA PRO D 735 -20.19 -41.86 -0.53
C PRO D 735 -20.80 -40.85 0.41
N PHE D 736 -21.32 -39.74 -0.09
CA PHE D 736 -21.97 -38.74 0.74
C PHE D 736 -23.12 -39.36 1.54
N VAL D 737 -24.00 -40.09 0.84
CA VAL D 737 -25.12 -40.74 1.49
C VAL D 737 -24.62 -41.76 2.50
N VAL D 738 -23.53 -42.46 2.16
CA VAL D 738 -22.97 -43.45 3.07
C VAL D 738 -22.52 -42.77 4.36
N PHE D 739 -21.87 -41.62 4.25
CA PHE D 739 -21.42 -40.90 5.44
C PHE D 739 -22.60 -40.45 6.30
N SER D 740 -23.66 -39.95 5.66
CA SER D 740 -24.83 -39.53 6.44
C SER D 740 -25.44 -40.71 7.18
N TRP D 741 -25.60 -41.84 6.48
CA TRP D 741 -26.11 -43.04 7.13
C TRP D 741 -25.20 -43.47 8.28
N ASN D 742 -23.89 -43.34 8.09
CA ASN D 742 -22.94 -43.75 9.10
C ASN D 742 -23.09 -42.93 10.36
N VAL D 743 -23.25 -41.61 10.22
CA VAL D 743 -23.38 -40.76 11.40
C VAL D 743 -24.71 -41.02 12.10
N VAL D 744 -25.79 -41.22 11.32
CA VAL D 744 -27.06 -41.58 11.95
C VAL D 744 -26.91 -42.88 12.74
N PHE D 745 -26.25 -43.88 12.16
CA PHE D 745 -26.09 -45.16 12.84
C PHE D 745 -25.22 -45.00 14.08
N TYR D 746 -24.17 -44.19 13.98
CA TYR D 746 -23.27 -44.01 15.12
C TYR D 746 -23.97 -43.33 16.28
N ILE D 747 -24.76 -42.30 16.00
CA ILE D 747 -25.46 -41.61 17.09
C ILE D 747 -26.51 -42.52 17.71
N ALA D 748 -27.22 -43.28 16.87
CA ALA D 748 -28.19 -44.24 17.41
C ALA D 748 -27.48 -45.28 18.29
N PHE D 749 -26.32 -45.76 17.83
CA PHE D 749 -25.54 -46.71 18.61
C PHE D 749 -25.12 -46.11 19.94
N LEU D 750 -24.68 -44.86 19.93
CA LEU D 750 -24.27 -44.20 21.17
C LEU D 750 -25.44 -44.13 22.14
N LEU D 751 -26.61 -43.70 21.66
CA LEU D 751 -27.76 -43.57 22.55
C LEU D 751 -28.15 -44.93 23.13
N LEU D 752 -28.22 -45.95 22.27
CA LEU D 752 -28.62 -47.27 22.73
C LEU D 752 -27.60 -47.82 23.73
N PHE D 753 -26.31 -47.61 23.46
CA PHE D 753 -25.28 -48.10 24.38
C PHE D 753 -25.37 -47.42 25.73
N ALA D 754 -25.65 -46.11 25.74
CA ALA D 754 -25.81 -45.41 27.01
C ALA D 754 -27.00 -45.96 27.78
N TYR D 755 -28.11 -46.18 27.08
CA TYR D 755 -29.28 -46.77 27.75
C TYR D 755 -28.95 -48.13 28.34
N VAL D 756 -28.27 -48.98 27.56
CA VAL D 756 -27.93 -50.30 28.04
C VAL D 756 -27.01 -50.22 29.26
N LEU D 757 -26.03 -49.32 29.21
CA LEU D 757 -25.06 -49.22 30.30
C LEU D 757 -25.73 -48.78 31.59
N LEU D 758 -26.55 -47.73 31.53
CA LEU D 758 -27.04 -47.14 32.77
C LEU D 758 -28.42 -47.68 33.16
N MET D 759 -29.39 -47.62 32.26
CA MET D 759 -30.78 -47.89 32.64
C MET D 759 -30.91 -49.25 33.30
N ASP D 760 -30.33 -50.29 32.70
CA ASP D 760 -30.45 -51.65 33.21
C ASP D 760 -29.10 -52.33 33.21
N PHE D 761 -28.73 -52.91 34.36
CA PHE D 761 -27.53 -53.70 34.48
C PHE D 761 -27.77 -54.76 35.54
N HIS D 762 -27.45 -56.01 35.23
CA HIS D 762 -27.72 -57.14 36.12
C HIS D 762 -26.47 -58.02 36.22
N SER D 763 -26.54 -58.99 37.12
CA SER D 763 -25.45 -59.95 37.25
C SER D 763 -25.30 -60.79 35.98
N VAL D 764 -26.42 -61.20 35.41
CA VAL D 764 -26.43 -61.99 34.18
C VAL D 764 -26.75 -61.05 33.01
N PRO D 765 -25.94 -61.01 31.97
CA PRO D 765 -26.22 -60.09 30.85
C PRO D 765 -27.46 -60.51 30.08
N HIS D 766 -28.11 -59.52 29.46
CA HIS D 766 -29.35 -59.75 28.73
C HIS D 766 -29.27 -59.16 27.34
N THR D 767 -30.33 -59.42 26.56
CA THR D 767 -30.36 -59.28 25.11
C THR D 767 -29.66 -58.02 24.58
N PRO D 768 -30.06 -56.82 25.01
CA PRO D 768 -29.42 -55.62 24.44
C PRO D 768 -27.93 -55.55 24.70
N GLU D 769 -27.46 -56.07 25.83
CA GLU D 769 -26.03 -56.10 26.11
C GLU D 769 -25.28 -56.98 25.09
N LEU D 770 -25.86 -58.14 24.75
CA LEU D 770 -25.27 -58.99 23.74
C LEU D 770 -25.23 -58.28 22.40
N ILE D 771 -26.31 -57.58 22.05
CA ILE D 771 -26.32 -56.85 20.79
C ILE D 771 -25.29 -55.73 20.81
N LEU D 772 -25.07 -55.12 21.98
CA LEU D 772 -24.06 -54.09 22.11
C LEU D 772 -22.67 -54.65 21.85
N TYR D 773 -22.39 -55.84 22.39
CA TYR D 773 -21.12 -56.50 22.08
C TYR D 773 -20.99 -56.73 20.58
N ALA D 774 -22.06 -57.21 19.95
CA ALA D 774 -22.04 -57.44 18.50
C ALA D 774 -21.68 -56.17 17.74
N LEU D 775 -22.35 -55.06 18.07
CA LEU D 775 -22.14 -53.81 17.34
C LEU D 775 -20.73 -53.26 17.57
N VAL D 776 -20.26 -53.29 18.82
CA VAL D 776 -18.94 -52.74 19.09
C VAL D 776 -17.88 -53.57 18.40
N PHE D 777 -18.07 -54.89 18.32
CA PHE D 777 -17.11 -55.70 17.57
C PHE D 777 -17.18 -55.39 16.08
N VAL D 778 -18.37 -55.02 15.57
CA VAL D 778 -18.45 -54.60 14.18
C VAL D 778 -17.58 -53.37 13.94
N LEU D 779 -17.68 -52.38 14.83
CA LEU D 779 -16.84 -51.18 14.67
C LEU D 779 -15.36 -51.52 14.82
N PHE D 780 -15.02 -52.37 15.78
CA PHE D 780 -13.62 -52.73 15.99
C PHE D 780 -13.06 -53.44 14.77
N CYS D 781 -13.84 -54.33 14.15
CA CYS D 781 -13.38 -55.01 12.95
C CYS D 781 -13.19 -54.03 11.80
N ASP D 782 -14.09 -53.05 11.65
CA ASP D 782 -13.90 -52.06 10.61
C ASP D 782 -12.60 -51.29 10.83
N GLU D 783 -12.34 -50.89 12.08
CA GLU D 783 -11.10 -50.17 12.38
C GLU D 783 -9.88 -51.05 12.14
N VAL D 784 -9.99 -52.34 12.44
CA VAL D 784 -8.88 -53.27 12.21
C VAL D 784 -8.59 -53.38 10.72
N ARG D 785 -9.63 -53.44 9.90
CA ARG D 785 -9.42 -53.47 8.45
C ARG D 785 -8.73 -52.19 7.98
N GLN D 786 -9.17 -51.04 8.50
CA GLN D 786 -8.53 -49.78 8.13
C GLN D 786 -7.06 -49.79 8.52
N TRP D 787 -6.74 -50.31 9.70
CA TRP D 787 -5.34 -50.43 10.11
C TRP D 787 -4.58 -51.34 9.17
N TYR D 788 -5.19 -52.47 8.77
CA TYR D 788 -4.52 -53.41 7.89
C TYR D 788 -4.18 -52.76 6.56
N MET D 789 -5.08 -51.93 6.04
CA MET D 789 -4.83 -51.28 4.75
C MET D 789 -3.57 -50.42 4.81
N ASN D 790 -3.40 -49.65 5.89
CA ASN D 790 -2.24 -48.77 6.08
C ASN D 790 -1.73 -48.95 7.50
N GLY D 791 -0.81 -49.89 7.68
CA GLY D 791 -0.31 -50.16 9.03
C GLY D 791 0.55 -49.04 9.60
N VAL D 792 1.46 -48.52 8.78
CA VAL D 792 2.45 -47.58 9.30
C VAL D 792 1.79 -46.28 9.75
N ASN D 793 0.95 -45.70 8.89
CA ASN D 793 0.33 -44.42 9.22
C ASN D 793 -0.67 -44.53 10.35
N TYR D 794 -1.21 -45.72 10.61
CA TYR D 794 -2.19 -45.87 11.69
C TYR D 794 -1.61 -45.45 13.03
N PHE D 795 -0.41 -45.96 13.36
CA PHE D 795 0.21 -45.60 14.63
C PHE D 795 0.51 -44.11 14.71
N THR D 796 1.03 -43.53 13.62
CA THR D 796 1.36 -42.12 13.63
C THR D 796 0.10 -41.25 13.78
N ASP D 797 -0.99 -41.64 13.13
CA ASP D 797 -2.21 -40.86 13.20
C ASP D 797 -2.70 -40.77 14.64
N LEU D 798 -3.04 -39.55 15.06
CA LEU D 798 -3.42 -39.31 16.46
C LEU D 798 -4.82 -39.84 16.77
N TRP D 799 -5.77 -39.64 15.85
CA TRP D 799 -7.17 -39.94 16.17
C TRP D 799 -7.37 -41.43 16.41
N ASN D 800 -6.75 -42.28 15.60
CA ASN D 800 -6.94 -43.72 15.76
C ASN D 800 -6.51 -44.21 17.14
N VAL D 801 -5.52 -43.54 17.74
CA VAL D 801 -4.99 -43.99 19.03
C VAL D 801 -6.06 -43.91 20.11
N MET D 802 -6.85 -42.84 20.11
CA MET D 802 -7.86 -42.67 21.16
C MET D 802 -8.91 -43.78 21.10
N ASP D 803 -9.41 -44.09 19.90
CA ASP D 803 -10.39 -45.16 19.80
C ASP D 803 -9.79 -46.53 20.09
N THR D 804 -8.53 -46.75 19.70
CA THR D 804 -7.87 -48.00 20.06
C THR D 804 -7.79 -48.16 21.57
N LEU D 805 -7.42 -47.09 22.27
CA LEU D 805 -7.36 -47.13 23.73
C LEU D 805 -8.74 -47.37 24.33
N GLY D 806 -9.77 -46.75 23.76
CA GLY D 806 -11.12 -46.97 24.24
C GLY D 806 -11.53 -48.42 24.13
N LEU D 807 -11.25 -49.04 22.98
CA LEU D 807 -11.55 -50.46 22.81
C LEU D 807 -10.75 -51.31 23.79
N PHE D 808 -9.49 -50.96 24.02
CA PHE D 808 -8.66 -51.70 24.96
C PHE D 808 -9.25 -51.65 26.37
N TYR D 809 -9.77 -50.50 26.78
CA TYR D 809 -10.42 -50.43 28.08
C TYR D 809 -11.76 -51.18 28.08
N PHE D 810 -12.47 -51.14 26.95
CA PHE D 810 -13.77 -51.80 26.89
C PHE D 810 -13.66 -53.31 27.05
N ILE D 811 -12.62 -53.90 26.45
CA ILE D 811 -12.45 -55.35 26.64
C ILE D 811 -12.18 -55.66 28.11
N ALA D 812 -11.44 -54.78 28.80
CA ALA D 812 -11.27 -54.95 30.24
C ALA D 812 -12.60 -54.81 30.97
N GLY D 813 -13.48 -53.94 30.48
CA GLY D 813 -14.81 -53.86 31.06
C GLY D 813 -15.54 -55.18 30.96
N ILE D 814 -15.47 -55.82 29.78
CA ILE D 814 -16.09 -57.13 29.62
C ILE D 814 -15.45 -58.14 30.56
N VAL D 815 -14.13 -58.12 30.65
CA VAL D 815 -13.43 -59.04 31.56
C VAL D 815 -13.96 -58.88 32.97
N PHE D 816 -14.09 -57.64 33.41
CA PHE D 816 -14.60 -57.38 34.76
C PHE D 816 -16.02 -57.90 34.93
N ARG D 817 -16.89 -57.69 33.95
CA ARG D 817 -18.27 -58.13 34.09
C ARG D 817 -18.42 -59.64 33.94
N LEU D 818 -17.39 -60.34 33.46
CA LEU D 818 -17.50 -61.78 33.24
C LEU D 818 -17.93 -62.51 34.52
N HIS D 819 -17.08 -62.48 35.55
CA HIS D 819 -17.29 -63.25 36.76
C HIS D 819 -17.49 -62.31 37.95
N SER D 820 -18.54 -62.56 38.73
CA SER D 820 -18.84 -61.77 39.92
C SER D 820 -18.11 -62.38 41.11
N SER D 821 -16.80 -62.12 41.17
CA SER D 821 -16.00 -62.61 42.28
C SER D 821 -16.45 -61.97 43.61
N ASN D 822 -16.78 -60.69 43.56
CA ASN D 822 -17.23 -59.95 44.74
C ASN D 822 -18.62 -59.38 44.47
N LYS D 823 -19.34 -59.09 45.55
CA LYS D 823 -20.71 -58.60 45.43
C LYS D 823 -20.76 -57.29 44.63
N SER D 824 -19.82 -56.38 44.91
CA SER D 824 -19.76 -55.09 44.23
C SER D 824 -18.74 -55.07 43.10
N SER D 825 -18.20 -56.24 42.72
CA SER D 825 -17.16 -56.29 41.70
C SER D 825 -17.66 -55.94 40.31
N LEU D 826 -18.97 -55.84 40.11
CA LEU D 826 -19.55 -55.49 38.82
C LEU D 826 -19.67 -53.98 38.64
N TYR D 827 -19.99 -53.27 39.72
CA TYR D 827 -20.06 -51.82 39.68
C TYR D 827 -18.71 -51.21 39.27
N SER D 828 -17.63 -51.79 39.77
CA SER D 828 -16.29 -51.30 39.42
C SER D 828 -16.06 -51.39 37.92
N GLY D 829 -16.43 -52.50 37.30
CA GLY D 829 -16.29 -52.63 35.86
C GLY D 829 -17.21 -51.69 35.10
N ARG D 830 -18.43 -51.49 35.61
CA ARG D 830 -19.32 -50.52 35.01
C ARG D 830 -18.67 -49.13 34.98
N VAL D 831 -17.88 -48.82 36.00
CA VAL D 831 -17.14 -47.55 35.99
C VAL D 831 -16.26 -47.45 34.75
N ILE D 832 -15.53 -48.53 34.44
CA ILE D 832 -14.64 -48.52 33.27
C ILE D 832 -15.46 -48.42 31.99
N PHE D 833 -16.57 -49.14 31.93
CA PHE D 833 -17.47 -49.03 30.79
C PHE D 833 -17.82 -47.57 30.52
N CYS D 834 -18.21 -46.85 31.58
CA CYS D 834 -18.58 -45.45 31.45
C CYS D 834 -17.39 -44.60 30.99
N LEU D 835 -16.22 -44.83 31.59
CA LEU D 835 -15.05 -44.05 31.23
C LEU D 835 -14.74 -44.18 29.75
N ASP D 836 -14.87 -45.40 29.20
CA ASP D 836 -14.70 -45.59 27.76
C ASP D 836 -15.83 -44.91 26.99
N TYR D 837 -17.05 -44.95 27.52
CA TYR D 837 -18.15 -44.27 26.88
C TYR D 837 -17.83 -42.81 26.62
N ILE D 838 -17.10 -42.18 27.55
CA ILE D 838 -16.68 -40.80 27.34
C ILE D 838 -15.85 -40.68 26.07
N ILE D 839 -14.91 -41.62 25.88
CA ILE D 839 -14.04 -41.57 24.71
C ILE D 839 -14.86 -41.73 23.44
N PHE D 840 -15.86 -42.60 23.47
CA PHE D 840 -16.74 -42.74 22.30
C PHE D 840 -17.49 -41.45 22.02
N THR D 841 -17.94 -40.77 23.08
CA THR D 841 -18.57 -39.46 22.89
C THR D 841 -17.63 -38.51 22.18
N LEU D 842 -16.35 -38.51 22.56
CA LEU D 842 -15.38 -37.65 21.87
C LEU D 842 -15.20 -38.06 20.42
N ARG D 843 -15.14 -39.37 20.15
CA ARG D 843 -14.99 -39.80 18.77
C ARG D 843 -16.16 -39.35 17.92
N LEU D 844 -17.34 -39.18 18.54
CA LEU D 844 -18.48 -38.67 17.78
C LEU D 844 -18.14 -37.33 17.12
N ILE D 845 -17.51 -36.42 17.88
CA ILE D 845 -17.04 -35.18 17.28
C ILE D 845 -15.92 -35.45 16.29
N HIS D 846 -15.02 -36.37 16.64
CA HIS D 846 -13.87 -36.63 15.77
C HIS D 846 -14.32 -36.93 14.34
N ILE D 847 -15.28 -37.84 14.18
CA ILE D 847 -15.68 -38.25 12.84
C ILE D 847 -16.41 -37.14 12.11
N PHE D 848 -17.22 -36.36 12.83
CA PHE D 848 -18.06 -35.33 12.24
C PHE D 848 -17.29 -34.04 11.92
N THR D 849 -15.97 -34.05 12.06
CA THR D 849 -15.17 -32.84 11.93
C THR D 849 -15.59 -31.99 10.73
N VAL D 850 -15.48 -32.54 9.52
CA VAL D 850 -15.70 -31.75 8.30
C VAL D 850 -17.19 -31.72 8.01
N SER D 851 -17.82 -30.56 8.21
CA SER D 851 -19.21 -30.33 7.83
C SER D 851 -19.32 -28.90 7.31
N ARG D 852 -19.03 -28.73 6.01
CA ARG D 852 -19.21 -27.45 5.34
C ARG D 852 -18.69 -26.29 6.19
N ASN D 853 -19.55 -25.32 6.50
CA ASN D 853 -19.11 -24.15 7.26
C ASN D 853 -18.84 -24.48 8.72
N LEU D 854 -19.34 -25.62 9.22
CA LEU D 854 -19.15 -25.97 10.62
C LEU D 854 -17.73 -26.47 10.89
N GLY D 855 -17.16 -27.23 9.94
CA GLY D 855 -15.91 -27.92 10.17
C GLY D 855 -14.72 -27.05 10.50
N PRO D 856 -14.52 -25.91 9.80
CA PRO D 856 -13.29 -25.14 10.03
C PRO D 856 -13.08 -24.72 11.48
N LYS D 857 -14.16 -24.48 12.23
CA LYS D 857 -14.01 -23.99 13.59
C LYS D 857 -13.30 -25.00 14.48
N ILE D 858 -13.38 -26.28 14.14
CA ILE D 858 -12.81 -27.32 15.02
C ILE D 858 -11.29 -27.26 14.99
N ILE D 859 -10.70 -27.04 13.81
CA ILE D 859 -9.26 -27.17 13.65
C ILE D 859 -8.52 -26.17 14.53
N MET D 860 -8.97 -24.92 14.53
CA MET D 860 -8.22 -23.87 15.21
C MET D 860 -8.07 -24.16 16.71
N LEU D 861 -8.98 -24.95 17.28
CA LEU D 861 -8.87 -25.30 18.69
C LEU D 861 -7.59 -26.09 18.95
N GLN D 862 -7.23 -26.98 18.03
CA GLN D 862 -6.01 -27.76 18.19
C GLN D 862 -4.79 -26.85 18.28
N ARG D 863 -4.73 -25.82 17.44
CA ARG D 863 -3.61 -24.88 17.49
C ARG D 863 -3.67 -24.03 18.75
N MET D 864 -4.88 -23.67 19.18
CA MET D 864 -5.04 -22.79 20.34
C MET D 864 -4.85 -23.50 21.67
N LEU D 865 -4.78 -24.83 21.68
CA LEU D 865 -4.61 -25.56 22.93
C LEU D 865 -3.34 -25.17 23.68
N ILE D 866 -2.36 -24.58 22.99
CA ILE D 866 -1.15 -24.12 23.68
C ILE D 866 -1.50 -23.06 24.72
N ASP D 867 -2.43 -22.17 24.39
CA ASP D 867 -2.87 -21.17 25.34
C ASP D 867 -3.51 -21.84 26.56
N VAL D 868 -4.30 -22.89 26.34
CA VAL D 868 -4.90 -23.62 27.45
C VAL D 868 -3.81 -24.20 28.35
N PHE D 869 -2.79 -24.80 27.75
CA PHE D 869 -1.70 -25.37 28.52
C PHE D 869 -1.01 -24.32 29.38
N PHE D 870 -0.65 -23.19 28.75
CA PHE D 870 0.04 -22.13 29.48
C PHE D 870 -0.82 -21.58 30.61
N PHE D 871 -2.11 -21.34 30.33
CA PHE D 871 -3.02 -20.85 31.36
C PHE D 871 -3.13 -21.84 32.51
N LEU D 872 -3.23 -23.13 32.20
CA LEU D 872 -3.34 -24.14 33.24
C LEU D 872 -2.12 -24.10 34.15
N PHE D 873 -0.92 -24.06 33.56
CA PHE D 873 0.29 -24.02 34.37
C PHE D 873 0.33 -22.78 35.26
N LEU D 874 0.11 -21.61 34.66
CA LEU D 874 0.23 -20.36 35.42
C LEU D 874 -0.80 -20.31 36.53
N PHE D 875 -2.04 -20.71 36.24
CA PHE D 875 -3.06 -20.74 37.28
C PHE D 875 -2.75 -21.75 38.35
N ALA D 876 -2.16 -22.89 37.97
CA ALA D 876 -1.90 -23.95 38.94
C ALA D 876 -0.87 -23.51 39.98
N VAL D 877 0.13 -22.76 39.55
CA VAL D 877 1.14 -22.33 40.54
C VAL D 877 0.51 -21.39 41.57
N TRP D 878 -0.30 -20.43 41.11
CA TRP D 878 -1.02 -19.56 42.03
C TRP D 878 -1.94 -20.38 42.94
N MET D 879 -2.60 -21.39 42.36
CA MET D 879 -3.47 -22.27 43.15
C MET D 879 -2.69 -22.92 44.29
N VAL D 880 -1.50 -23.44 43.97
CA VAL D 880 -0.69 -24.10 44.97
C VAL D 880 -0.28 -23.12 46.07
N ALA D 881 0.10 -21.90 45.69
CA ALA D 881 0.49 -20.93 46.72
C ALA D 881 -0.67 -20.61 47.65
N PHE D 882 -1.85 -20.34 47.08
CA PHE D 882 -3.00 -19.98 47.91
C PHE D 882 -3.43 -21.15 48.78
N GLY D 883 -3.33 -22.37 48.26
CA GLY D 883 -3.59 -23.55 49.09
C GLY D 883 -2.57 -23.70 50.21
N VAL D 884 -1.32 -23.37 49.94
CA VAL D 884 -0.29 -23.37 50.98
C VAL D 884 -0.68 -22.42 52.09
N ALA D 885 -1.09 -21.21 51.72
CA ALA D 885 -1.40 -20.18 52.70
C ALA D 885 -2.77 -20.36 53.34
N ARG D 886 -3.65 -21.17 52.76
CA ARG D 886 -4.89 -21.52 53.43
C ARG D 886 -4.62 -22.38 54.66
N GLN D 887 -3.70 -23.35 54.54
CA GLN D 887 -3.40 -24.25 55.64
C GLN D 887 -2.59 -23.58 56.74
N GLY D 888 -2.02 -22.41 56.48
CA GLY D 888 -1.30 -21.71 57.54
C GLY D 888 -2.21 -21.36 58.70
N ILE D 889 -3.45 -21.01 58.40
CA ILE D 889 -4.47 -20.82 59.44
C ILE D 889 -4.64 -22.10 60.25
N LEU D 890 -4.58 -23.25 59.59
CA LEU D 890 -4.97 -24.50 60.22
C LEU D 890 -3.94 -24.95 61.25
N ARG D 891 -4.30 -26.01 61.97
CA ARG D 891 -3.52 -26.58 63.07
C ARG D 891 -2.07 -26.83 62.70
N GLN D 892 -1.22 -26.91 63.72
CA GLN D 892 0.21 -27.11 63.50
C GLN D 892 0.48 -28.27 62.55
N ASN D 893 -0.21 -29.40 62.74
CA ASN D 893 0.08 -30.61 61.99
C ASN D 893 -1.23 -31.23 61.50
N GLU D 894 -1.35 -31.38 60.18
CA GLU D 894 -2.50 -32.06 59.61
C GLU D 894 -2.46 -33.56 59.88
N GLN D 895 -1.30 -34.18 59.63
CA GLN D 895 -1.10 -35.61 59.88
C GLN D 895 -2.09 -36.48 59.11
N ARG D 896 -2.56 -36.01 57.96
CA ARG D 896 -3.51 -36.78 57.17
C ARG D 896 -3.38 -36.35 55.70
N TRP D 897 -2.72 -37.19 54.91
CA TRP D 897 -2.62 -36.93 53.47
C TRP D 897 -3.98 -36.69 52.84
N ARG D 898 -4.98 -37.49 53.22
CA ARG D 898 -6.31 -37.39 52.64
C ARG D 898 -6.79 -35.95 52.65
N TRP D 899 -6.95 -35.36 53.84
CA TRP D 899 -7.59 -34.06 53.94
C TRP D 899 -6.68 -32.93 53.53
N ILE D 900 -5.37 -33.02 53.77
CA ILE D 900 -4.48 -31.96 53.33
C ILE D 900 -4.54 -31.84 51.81
N PHE D 901 -4.39 -32.97 51.11
CA PHE D 901 -4.48 -32.92 49.65
C PHE D 901 -5.88 -32.48 49.20
N ARG D 902 -6.92 -33.03 49.81
CA ARG D 902 -8.28 -32.67 49.40
C ARG D 902 -8.48 -31.16 49.48
N SER D 903 -8.17 -30.58 50.64
CA SER D 903 -8.37 -29.15 50.82
C SER D 903 -7.51 -28.34 49.85
N VAL D 904 -6.20 -28.62 49.84
CA VAL D 904 -5.29 -27.78 49.07
C VAL D 904 -5.69 -27.75 47.61
N ILE D 905 -6.09 -28.90 47.07
CA ILE D 905 -6.54 -28.93 45.69
C ILE D 905 -7.90 -28.25 45.54
N TYR D 906 -8.89 -28.71 46.31
CA TYR D 906 -10.28 -28.41 45.99
C TYR D 906 -10.62 -26.94 46.23
N GLU D 907 -10.17 -26.35 47.35
CA GLU D 907 -10.71 -25.02 47.72
C GLU D 907 -10.44 -23.95 46.67
N PRO D 908 -9.17 -23.63 46.39
CA PRO D 908 -8.92 -22.57 45.41
C PRO D 908 -9.52 -22.89 44.06
N TYR D 909 -9.73 -24.19 43.79
CA TYR D 909 -10.33 -24.61 42.54
C TYR D 909 -11.76 -24.09 42.41
N LEU D 910 -12.51 -24.07 43.51
CA LEU D 910 -13.80 -23.38 43.47
C LEU D 910 -13.61 -21.87 43.41
N ALA D 911 -12.72 -21.32 44.26
CA ALA D 911 -12.59 -19.87 44.31
C ALA D 911 -12.38 -19.29 42.92
N MET D 912 -11.58 -19.96 42.09
CA MET D 912 -11.35 -19.47 40.73
C MET D 912 -12.63 -19.49 39.91
N PHE D 913 -13.56 -20.41 40.22
CA PHE D 913 -14.82 -20.53 39.50
C PHE D 913 -15.97 -19.84 40.22
N GLY D 914 -16.10 -20.05 41.52
CA GLY D 914 -17.15 -19.41 42.29
C GLY D 914 -17.07 -19.83 43.73
N GLN D 915 -17.93 -19.23 44.54
CA GLN D 915 -18.09 -19.58 45.96
C GLN D 915 -16.74 -19.72 46.65
N VAL D 916 -16.07 -18.57 46.78
CA VAL D 916 -14.74 -18.48 47.39
C VAL D 916 -14.70 -19.31 48.66
N PRO D 917 -13.64 -20.09 48.90
CA PRO D 917 -13.60 -20.96 50.09
C PRO D 917 -13.24 -20.24 51.37
N SER D 918 -12.58 -19.08 51.29
CA SER D 918 -12.08 -18.39 52.47
C SER D 918 -13.22 -17.99 53.40
N ASP D 919 -14.46 -18.19 52.98
CA ASP D 919 -15.59 -17.99 53.89
C ASP D 919 -15.47 -18.87 55.13
N VAL D 920 -14.69 -19.95 55.06
CA VAL D 920 -14.44 -20.76 56.23
C VAL D 920 -13.84 -19.92 57.35
N ASP D 921 -12.88 -19.05 57.01
CA ASP D 921 -12.18 -18.25 58.00
C ASP D 921 -12.81 -16.87 58.18
N SER D 922 -13.06 -16.16 57.08
CA SER D 922 -13.49 -14.77 57.15
C SER D 922 -15.01 -14.63 57.12
N THR D 923 -15.64 -15.07 56.02
CA THR D 923 -17.07 -14.84 55.85
C THR D 923 -17.88 -15.56 56.93
N THR D 924 -17.52 -16.81 57.23
CA THR D 924 -18.21 -17.58 58.25
C THR D 924 -17.56 -17.44 59.62
N TYR D 925 -16.49 -16.66 59.73
CA TYR D 925 -15.78 -16.44 60.99
C TYR D 925 -15.41 -17.83 61.55
N ASP D 926 -15.75 -18.15 62.79
CA ASP D 926 -15.47 -19.46 63.36
C ASP D 926 -16.79 -20.21 63.54
N PHE D 927 -16.90 -21.38 62.92
CA PHE D 927 -18.09 -22.20 63.03
C PHE D 927 -18.04 -23.14 64.23
N SER D 928 -16.90 -23.24 64.90
CA SER D 928 -16.75 -24.07 66.09
C SER D 928 -17.12 -25.52 65.80
N HIS D 929 -16.73 -26.00 64.62
CA HIS D 929 -16.92 -27.40 64.21
C HIS D 929 -15.60 -27.93 63.66
N CYS D 930 -14.76 -28.46 64.55
CA CYS D 930 -13.51 -29.10 64.16
C CYS D 930 -13.40 -30.44 64.86
N THR D 931 -12.90 -31.43 64.14
CA THR D 931 -12.58 -32.75 64.71
C THR D 931 -11.07 -32.81 64.90
N PHE D 932 -10.60 -32.39 66.07
CA PHE D 932 -9.17 -32.39 66.34
C PHE D 932 -8.59 -33.79 66.26
N SER D 933 -9.29 -34.77 66.82
CA SER D 933 -8.84 -36.15 66.73
C SER D 933 -8.83 -36.62 65.28
N GLY D 934 -7.80 -37.39 64.93
CA GLY D 934 -7.68 -37.89 63.57
C GLY D 934 -8.69 -38.96 63.22
N ASN D 935 -9.28 -39.61 64.22
CA ASN D 935 -10.26 -40.66 63.95
C ASN D 935 -11.48 -40.10 63.21
N GLU D 936 -11.96 -38.93 63.63
CA GLU D 936 -13.15 -38.35 63.02
C GLU D 936 -12.82 -37.89 61.60
N SER D 937 -13.67 -38.30 60.65
CA SER D 937 -13.52 -37.89 59.26
C SER D 937 -14.43 -36.70 58.98
N LYS D 938 -14.05 -35.56 59.55
CA LYS D 938 -14.81 -34.33 59.42
C LYS D 938 -14.01 -33.30 58.63
N PRO D 939 -14.58 -32.66 57.61
CA PRO D 939 -13.81 -31.69 56.84
C PRO D 939 -13.37 -30.51 57.69
N LEU D 940 -12.18 -30.00 57.36
CA LEU D 940 -11.69 -28.72 57.88
C LEU D 940 -11.49 -28.73 59.39
N CYS D 941 -10.75 -27.75 59.89
CA CYS D 941 -10.59 -27.55 61.33
C CYS D 941 -10.03 -26.15 61.55
N VAL D 942 -9.85 -25.81 62.83
CA VAL D 942 -9.36 -24.51 63.24
C VAL D 942 -8.13 -24.71 64.13
N GLU D 943 -7.15 -23.83 63.99
CA GLU D 943 -5.98 -23.89 64.86
C GLU D 943 -6.40 -23.77 66.32
N LEU D 944 -5.76 -24.56 67.17
CA LEU D 944 -6.11 -24.59 68.59
C LEU D 944 -6.20 -23.20 69.17
N ASP D 945 -7.40 -22.81 69.61
CA ASP D 945 -7.60 -21.50 70.19
C ASP D 945 -6.83 -21.36 71.49
N GLU D 946 -6.26 -20.17 71.70
CA GLU D 946 -5.48 -19.88 72.90
C GLU D 946 -6.43 -19.33 73.96
N HIS D 947 -6.56 -20.04 75.07
CA HIS D 947 -7.44 -19.62 76.17
C HIS D 947 -8.87 -19.45 75.67
N ASN D 948 -9.31 -20.34 74.79
CA ASN D 948 -10.62 -20.33 74.16
C ASN D 948 -10.78 -19.18 73.17
N LEU D 949 -9.68 -18.49 72.81
CA LEU D 949 -9.74 -17.37 71.89
C LEU D 949 -9.26 -17.80 70.51
N PRO D 950 -10.02 -17.56 69.45
CA PRO D 950 -9.55 -17.96 68.11
C PRO D 950 -8.27 -17.23 67.74
N ARG D 951 -7.19 -18.00 67.59
CA ARG D 951 -5.87 -17.42 67.39
C ARG D 951 -5.64 -16.94 65.97
N PHE D 952 -6.39 -17.45 64.99
CA PHE D 952 -6.12 -17.11 63.60
C PHE D 952 -6.31 -15.61 63.38
N PRO D 953 -5.30 -14.89 62.88
CA PRO D 953 -5.47 -13.45 62.66
C PRO D 953 -6.02 -13.11 61.29
N GLU D 954 -7.00 -12.21 61.25
CA GLU D 954 -7.64 -11.85 59.99
C GLU D 954 -6.82 -10.87 59.17
N TRP D 955 -6.05 -10.01 59.83
CA TRP D 955 -5.49 -8.81 59.19
C TRP D 955 -4.55 -9.15 58.04
N ILE D 956 -4.08 -10.40 57.95
CA ILE D 956 -3.25 -10.85 56.84
C ILE D 956 -3.94 -11.95 56.05
N THR D 957 -4.66 -12.85 56.72
CA THR D 957 -5.31 -13.94 56.02
C THR D 957 -6.35 -13.43 55.04
N ILE D 958 -7.27 -12.57 55.49
CA ILE D 958 -8.32 -12.09 54.61
C ILE D 958 -7.75 -11.28 53.44
N PRO D 959 -6.83 -10.34 53.65
CA PRO D 959 -6.21 -9.68 52.49
C PRO D 959 -5.64 -10.66 51.48
N LEU D 960 -5.00 -11.74 51.93
CA LEU D 960 -4.48 -12.72 50.98
C LEU D 960 -5.59 -13.34 50.17
N VAL D 961 -6.74 -13.60 50.80
CA VAL D 961 -7.90 -14.10 50.07
C VAL D 961 -8.28 -13.12 48.97
N CYS D 962 -8.33 -11.83 49.32
CA CYS D 962 -8.68 -10.83 48.31
C CYS D 962 -7.65 -10.80 47.18
N ILE D 963 -6.37 -10.90 47.51
CA ILE D 963 -5.34 -10.85 46.48
C ILE D 963 -5.47 -12.05 45.56
N TYR D 964 -5.70 -13.24 46.11
CA TYR D 964 -5.87 -14.42 45.26
C TYR D 964 -7.09 -14.27 44.36
N MET D 965 -8.20 -13.78 44.91
CA MET D 965 -9.40 -13.58 44.10
C MET D 965 -9.12 -12.63 42.95
N LEU D 966 -8.46 -11.50 43.23
CA LEU D 966 -8.15 -10.54 42.18
C LEU D 966 -7.22 -11.16 41.14
N SER D 967 -6.21 -11.92 41.61
CA SER D 967 -5.22 -12.47 40.69
C SER D 967 -5.84 -13.48 39.74
N THR D 968 -6.74 -14.33 40.25
CA THR D 968 -7.26 -15.44 39.46
C THR D 968 -8.57 -15.11 38.77
N ASN D 969 -9.59 -14.71 39.53
CA ASN D 969 -10.94 -14.61 38.97
C ASN D 969 -11.02 -13.56 37.88
N ILE D 970 -10.39 -12.41 38.07
CA ILE D 970 -10.60 -11.27 37.19
C ILE D 970 -9.39 -10.93 36.33
N LEU D 971 -8.19 -11.40 36.67
CA LEU D 971 -7.00 -11.11 35.88
C LEU D 971 -6.60 -12.28 34.99
N LEU D 972 -6.35 -13.45 35.57
CA LEU D 972 -5.90 -14.58 34.78
C LEU D 972 -6.99 -15.06 33.83
N VAL D 973 -8.23 -15.12 34.30
CA VAL D 973 -9.34 -15.50 33.41
C VAL D 973 -9.43 -14.51 32.26
N ASN D 974 -9.55 -13.22 32.58
CA ASN D 974 -9.74 -12.21 31.54
C ASN D 974 -8.48 -12.04 30.70
N LEU D 975 -7.35 -12.58 31.14
CA LEU D 975 -6.20 -12.65 30.24
C LEU D 975 -6.49 -13.56 29.06
N LEU D 976 -6.89 -14.78 29.37
CA LEU D 976 -7.14 -15.78 28.36
C LEU D 976 -8.07 -15.33 27.27
N VAL D 977 -9.05 -14.50 27.58
CA VAL D 977 -9.90 -14.06 26.50
C VAL D 977 -9.08 -13.24 25.52
N ALA D 978 -8.26 -12.34 26.04
CA ALA D 978 -7.47 -11.47 25.19
C ALA D 978 -6.54 -12.31 24.36
N MET D 979 -5.77 -13.16 25.01
CA MET D 979 -4.86 -14.07 24.35
C MET D 979 -5.59 -14.80 23.22
N PHE D 980 -6.69 -15.47 23.57
CA PHE D 980 -7.45 -16.20 22.56
C PHE D 980 -7.78 -15.30 21.38
N GLY D 981 -8.15 -14.05 21.65
CA GLY D 981 -8.41 -13.10 20.60
C GLY D 981 -7.33 -13.09 19.55
N TYR D 982 -6.09 -12.77 19.96
CA TYR D 982 -5.02 -12.70 18.99
C TYR D 982 -4.82 -14.05 18.29
N THR D 983 -5.10 -15.15 18.99
CA THR D 983 -4.91 -16.46 18.38
C THR D 983 -5.83 -16.65 17.19
N VAL D 984 -7.01 -16.04 17.20
CA VAL D 984 -7.99 -16.27 16.14
C VAL D 984 -7.66 -15.43 14.91
N GLY D 985 -7.74 -14.10 15.06
CA GLY D 985 -7.65 -13.24 13.90
C GLY D 985 -6.36 -13.41 13.13
N ILE D 986 -5.26 -13.64 13.86
CA ILE D 986 -3.97 -13.78 13.20
C ILE D 986 -3.94 -15.02 12.32
N VAL D 987 -4.57 -16.11 12.77
CA VAL D 987 -4.50 -17.40 12.08
C VAL D 987 -5.81 -17.78 11.42
N GLN D 988 -6.81 -16.89 11.43
CA GLN D 988 -8.10 -17.25 10.87
C GLN D 988 -8.04 -17.40 9.36
N GLU D 989 -7.21 -16.61 8.69
CA GLU D 989 -7.14 -16.66 7.22
C GLU D 989 -6.67 -18.02 6.74
N ASN D 990 -5.65 -18.58 7.39
CA ASN D 990 -5.10 -19.86 6.95
C ASN D 990 -6.03 -21.02 7.28
N ASN D 991 -6.79 -20.91 8.37
CA ASN D 991 -7.55 -22.06 8.87
C ASN D 991 -8.37 -22.71 7.77
N ASP D 992 -9.09 -21.90 6.98
CA ASP D 992 -9.94 -22.46 5.94
C ASP D 992 -9.18 -23.44 5.07
N GLN D 993 -7.99 -23.04 4.60
CA GLN D 993 -7.20 -23.92 3.76
C GLN D 993 -7.05 -25.29 4.39
N VAL D 994 -6.64 -25.32 5.67
CA VAL D 994 -6.42 -26.59 6.33
C VAL D 994 -7.69 -27.43 6.28
N TRP D 995 -8.83 -26.80 6.60
CA TRP D 995 -10.09 -27.53 6.55
C TRP D 995 -10.26 -28.19 5.19
N LYS D 996 -10.08 -27.41 4.12
CA LYS D 996 -10.19 -27.98 2.79
C LYS D 996 -9.29 -29.20 2.64
N PHE D 997 -8.03 -29.06 3.06
CA PHE D 997 -7.12 -30.20 3.02
C PHE D 997 -7.73 -31.38 3.76
N GLN D 998 -8.16 -31.15 5.00
CA GLN D 998 -8.75 -32.23 5.78
C GLN D 998 -9.89 -32.88 5.02
N ARG D 999 -10.69 -32.06 4.32
CA ARG D 999 -11.81 -32.60 3.56
C ARG D 999 -11.34 -33.74 2.67
N TYR D 1000 -10.28 -33.50 1.90
CA TYR D 1000 -9.76 -34.52 1.00
C TYR D 1000 -9.67 -35.86 1.71
N PHE D 1001 -9.04 -35.87 2.89
CA PHE D 1001 -8.78 -37.15 3.55
C PHE D 1001 -10.05 -37.97 3.65
N LEU D 1002 -11.13 -37.37 4.17
CA LEU D 1002 -12.35 -38.15 4.36
C LEU D 1002 -12.81 -38.73 3.05
N VAL D 1003 -12.86 -37.89 2.01
CA VAL D 1003 -13.21 -38.38 0.68
C VAL D 1003 -12.37 -39.61 0.36
N GLN D 1004 -11.05 -39.46 0.43
CA GLN D 1004 -10.16 -40.58 0.12
C GLN D 1004 -10.56 -41.81 0.92
N GLU D 1005 -10.77 -41.63 2.23
CA GLU D 1005 -11.15 -42.75 3.07
C GLU D 1005 -12.42 -43.40 2.52
N TYR D 1006 -13.46 -42.60 2.30
CA TYR D 1006 -14.71 -43.14 1.81
C TYR D 1006 -14.61 -43.57 0.35
N CYS D 1007 -13.56 -43.14 -0.34
CA CYS D 1007 -13.30 -43.67 -1.67
C CYS D 1007 -12.61 -45.04 -1.59
N ASN D 1008 -11.85 -45.27 -0.52
CA ASN D 1008 -11.18 -46.57 -0.37
C ASN D 1008 -12.18 -47.67 -0.05
N ARG D 1009 -13.18 -47.36 0.78
CA ARG D 1009 -14.20 -48.32 1.17
C ARG D 1009 -15.39 -48.33 0.19
N LEU D 1010 -15.40 -47.45 -0.79
CA LEU D 1010 -16.51 -47.36 -1.76
C LEU D 1010 -17.79 -47.10 -0.96
N ASN D 1011 -18.89 -47.77 -1.27
CA ASN D 1011 -20.15 -47.59 -0.56
C ASN D 1011 -20.65 -48.94 -0.08
N ILE D 1012 -20.99 -49.02 1.20
CA ILE D 1012 -21.51 -50.26 1.78
C ILE D 1012 -22.16 -49.94 3.13
N PRO D 1013 -23.39 -50.38 3.38
CA PRO D 1013 -23.97 -50.20 4.72
C PRO D 1013 -23.16 -50.95 5.77
N PHE D 1014 -23.16 -50.38 6.99
CA PHE D 1014 -22.35 -50.96 8.06
C PHE D 1014 -22.63 -52.43 8.31
N PRO D 1015 -23.88 -52.89 8.43
CA PRO D 1015 -24.09 -54.31 8.71
C PRO D 1015 -23.73 -55.18 7.53
N PHE D 1016 -24.09 -54.76 6.30
CA PHE D 1016 -23.55 -55.40 5.11
C PHE D 1016 -22.07 -55.09 4.93
N VAL D 1017 -21.59 -53.99 5.53
CA VAL D 1017 -20.16 -53.67 5.43
C VAL D 1017 -19.32 -54.74 6.12
N VAL D 1018 -19.77 -55.21 7.29
CA VAL D 1018 -19.02 -56.25 7.99
C VAL D 1018 -18.98 -57.52 7.14
N PHE D 1019 -20.12 -57.91 6.58
CA PHE D 1019 -20.16 -59.11 5.75
C PHE D 1019 -19.29 -58.95 4.51
N ALA D 1020 -19.30 -57.77 3.90
CA ALA D 1020 -18.47 -57.53 2.72
C ALA D 1020 -16.99 -57.58 3.08
N TYR D 1021 -16.63 -57.05 4.26
CA TYR D 1021 -15.24 -57.14 4.70
C TYR D 1021 -14.83 -58.59 4.91
N PHE D 1022 -15.70 -59.39 5.52
CA PHE D 1022 -15.39 -60.81 5.70
C PHE D 1022 -15.24 -61.51 4.35
N TYR D 1023 -16.13 -61.21 3.41
CA TYR D 1023 -16.05 -61.83 2.09
C TYR D 1023 -14.77 -61.43 1.36
N MET D 1024 -14.39 -60.16 1.46
CA MET D 1024 -13.15 -59.69 0.84
C MET D 1024 -11.94 -60.36 1.47
N VAL D 1025 -11.95 -60.50 2.80
CA VAL D 1025 -10.85 -61.20 3.47
C VAL D 1025 -10.76 -62.64 2.96
N VAL D 1026 -11.91 -63.30 2.81
CA VAL D 1026 -11.91 -64.66 2.28
C VAL D 1026 -11.34 -64.68 0.87
N LYS D 1027 -11.76 -63.73 0.04
CA LYS D 1027 -11.26 -63.68 -1.34
C LYS D 1027 -9.81 -63.22 -1.39
N LYS D 1028 -9.45 -62.22 -0.60
CA LYS D 1028 -8.09 -61.70 -0.57
C LYS D 1028 -7.16 -62.68 0.13
N ASN D 1051 -2.33 -40.39 -23.07
CA ASN D 1051 -1.59 -40.13 -24.29
C ASN D 1051 -2.02 -38.81 -24.90
N GLU D 1052 -3.26 -38.77 -25.41
CA GLU D 1052 -3.79 -37.52 -25.96
C GLU D 1052 -3.89 -36.45 -24.89
N THR D 1053 -4.24 -36.84 -23.67
CA THR D 1053 -4.30 -35.88 -22.58
C THR D 1053 -2.94 -35.25 -22.34
N LEU D 1054 -1.86 -36.03 -22.46
CA LEU D 1054 -0.52 -35.48 -22.30
C LEU D 1054 -0.21 -34.46 -23.39
N ALA D 1055 -0.63 -34.75 -24.64
CA ALA D 1055 -0.42 -33.79 -25.71
C ALA D 1055 -1.18 -32.49 -25.45
N TRP D 1056 -2.42 -32.61 -24.99
CA TRP D 1056 -3.19 -31.42 -24.65
C TRP D 1056 -2.52 -30.63 -23.53
N GLU D 1057 -1.99 -31.34 -22.54
CA GLU D 1057 -1.27 -30.67 -21.45
C GLU D 1057 -0.04 -29.95 -21.99
N GLY D 1058 0.67 -30.56 -22.93
CA GLY D 1058 1.80 -29.88 -23.53
C GLY D 1058 1.41 -28.62 -24.27
N VAL D 1059 0.31 -28.68 -25.01
CA VAL D 1059 -0.17 -27.49 -25.72
C VAL D 1059 -0.55 -26.40 -24.73
N MET D 1060 -1.25 -26.78 -23.66
CA MET D 1060 -1.61 -25.80 -22.64
C MET D 1060 -0.37 -25.20 -21.99
N LYS D 1061 0.66 -26.03 -21.79
CA LYS D 1061 1.91 -25.52 -21.23
C LYS D 1061 2.57 -24.53 -22.17
N GLU D 1062 2.54 -24.81 -23.47
CA GLU D 1062 3.07 -23.86 -24.44
C GLU D 1062 2.31 -22.54 -24.38
N ASN D 1063 0.98 -22.61 -24.29
CA ASN D 1063 0.19 -21.39 -24.16
C ASN D 1063 0.55 -20.63 -22.89
N TYR D 1064 0.75 -21.36 -21.79
CA TYR D 1064 1.10 -20.72 -20.52
C TYR D 1064 2.47 -20.06 -20.62
N LEU D 1065 3.43 -20.71 -21.28
CA LEU D 1065 4.75 -20.10 -21.46
C LEU D 1065 4.66 -18.84 -22.30
N VAL D 1066 3.81 -18.86 -23.33
CA VAL D 1066 3.59 -17.65 -24.13
C VAL D 1066 3.02 -16.54 -23.25
N LYS D 1067 2.09 -16.89 -22.37
CA LYS D 1067 1.51 -15.89 -21.46
C LYS D 1067 2.57 -15.33 -20.52
N ILE D 1068 3.46 -16.19 -20.02
CA ILE D 1068 4.52 -15.74 -19.12
C ILE D 1068 5.46 -14.79 -19.86
N ASN D 1069 5.79 -15.13 -21.12
CA ASN D 1069 6.65 -14.26 -21.91
C ASN D 1069 5.98 -12.91 -22.13
N THR D 1070 4.67 -12.91 -22.39
CA THR D 1070 3.96 -11.64 -22.56
C THR D 1070 3.97 -10.83 -21.26
N LYS D 1071 3.78 -11.48 -20.12
CA LYS D 1071 3.85 -10.77 -18.85
C LYS D 1071 5.23 -10.16 -18.64
N ALA D 1072 6.29 -10.90 -18.99
CA ALA D 1072 7.64 -10.36 -18.88
C ALA D 1072 7.83 -9.16 -19.80
N ASN D 1073 7.33 -9.25 -21.04
CA ASN D 1073 7.47 -8.18 -22.01
C ASN D 1073 6.55 -6.99 -21.75
N ASP D 1074 5.60 -7.12 -20.83
CA ASP D 1074 4.66 -6.05 -20.55
C ASP D 1074 5.31 -4.83 -19.89
N ASN D 1075 6.62 -4.87 -19.70
CA ASN D 1075 7.30 -3.74 -19.08
C ASN D 1075 7.07 -2.44 -19.84
N SER D 1076 6.91 -2.52 -21.16
CA SER D 1076 6.61 -1.34 -21.99
C SER D 1076 7.79 -0.38 -22.02
N GLU D 1077 9.00 -0.92 -22.15
CA GLU D 1077 10.22 -0.12 -22.24
C GLU D 1077 10.67 0.08 -23.68
N GLU D 1078 9.75 -0.02 -24.65
CA GLU D 1078 10.12 0.13 -26.05
C GLU D 1078 10.63 1.53 -26.38
N MET D 1079 10.36 2.51 -25.53
CA MET D 1079 10.82 3.87 -25.80
C MET D 1079 12.35 3.94 -25.83
N ARG D 1080 13.03 3.15 -24.99
CA ARG D 1080 14.49 3.13 -25.03
C ARG D 1080 14.99 2.64 -26.38
N HIS D 1081 14.40 1.56 -26.89
CA HIS D 1081 14.81 1.05 -28.21
C HIS D 1081 14.48 2.07 -29.30
N ARG D 1082 13.34 2.74 -29.19
CA ARG D 1082 12.98 3.75 -30.16
C ARG D 1082 13.99 4.91 -30.15
N PHE D 1083 14.41 5.32 -28.96
CA PHE D 1083 15.44 6.36 -28.86
C PHE D 1083 16.76 5.90 -29.45
N ARG D 1084 17.13 4.64 -29.22
CA ARG D 1084 18.35 4.12 -29.81
C ARG D 1084 18.27 4.13 -31.33
N GLN D 1085 17.12 3.73 -31.88
CA GLN D 1085 16.93 3.78 -33.32
C GLN D 1085 17.00 5.21 -33.85
N LEU D 1086 16.44 6.16 -33.10
CA LEU D 1086 16.51 7.56 -33.50
C LEU D 1086 17.96 8.04 -33.52
N ASP D 1087 18.74 7.67 -32.51
CA ASP D 1087 20.15 8.05 -32.49
C ASP D 1087 20.89 7.42 -33.66
N SER D 1088 20.60 6.15 -33.98
CA SER D 1088 21.23 5.51 -35.13
C SER D 1088 20.87 6.24 -36.42
N LYS D 1089 19.60 6.65 -36.56
CA LYS D 1089 19.19 7.39 -37.75
C LYS D 1089 19.89 8.73 -37.83
N LEU D 1090 20.06 9.41 -36.70
CA LEU D 1090 20.78 10.69 -36.68
C LEU D 1090 22.23 10.49 -37.10
N ASN D 1091 22.86 9.43 -36.60
CA ASN D 1091 24.23 9.14 -36.99
C ASN D 1091 24.32 8.84 -38.48
N ASP D 1092 23.35 8.10 -39.01
CA ASP D 1092 23.34 7.81 -40.45
C ASP D 1092 23.18 9.09 -41.25
N LEU D 1093 22.31 10.01 -40.79
CA LEU D 1093 22.15 11.28 -41.49
C LEU D 1093 23.44 12.09 -41.45
N LYS D 1094 24.12 12.10 -40.31
CA LYS D 1094 25.39 12.82 -40.22
C LYS D 1094 26.42 12.22 -41.16
N SER D 1095 26.49 10.89 -41.22
CA SER D 1095 27.42 10.24 -42.14
C SER D 1095 27.10 10.57 -43.59
N LEU D 1096 25.80 10.60 -43.92
CA LEU D 1096 25.40 10.95 -45.28
C LEU D 1096 25.80 12.38 -45.61
N LEU D 1097 25.62 13.30 -44.65
CA LEU D 1097 26.04 14.68 -44.88
C LEU D 1097 27.54 14.78 -45.08
N LYS D 1098 28.31 14.04 -44.28
CA LYS D 1098 29.76 14.03 -44.44
C LYS D 1098 30.15 13.48 -45.81
N GLU D 1099 29.49 12.41 -46.25
CA GLU D 1099 29.77 11.84 -47.57
C GLU D 1099 29.45 12.84 -48.67
N ILE D 1100 28.33 13.56 -48.53
CA ILE D 1100 27.98 14.58 -49.53
C ILE D 1100 29.03 15.67 -49.56
N ALA D 1101 29.49 16.12 -48.39
CA ALA D 1101 30.54 17.14 -48.33
C ALA D 1101 31.81 16.65 -49.00
N ASN D 1102 32.19 15.39 -48.73
CA ASN D 1102 33.39 14.84 -49.35
C ASN D 1102 33.23 14.76 -50.87
N ASN D 1103 32.06 14.35 -51.34
CA ASN D 1103 31.82 14.29 -52.78
C ASN D 1103 31.92 15.68 -53.41
N ILE D 1104 31.38 16.69 -52.73
CA ILE D 1104 31.47 18.05 -53.25
C ILE D 1104 32.93 18.48 -53.37
N LYS D 1105 33.74 18.16 -52.36
CA LYS D 1105 35.16 18.50 -52.38
C LYS D 1105 35.95 17.43 -53.13
CA CA E . -45.29 -8.15 9.71
CA CA F . -16.71 22.10 37.99
CA CA G . 18.33 -13.85 41.03
CA CA H . -10.24 -44.08 12.76
#